data_2L53
#
_entry.id   2L53
#
loop_
_entity.id
_entity.type
_entity.pdbx_description
1 polymer Calmodulin
2 polymer 'Voltage-gated sodium channel type V alpha isoform b variant'
#
loop_
_entity_poly.entity_id
_entity_poly.type
_entity_poly.pdbx_seq_one_letter_code
_entity_poly.pdbx_strand_id
1 'polypeptide(L)'
;ADQLTEEQIAEFKEAFSLFDKDGDGTITTKELGTVMRSLGQNPTEAELQDMINEVDADGNGTIDFPEFLTMMARKMKDTD
SEEEIREAFRVFDKDGNGYISAAELRHVMTNLGEKLTDEEVDEMIREADIDGDGQVNYEEFVQMMTAK
;
A
2 'polypeptide(L)' GPGSEEVSAMVIQRAFRRHLLQRSLKHASFL B
#
# COMPACT_ATOMS: atom_id res chain seq x y z
N ALA A 1 -8.32 -2.53 3.26
CA ALA A 1 -9.44 -2.10 2.38
C ALA A 1 -9.22 -0.66 1.88
N ASP A 2 -9.99 -0.22 0.88
CA ASP A 2 -9.97 1.13 0.29
C ASP A 2 -11.02 2.07 0.89
N GLN A 3 -11.73 1.62 1.94
CA GLN A 3 -12.96 2.22 2.49
C GLN A 3 -13.16 1.76 3.96
N LEU A 4 -13.92 2.55 4.74
CA LEU A 4 -14.20 2.28 6.15
C LEU A 4 -15.23 1.15 6.36
N THR A 5 -15.30 0.63 7.60
CA THR A 5 -16.20 -0.46 8.03
C THR A 5 -16.97 -0.11 9.30
N GLU A 6 -18.06 -0.81 9.55
CA GLU A 6 -18.95 -0.56 10.71
C GLU A 6 -18.22 -0.72 12.05
N GLU A 7 -17.30 -1.68 12.15
CA GLU A 7 -16.50 -1.92 13.36
C GLU A 7 -15.47 -0.81 13.65
N GLN A 8 -15.03 -0.07 12.63
CA GLN A 8 -14.22 1.13 12.80
C GLN A 8 -15.11 2.33 13.17
N ILE A 9 -16.23 2.51 12.46
CA ILE A 9 -17.21 3.59 12.71
C ILE A 9 -17.73 3.57 14.16
N ALA A 10 -17.96 2.38 14.73
CA ALA A 10 -18.44 2.21 16.10
C ALA A 10 -17.47 2.75 17.16
N GLU A 11 -16.16 2.77 16.88
CA GLU A 11 -15.14 3.34 17.76
C GLU A 11 -14.97 4.84 17.54
N PHE A 12 -14.98 5.31 16.29
CA PHE A 12 -14.88 6.74 15.96
C PHE A 12 -16.09 7.56 16.44
N LYS A 13 -17.28 6.94 16.53
CA LYS A 13 -18.48 7.58 17.11
C LYS A 13 -18.28 7.99 18.57
N GLU A 14 -17.59 7.17 19.36
CA GLU A 14 -17.34 7.44 20.79
C GLU A 14 -16.46 8.70 20.97
N ALA A 15 -15.44 8.88 20.13
CA ALA A 15 -14.60 10.08 20.14
C ALA A 15 -15.35 11.32 19.59
N PHE A 16 -16.04 11.19 18.45
CA PHE A 16 -16.79 12.29 17.83
C PHE A 16 -17.91 12.82 18.73
N SER A 17 -18.60 11.93 19.45
CA SER A 17 -19.72 12.29 20.33
C SER A 17 -19.31 13.06 21.59
N LEU A 18 -18.01 13.10 21.96
CA LEU A 18 -17.51 13.96 23.05
C LEU A 18 -17.35 15.43 22.59
N PHE A 19 -17.05 15.65 21.30
CA PHE A 19 -16.92 16.96 20.67
C PHE A 19 -18.26 17.50 20.11
N ASP A 20 -19.32 16.67 20.07
CA ASP A 20 -20.70 17.04 19.75
C ASP A 20 -21.36 17.80 20.93
N LYS A 21 -20.78 18.97 21.25
CA LYS A 21 -21.15 19.84 22.37
C LYS A 21 -22.54 20.49 22.22
N ASP A 22 -23.05 20.58 20.99
CA ASP A 22 -24.39 21.08 20.65
C ASP A 22 -25.47 19.99 20.74
N GLY A 23 -25.10 18.71 20.67
CA GLY A 23 -26.00 17.55 20.72
C GLY A 23 -26.73 17.28 19.40
N ASP A 24 -26.39 18.01 18.33
CA ASP A 24 -27.05 17.97 17.01
C ASP A 24 -26.46 16.92 16.05
N GLY A 25 -25.32 16.31 16.40
CA GLY A 25 -24.59 15.33 15.58
C GLY A 25 -23.46 15.95 14.74
N THR A 26 -22.97 17.13 15.13
CA THR A 26 -21.95 17.90 14.41
C THR A 26 -20.80 18.31 15.32
N ILE A 27 -19.63 18.54 14.71
CA ILE A 27 -18.50 19.28 15.31
C ILE A 27 -18.20 20.55 14.50
N THR A 28 -17.44 21.49 15.06
CA THR A 28 -16.89 22.63 14.32
C THR A 28 -15.62 22.24 13.55
N THR A 29 -15.27 23.08 12.59
CA THR A 29 -14.01 22.98 11.82
C THR A 29 -12.77 23.12 12.69
N LYS A 30 -12.85 23.85 13.81
CA LYS A 30 -11.75 23.94 14.80
C LYS A 30 -11.62 22.70 15.71
N GLU A 31 -12.72 21.98 15.97
CA GLU A 31 -12.69 20.70 16.70
C GLU A 31 -12.20 19.52 15.84
N LEU A 32 -12.25 19.63 14.50
CA LEU A 32 -11.74 18.63 13.56
C LEU A 32 -10.26 18.31 13.81
N GLY A 33 -9.44 19.37 13.94
CA GLY A 33 -8.01 19.23 14.23
C GLY A 33 -7.71 18.71 15.63
N THR A 34 -8.69 18.74 16.55
CA THR A 34 -8.62 18.10 17.86
C THR A 34 -8.96 16.62 17.74
N VAL A 35 -10.14 16.28 17.19
CA VAL A 35 -10.63 14.88 17.20
C VAL A 35 -9.74 13.92 16.39
N MET A 36 -9.20 14.34 15.24
CA MET A 36 -8.29 13.50 14.44
C MET A 36 -6.96 13.23 15.15
N ARG A 37 -6.45 14.19 15.93
CA ARG A 37 -5.21 14.05 16.70
C ARG A 37 -5.43 13.30 18.02
N SER A 38 -6.58 13.44 18.67
CA SER A 38 -6.97 12.65 19.85
C SER A 38 -7.19 11.16 19.54
N LEU A 39 -7.47 10.81 18.28
CA LEU A 39 -7.50 9.42 17.78
C LEU A 39 -6.10 8.82 17.52
N GLY A 40 -5.03 9.56 17.80
CA GLY A 40 -3.64 9.07 17.78
C GLY A 40 -2.87 9.34 16.47
N GLN A 41 -3.47 10.05 15.51
CA GLN A 41 -2.79 10.52 14.30
C GLN A 41 -2.08 11.87 14.56
N ASN A 42 -1.32 12.37 13.59
CA ASN A 42 -0.69 13.69 13.65
C ASN A 42 -0.50 14.35 12.25
N PRO A 43 -1.60 14.66 11.52
CA PRO A 43 -1.55 15.42 10.28
C PRO A 43 -1.12 16.88 10.54
N THR A 44 -0.61 17.55 9.49
CA THR A 44 -0.20 18.97 9.54
C THR A 44 -1.41 19.89 9.53
N GLU A 45 -1.18 21.16 9.89
CA GLU A 45 -2.16 22.24 9.74
C GLU A 45 -2.66 22.36 8.29
N ALA A 46 -1.77 22.16 7.31
CA ALA A 46 -2.09 22.21 5.89
C ALA A 46 -2.95 21.01 5.44
N GLU A 47 -2.63 19.79 5.88
CA GLU A 47 -3.44 18.59 5.59
C GLU A 47 -4.81 18.66 6.28
N LEU A 48 -4.87 19.15 7.54
CA LEU A 48 -6.13 19.38 8.24
C LEU A 48 -6.99 20.42 7.51
N GLN A 49 -6.43 21.56 7.12
CA GLN A 49 -7.17 22.61 6.42
C GLN A 49 -7.66 22.16 5.04
N ASP A 50 -6.90 21.34 4.31
CA ASP A 50 -7.34 20.76 3.03
C ASP A 50 -8.52 19.77 3.18
N MET A 51 -8.57 19.00 4.28
CA MET A 51 -9.71 18.13 4.60
C MET A 51 -10.92 18.94 5.07
N ILE A 52 -10.71 20.10 5.70
CA ILE A 52 -11.79 21.05 6.02
C ILE A 52 -12.38 21.64 4.73
N ASN A 53 -11.55 22.08 3.78
CA ASN A 53 -12.02 22.61 2.48
C ASN A 53 -12.89 21.60 1.69
N GLU A 54 -12.68 20.30 1.90
CA GLU A 54 -13.46 19.21 1.29
C GLU A 54 -14.86 19.01 1.93
N VAL A 55 -15.13 19.58 3.12
CA VAL A 55 -16.42 19.42 3.85
C VAL A 55 -17.12 20.75 4.22
N ASP A 56 -16.38 21.85 4.40
CA ASP A 56 -16.88 23.21 4.67
C ASP A 56 -17.17 23.98 3.37
N ALA A 57 -17.34 23.28 2.24
CA ALA A 57 -17.70 23.86 0.94
C ALA A 57 -19.07 24.57 0.94
N ASP A 58 -19.96 24.24 1.89
CA ASP A 58 -21.23 24.92 2.13
C ASP A 58 -21.09 26.24 2.92
N GLY A 59 -19.95 26.46 3.58
CA GLY A 59 -19.62 27.67 4.35
C GLY A 59 -20.22 27.74 5.75
N ASN A 60 -20.80 26.64 6.24
CA ASN A 60 -21.53 26.57 7.52
C ASN A 60 -20.63 26.53 8.79
N GLY A 61 -19.33 26.23 8.66
CA GLY A 61 -18.36 26.15 9.76
C GLY A 61 -18.46 24.87 10.61
N THR A 62 -19.22 23.88 10.17
CA THR A 62 -19.52 22.63 10.90
C THR A 62 -19.43 21.40 10.01
N ILE A 63 -19.26 20.25 10.64
CA ILE A 63 -19.02 18.94 10.02
C ILE A 63 -19.93 17.91 10.67
N ASP A 64 -20.78 17.24 9.90
CA ASP A 64 -21.61 16.11 10.34
C ASP A 64 -20.77 14.82 10.48
N PHE A 65 -21.17 13.89 11.35
CA PHE A 65 -20.48 12.62 11.55
C PHE A 65 -20.11 11.86 10.26
N PRO A 66 -21.01 11.64 9.27
CA PRO A 66 -20.65 11.00 8.01
C PRO A 66 -19.65 11.78 7.16
N GLU A 67 -19.58 13.12 7.28
CA GLU A 67 -18.60 13.96 6.55
C GLU A 67 -17.19 13.81 7.15
N PHE A 68 -17.09 13.73 8.49
CA PHE A 68 -15.88 13.38 9.21
C PHE A 68 -15.41 11.94 8.86
N LEU A 69 -16.35 10.98 8.77
CA LEU A 69 -16.04 9.60 8.39
C LEU A 69 -15.53 9.46 6.94
N THR A 70 -15.87 10.37 6.02
CA THR A 70 -15.29 10.40 4.65
C THR A 70 -13.77 10.60 4.69
N MET A 71 -13.28 11.45 5.60
CA MET A 71 -11.84 11.67 5.79
C MET A 71 -11.14 10.36 6.24
N MET A 72 -11.77 9.63 7.15
CA MET A 72 -11.29 8.35 7.66
C MET A 72 -11.37 7.23 6.61
N ALA A 73 -12.43 7.20 5.80
CA ALA A 73 -12.60 6.26 4.68
C ALA A 73 -11.51 6.44 3.61
N ARG A 74 -11.19 7.69 3.27
CA ARG A 74 -10.09 8.04 2.35
C ARG A 74 -8.69 7.70 2.92
N LYS A 75 -8.54 7.68 4.25
CA LYS A 75 -7.28 7.31 4.92
C LYS A 75 -7.01 5.80 4.91
N MET A 76 -8.05 4.95 4.85
CA MET A 76 -7.91 3.49 4.66
C MET A 76 -7.34 3.19 3.27
N LYS A 77 -6.34 2.30 3.20
CA LYS A 77 -5.72 1.88 1.93
C LYS A 77 -5.13 0.46 1.98
N ASP A 78 -5.10 -0.21 0.82
CA ASP A 78 -4.59 -1.58 0.61
C ASP A 78 -3.07 -1.66 0.28
N THR A 79 -2.37 -0.51 0.31
CA THR A 79 -0.95 -0.36 -0.08
C THR A 79 0.02 -1.07 0.88
N ASP A 80 1.28 -1.15 0.47
CA ASP A 80 2.35 -1.88 1.18
C ASP A 80 2.76 -1.25 2.52
N SER A 81 3.32 -2.07 3.41
CA SER A 81 3.76 -1.70 4.76
C SER A 81 4.72 -2.78 5.30
N GLU A 82 5.72 -2.39 6.10
CA GLU A 82 6.74 -3.29 6.66
C GLU A 82 6.10 -4.47 7.42
N GLU A 83 5.03 -4.21 8.18
CA GLU A 83 4.31 -5.22 8.97
C GLU A 83 3.53 -6.22 8.08
N GLU A 84 3.23 -5.87 6.82
CA GLU A 84 2.59 -6.74 5.84
C GLU A 84 3.63 -7.58 5.09
N ILE A 85 4.71 -6.95 4.62
CA ILE A 85 5.79 -7.62 3.86
C ILE A 85 6.55 -8.62 4.72
N ARG A 86 6.82 -8.27 5.99
CA ARG A 86 7.58 -9.12 6.93
C ARG A 86 6.90 -10.47 7.18
N GLU A 87 5.56 -10.49 7.27
CA GLU A 87 4.79 -11.71 7.48
C GLU A 87 4.85 -12.66 6.29
N ALA A 88 4.93 -12.14 5.05
CA ALA A 88 5.04 -12.97 3.85
C ALA A 88 6.31 -13.81 3.88
N PHE A 89 7.46 -13.20 4.20
CA PHE A 89 8.72 -13.93 4.41
C PHE A 89 8.65 -14.87 5.63
N ARG A 90 8.01 -14.46 6.73
CA ARG A 90 7.87 -15.31 7.93
C ARG A 90 7.05 -16.58 7.64
N VAL A 91 6.02 -16.49 6.80
CA VAL A 91 5.26 -17.65 6.29
C VAL A 91 6.15 -18.62 5.48
N PHE A 92 7.12 -18.10 4.68
CA PHE A 92 8.03 -18.92 3.87
C PHE A 92 9.25 -19.46 4.65
N ASP A 93 9.64 -18.82 5.75
CA ASP A 93 10.68 -19.32 6.68
C ASP A 93 10.11 -20.41 7.60
N LYS A 94 9.88 -21.60 7.03
CA LYS A 94 9.32 -22.78 7.71
C LYS A 94 10.22 -23.36 8.82
N ASP A 95 11.52 -23.03 8.82
CA ASP A 95 12.48 -23.46 9.84
C ASP A 95 12.60 -22.48 11.03
N GLY A 96 12.16 -21.22 10.85
CA GLY A 96 12.15 -20.17 11.88
C GLY A 96 13.52 -19.53 12.14
N ASN A 97 14.47 -19.64 11.20
CA ASN A 97 15.86 -19.22 11.37
C ASN A 97 16.10 -17.70 11.24
N GLY A 98 15.16 -16.95 10.64
CA GLY A 98 15.29 -15.51 10.34
C GLY A 98 15.99 -15.22 9.00
N TYR A 99 16.30 -16.25 8.22
CA TYR A 99 16.91 -16.21 6.89
C TYR A 99 16.29 -17.29 6.00
N ILE A 100 16.26 -17.05 4.69
CA ILE A 100 15.89 -18.07 3.67
C ILE A 100 17.01 -18.22 2.63
N SER A 101 16.95 -19.22 1.76
CA SER A 101 17.95 -19.40 0.70
C SER A 101 17.64 -18.58 -0.56
N ALA A 102 18.65 -18.32 -1.38
CA ALA A 102 18.48 -17.72 -2.71
C ALA A 102 17.63 -18.61 -3.63
N ALA A 103 17.74 -19.95 -3.48
CA ALA A 103 16.89 -20.90 -4.19
C ALA A 103 15.41 -20.78 -3.80
N GLU A 104 15.10 -20.63 -2.51
CA GLU A 104 13.74 -20.41 -2.02
C GLU A 104 13.17 -19.07 -2.55
N LEU A 105 13.91 -17.96 -2.45
CA LEU A 105 13.45 -16.66 -2.96
C LEU A 105 13.21 -16.70 -4.47
N ARG A 106 14.11 -17.31 -5.26
CA ARG A 106 13.89 -17.52 -6.70
C ARG A 106 12.64 -18.37 -6.94
N HIS A 107 12.46 -19.49 -6.22
CA HIS A 107 11.30 -20.36 -6.42
C HIS A 107 9.98 -19.67 -6.05
N VAL A 108 9.90 -19.04 -4.88
CA VAL A 108 8.67 -18.41 -4.36
C VAL A 108 8.22 -17.17 -5.17
N MET A 109 9.13 -16.61 -5.98
CA MET A 109 8.84 -15.54 -6.95
C MET A 109 8.52 -16.05 -8.37
N THR A 110 9.17 -17.13 -8.84
CA THR A 110 8.99 -17.66 -10.21
C THR A 110 7.84 -18.66 -10.33
N ASN A 111 7.45 -19.35 -9.26
CA ASN A 111 6.35 -20.32 -9.25
C ASN A 111 5.03 -19.70 -8.75
N LEU A 112 5.07 -19.06 -7.56
CA LEU A 112 3.89 -18.57 -6.83
C LEU A 112 3.57 -17.10 -7.13
N GLY A 113 2.32 -16.70 -6.86
CA GLY A 113 1.77 -15.39 -7.22
C GLY A 113 1.51 -15.29 -8.72
N GLU A 114 1.71 -14.10 -9.31
CA GLU A 114 2.08 -14.02 -10.73
C GLU A 114 3.56 -14.36 -10.89
N LYS A 115 3.96 -14.99 -11.99
CA LYS A 115 5.36 -15.45 -12.16
C LYS A 115 6.28 -14.25 -12.48
N LEU A 116 7.15 -13.88 -11.53
CA LEU A 116 8.04 -12.70 -11.63
C LEU A 116 9.10 -12.90 -12.72
N THR A 117 9.48 -11.83 -13.44
CA THR A 117 10.43 -11.86 -14.56
C THR A 117 11.84 -12.12 -14.06
N ASP A 118 12.65 -12.83 -14.86
CA ASP A 118 13.99 -13.26 -14.45
C ASP A 118 14.93 -12.08 -14.14
N GLU A 119 14.77 -10.95 -14.85
CA GLU A 119 15.53 -9.72 -14.60
C GLU A 119 15.10 -8.97 -13.33
N GLU A 120 13.86 -9.18 -12.85
CA GLU A 120 13.37 -8.70 -11.56
C GLU A 120 13.83 -9.65 -10.45
N VAL A 121 13.68 -10.97 -10.65
CA VAL A 121 14.14 -12.02 -9.73
C VAL A 121 15.65 -11.88 -9.44
N ASP A 122 16.50 -11.80 -10.46
CA ASP A 122 17.94 -11.74 -10.31
C ASP A 122 18.42 -10.47 -9.58
N GLU A 123 17.66 -9.37 -9.67
CA GLU A 123 17.91 -8.15 -8.90
C GLU A 123 17.45 -8.30 -7.44
N MET A 124 16.29 -8.93 -7.18
CA MET A 124 15.79 -9.21 -5.84
C MET A 124 16.74 -10.14 -5.06
N ILE A 125 17.31 -11.14 -5.76
CA ILE A 125 18.36 -12.02 -5.25
C ILE A 125 19.61 -11.20 -4.91
N ARG A 126 20.16 -10.44 -5.86
CA ARG A 126 21.46 -9.76 -5.74
C ARG A 126 21.61 -8.95 -4.45
N GLU A 127 20.66 -8.07 -4.17
CA GLU A 127 20.74 -7.12 -3.04
C GLU A 127 20.55 -7.79 -1.67
N ALA A 128 19.92 -8.97 -1.61
CA ALA A 128 19.77 -9.75 -0.38
C ALA A 128 20.89 -10.80 -0.19
N ASP A 129 21.31 -11.46 -1.26
CA ASP A 129 22.34 -12.51 -1.28
C ASP A 129 23.75 -11.97 -0.94
N ILE A 130 24.04 -10.74 -1.36
CA ILE A 130 25.28 -10.01 -1.00
C ILE A 130 25.29 -9.66 0.50
N ASP A 131 24.16 -9.23 1.06
CA ASP A 131 24.05 -8.79 2.45
C ASP A 131 24.00 -9.95 3.46
N GLY A 132 23.30 -11.04 3.12
CA GLY A 132 23.18 -12.26 3.93
C GLY A 132 24.22 -13.35 3.64
N ASP A 133 25.20 -13.05 2.77
CA ASP A 133 26.37 -13.88 2.48
C ASP A 133 26.02 -15.31 2.01
N GLY A 134 25.22 -15.41 0.94
CA GLY A 134 24.74 -16.67 0.34
C GLY A 134 23.34 -17.07 0.80
N GLN A 135 22.84 -16.48 1.89
CA GLN A 135 21.44 -16.54 2.33
C GLN A 135 20.75 -15.19 2.08
N VAL A 136 19.42 -15.19 2.12
CA VAL A 136 18.56 -14.00 1.98
C VAL A 136 18.21 -13.49 3.38
N ASN A 137 18.74 -12.32 3.72
CA ASN A 137 18.47 -11.60 4.97
C ASN A 137 17.16 -10.79 4.87
N TYR A 138 16.02 -11.48 4.84
CA TYR A 138 14.74 -10.85 4.52
C TYR A 138 14.32 -9.75 5.52
N GLU A 139 14.69 -9.89 6.79
CA GLU A 139 14.30 -9.00 7.89
C GLU A 139 14.72 -7.54 7.68
N GLU A 140 15.90 -7.31 7.07
CA GLU A 140 16.38 -5.98 6.68
C GLU A 140 16.00 -5.62 5.23
N PHE A 141 15.84 -6.62 4.34
CA PHE A 141 15.37 -6.42 2.96
C PHE A 141 13.96 -5.81 2.89
N VAL A 142 13.09 -6.14 3.86
CA VAL A 142 11.78 -5.46 4.08
C VAL A 142 11.95 -3.93 4.15
N GLN A 143 12.96 -3.43 4.86
CA GLN A 143 13.17 -1.99 5.04
C GLN A 143 13.72 -1.37 3.75
N MET A 144 14.70 -2.01 3.09
CA MET A 144 15.33 -1.48 1.87
C MET A 144 14.36 -1.32 0.70
N MET A 145 13.23 -2.05 0.70
CA MET A 145 12.18 -1.91 -0.32
C MET A 145 11.26 -0.69 -0.12
N THR A 146 11.13 -0.14 1.10
CA THR A 146 10.09 0.85 1.45
C THR A 146 10.55 2.00 2.35
N ALA A 147 11.85 2.12 2.67
CA ALA A 147 12.43 3.27 3.37
C ALA A 147 12.21 4.60 2.61
N LYS A 148 11.97 5.70 3.35
CA LYS A 148 11.59 7.03 2.83
C LYS A 148 12.34 8.17 3.55
N GLY B 1 -10.43 -18.64 -4.92
CA GLY B 1 -9.45 -17.53 -4.93
C GLY B 1 -8.00 -18.04 -4.83
N PRO B 2 -7.01 -17.13 -4.80
CA PRO B 2 -5.59 -17.47 -4.70
C PRO B 2 -5.22 -18.01 -3.31
N GLY B 3 -4.11 -18.77 -3.25
CA GLY B 3 -3.57 -19.33 -2.00
C GLY B 3 -2.85 -18.31 -1.12
N SER B 4 -2.62 -18.68 0.13
CA SER B 4 -1.93 -17.83 1.14
C SER B 4 -0.49 -17.55 0.70
N GLU B 5 0.17 -18.58 0.17
CA GLU B 5 1.47 -18.55 -0.47
C GLU B 5 1.48 -17.63 -1.70
N GLU B 6 0.43 -17.67 -2.53
CA GLU B 6 0.35 -16.83 -3.73
C GLU B 6 0.19 -15.35 -3.38
N VAL B 7 -0.69 -14.99 -2.43
CA VAL B 7 -0.83 -13.58 -2.00
C VAL B 7 0.41 -13.09 -1.23
N SER B 8 1.07 -13.95 -0.46
CA SER B 8 2.37 -13.62 0.18
C SER B 8 3.46 -13.33 -0.86
N ALA B 9 3.57 -14.13 -1.93
CA ALA B 9 4.45 -13.85 -3.05
C ALA B 9 4.10 -12.51 -3.72
N MET B 10 2.82 -12.23 -4.00
CA MET B 10 2.37 -10.98 -4.63
C MET B 10 2.61 -9.73 -3.77
N VAL B 11 2.57 -9.83 -2.43
CA VAL B 11 2.95 -8.73 -1.52
C VAL B 11 4.44 -8.39 -1.66
N ILE B 12 5.32 -9.40 -1.69
CA ILE B 12 6.78 -9.19 -1.90
C ILE B 12 7.06 -8.62 -3.29
N GLN B 13 6.40 -9.14 -4.33
CA GLN B 13 6.53 -8.66 -5.71
C GLN B 13 6.09 -7.19 -5.85
N ARG B 14 4.99 -6.78 -5.20
CA ARG B 14 4.47 -5.41 -5.26
C ARG B 14 5.41 -4.42 -4.55
N ALA B 15 5.93 -4.78 -3.38
CA ALA B 15 6.93 -4.00 -2.64
C ALA B 15 8.24 -3.85 -3.44
N PHE B 16 8.69 -4.92 -4.10
CA PHE B 16 9.87 -4.89 -4.97
C PHE B 16 9.66 -4.05 -6.22
N ARG B 17 8.47 -4.08 -6.84
CA ARG B 17 8.13 -3.20 -7.97
C ARG B 17 8.03 -1.73 -7.55
N ARG B 18 7.67 -1.41 -6.30
CA ARG B 18 7.76 -0.05 -5.74
C ARG B 18 9.22 0.39 -5.50
N HIS B 19 10.07 -0.51 -4.99
CA HIS B 19 11.53 -0.31 -4.89
C HIS B 19 12.18 -0.02 -6.27
N LEU B 20 11.83 -0.80 -7.30
CA LEU B 20 12.21 -0.61 -8.70
C LEU B 20 11.72 0.73 -9.27
N LEU B 21 10.47 1.15 -8.96
CA LEU B 21 9.92 2.44 -9.38
C LEU B 21 10.75 3.62 -8.85
N GLN B 22 11.10 3.61 -7.55
CA GLN B 22 11.95 4.66 -6.96
C GLN B 22 13.41 4.62 -7.41
N ARG B 23 13.94 3.45 -7.79
CA ARG B 23 15.30 3.30 -8.33
C ARG B 23 15.41 3.70 -9.81
N SER B 24 14.50 3.24 -10.65
CA SER B 24 14.67 3.25 -12.12
C SER B 24 13.68 4.15 -12.89
N LEU B 25 12.57 4.58 -12.26
CA LEU B 25 11.62 5.60 -12.74
C LEU B 25 10.85 5.20 -14.03
N LYS B 26 10.90 3.93 -14.44
CA LYS B 26 10.38 3.46 -15.74
C LYS B 26 8.85 3.56 -15.90
N HIS B 27 8.11 3.64 -14.80
CA HIS B 27 6.65 3.78 -14.76
C HIS B 27 6.18 5.00 -13.93
N ALA B 28 7.03 6.03 -13.79
CA ALA B 28 6.82 7.22 -12.95
C ALA B 28 5.78 8.24 -13.48
N SER B 29 4.69 7.74 -14.07
CA SER B 29 3.53 8.54 -14.53
C SER B 29 2.63 9.05 -13.37
N PHE B 30 2.96 8.71 -12.12
CA PHE B 30 2.24 9.07 -10.90
C PHE B 30 2.17 10.59 -10.64
N LEU B 31 3.18 11.36 -11.09
CA LEU B 31 3.29 12.82 -10.94
C LEU B 31 3.26 13.53 -12.32
N ALA A 1 -4.90 2.16 -2.07
CA ALA A 1 -6.36 2.45 -2.09
C ALA A 1 -7.17 1.21 -1.68
N ASP A 2 -8.35 1.42 -1.07
CA ASP A 2 -9.25 0.36 -0.58
C ASP A 2 -10.64 0.38 -1.25
N GLN A 3 -10.92 1.42 -2.05
CA GLN A 3 -12.24 1.78 -2.59
C GLN A 3 -12.10 2.46 -3.98
N LEU A 4 -13.23 2.79 -4.61
CA LEU A 4 -13.26 3.49 -5.91
C LEU A 4 -12.79 4.95 -5.83
N THR A 5 -12.37 5.50 -6.98
CA THR A 5 -12.16 6.94 -7.22
C THR A 5 -13.31 7.52 -8.04
N GLU A 6 -13.46 8.86 -8.03
CA GLU A 6 -14.54 9.57 -8.72
C GLU A 6 -14.52 9.35 -10.25
N GLU A 7 -13.34 9.16 -10.84
CA GLU A 7 -13.19 8.86 -12.28
C GLU A 7 -13.60 7.43 -12.66
N GLN A 8 -13.63 6.48 -11.71
CA GLN A 8 -14.24 5.16 -11.90
C GLN A 8 -15.76 5.24 -11.73
N ILE A 9 -16.23 5.95 -10.70
CA ILE A 9 -17.66 6.17 -10.42
C ILE A 9 -18.40 6.80 -11.61
N ALA A 10 -17.75 7.72 -12.32
CA ALA A 10 -18.27 8.36 -13.53
C ALA A 10 -18.50 7.38 -14.70
N GLU A 11 -17.78 6.25 -14.74
CA GLU A 11 -17.94 5.20 -15.75
C GLU A 11 -19.01 4.17 -15.34
N PHE A 12 -19.03 3.74 -14.07
CA PHE A 12 -20.04 2.79 -13.56
C PHE A 12 -21.45 3.37 -13.59
N LYS A 13 -21.61 4.70 -13.49
CA LYS A 13 -22.89 5.38 -13.65
C LYS A 13 -23.57 5.09 -15.00
N GLU A 14 -22.78 4.96 -16.07
CA GLU A 14 -23.28 4.71 -17.43
C GLU A 14 -23.92 3.31 -17.55
N ALA A 15 -23.27 2.28 -17.00
CA ALA A 15 -23.82 0.92 -16.98
C ALA A 15 -25.05 0.80 -16.05
N PHE A 16 -25.04 1.50 -14.91
CA PHE A 16 -26.14 1.52 -13.95
C PHE A 16 -27.39 2.24 -14.51
N SER A 17 -27.21 3.34 -15.24
CA SER A 17 -28.30 4.19 -15.75
C SER A 17 -29.21 3.49 -16.77
N LEU A 18 -28.70 2.51 -17.53
CA LEU A 18 -29.52 1.75 -18.50
C LEU A 18 -30.53 0.82 -17.82
N PHE A 19 -30.28 0.42 -16.56
CA PHE A 19 -31.18 -0.39 -15.72
C PHE A 19 -32.10 0.47 -14.83
N ASP A 20 -31.83 1.78 -14.70
CA ASP A 20 -32.70 2.77 -14.04
C ASP A 20 -33.83 3.23 -14.99
N LYS A 21 -34.81 2.35 -15.20
CA LYS A 21 -35.93 2.54 -16.13
C LYS A 21 -36.93 3.65 -15.74
N ASP A 22 -36.95 4.08 -14.47
CA ASP A 22 -37.84 5.13 -13.95
C ASP A 22 -37.17 6.52 -13.87
N GLY A 23 -35.83 6.57 -13.93
CA GLY A 23 -35.03 7.80 -13.81
C GLY A 23 -34.87 8.31 -12.37
N ASP A 24 -34.99 7.40 -11.38
CA ASP A 24 -35.05 7.71 -9.95
C ASP A 24 -33.68 7.63 -9.23
N GLY A 25 -32.64 7.14 -9.92
CA GLY A 25 -31.30 6.89 -9.36
C GLY A 25 -31.12 5.50 -8.74
N THR A 26 -32.09 4.60 -8.94
CA THR A 26 -32.13 3.23 -8.39
C THR A 26 -32.23 2.18 -9.49
N ILE A 27 -31.86 0.94 -9.16
CA ILE A 27 -32.20 -0.26 -9.95
C ILE A 27 -33.01 -1.25 -9.08
N THR A 28 -33.75 -2.16 -9.70
CA THR A 28 -34.40 -3.29 -8.99
C THR A 28 -33.33 -4.30 -8.59
N THR A 29 -33.52 -4.99 -7.47
CA THR A 29 -32.56 -5.98 -6.93
C THR A 29 -32.27 -7.12 -7.90
N LYS A 30 -33.25 -7.53 -8.71
CA LYS A 30 -33.08 -8.56 -9.75
C LYS A 30 -32.15 -8.14 -10.92
N GLU A 31 -31.93 -6.84 -11.12
CA GLU A 31 -31.03 -6.30 -12.14
C GLU A 31 -29.56 -6.20 -11.65
N LEU A 32 -29.29 -6.41 -10.36
CA LEU A 32 -27.93 -6.35 -9.79
C LEU A 32 -27.01 -7.37 -10.45
N GLY A 33 -27.45 -8.63 -10.54
CA GLY A 33 -26.72 -9.70 -11.24
C GLY A 33 -26.54 -9.39 -12.73
N THR A 34 -27.48 -8.66 -13.34
CA THR A 34 -27.42 -8.23 -14.74
C THR A 34 -26.37 -7.13 -14.94
N VAL A 35 -26.35 -6.08 -14.12
CA VAL A 35 -25.32 -5.01 -14.22
C VAL A 35 -23.92 -5.50 -13.84
N MET A 36 -23.79 -6.43 -12.88
CA MET A 36 -22.52 -7.12 -12.55
C MET A 36 -21.96 -7.85 -13.79
N ARG A 37 -22.82 -8.61 -14.49
CA ARG A 37 -22.45 -9.36 -15.71
C ARG A 37 -22.24 -8.45 -16.94
N SER A 38 -22.92 -7.31 -17.00
CA SER A 38 -22.69 -6.27 -18.03
C SER A 38 -21.33 -5.57 -17.85
N LEU A 39 -20.81 -5.51 -16.62
CA LEU A 39 -19.45 -5.05 -16.29
C LEU A 39 -18.40 -6.19 -16.40
N GLY A 40 -18.80 -7.39 -16.86
CA GLY A 40 -17.91 -8.51 -17.19
C GLY A 40 -17.60 -9.48 -16.05
N GLN A 41 -18.29 -9.37 -14.91
CA GLN A 41 -18.09 -10.22 -13.73
C GLN A 41 -18.95 -11.51 -13.81
N ASN A 42 -18.61 -12.52 -13.01
CA ASN A 42 -19.30 -13.83 -13.01
C ASN A 42 -19.35 -14.54 -11.64
N PRO A 43 -19.78 -13.85 -10.54
CA PRO A 43 -19.95 -14.45 -9.22
C PRO A 43 -21.13 -15.45 -9.19
N THR A 44 -21.19 -16.28 -8.15
CA THR A 44 -22.30 -17.23 -7.92
C THR A 44 -23.53 -16.48 -7.40
N GLU A 45 -24.72 -17.03 -7.65
CA GLU A 45 -26.00 -16.43 -7.26
C GLU A 45 -26.12 -16.24 -5.73
N ALA A 46 -25.51 -17.13 -4.94
CA ALA A 46 -25.45 -17.01 -3.47
C ALA A 46 -24.61 -15.80 -3.01
N GLU A 47 -23.54 -15.47 -3.73
CA GLU A 47 -22.68 -14.31 -3.45
C GLU A 47 -23.40 -12.99 -3.80
N LEU A 48 -24.13 -12.97 -4.92
CA LEU A 48 -25.01 -11.86 -5.31
C LEU A 48 -26.12 -11.67 -4.27
N GLN A 49 -26.83 -12.74 -3.91
CA GLN A 49 -27.94 -12.69 -2.95
C GLN A 49 -27.52 -12.17 -1.58
N ASP A 50 -26.34 -12.56 -1.07
CA ASP A 50 -25.81 -12.07 0.20
C ASP A 50 -25.51 -10.56 0.21
N MET A 51 -25.08 -10.00 -0.93
CA MET A 51 -24.84 -8.55 -1.07
C MET A 51 -26.16 -7.79 -1.27
N ILE A 52 -27.09 -8.35 -2.04
CA ILE A 52 -28.46 -7.82 -2.20
C ILE A 52 -29.14 -7.70 -0.83
N ASN A 53 -29.09 -8.76 0.00
CA ASN A 53 -29.63 -8.76 1.36
C ASN A 53 -28.95 -7.73 2.28
N GLU A 54 -27.68 -7.39 2.03
CA GLU A 54 -26.94 -6.35 2.76
C GLU A 54 -27.39 -4.93 2.34
N VAL A 55 -27.50 -4.65 1.03
CA VAL A 55 -27.82 -3.30 0.52
C VAL A 55 -29.31 -2.97 0.51
N ASP A 56 -30.22 -3.96 0.44
CA ASP A 56 -31.68 -3.78 0.54
C ASP A 56 -32.17 -3.72 2.02
N ALA A 57 -31.39 -3.07 2.89
CA ALA A 57 -31.67 -2.93 4.33
C ALA A 57 -32.96 -2.15 4.64
N ASP A 58 -33.42 -1.28 3.73
CA ASP A 58 -34.70 -0.58 3.81
C ASP A 58 -35.91 -1.47 3.49
N GLY A 59 -35.69 -2.64 2.88
CA GLY A 59 -36.74 -3.58 2.45
C GLY A 59 -37.50 -3.12 1.20
N ASN A 60 -36.95 -2.18 0.44
CA ASN A 60 -37.61 -1.48 -0.66
C ASN A 60 -37.77 -2.33 -1.94
N GLY A 61 -36.88 -3.32 -2.16
CA GLY A 61 -36.78 -4.11 -3.39
C GLY A 61 -35.92 -3.44 -4.46
N THR A 62 -35.18 -2.38 -4.11
CA THR A 62 -34.34 -1.57 -5.01
C THR A 62 -32.99 -1.24 -4.37
N ILE A 63 -32.02 -0.87 -5.20
CA ILE A 63 -30.64 -0.51 -4.84
C ILE A 63 -30.33 0.88 -5.39
N ASP A 64 -29.90 1.80 -4.53
CA ASP A 64 -29.50 3.17 -4.90
C ASP A 64 -28.04 3.22 -5.36
N PHE A 65 -27.69 4.19 -6.20
CA PHE A 65 -26.37 4.27 -6.83
C PHE A 65 -25.16 4.21 -5.87
N PRO A 66 -25.09 4.97 -4.76
CA PRO A 66 -23.99 4.85 -3.79
C PRO A 66 -23.95 3.48 -3.08
N GLU A 67 -25.09 2.81 -2.90
CA GLU A 67 -25.15 1.46 -2.32
C GLU A 67 -24.65 0.39 -3.29
N PHE A 68 -24.94 0.55 -4.60
CA PHE A 68 -24.37 -0.26 -5.67
C PHE A 68 -22.84 -0.12 -5.75
N LEU A 69 -22.32 1.11 -5.62
CA LEU A 69 -20.88 1.36 -5.65
C LEU A 69 -20.14 0.72 -4.46
N THR A 70 -20.78 0.49 -3.31
CA THR A 70 -20.19 -0.22 -2.15
C THR A 70 -19.94 -1.69 -2.43
N MET A 71 -20.76 -2.35 -3.26
CA MET A 71 -20.51 -3.71 -3.76
C MET A 71 -19.35 -3.79 -4.76
N MET A 72 -19.07 -2.71 -5.49
CA MET A 72 -17.93 -2.59 -6.41
C MET A 72 -16.63 -2.23 -5.68
N ALA A 73 -16.66 -1.25 -4.78
CA ALA A 73 -15.50 -0.65 -4.10
C ALA A 73 -14.65 -1.68 -3.34
N ARG A 74 -15.28 -2.54 -2.55
CA ARG A 74 -14.64 -3.56 -1.73
C ARG A 74 -13.83 -4.60 -2.53
N LYS A 75 -14.11 -4.75 -3.83
CA LYS A 75 -13.41 -5.67 -4.74
C LYS A 75 -12.19 -5.05 -5.46
N MET A 76 -12.06 -3.72 -5.45
CA MET A 76 -11.05 -2.94 -6.23
C MET A 76 -9.82 -2.51 -5.40
N LYS A 77 -9.71 -2.97 -4.15
CA LYS A 77 -8.59 -2.64 -3.25
C LYS A 77 -7.19 -3.04 -3.77
N ASP A 78 -6.17 -2.29 -3.35
CA ASP A 78 -4.74 -2.44 -3.72
C ASP A 78 -3.84 -2.19 -2.48
N THR A 79 -4.31 -2.66 -1.31
CA THR A 79 -3.65 -2.51 0.00
C THR A 79 -2.40 -3.37 0.14
N ASP A 80 -1.45 -2.86 0.93
CA ASP A 80 -0.27 -3.56 1.45
C ASP A 80 0.36 -2.80 2.64
N SER A 81 1.31 -3.43 3.35
CA SER A 81 2.00 -2.89 4.52
C SER A 81 3.29 -3.68 4.82
N GLU A 82 4.29 -3.01 5.39
CA GLU A 82 5.53 -3.62 5.88
C GLU A 82 5.26 -4.76 6.87
N GLU A 83 4.18 -4.69 7.65
CA GLU A 83 3.75 -5.76 8.55
C GLU A 83 3.31 -7.03 7.80
N GLU A 84 2.60 -6.87 6.68
CA GLU A 84 2.13 -7.99 5.85
C GLU A 84 3.28 -8.55 5.01
N ILE A 85 4.21 -7.69 4.55
CA ILE A 85 5.45 -8.11 3.87
C ILE A 85 6.32 -8.94 4.82
N ARG A 86 6.49 -8.52 6.09
CA ARG A 86 7.19 -9.29 7.12
C ARG A 86 6.54 -10.66 7.35
N GLU A 87 5.21 -10.75 7.45
CA GLU A 87 4.51 -12.03 7.63
C GLU A 87 4.60 -12.93 6.38
N ALA A 88 4.68 -12.36 5.18
CA ALA A 88 4.88 -13.14 3.95
C ALA A 88 6.23 -13.88 3.97
N PHE A 89 7.30 -13.18 4.34
CA PHE A 89 8.61 -13.82 4.58
C PHE A 89 8.57 -14.80 5.77
N ARG A 90 7.77 -14.53 6.82
CA ARG A 90 7.57 -15.45 7.94
C ARG A 90 6.90 -16.77 7.50
N VAL A 91 5.93 -16.71 6.58
CA VAL A 91 5.34 -17.91 5.93
C VAL A 91 6.38 -18.71 5.12
N PHE A 92 7.32 -18.03 4.43
CA PHE A 92 8.35 -18.69 3.63
C PHE A 92 9.57 -19.19 4.42
N ASP A 93 9.80 -18.73 5.65
CA ASP A 93 10.81 -19.30 6.56
C ASP A 93 10.32 -20.69 7.07
N LYS A 94 11.08 -21.73 6.73
CA LYS A 94 10.75 -23.13 7.00
C LYS A 94 11.16 -23.60 8.42
N ASP A 95 11.91 -22.80 9.18
CA ASP A 95 12.48 -23.15 10.50
C ASP A 95 12.20 -22.12 11.61
N GLY A 96 11.85 -20.88 11.24
CA GLY A 96 11.74 -19.75 12.17
C GLY A 96 13.10 -19.10 12.51
N ASN A 97 14.10 -19.29 11.65
CA ASN A 97 15.49 -18.87 11.86
C ASN A 97 15.71 -17.34 11.74
N GLY A 98 14.82 -16.62 11.03
CA GLY A 98 14.97 -15.18 10.71
C GLY A 98 15.70 -14.91 9.39
N TYR A 99 16.06 -15.98 8.67
CA TYR A 99 16.69 -15.97 7.34
C TYR A 99 16.05 -17.02 6.42
N ILE A 100 16.07 -16.78 5.11
CA ILE A 100 15.65 -17.73 4.06
C ILE A 100 16.76 -17.88 3.01
N SER A 101 16.78 -18.96 2.24
CA SER A 101 17.79 -19.11 1.17
C SER A 101 17.40 -18.32 -0.09
N ALA A 102 18.42 -17.84 -0.82
CA ALA A 102 18.24 -17.18 -2.11
C ALA A 102 17.61 -18.12 -3.15
N ALA A 103 17.90 -19.43 -3.07
CA ALA A 103 17.28 -20.46 -3.91
C ALA A 103 15.77 -20.58 -3.67
N GLU A 104 15.34 -20.61 -2.40
CA GLU A 104 13.91 -20.69 -2.04
C GLU A 104 13.17 -19.41 -2.47
N LEU A 105 13.72 -18.23 -2.17
CA LEU A 105 13.11 -16.95 -2.57
C LEU A 105 12.96 -16.86 -4.10
N ARG A 106 14.03 -17.18 -4.86
CA ARG A 106 13.97 -17.26 -6.32
C ARG A 106 12.89 -18.25 -6.79
N HIS A 107 12.84 -19.45 -6.19
CA HIS A 107 11.86 -20.48 -6.55
C HIS A 107 10.40 -20.04 -6.27
N VAL A 108 10.13 -19.44 -5.09
CA VAL A 108 8.81 -18.88 -4.75
C VAL A 108 8.38 -17.89 -5.84
N MET A 109 9.23 -16.90 -6.14
CA MET A 109 8.83 -15.75 -6.96
C MET A 109 8.63 -16.07 -8.45
N THR A 110 9.20 -17.16 -8.97
CA THR A 110 9.02 -17.62 -10.36
C THR A 110 7.82 -18.53 -10.57
N ASN A 111 7.15 -19.03 -9.51
CA ASN A 111 6.03 -19.98 -9.63
C ASN A 111 4.74 -19.63 -8.84
N LEU A 112 4.83 -18.86 -7.76
CA LEU A 112 3.69 -18.42 -6.94
C LEU A 112 3.31 -16.97 -7.22
N GLY A 113 2.05 -16.62 -6.96
CA GLY A 113 1.52 -15.25 -7.03
C GLY A 113 1.53 -14.67 -8.44
N GLU A 114 1.95 -13.41 -8.57
CA GLU A 114 2.17 -12.71 -9.83
C GLU A 114 3.64 -12.89 -10.25
N LYS A 115 3.91 -13.98 -10.98
CA LYS A 115 5.26 -14.49 -11.23
C LYS A 115 6.24 -13.45 -11.80
N LEU A 116 7.48 -13.47 -11.32
CA LEU A 116 8.57 -12.58 -11.74
C LEU A 116 9.38 -13.17 -12.90
N THR A 117 9.88 -12.28 -13.77
CA THR A 117 10.84 -12.57 -14.84
C THR A 117 12.23 -12.84 -14.25
N ASP A 118 13.08 -13.51 -15.02
CA ASP A 118 14.45 -13.86 -14.64
C ASP A 118 15.27 -12.64 -14.18
N GLU A 119 15.14 -11.50 -14.87
CA GLU A 119 15.80 -10.24 -14.51
C GLU A 119 15.24 -9.60 -13.22
N GLU A 120 13.97 -9.83 -12.89
CA GLU A 120 13.36 -9.33 -11.64
C GLU A 120 13.87 -10.15 -10.45
N VAL A 121 13.86 -11.50 -10.52
CA VAL A 121 14.42 -12.33 -9.43
C VAL A 121 15.94 -12.17 -9.30
N ASP A 122 16.68 -11.98 -10.39
CA ASP A 122 18.12 -11.72 -10.34
C ASP A 122 18.44 -10.43 -9.57
N GLU A 123 17.65 -9.37 -9.79
CA GLU A 123 17.78 -8.11 -9.04
C GLU A 123 17.30 -8.25 -7.58
N MET A 124 16.21 -8.98 -7.32
CA MET A 124 15.73 -9.25 -5.96
C MET A 124 16.81 -9.95 -5.13
N ILE A 125 17.40 -11.02 -5.66
CA ILE A 125 18.48 -11.77 -5.00
C ILE A 125 19.74 -10.90 -4.86
N ARG A 126 20.11 -10.10 -5.86
CA ARG A 126 21.29 -9.22 -5.78
C ARG A 126 21.16 -8.18 -4.65
N GLU A 127 19.97 -7.63 -4.42
CA GLU A 127 19.69 -6.70 -3.31
C GLU A 127 19.44 -7.40 -1.96
N ALA A 128 18.96 -8.65 -1.96
CA ALA A 128 18.67 -9.42 -0.74
C ALA A 128 19.89 -10.14 -0.15
N ASP A 129 20.75 -10.70 -1.01
CA ASP A 129 21.97 -11.44 -0.66
C ASP A 129 23.23 -10.57 -0.80
N ILE A 130 23.15 -9.30 -0.36
CA ILE A 130 24.31 -8.40 -0.23
C ILE A 130 25.37 -8.90 0.77
N ASP A 131 25.03 -9.85 1.63
CA ASP A 131 25.96 -10.56 2.53
C ASP A 131 26.82 -11.61 1.79
N GLY A 132 26.35 -12.11 0.64
CA GLY A 132 27.09 -12.98 -0.29
C GLY A 132 27.10 -14.48 0.05
N ASP A 133 26.50 -14.88 1.18
CA ASP A 133 26.51 -16.26 1.70
C ASP A 133 25.41 -17.16 1.09
N GLY A 134 24.42 -16.59 0.41
CA GLY A 134 23.23 -17.28 -0.12
C GLY A 134 22.04 -17.24 0.84
N GLN A 135 22.17 -16.61 2.01
CA GLN A 135 21.10 -16.41 2.99
C GLN A 135 20.57 -14.98 2.92
N VAL A 136 19.26 -14.82 2.81
CA VAL A 136 18.54 -13.53 2.77
C VAL A 136 18.13 -13.13 4.18
N ASN A 137 18.61 -11.97 4.61
CA ASN A 137 18.19 -11.27 5.82
C ASN A 137 16.85 -10.56 5.57
N TYR A 138 15.75 -11.31 5.54
CA TYR A 138 14.45 -10.77 5.10
C TYR A 138 13.90 -9.66 6.01
N GLU A 139 14.24 -9.69 7.30
CA GLU A 139 13.77 -8.73 8.29
C GLU A 139 14.22 -7.30 7.96
N GLU A 140 15.50 -7.12 7.62
CA GLU A 140 16.03 -5.81 7.20
C GLU A 140 15.74 -5.53 5.72
N PHE A 141 15.57 -6.55 4.87
CA PHE A 141 15.27 -6.39 3.44
C PHE A 141 13.99 -5.58 3.18
N VAL A 142 12.96 -5.72 4.04
CA VAL A 142 11.72 -4.95 3.91
C VAL A 142 11.99 -3.43 3.89
N GLN A 143 12.70 -2.90 4.88
CA GLN A 143 13.04 -1.47 4.92
C GLN A 143 14.05 -1.08 3.85
N MET A 144 14.99 -1.95 3.47
CA MET A 144 15.95 -1.68 2.40
C MET A 144 15.31 -1.52 1.01
N MET A 145 14.16 -2.16 0.74
CA MET A 145 13.42 -1.96 -0.52
C MET A 145 12.36 -0.86 -0.48
N THR A 146 11.75 -0.56 0.68
CA THR A 146 10.71 0.51 0.79
C THR A 146 11.30 1.90 0.98
N ALA A 147 12.43 2.04 1.67
CA ALA A 147 13.18 3.31 1.80
C ALA A 147 14.13 3.56 0.61
N LYS A 148 14.74 4.76 0.58
CA LYS A 148 15.69 5.23 -0.44
C LYS A 148 16.58 6.39 0.05
N GLY B 1 1.59 -23.96 3.60
CA GLY B 1 0.40 -24.37 2.84
C GLY B 1 0.16 -23.44 1.66
N PRO B 2 -0.12 -23.97 0.44
CA PRO B 2 -0.33 -23.18 -0.78
C PRO B 2 -1.34 -22.02 -0.67
N GLY B 3 -2.42 -22.19 0.11
CA GLY B 3 -3.44 -21.16 0.32
C GLY B 3 -2.95 -19.93 1.11
N SER B 4 -1.85 -20.05 1.84
CA SER B 4 -1.13 -18.91 2.43
C SER B 4 0.05 -18.45 1.56
N GLU B 5 0.83 -19.40 1.01
CA GLU B 5 2.02 -19.11 0.21
C GLU B 5 1.72 -18.33 -1.08
N GLU B 6 0.61 -18.63 -1.77
CA GLU B 6 0.25 -17.96 -3.03
C GLU B 6 -0.10 -16.47 -2.81
N VAL B 7 -0.75 -16.12 -1.69
CA VAL B 7 -1.05 -14.71 -1.32
C VAL B 7 0.15 -14.02 -0.66
N SER B 8 1.01 -14.77 0.06
CA SER B 8 2.27 -14.24 0.60
C SER B 8 3.21 -13.77 -0.52
N ALA B 9 3.33 -14.55 -1.60
CA ALA B 9 4.10 -14.17 -2.79
C ALA B 9 3.65 -12.80 -3.32
N MET B 10 2.36 -12.62 -3.57
CA MET B 10 1.81 -11.38 -4.14
C MET B 10 2.12 -10.12 -3.32
N VAL B 11 2.14 -10.22 -1.99
CA VAL B 11 2.45 -9.08 -1.10
C VAL B 11 3.93 -8.65 -1.27
N ILE B 12 4.87 -9.58 -1.40
CA ILE B 12 6.29 -9.28 -1.66
C ILE B 12 6.50 -8.77 -3.10
N GLN B 13 5.81 -9.38 -4.08
CA GLN B 13 5.98 -9.07 -5.50
C GLN B 13 5.50 -7.65 -5.82
N ARG B 14 4.38 -7.21 -5.23
CA ARG B 14 3.91 -5.82 -5.36
C ARG B 14 4.90 -4.82 -4.75
N ALA B 15 5.48 -5.12 -3.59
CA ALA B 15 6.49 -4.27 -2.92
C ALA B 15 7.79 -4.16 -3.74
N PHE B 16 8.29 -5.27 -4.28
CA PHE B 16 9.49 -5.28 -5.13
C PHE B 16 9.25 -4.55 -6.46
N ARG B 17 8.08 -4.70 -7.08
CA ARG B 17 7.73 -3.97 -8.31
C ARG B 17 7.55 -2.46 -8.04
N ARG B 18 7.01 -2.05 -6.89
CA ARG B 18 7.03 -0.64 -6.44
C ARG B 18 8.47 -0.13 -6.23
N HIS B 19 9.37 -0.93 -5.66
CA HIS B 19 10.79 -0.57 -5.51
C HIS B 19 11.46 -0.32 -6.88
N LEU B 20 11.31 -1.23 -7.85
CA LEU B 20 11.86 -1.05 -9.20
C LEU B 20 11.24 0.13 -9.95
N LEU B 21 9.94 0.39 -9.77
CA LEU B 21 9.26 1.57 -10.33
C LEU B 21 9.82 2.88 -9.75
N GLN B 22 10.04 2.97 -8.44
CA GLN B 22 10.63 4.15 -7.79
C GLN B 22 12.12 4.33 -8.14
N ARG B 23 12.86 3.22 -8.31
CA ARG B 23 14.29 3.20 -8.59
C ARG B 23 14.61 3.53 -10.06
N SER B 24 13.93 2.89 -11.01
CA SER B 24 14.32 2.90 -12.43
C SER B 24 13.36 3.65 -13.36
N LEU B 25 12.10 3.90 -12.93
CA LEU B 25 11.03 4.70 -13.57
C LEU B 25 10.45 4.06 -14.83
N LYS B 26 11.29 3.61 -15.76
CA LYS B 26 10.90 2.98 -17.04
C LYS B 26 10.45 1.51 -16.88
N HIS B 27 10.51 0.93 -15.67
CA HIS B 27 10.21 -0.48 -15.41
C HIS B 27 8.80 -0.91 -15.89
N ALA B 28 7.79 -0.04 -15.75
CA ALA B 28 6.43 -0.30 -16.22
C ALA B 28 6.27 -0.21 -17.77
N SER B 29 7.22 0.41 -18.47
CA SER B 29 7.19 0.57 -19.94
C SER B 29 7.68 -0.69 -20.69
N PHE B 30 8.47 -1.56 -20.02
CA PHE B 30 8.97 -2.82 -20.58
C PHE B 30 7.93 -3.96 -20.51
N LEU B 31 6.92 -3.86 -19.64
CA LEU B 31 5.88 -4.86 -19.39
C LEU B 31 4.88 -5.00 -20.57
N ALA A 1 0.03 4.98 -16.41
CA ALA A 1 -1.02 5.80 -15.76
C ALA A 1 -1.59 5.08 -14.53
N ASP A 2 -2.12 5.85 -13.57
CA ASP A 2 -2.74 5.34 -12.32
C ASP A 2 -4.01 6.13 -11.91
N GLN A 3 -4.18 7.32 -12.48
CA GLN A 3 -5.29 8.26 -12.29
C GLN A 3 -6.51 7.90 -13.17
N LEU A 4 -7.65 8.60 -12.95
CA LEU A 4 -8.86 8.48 -13.79
C LEU A 4 -8.62 8.85 -15.27
N THR A 5 -9.35 8.18 -16.16
CA THR A 5 -9.36 8.39 -17.62
C THR A 5 -10.76 8.76 -18.11
N GLU A 6 -10.86 9.33 -19.31
CA GLU A 6 -12.13 9.81 -19.87
C GLU A 6 -13.20 8.71 -19.99
N GLU A 7 -12.79 7.47 -20.27
CA GLU A 7 -13.69 6.29 -20.33
C GLU A 7 -14.23 5.85 -18.96
N GLN A 8 -13.54 6.18 -17.86
CA GLN A 8 -14.03 5.99 -16.50
C GLN A 8 -14.93 7.17 -16.09
N ILE A 9 -14.52 8.40 -16.40
CA ILE A 9 -15.29 9.62 -16.14
C ILE A 9 -16.68 9.57 -16.80
N ALA A 10 -16.77 9.03 -18.02
CA ALA A 10 -18.03 8.89 -18.75
C ALA A 10 -19.04 7.97 -18.06
N GLU A 11 -18.58 7.02 -17.23
CA GLU A 11 -19.43 6.13 -16.42
C GLU A 11 -19.77 6.77 -15.07
N PHE A 12 -18.80 7.42 -14.42
CA PHE A 12 -18.98 8.08 -13.13
C PHE A 12 -19.90 9.29 -13.21
N LYS A 13 -19.97 9.96 -14.37
CA LYS A 13 -20.91 11.04 -14.66
C LYS A 13 -22.37 10.59 -14.58
N GLU A 14 -22.69 9.41 -15.12
CA GLU A 14 -24.04 8.85 -15.10
C GLU A 14 -24.51 8.53 -13.68
N ALA A 15 -23.60 8.02 -12.82
CA ALA A 15 -23.89 7.75 -11.40
C ALA A 15 -24.04 9.04 -10.60
N PHE A 16 -23.11 9.98 -10.73
CA PHE A 16 -23.15 11.29 -10.06
C PHE A 16 -24.41 12.09 -10.43
N SER A 17 -24.83 12.05 -11.69
CA SER A 17 -26.00 12.78 -12.19
C SER A 17 -27.35 12.24 -11.69
N LEU A 18 -27.41 11.03 -11.09
CA LEU A 18 -28.64 10.52 -10.45
C LEU A 18 -28.87 11.17 -9.07
N PHE A 19 -27.77 11.50 -8.36
CA PHE A 19 -27.77 12.17 -7.06
C PHE A 19 -27.83 13.71 -7.17
N ASP A 20 -27.67 14.26 -8.37
CA ASP A 20 -27.95 15.67 -8.70
C ASP A 20 -29.46 15.87 -8.92
N LYS A 21 -30.22 15.92 -7.82
CA LYS A 21 -31.70 15.97 -7.85
C LYS A 21 -32.28 17.29 -8.39
N ASP A 22 -31.52 18.38 -8.35
CA ASP A 22 -31.92 19.72 -8.80
C ASP A 22 -31.52 20.02 -10.27
N GLY A 23 -30.59 19.23 -10.84
CA GLY A 23 -30.07 19.43 -12.20
C GLY A 23 -29.02 20.55 -12.29
N ASP A 24 -28.26 20.79 -11.22
CA ASP A 24 -27.33 21.92 -11.07
C ASP A 24 -25.85 21.56 -11.28
N GLY A 25 -25.53 20.27 -11.46
CA GLY A 25 -24.16 19.76 -11.68
C GLY A 25 -23.38 19.44 -10.41
N THR A 26 -24.05 19.41 -9.25
CA THR A 26 -23.47 19.12 -7.92
C THR A 26 -24.24 18.01 -7.21
N ILE A 27 -23.61 17.38 -6.21
CA ILE A 27 -24.29 16.52 -5.22
C ILE A 27 -24.16 17.11 -3.81
N THR A 28 -25.02 16.70 -2.88
CA THR A 28 -24.85 16.97 -1.44
C THR A 28 -23.72 16.10 -0.91
N THR A 29 -23.01 16.59 0.11
CA THR A 29 -21.94 15.87 0.81
C THR A 29 -22.39 14.51 1.35
N LYS A 30 -23.63 14.42 1.82
CA LYS A 30 -24.26 13.18 2.31
C LYS A 30 -24.33 12.07 1.25
N GLU A 31 -24.41 12.41 -0.04
CA GLU A 31 -24.51 11.46 -1.16
C GLU A 31 -23.13 11.00 -1.68
N LEU A 32 -22.01 11.59 -1.22
CA LEU A 32 -20.66 11.17 -1.61
C LEU A 32 -20.40 9.69 -1.28
N GLY A 33 -20.70 9.30 -0.03
CA GLY A 33 -20.59 7.91 0.41
C GLY A 33 -21.59 6.97 -0.26
N THR A 34 -22.71 7.50 -0.79
CA THR A 34 -23.70 6.74 -1.56
C THR A 34 -23.21 6.51 -2.99
N VAL A 35 -22.76 7.54 -3.70
CA VAL A 35 -22.32 7.42 -5.10
C VAL A 35 -21.06 6.56 -5.25
N MET A 36 -20.09 6.65 -4.33
CA MET A 36 -18.88 5.81 -4.38
C MET A 36 -19.19 4.32 -4.12
N ARG A 37 -20.08 4.01 -3.19
CA ARG A 37 -20.54 2.62 -2.95
C ARG A 37 -21.47 2.11 -4.06
N SER A 38 -22.23 2.99 -4.73
CA SER A 38 -22.98 2.66 -5.95
C SER A 38 -22.08 2.37 -7.17
N LEU A 39 -20.89 2.99 -7.21
CA LEU A 39 -19.80 2.70 -8.15
C LEU A 39 -18.92 1.51 -7.70
N GLY A 40 -19.34 0.75 -6.67
CA GLY A 40 -18.69 -0.49 -6.22
C GLY A 40 -17.37 -0.27 -5.47
N GLN A 41 -17.06 0.95 -5.05
CA GLN A 41 -15.83 1.25 -4.30
C GLN A 41 -15.98 0.80 -2.84
N ASN A 42 -14.88 0.38 -2.22
CA ASN A 42 -14.88 -0.24 -0.87
C ASN A 42 -14.11 0.52 0.26
N PRO A 43 -13.97 1.86 0.27
CA PRO A 43 -13.43 2.59 1.43
C PRO A 43 -14.38 2.52 2.63
N THR A 44 -13.86 2.74 3.84
CA THR A 44 -14.67 2.73 5.09
C THR A 44 -15.57 3.96 5.21
N GLU A 45 -16.53 3.91 6.13
CA GLU A 45 -17.33 5.08 6.50
C GLU A 45 -16.45 6.23 7.03
N ALA A 46 -15.35 5.92 7.72
CA ALA A 46 -14.37 6.91 8.19
C ALA A 46 -13.56 7.53 7.06
N GLU A 47 -13.14 6.75 6.06
CA GLU A 47 -12.49 7.26 4.84
C GLU A 47 -13.47 8.09 3.99
N LEU A 48 -14.73 7.67 3.87
CA LEU A 48 -15.76 8.44 3.16
C LEU A 48 -16.09 9.76 3.88
N GLN A 49 -16.11 9.77 5.21
CA GLN A 49 -16.25 11.00 6.00
C GLN A 49 -15.03 11.92 5.82
N ASP A 50 -13.82 11.38 5.78
CA ASP A 50 -12.58 12.14 5.52
C ASP A 50 -12.55 12.78 4.11
N MET A 51 -13.14 12.13 3.10
CA MET A 51 -13.29 12.69 1.74
C MET A 51 -14.23 13.91 1.72
N ILE A 52 -15.23 13.94 2.61
CA ILE A 52 -16.09 15.12 2.83
C ILE A 52 -15.29 16.22 3.52
N ASN A 53 -14.65 15.93 4.64
CA ASN A 53 -13.80 16.90 5.37
C ASN A 53 -12.69 17.53 4.50
N GLU A 54 -12.21 16.83 3.49
CA GLU A 54 -11.22 17.32 2.51
C GLU A 54 -11.77 18.44 1.60
N VAL A 55 -13.09 18.53 1.40
CA VAL A 55 -13.72 19.49 0.45
C VAL A 55 -14.77 20.42 1.08
N ASP A 56 -15.40 20.03 2.20
CA ASP A 56 -16.42 20.82 2.91
C ASP A 56 -15.82 21.76 3.98
N ALA A 57 -14.48 21.88 4.01
CA ALA A 57 -13.74 22.73 4.95
C ALA A 57 -14.07 24.23 4.84
N ASP A 58 -14.48 24.69 3.65
CA ASP A 58 -14.94 26.06 3.39
C ASP A 58 -16.46 26.26 3.65
N GLY A 59 -17.17 25.20 4.06
CA GLY A 59 -18.60 25.24 4.41
C GLY A 59 -19.53 25.14 3.18
N ASN A 60 -19.08 24.48 2.10
CA ASN A 60 -19.79 24.42 0.82
C ASN A 60 -21.16 23.74 0.89
N GLY A 61 -21.28 22.64 1.65
CA GLY A 61 -22.50 21.80 1.77
C GLY A 61 -22.77 20.88 0.56
N THR A 62 -22.00 21.04 -0.52
CA THR A 62 -22.13 20.33 -1.80
C THR A 62 -20.76 20.06 -2.41
N ILE A 63 -20.70 19.10 -3.32
CA ILE A 63 -19.51 18.69 -4.08
C ILE A 63 -19.79 18.80 -5.58
N ASP A 64 -18.89 19.44 -6.33
CA ASP A 64 -18.93 19.61 -7.78
C ASP A 64 -18.20 18.46 -8.50
N PHE A 65 -18.63 18.15 -9.73
CA PHE A 65 -18.20 16.97 -10.48
C PHE A 65 -16.67 16.78 -10.61
N PRO A 66 -15.87 17.77 -11.06
CA PRO A 66 -14.42 17.59 -11.16
C PRO A 66 -13.72 17.39 -9.80
N GLU A 67 -14.28 17.90 -8.69
CA GLU A 67 -13.74 17.68 -7.34
C GLU A 67 -13.99 16.24 -6.88
N PHE A 68 -15.20 15.71 -7.14
CA PHE A 68 -15.55 14.29 -6.94
C PHE A 68 -14.63 13.34 -7.73
N LEU A 69 -14.30 13.67 -8.99
CA LEU A 69 -13.34 12.88 -9.79
C LEU A 69 -11.91 12.98 -9.23
N THR A 70 -11.50 14.16 -8.75
CA THR A 70 -10.14 14.41 -8.21
C THR A 70 -9.90 13.59 -6.95
N MET A 71 -10.84 13.55 -6.01
CA MET A 71 -10.69 12.75 -4.78
C MET A 71 -10.64 11.24 -5.04
N MET A 72 -11.34 10.74 -6.08
CA MET A 72 -11.20 9.34 -6.52
C MET A 72 -9.79 9.07 -7.06
N ALA A 73 -9.34 9.86 -8.05
CA ALA A 73 -8.06 9.68 -8.73
C ALA A 73 -6.85 9.72 -7.79
N ARG A 74 -6.88 10.59 -6.78
CA ARG A 74 -5.83 10.72 -5.76
C ARG A 74 -5.83 9.58 -4.74
N LYS A 75 -7.00 9.20 -4.21
CA LYS A 75 -7.11 8.32 -3.03
C LYS A 75 -7.27 6.81 -3.35
N MET A 76 -7.47 6.45 -4.62
CA MET A 76 -7.36 5.05 -5.11
C MET A 76 -5.99 4.43 -4.79
N LYS A 77 -5.98 3.13 -4.46
CA LYS A 77 -4.87 2.38 -3.86
C LYS A 77 -5.14 0.86 -3.84
N ASP A 78 -4.06 0.06 -3.86
CA ASP A 78 -4.06 -1.41 -3.75
C ASP A 78 -2.82 -1.87 -2.93
N THR A 79 -2.35 -0.97 -2.05
CA THR A 79 -0.94 -0.80 -1.71
C THR A 79 -0.64 -1.34 -0.31
N ASP A 80 0.44 -2.13 -0.19
CA ASP A 80 0.79 -2.86 1.04
C ASP A 80 1.70 -2.05 1.99
N SER A 81 1.62 -2.34 3.29
CA SER A 81 2.50 -1.78 4.32
C SER A 81 3.77 -2.62 4.53
N GLU A 82 4.80 -2.01 5.15
CA GLU A 82 6.03 -2.71 5.53
C GLU A 82 5.76 -3.89 6.48
N GLU A 83 4.72 -3.82 7.31
CA GLU A 83 4.31 -4.90 8.21
C GLU A 83 3.61 -6.04 7.44
N GLU A 84 2.80 -5.74 6.43
CA GLU A 84 2.16 -6.74 5.58
C GLU A 84 3.21 -7.49 4.74
N ILE A 85 4.20 -6.76 4.19
CA ILE A 85 5.33 -7.32 3.45
C ILE A 85 6.22 -8.19 4.36
N ARG A 86 6.43 -7.79 5.63
CA ARG A 86 7.18 -8.56 6.62
C ARG A 86 6.56 -9.94 6.89
N GLU A 87 5.24 -10.02 7.06
CA GLU A 87 4.52 -11.29 7.28
C GLU A 87 4.60 -12.23 6.08
N ALA A 88 4.66 -11.67 4.86
CA ALA A 88 4.76 -12.44 3.62
C ALA A 88 6.11 -13.19 3.51
N PHE A 89 7.19 -12.67 4.09
CA PHE A 89 8.44 -13.41 4.26
C PHE A 89 8.38 -14.39 5.43
N ARG A 90 7.71 -14.04 6.53
CA ARG A 90 7.61 -14.88 7.73
C ARG A 90 6.91 -16.21 7.47
N VAL A 91 5.89 -16.25 6.59
CA VAL A 91 5.25 -17.53 6.18
C VAL A 91 6.17 -18.45 5.35
N PHE A 92 7.25 -17.93 4.76
CA PHE A 92 8.27 -18.69 4.01
C PHE A 92 9.48 -19.11 4.86
N ASP A 93 9.52 -18.76 6.16
CA ASP A 93 10.54 -19.20 7.13
C ASP A 93 10.21 -20.64 7.64
N LYS A 94 10.29 -21.60 6.72
CA LYS A 94 9.91 -23.01 6.93
C LYS A 94 10.78 -23.73 7.98
N ASP A 95 12.02 -23.29 8.19
CA ASP A 95 12.95 -23.81 9.20
C ASP A 95 12.76 -23.19 10.60
N GLY A 96 12.02 -22.07 10.70
CA GLY A 96 11.80 -21.32 11.94
C GLY A 96 13.01 -20.49 12.39
N ASN A 97 14.03 -20.34 11.53
CA ASN A 97 15.31 -19.73 11.86
C ASN A 97 15.34 -18.18 11.72
N GLY A 98 14.38 -17.58 11.00
CA GLY A 98 14.31 -16.14 10.68
C GLY A 98 15.02 -15.76 9.38
N TYR A 99 15.31 -16.73 8.51
CA TYR A 99 16.08 -16.58 7.27
C TYR A 99 15.50 -17.39 6.10
N ILE A 100 15.80 -16.95 4.87
CA ILE A 100 15.60 -17.68 3.61
C ILE A 100 16.90 -17.73 2.81
N SER A 101 16.98 -18.45 1.70
CA SER A 101 18.14 -18.43 0.81
C SER A 101 17.89 -17.64 -0.49
N ALA A 102 18.95 -17.26 -1.21
CA ALA A 102 18.85 -16.70 -2.56
C ALA A 102 18.22 -17.72 -3.53
N ALA A 103 18.50 -19.02 -3.35
CA ALA A 103 17.89 -20.10 -4.13
C ALA A 103 16.38 -20.23 -3.88
N GLU A 104 15.93 -20.00 -2.63
CA GLU A 104 14.50 -19.94 -2.29
C GLU A 104 13.81 -18.77 -3.00
N LEU A 105 14.41 -17.57 -3.01
CA LEU A 105 13.89 -16.41 -3.76
C LEU A 105 13.70 -16.72 -5.26
N ARG A 106 14.64 -17.42 -5.89
CA ARG A 106 14.52 -17.88 -7.29
C ARG A 106 13.42 -18.93 -7.54
N HIS A 107 12.81 -19.49 -6.48
CA HIS A 107 11.67 -20.42 -6.58
C HIS A 107 10.35 -19.78 -6.06
N VAL A 108 10.35 -19.22 -4.85
CA VAL A 108 9.14 -18.76 -4.14
C VAL A 108 8.47 -17.55 -4.82
N MET A 109 9.22 -16.77 -5.61
CA MET A 109 8.70 -15.66 -6.42
C MET A 109 8.24 -16.09 -7.84
N THR A 110 8.60 -17.30 -8.29
CA THR A 110 8.50 -17.72 -9.71
C THR A 110 7.51 -18.86 -9.96
N ASN A 111 6.79 -19.32 -8.94
CA ASN A 111 5.75 -20.37 -9.07
C ASN A 111 4.46 -20.18 -8.25
N LEU A 112 4.50 -19.35 -7.18
CA LEU A 112 3.34 -19.07 -6.32
C LEU A 112 2.63 -17.78 -6.78
N GLY A 113 1.32 -17.85 -7.01
CA GLY A 113 0.53 -16.74 -7.57
C GLY A 113 0.91 -16.44 -9.02
N GLU A 114 0.95 -15.16 -9.38
CA GLU A 114 1.61 -14.70 -10.61
C GLU A 114 3.14 -14.93 -10.53
N LYS A 115 3.79 -15.14 -11.67
CA LYS A 115 5.23 -15.44 -11.73
C LYS A 115 6.08 -14.17 -11.96
N LEU A 116 7.09 -13.93 -11.11
CA LEU A 116 8.06 -12.84 -11.27
C LEU A 116 9.05 -13.15 -12.42
N THR A 117 9.39 -12.12 -13.21
CA THR A 117 10.29 -12.20 -14.38
C THR A 117 11.71 -12.54 -13.94
N ASP A 118 12.45 -13.22 -14.81
CA ASP A 118 13.81 -13.71 -14.55
C ASP A 118 14.84 -12.60 -14.31
N GLU A 119 14.64 -11.43 -14.91
CA GLU A 119 15.45 -10.23 -14.65
C GLU A 119 15.05 -9.54 -13.33
N GLU A 120 13.75 -9.54 -13.00
CA GLU A 120 13.21 -8.90 -11.79
C GLU A 120 13.53 -9.72 -10.53
N VAL A 121 13.42 -11.05 -10.56
CA VAL A 121 13.84 -11.90 -9.43
C VAL A 121 15.36 -11.81 -9.19
N ASP A 122 16.17 -11.64 -10.25
CA ASP A 122 17.62 -11.47 -10.14
C ASP A 122 18.00 -10.07 -9.58
N GLU A 123 17.30 -9.01 -10.01
CA GLU A 123 17.47 -7.65 -9.49
C GLU A 123 17.00 -7.52 -8.03
N MET A 124 15.95 -8.24 -7.62
CA MET A 124 15.56 -8.40 -6.23
C MET A 124 16.71 -9.03 -5.40
N ILE A 125 17.31 -10.11 -5.91
CA ILE A 125 18.39 -10.84 -5.25
C ILE A 125 19.71 -10.05 -5.16
N ARG A 126 19.97 -9.12 -6.10
CA ARG A 126 21.15 -8.24 -6.07
C ARG A 126 21.30 -7.50 -4.72
N GLU A 127 20.19 -7.08 -4.12
CA GLU A 127 20.14 -6.43 -2.80
C GLU A 127 19.90 -7.43 -1.64
N ALA A 128 19.54 -8.69 -1.90
CA ALA A 128 19.33 -9.72 -0.87
C ALA A 128 20.62 -10.50 -0.53
N ASP A 129 21.43 -10.79 -1.54
CA ASP A 129 22.64 -11.63 -1.46
C ASP A 129 23.86 -10.95 -0.81
N ILE A 130 23.72 -9.68 -0.42
CA ILE A 130 24.78 -8.83 0.17
C ILE A 130 25.38 -9.34 1.50
N ASP A 131 24.71 -10.29 2.15
CA ASP A 131 25.18 -11.03 3.33
C ASP A 131 26.42 -11.91 3.04
N GLY A 132 26.55 -12.40 1.80
CA GLY A 132 27.72 -13.13 1.28
C GLY A 132 27.70 -14.65 1.50
N ASP A 133 26.93 -15.16 2.47
CA ASP A 133 26.81 -16.60 2.77
C ASP A 133 25.78 -17.33 1.89
N GLY A 134 24.94 -16.59 1.15
CA GLY A 134 23.83 -17.11 0.33
C GLY A 134 22.49 -17.17 1.08
N GLN A 135 22.51 -16.98 2.39
CA GLN A 135 21.33 -16.76 3.23
C GLN A 135 20.92 -15.29 3.20
N VAL A 136 19.62 -15.02 3.34
CA VAL A 136 19.00 -13.69 3.27
C VAL A 136 18.28 -13.44 4.60
N ASN A 137 18.70 -12.39 5.32
CA ASN A 137 17.91 -11.81 6.40
C ASN A 137 16.81 -10.92 5.77
N TYR A 138 15.60 -11.46 5.62
CA TYR A 138 14.50 -10.73 5.01
C TYR A 138 14.01 -9.53 5.85
N GLU A 139 14.28 -9.55 7.15
CA GLU A 139 13.87 -8.52 8.11
C GLU A 139 14.50 -7.15 7.76
N GLU A 140 15.80 -7.11 7.43
CA GLU A 140 16.47 -5.94 6.88
C GLU A 140 16.13 -5.70 5.40
N PHE A 141 15.84 -6.75 4.63
CA PHE A 141 15.43 -6.63 3.21
C PHE A 141 14.11 -5.86 3.05
N VAL A 142 13.14 -6.06 3.96
CA VAL A 142 11.93 -5.22 4.06
C VAL A 142 12.31 -3.74 4.19
N GLN A 143 13.21 -3.40 5.12
CA GLN A 143 13.61 -2.02 5.39
C GLN A 143 14.32 -1.38 4.19
N MET A 144 15.16 -2.13 3.47
CA MET A 144 15.80 -1.65 2.22
C MET A 144 14.80 -1.47 1.06
N MET A 145 13.76 -2.32 0.98
CA MET A 145 12.71 -2.22 -0.05
C MET A 145 11.79 -1.01 0.17
N THR A 146 11.38 -0.74 1.41
CA THR A 146 10.41 0.33 1.77
C THR A 146 11.07 1.66 2.13
N ALA A 147 12.41 1.77 2.02
CA ALA A 147 13.17 2.99 2.29
C ALA A 147 12.68 4.21 1.48
N LYS A 148 12.58 5.37 2.13
CA LYS A 148 12.07 6.66 1.60
C LYS A 148 12.44 7.84 2.52
N GLY B 1 -10.38 -19.63 -4.06
CA GLY B 1 -9.45 -18.49 -4.08
C GLY B 1 -8.00 -18.93 -3.96
N PRO B 2 -7.03 -17.99 -4.09
CA PRO B 2 -5.59 -18.26 -4.00
C PRO B 2 -5.16 -18.59 -2.57
N GLY B 3 -4.02 -19.29 -2.43
CA GLY B 3 -3.45 -19.68 -1.15
C GLY B 3 -2.73 -18.54 -0.41
N SER B 4 -2.46 -18.73 0.87
CA SER B 4 -1.81 -17.73 1.73
C SER B 4 -0.38 -17.44 1.25
N GLU B 5 0.33 -18.51 0.85
CA GLU B 5 1.64 -18.48 0.22
C GLU B 5 1.61 -17.74 -1.14
N GLU B 6 0.54 -17.90 -1.93
CA GLU B 6 0.39 -17.26 -3.23
C GLU B 6 0.16 -15.76 -3.09
N VAL B 7 -0.76 -15.33 -2.20
CA VAL B 7 -0.95 -13.90 -1.95
C VAL B 7 0.27 -13.27 -1.27
N SER B 8 1.01 -14.00 -0.43
CA SER B 8 2.28 -13.53 0.14
C SER B 8 3.34 -13.29 -0.94
N ALA B 9 3.51 -14.20 -1.90
CA ALA B 9 4.38 -14.00 -3.05
C ALA B 9 3.96 -12.75 -3.86
N MET B 10 2.66 -12.61 -4.14
CA MET B 10 2.12 -11.45 -4.89
C MET B 10 2.24 -10.11 -4.13
N VAL B 11 2.18 -10.12 -2.80
CA VAL B 11 2.45 -8.93 -1.94
C VAL B 11 3.92 -8.51 -2.05
N ILE B 12 4.87 -9.45 -2.01
CA ILE B 12 6.31 -9.14 -2.16
C ILE B 12 6.61 -8.64 -3.59
N GLN B 13 6.01 -9.25 -4.62
CA GLN B 13 6.12 -8.79 -6.00
C GLN B 13 5.54 -7.37 -6.19
N ARG B 14 4.40 -7.05 -5.57
CA ARG B 14 3.78 -5.72 -5.64
C ARG B 14 4.66 -4.66 -4.96
N ALA B 15 5.24 -4.97 -3.80
CA ALA B 15 6.16 -4.10 -3.09
C ALA B 15 7.48 -3.87 -3.85
N PHE B 16 8.00 -4.91 -4.51
CA PHE B 16 9.20 -4.78 -5.34
C PHE B 16 8.93 -3.95 -6.60
N ARG B 17 7.78 -4.11 -7.26
CA ARG B 17 7.35 -3.25 -8.38
C ARG B 17 7.13 -1.79 -7.94
N ARG B 18 6.62 -1.56 -6.71
CA ARG B 18 6.50 -0.22 -6.11
C ARG B 18 7.88 0.39 -5.78
N HIS B 19 8.82 -0.42 -5.28
CA HIS B 19 10.22 0.00 -5.08
C HIS B 19 10.88 0.42 -6.40
N LEU B 20 10.67 -0.32 -7.50
CA LEU B 20 11.18 0.02 -8.83
C LEU B 20 10.55 1.31 -9.40
N LEU B 21 9.27 1.57 -9.14
CA LEU B 21 8.61 2.85 -9.48
C LEU B 21 9.24 4.02 -8.72
N GLN B 22 9.53 3.83 -7.43
CA GLN B 22 10.21 4.82 -6.58
C GLN B 22 11.72 4.96 -6.86
N ARG B 23 12.32 4.05 -7.64
CA ARG B 23 13.75 4.05 -7.97
C ARG B 23 14.11 5.03 -9.11
N SER B 24 13.27 5.15 -10.13
CA SER B 24 13.53 5.97 -11.33
C SER B 24 12.73 7.28 -11.40
N LEU B 25 11.55 7.33 -10.77
CA LEU B 25 10.62 8.45 -10.63
C LEU B 25 10.05 8.95 -11.98
N LYS B 26 10.86 9.61 -12.80
CA LYS B 26 10.46 10.37 -14.00
C LYS B 26 11.62 10.60 -14.99
N HIS B 27 12.54 9.63 -15.10
CA HIS B 27 13.63 9.65 -16.09
C HIS B 27 13.10 9.69 -17.55
N ALA B 28 13.80 10.41 -18.43
CA ALA B 28 13.41 10.67 -19.82
C ALA B 28 14.61 11.03 -20.73
N SER B 29 14.39 10.99 -22.04
CA SER B 29 15.39 11.27 -23.09
C SER B 29 14.72 11.48 -24.46
N PHE B 30 15.51 11.73 -25.52
CA PHE B 30 15.03 11.91 -26.90
C PHE B 30 14.47 10.61 -27.52
N LEU B 31 14.98 9.44 -27.08
CA LEU B 31 14.55 8.10 -27.49
C LEU B 31 13.95 7.31 -26.31
N ALA A 1 -1.47 11.80 -1.89
CA ALA A 1 -1.77 11.42 -0.48
C ALA A 1 -2.20 9.96 -0.37
N ASP A 2 -2.08 9.38 0.84
CA ASP A 2 -2.44 7.99 1.17
C ASP A 2 -3.84 7.86 1.81
N GLN A 3 -4.63 8.93 1.78
CA GLN A 3 -5.89 9.09 2.51
C GLN A 3 -6.81 10.08 1.75
N LEU A 4 -8.10 10.10 2.09
CA LEU A 4 -9.11 10.98 1.46
C LEU A 4 -8.85 12.49 1.70
N THR A 5 -9.29 13.32 0.76
CA THR A 5 -9.13 14.79 0.75
C THR A 5 -10.45 15.48 0.42
N GLU A 6 -10.56 16.76 0.79
CA GLU A 6 -11.78 17.57 0.62
C GLU A 6 -12.26 17.63 -0.83
N GLU A 7 -11.34 17.73 -1.80
CA GLU A 7 -11.65 17.79 -3.22
C GLU A 7 -12.17 16.45 -3.79
N GLN A 8 -11.88 15.32 -3.13
CA GLN A 8 -12.45 14.02 -3.46
C GLN A 8 -13.82 13.84 -2.78
N ILE A 9 -13.93 14.19 -1.49
CA ILE A 9 -15.20 14.13 -0.72
C ILE A 9 -16.31 14.95 -1.38
N ALA A 10 -15.98 16.12 -1.95
CA ALA A 10 -16.93 16.98 -2.67
C ALA A 10 -17.51 16.32 -3.94
N GLU A 11 -16.80 15.36 -4.54
CA GLU A 11 -17.25 14.61 -5.71
C GLU A 11 -18.02 13.33 -5.33
N PHE A 12 -17.61 12.64 -4.26
CA PHE A 12 -18.28 11.43 -3.78
C PHE A 12 -19.71 11.70 -3.29
N LYS A 13 -20.00 12.90 -2.80
CA LYS A 13 -21.35 13.37 -2.48
C LYS A 13 -22.31 13.24 -3.68
N GLU A 14 -21.86 13.56 -4.89
CA GLU A 14 -22.69 13.55 -6.10
C GLU A 14 -23.10 12.12 -6.49
N ALA A 15 -22.18 11.16 -6.43
CA ALA A 15 -22.49 9.75 -6.69
C ALA A 15 -23.36 9.13 -5.60
N PHE A 16 -23.08 9.43 -4.32
CA PHE A 16 -23.86 8.96 -3.18
C PHE A 16 -25.31 9.51 -3.19
N SER A 17 -25.51 10.74 -3.67
CA SER A 17 -26.82 11.40 -3.76
C SER A 17 -27.84 10.67 -4.69
N LEU A 18 -27.38 9.99 -5.75
CA LEU A 18 -28.27 9.23 -6.65
C LEU A 18 -28.83 7.95 -6.00
N PHE A 19 -28.12 7.39 -5.01
CA PHE A 19 -28.54 6.24 -4.21
C PHE A 19 -29.31 6.65 -2.94
N ASP A 20 -29.24 7.92 -2.54
CA ASP A 20 -30.04 8.53 -1.47
C ASP A 20 -31.47 8.86 -1.95
N LYS A 21 -32.24 7.80 -2.20
CA LYS A 21 -33.60 7.86 -2.78
C LYS A 21 -34.64 8.56 -1.87
N ASP A 22 -34.42 8.58 -0.56
CA ASP A 22 -35.28 9.23 0.44
C ASP A 22 -34.96 10.73 0.62
N GLY A 23 -33.76 11.17 0.22
CA GLY A 23 -33.26 12.55 0.43
C GLY A 23 -32.77 12.81 1.86
N ASP A 24 -32.64 11.77 2.69
CA ASP A 24 -32.32 11.84 4.12
C ASP A 24 -30.81 11.75 4.42
N GLY A 25 -29.99 11.36 3.44
CA GLY A 25 -28.52 11.32 3.52
C GLY A 25 -27.93 9.93 3.76
N THR A 26 -28.68 8.85 3.49
CA THR A 26 -28.26 7.44 3.66
C THR A 26 -28.49 6.62 2.39
N ILE A 27 -27.69 5.58 2.22
CA ILE A 27 -27.87 4.51 1.21
C ILE A 27 -28.15 3.16 1.87
N THR A 28 -28.68 2.18 1.13
CA THR A 28 -28.78 0.78 1.58
C THR A 28 -27.39 0.15 1.53
N THR A 29 -27.12 -0.83 2.40
CA THR A 29 -25.89 -1.66 2.37
C THR A 29 -25.71 -2.36 1.02
N LYS A 30 -26.82 -2.80 0.41
CA LYS A 30 -26.86 -3.42 -0.92
C LYS A 30 -26.43 -2.48 -2.06
N GLU A 31 -26.55 -1.15 -1.86
CA GLU A 31 -26.17 -0.12 -2.84
C GLU A 31 -24.68 0.26 -2.74
N LEU A 32 -23.95 -0.21 -1.73
CA LEU A 32 -22.52 0.08 -1.58
C LEU A 32 -21.71 -0.44 -2.77
N GLY A 33 -21.90 -1.71 -3.16
CA GLY A 33 -21.25 -2.30 -4.34
C GLY A 33 -21.64 -1.61 -5.65
N THR A 34 -22.78 -0.91 -5.66
CA THR A 34 -23.24 -0.07 -6.77
C THR A 34 -22.54 1.29 -6.75
N VAL A 35 -22.41 1.96 -5.61
CA VAL A 35 -21.74 3.30 -5.57
C VAL A 35 -20.22 3.19 -5.69
N MET A 36 -19.62 2.08 -5.25
CA MET A 36 -18.21 1.72 -5.53
C MET A 36 -17.97 1.66 -7.04
N ARG A 37 -18.73 0.84 -7.76
CA ARG A 37 -18.60 0.67 -9.22
C ARG A 37 -19.01 1.91 -10.01
N SER A 38 -19.96 2.72 -9.53
CA SER A 38 -20.30 4.02 -10.10
C SER A 38 -19.13 5.03 -10.04
N LEU A 39 -18.33 4.99 -8.95
CA LEU A 39 -17.09 5.75 -8.78
C LEU A 39 -15.87 5.13 -9.47
N GLY A 40 -16.00 3.93 -10.06
CA GLY A 40 -14.92 3.21 -10.74
C GLY A 40 -14.05 2.35 -9.80
N GLN A 41 -14.44 2.19 -8.54
CA GLN A 41 -13.78 1.32 -7.57
C GLN A 41 -14.18 -0.14 -7.81
N ASN A 42 -13.26 -1.08 -7.57
CA ASN A 42 -13.42 -2.51 -7.89
C ASN A 42 -13.13 -3.48 -6.71
N PRO A 43 -13.69 -3.26 -5.50
CA PRO A 43 -13.60 -4.22 -4.40
C PRO A 43 -14.34 -5.52 -4.75
N THR A 44 -13.88 -6.64 -4.20
CA THR A 44 -14.54 -7.96 -4.35
C THR A 44 -15.82 -8.04 -3.53
N GLU A 45 -16.64 -9.07 -3.79
CA GLU A 45 -17.79 -9.42 -2.96
C GLU A 45 -17.38 -9.67 -1.50
N ALA A 46 -16.21 -10.28 -1.27
CA ALA A 46 -15.64 -10.50 0.06
C ALA A 46 -15.24 -9.20 0.75
N GLU A 47 -14.58 -8.27 0.05
CA GLU A 47 -14.25 -6.94 0.59
C GLU A 47 -15.51 -6.12 0.86
N LEU A 48 -16.49 -6.12 -0.05
CA LEU A 48 -17.77 -5.43 0.14
C LEU A 48 -18.50 -5.97 1.38
N GLN A 49 -18.62 -7.29 1.51
CA GLN A 49 -19.30 -7.91 2.66
C GLN A 49 -18.56 -7.64 3.97
N ASP A 50 -17.22 -7.66 4.00
CA ASP A 50 -16.42 -7.34 5.18
C ASP A 50 -16.59 -5.89 5.66
N MET A 51 -16.77 -4.93 4.74
CA MET A 51 -17.08 -3.54 5.08
C MET A 51 -18.51 -3.41 5.61
N ILE A 52 -19.46 -4.11 4.98
CA ILE A 52 -20.88 -4.12 5.38
C ILE A 52 -21.03 -4.70 6.79
N ASN A 53 -20.38 -5.83 7.08
CA ASN A 53 -20.37 -6.47 8.40
C ASN A 53 -19.82 -5.54 9.50
N GLU A 54 -18.88 -4.65 9.16
CA GLU A 54 -18.33 -3.66 10.09
C GLU A 54 -19.26 -2.46 10.29
N VAL A 55 -19.77 -1.84 9.20
CA VAL A 55 -20.58 -0.60 9.30
C VAL A 55 -22.05 -0.85 9.68
N ASP A 56 -22.61 -2.02 9.36
CA ASP A 56 -23.97 -2.43 9.71
C ASP A 56 -24.05 -3.27 11.01
N ALA A 57 -23.09 -3.06 11.93
CA ALA A 57 -23.06 -3.73 13.25
C ALA A 57 -24.29 -3.42 14.13
N ASP A 58 -24.99 -2.31 13.89
CA ASP A 58 -26.26 -1.92 14.53
C ASP A 58 -27.51 -2.56 13.86
N GLY A 59 -27.36 -3.14 12.67
CA GLY A 59 -28.40 -3.94 11.99
C GLY A 59 -29.45 -3.14 11.22
N ASN A 60 -29.25 -1.82 11.00
CA ASN A 60 -30.21 -0.94 10.35
C ASN A 60 -30.42 -1.21 8.85
N GLY A 61 -29.46 -1.86 8.17
CA GLY A 61 -29.49 -2.14 6.73
C GLY A 61 -29.03 -0.97 5.84
N THR A 62 -28.49 0.10 6.44
CA THR A 62 -28.15 1.37 5.77
C THR A 62 -26.76 1.88 6.16
N ILE A 63 -26.22 2.77 5.33
CA ILE A 63 -24.91 3.42 5.50
C ILE A 63 -25.09 4.94 5.35
N ASP A 64 -24.54 5.71 6.30
CA ASP A 64 -24.51 7.18 6.31
C ASP A 64 -23.22 7.71 5.67
N PHE A 65 -23.27 8.91 5.10
CA PHE A 65 -22.21 9.50 4.28
C PHE A 65 -20.79 9.47 4.91
N PRO A 66 -20.55 9.95 6.14
CA PRO A 66 -19.22 9.91 6.75
C PRO A 66 -18.73 8.48 7.05
N GLU A 67 -19.62 7.51 7.25
CA GLU A 67 -19.26 6.10 7.43
C GLU A 67 -18.79 5.47 6.11
N PHE A 68 -19.43 5.83 4.99
CA PHE A 68 -18.98 5.52 3.63
C PHE A 68 -17.64 6.20 3.30
N LEU A 69 -17.42 7.44 3.72
CA LEU A 69 -16.12 8.12 3.57
C LEU A 69 -15.00 7.43 4.38
N THR A 70 -15.30 6.88 5.55
CA THR A 70 -14.34 6.18 6.41
C THR A 70 -13.77 4.95 5.71
N MET A 71 -14.59 4.16 4.99
CA MET A 71 -14.08 3.03 4.20
C MET A 71 -13.39 3.47 2.89
N MET A 72 -13.82 4.58 2.26
CA MET A 72 -13.15 5.15 1.09
C MET A 72 -11.74 5.68 1.39
N ALA A 73 -11.51 6.21 2.61
CA ALA A 73 -10.19 6.65 3.07
C ALA A 73 -9.14 5.53 3.08
N ARG A 74 -9.55 4.31 3.43
CA ARG A 74 -8.70 3.10 3.45
C ARG A 74 -8.27 2.68 2.04
N LYS A 75 -9.11 2.89 1.02
CA LYS A 75 -8.83 2.54 -0.38
C LYS A 75 -7.77 3.44 -1.05
N MET A 76 -7.45 4.61 -0.46
CA MET A 76 -6.44 5.54 -0.99
C MET A 76 -4.99 5.23 -0.56
N LYS A 77 -4.76 4.22 0.27
CA LYS A 77 -3.41 3.87 0.76
C LYS A 77 -2.45 3.42 -0.36
N ASP A 78 -1.47 4.27 -0.69
CA ASP A 78 -0.36 3.96 -1.60
C ASP A 78 0.73 3.10 -0.93
N THR A 79 0.93 3.30 0.38
CA THR A 79 1.86 2.54 1.23
C THR A 79 1.34 1.13 1.53
N ASP A 80 2.17 0.32 2.20
CA ASP A 80 1.85 -1.02 2.69
C ASP A 80 2.56 -1.30 4.01
N SER A 81 2.01 -2.22 4.82
CA SER A 81 2.44 -2.46 6.20
C SER A 81 3.74 -3.30 6.26
N GLU A 82 4.76 -2.80 6.97
CA GLU A 82 6.06 -3.47 7.13
C GLU A 82 5.91 -4.89 7.71
N GLU A 83 5.02 -5.08 8.69
CA GLU A 83 4.73 -6.38 9.30
C GLU A 83 4.06 -7.36 8.32
N GLU A 84 3.20 -6.89 7.40
CA GLU A 84 2.56 -7.74 6.40
C GLU A 84 3.57 -8.24 5.37
N ILE A 85 4.49 -7.35 4.95
CA ILE A 85 5.62 -7.70 4.08
C ILE A 85 6.55 -8.69 4.80
N ARG A 86 6.83 -8.50 6.09
CA ARG A 86 7.65 -9.41 6.89
C ARG A 86 6.99 -10.79 7.04
N GLU A 87 5.69 -10.86 7.33
CA GLU A 87 4.93 -12.12 7.42
C GLU A 87 4.97 -12.93 6.12
N ALA A 88 4.95 -12.24 4.97
CA ALA A 88 5.07 -12.89 3.65
C ALA A 88 6.41 -13.63 3.47
N PHE A 89 7.50 -13.17 4.11
CA PHE A 89 8.74 -13.94 4.22
C PHE A 89 8.70 -15.00 5.33
N ARG A 90 8.08 -14.71 6.49
CA ARG A 90 8.00 -15.63 7.63
C ARG A 90 7.31 -16.96 7.27
N VAL A 91 6.31 -16.96 6.39
CA VAL A 91 5.69 -18.21 5.91
C VAL A 91 6.61 -19.09 5.04
N PHE A 92 7.61 -18.50 4.35
CA PHE A 92 8.61 -19.22 3.55
C PHE A 92 9.85 -19.62 4.36
N ASP A 93 10.02 -19.08 5.57
CA ASP A 93 11.06 -19.48 6.52
C ASP A 93 10.64 -20.78 7.24
N LYS A 94 11.52 -21.78 7.22
CA LYS A 94 11.26 -23.12 7.76
C LYS A 94 11.34 -23.20 9.30
N ASP A 95 11.83 -22.15 9.98
CA ASP A 95 11.91 -22.00 11.44
C ASP A 95 11.35 -20.66 11.96
N GLY A 96 11.14 -19.66 11.09
CA GLY A 96 10.79 -18.28 11.44
C GLY A 96 12.00 -17.42 11.80
N ASN A 97 13.21 -17.93 11.60
CA ASN A 97 14.49 -17.41 12.11
C ASN A 97 14.94 -16.05 11.55
N GLY A 98 14.47 -15.67 10.35
CA GLY A 98 14.90 -14.48 9.61
C GLY A 98 15.73 -14.76 8.35
N TYR A 99 15.77 -16.03 7.90
CA TYR A 99 16.60 -16.48 6.78
C TYR A 99 15.90 -17.48 5.83
N ILE A 100 16.15 -17.32 4.53
CA ILE A 100 15.67 -18.19 3.44
C ILE A 100 16.80 -18.44 2.43
N SER A 101 16.74 -19.50 1.63
CA SER A 101 17.79 -19.81 0.64
C SER A 101 17.68 -18.93 -0.62
N ALA A 102 18.81 -18.61 -1.26
CA ALA A 102 18.81 -17.79 -2.49
C ALA A 102 18.03 -18.45 -3.64
N ALA A 103 18.19 -19.76 -3.85
CA ALA A 103 17.46 -20.51 -4.87
C ALA A 103 15.95 -20.59 -4.56
N GLU A 104 15.62 -20.74 -3.27
CA GLU A 104 14.26 -20.78 -2.73
C GLU A 104 13.52 -19.45 -2.97
N LEU A 105 14.13 -18.31 -2.63
CA LEU A 105 13.56 -16.98 -2.89
C LEU A 105 13.38 -16.72 -4.39
N ARG A 106 14.42 -17.01 -5.20
CA ARG A 106 14.35 -16.91 -6.66
C ARG A 106 13.20 -17.74 -7.23
N HIS A 107 13.03 -18.99 -6.76
CA HIS A 107 11.97 -19.90 -7.22
C HIS A 107 10.57 -19.50 -6.72
N VAL A 108 10.39 -19.13 -5.45
CA VAL A 108 9.06 -18.85 -4.90
C VAL A 108 8.40 -17.61 -5.54
N MET A 109 9.22 -16.67 -6.04
CA MET A 109 8.78 -15.51 -6.82
C MET A 109 8.37 -15.85 -8.27
N THR A 110 9.03 -16.82 -8.93
CA THR A 110 8.70 -17.24 -10.30
C THR A 110 7.58 -18.28 -10.35
N ASN A 111 7.34 -19.03 -9.27
CA ASN A 111 6.43 -20.18 -9.26
C ASN A 111 5.02 -19.88 -8.69
N LEU A 112 4.89 -19.09 -7.61
CA LEU A 112 3.61 -18.76 -6.96
C LEU A 112 3.03 -17.42 -7.45
N GLY A 113 1.70 -17.25 -7.28
CA GLY A 113 0.98 -15.99 -7.44
C GLY A 113 0.89 -15.50 -8.88
N GLU A 114 0.87 -14.18 -9.08
CA GLU A 114 1.28 -13.57 -10.35
C GLU A 114 2.79 -13.74 -10.52
N LYS A 115 3.22 -14.38 -11.61
CA LYS A 115 4.59 -14.87 -11.77
C LYS A 115 5.57 -13.71 -12.08
N LEU A 116 6.58 -13.49 -11.22
CA LEU A 116 7.64 -12.50 -11.44
C LEU A 116 8.68 -13.03 -12.45
N THR A 117 9.38 -12.15 -13.17
CA THR A 117 10.34 -12.50 -14.24
C THR A 117 11.74 -12.77 -13.71
N ASP A 118 12.49 -13.55 -14.50
CA ASP A 118 13.88 -13.91 -14.23
C ASP A 118 14.80 -12.69 -14.02
N GLU A 119 14.59 -11.63 -14.80
CA GLU A 119 15.37 -10.38 -14.73
C GLU A 119 15.11 -9.61 -13.42
N GLU A 120 13.87 -9.66 -12.91
CA GLU A 120 13.47 -9.02 -11.66
C GLU A 120 13.95 -9.84 -10.45
N VAL A 121 13.80 -11.17 -10.45
CA VAL A 121 14.31 -11.99 -9.32
C VAL A 121 15.84 -12.00 -9.25
N ASP A 122 16.56 -11.85 -10.37
CA ASP A 122 18.01 -11.71 -10.38
C ASP A 122 18.45 -10.40 -9.71
N GLU A 123 17.74 -9.30 -9.98
CA GLU A 123 17.96 -8.01 -9.31
C GLU A 123 17.54 -8.04 -7.83
N MET A 124 16.49 -8.81 -7.48
CA MET A 124 16.06 -9.00 -6.09
C MET A 124 17.14 -9.75 -5.30
N ILE A 125 17.68 -10.84 -5.84
CA ILE A 125 18.77 -11.64 -5.23
C ILE A 125 20.04 -10.80 -5.07
N ARG A 126 20.42 -10.03 -6.11
CA ARG A 126 21.58 -9.13 -6.11
C ARG A 126 21.57 -8.16 -4.92
N GLU A 127 20.42 -7.62 -4.54
CA GLU A 127 20.29 -6.68 -3.42
C GLU A 127 19.98 -7.36 -2.08
N ALA A 128 19.33 -8.52 -2.06
CA ALA A 128 18.88 -9.20 -0.84
C ALA A 128 19.94 -10.15 -0.23
N ASP A 129 20.65 -10.93 -1.05
CA ASP A 129 21.56 -11.99 -0.57
C ASP A 129 22.88 -11.43 0.02
N ILE A 130 23.27 -10.22 -0.38
CA ILE A 130 24.55 -9.59 -0.03
C ILE A 130 24.66 -9.13 1.44
N ASP A 131 23.56 -9.13 2.19
CA ASP A 131 23.58 -8.93 3.66
C ASP A 131 24.11 -10.18 4.41
N GLY A 132 23.94 -11.36 3.80
CA GLY A 132 24.47 -12.65 4.23
C GLY A 132 25.41 -13.27 3.19
N ASP A 133 25.27 -14.56 2.94
CA ASP A 133 25.98 -15.34 1.92
C ASP A 133 25.29 -16.70 1.69
N GLY A 134 24.68 -16.89 0.52
CA GLY A 134 23.93 -18.10 0.12
C GLY A 134 22.52 -18.17 0.74
N GLN A 135 22.38 -17.75 2.00
CA GLN A 135 21.11 -17.52 2.68
C GLN A 135 20.81 -16.01 2.70
N VAL A 136 19.57 -15.65 2.36
CA VAL A 136 19.06 -14.28 2.31
C VAL A 136 18.53 -13.88 3.68
N ASN A 137 19.10 -12.82 4.27
CA ASN A 137 18.49 -12.14 5.42
C ASN A 137 17.37 -11.22 4.93
N TYR A 138 16.12 -11.67 4.99
CA TYR A 138 14.99 -10.86 4.53
C TYR A 138 14.63 -9.71 5.49
N GLU A 139 14.96 -9.84 6.78
CA GLU A 139 14.61 -8.85 7.80
C GLU A 139 15.27 -7.48 7.52
N GLU A 140 16.54 -7.47 7.13
CA GLU A 140 17.26 -6.27 6.70
C GLU A 140 16.82 -5.83 5.28
N PHE A 141 16.52 -6.77 4.38
CA PHE A 141 16.07 -6.45 3.01
C PHE A 141 14.72 -5.70 3.00
N VAL A 142 13.80 -6.02 3.91
CA VAL A 142 12.51 -5.29 4.07
C VAL A 142 12.71 -3.78 4.29
N GLN A 143 13.78 -3.35 4.98
CA GLN A 143 14.06 -1.93 5.23
C GLN A 143 14.34 -1.16 3.92
N MET A 144 15.18 -1.70 3.03
CA MET A 144 15.46 -1.07 1.73
C MET A 144 14.32 -1.21 0.71
N MET A 145 13.31 -2.05 0.97
CA MET A 145 12.07 -2.10 0.18
C MET A 145 11.04 -1.06 0.61
N THR A 146 10.90 -0.79 1.92
CA THR A 146 9.90 0.12 2.51
C THR A 146 10.39 1.56 2.68
N ALA A 147 11.70 1.77 2.86
CA ALA A 147 12.32 3.06 3.11
C ALA A 147 13.66 3.22 2.34
N LYS A 148 14.55 4.09 2.85
CA LYS A 148 15.91 4.45 2.37
C LYS A 148 15.91 5.47 1.22
N GLY B 1 -6.19 -27.79 -1.82
CA GLY B 1 -6.78 -26.58 -1.21
C GLY B 1 -5.87 -25.37 -1.35
N PRO B 2 -6.33 -24.16 -0.95
CA PRO B 2 -5.56 -22.91 -1.00
C PRO B 2 -4.46 -22.87 0.07
N GLY B 3 -3.50 -21.95 -0.10
CA GLY B 3 -2.41 -21.70 0.84
C GLY B 3 -2.01 -20.22 0.92
N SER B 4 -1.42 -19.83 2.05
CA SER B 4 -0.94 -18.45 2.31
C SER B 4 0.25 -18.09 1.42
N GLU B 5 1.08 -19.09 1.11
CA GLU B 5 2.21 -19.05 0.19
C GLU B 5 1.88 -18.36 -1.15
N GLU B 6 0.74 -18.68 -1.75
CA GLU B 6 0.37 -18.19 -3.09
C GLU B 6 0.09 -16.68 -3.08
N VAL B 7 -0.50 -16.15 -2.01
CA VAL B 7 -0.78 -14.71 -1.84
C VAL B 7 0.41 -13.94 -1.23
N SER B 8 1.24 -14.60 -0.40
CA SER B 8 2.47 -14.01 0.14
C SER B 8 3.48 -13.70 -0.95
N ALA B 9 3.61 -14.57 -1.97
CA ALA B 9 4.45 -14.35 -3.15
C ALA B 9 4.09 -13.07 -3.93
N MET B 10 2.85 -12.58 -3.81
CA MET B 10 2.39 -11.31 -4.41
C MET B 10 2.66 -10.08 -3.54
N VAL B 11 2.95 -10.23 -2.25
CA VAL B 11 3.29 -9.11 -1.34
C VAL B 11 4.76 -8.72 -1.47
N ILE B 12 5.68 -9.71 -1.56
CA ILE B 12 7.13 -9.46 -1.67
C ILE B 12 7.45 -8.72 -2.98
N GLN B 13 6.85 -9.12 -4.10
CA GLN B 13 7.06 -8.45 -5.38
C GLN B 13 6.47 -7.02 -5.42
N ARG B 14 5.39 -6.73 -4.67
CA ARG B 14 4.91 -5.34 -4.50
C ARG B 14 5.95 -4.47 -3.79
N ALA B 15 6.55 -4.99 -2.72
CA ALA B 15 7.63 -4.33 -1.98
C ALA B 15 8.90 -4.18 -2.84
N PHE B 16 9.19 -5.13 -3.74
CA PHE B 16 10.31 -5.01 -4.69
C PHE B 16 10.06 -3.97 -5.79
N ARG B 17 8.82 -3.84 -6.28
CA ARG B 17 8.46 -2.74 -7.20
C ARG B 17 8.58 -1.37 -6.52
N ARG B 18 8.33 -1.28 -5.21
CA ARG B 18 8.61 -0.10 -4.39
C ARG B 18 10.13 0.13 -4.19
N HIS B 19 10.91 -0.93 -3.93
CA HIS B 19 12.38 -0.84 -3.86
C HIS B 19 12.98 -0.19 -5.11
N LEU B 20 12.58 -0.64 -6.32
CA LEU B 20 13.06 -0.08 -7.58
C LEU B 20 12.70 1.41 -7.72
N LEU B 21 11.50 1.81 -7.29
CA LEU B 21 11.05 3.20 -7.29
C LEU B 21 11.91 4.10 -6.39
N GLN B 22 12.36 3.60 -5.24
CA GLN B 22 13.23 4.37 -4.33
C GLN B 22 14.71 4.36 -4.80
N ARG B 23 15.19 3.21 -5.30
CA ARG B 23 16.56 3.01 -5.77
C ARG B 23 16.87 3.80 -7.05
N SER B 24 15.98 3.70 -8.05
CA SER B 24 16.21 4.17 -9.42
C SER B 24 15.30 5.34 -9.83
N LEU B 25 14.53 5.90 -8.88
CA LEU B 25 13.64 7.07 -8.94
C LEU B 25 12.37 6.87 -9.80
N LYS B 26 12.36 5.85 -10.66
CA LYS B 26 11.26 5.29 -11.45
C LYS B 26 11.39 3.76 -11.51
N HIS B 27 10.44 3.05 -12.11
CA HIS B 27 10.46 1.58 -12.26
C HIS B 27 11.38 1.10 -13.41
N ALA B 28 12.63 1.56 -13.44
CA ALA B 28 13.75 1.18 -14.32
C ALA B 28 13.62 1.66 -15.79
N SER B 29 12.41 1.68 -16.36
CA SER B 29 12.15 2.00 -17.79
C SER B 29 12.44 3.46 -18.20
N PHE B 30 12.72 4.35 -17.24
CA PHE B 30 13.08 5.75 -17.45
C PHE B 30 14.52 5.95 -17.99
N LEU B 31 15.39 4.93 -17.85
CA LEU B 31 16.80 4.93 -18.27
C LEU B 31 16.97 5.11 -19.79
N ALA A 1 -4.16 3.94 -2.59
CA ALA A 1 -4.22 4.93 -1.50
C ALA A 1 -4.11 4.26 -0.12
N ASP A 2 -4.05 5.05 0.96
CA ASP A 2 -3.87 4.57 2.34
C ASP A 2 -4.78 5.30 3.36
N GLN A 3 -5.32 6.47 3.01
CA GLN A 3 -5.80 7.47 3.97
C GLN A 3 -6.58 8.59 3.25
N LEU A 4 -7.40 9.36 3.99
CA LEU A 4 -8.03 10.60 3.50
C LEU A 4 -7.02 11.75 3.39
N THR A 5 -7.43 12.81 2.69
CA THR A 5 -6.74 14.11 2.58
C THR A 5 -7.59 15.24 3.16
N GLU A 6 -6.95 16.35 3.55
CA GLU A 6 -7.62 17.50 4.16
C GLU A 6 -8.68 18.13 3.23
N GLU A 7 -8.47 18.09 1.91
CA GLU A 7 -9.44 18.57 0.91
C GLU A 7 -10.70 17.68 0.80
N GLN A 8 -10.61 16.40 1.17
CA GLN A 8 -11.78 15.52 1.31
C GLN A 8 -12.47 15.78 2.65
N ILE A 9 -11.70 15.87 3.75
CA ILE A 9 -12.22 16.10 5.11
C ILE A 9 -13.02 17.42 5.19
N ALA A 10 -12.62 18.45 4.45
CA ALA A 10 -13.32 19.73 4.38
C ALA A 10 -14.72 19.64 3.76
N GLU A 11 -14.94 18.69 2.85
CA GLU A 11 -16.26 18.38 2.27
C GLU A 11 -17.06 17.43 3.17
N PHE A 12 -16.39 16.44 3.78
CA PHE A 12 -17.01 15.47 4.67
C PHE A 12 -17.53 16.12 5.97
N LYS A 13 -16.87 17.18 6.47
CA LYS A 13 -17.36 18.02 7.55
C LYS A 13 -18.75 18.61 7.24
N GLU A 14 -18.94 19.15 6.03
CA GLU A 14 -20.19 19.77 5.60
C GLU A 14 -21.34 18.73 5.52
N ALA A 15 -21.06 17.53 4.99
CA ALA A 15 -22.05 16.44 4.92
C ALA A 15 -22.40 15.88 6.31
N PHE A 16 -21.41 15.69 7.18
CA PHE A 16 -21.60 15.21 8.55
C PHE A 16 -22.34 16.24 9.43
N SER A 17 -22.09 17.54 9.22
CA SER A 17 -22.74 18.64 9.94
C SER A 17 -24.27 18.68 9.75
N LEU A 18 -24.79 18.25 8.58
CA LEU A 18 -26.24 18.19 8.34
C LEU A 18 -26.94 17.14 9.22
N PHE A 19 -26.22 16.08 9.62
CA PHE A 19 -26.71 15.01 10.51
C PHE A 19 -26.39 15.28 12.00
N ASP A 20 -25.46 16.19 12.29
CA ASP A 20 -25.14 16.67 13.66
C ASP A 20 -26.19 17.69 14.15
N LYS A 21 -27.40 17.20 14.46
CA LYS A 21 -28.55 18.02 14.84
C LYS A 21 -28.36 18.79 16.16
N ASP A 22 -27.59 18.24 17.10
CA ASP A 22 -27.36 18.81 18.43
C ASP A 22 -26.19 19.81 18.48
N GLY A 23 -25.32 19.81 17.45
CA GLY A 23 -24.15 20.70 17.35
C GLY A 23 -22.92 20.24 18.14
N ASP A 24 -22.96 19.03 18.70
CA ASP A 24 -21.92 18.45 19.57
C ASP A 24 -20.79 17.75 18.80
N GLY A 25 -20.99 17.49 17.49
CA GLY A 25 -20.01 16.84 16.60
C GLY A 25 -20.22 15.33 16.47
N THR A 26 -21.46 14.84 16.65
CA THR A 26 -21.82 13.42 16.63
C THR A 26 -23.05 13.13 15.75
N ILE A 27 -23.14 11.90 15.25
CA ILE A 27 -24.31 11.30 14.60
C ILE A 27 -24.69 9.99 15.31
N THR A 28 -25.91 9.45 15.09
CA THR A 28 -26.22 8.06 15.47
C THR A 28 -25.69 7.08 14.43
N THR A 29 -25.63 5.81 14.82
CA THR A 29 -25.33 4.68 13.91
C THR A 29 -26.41 4.53 12.85
N LYS A 30 -27.61 5.08 13.06
CA LYS A 30 -28.69 5.03 12.06
C LYS A 30 -28.47 5.99 10.86
N GLU A 31 -27.58 6.97 11.04
CA GLU A 31 -27.26 8.02 10.04
C GLU A 31 -25.97 7.71 9.26
N LEU A 32 -25.18 6.70 9.68
CA LEU A 32 -23.93 6.30 9.02
C LEU A 32 -24.18 5.90 7.56
N GLY A 33 -25.16 5.04 7.31
CA GLY A 33 -25.56 4.65 5.94
C GLY A 33 -26.14 5.81 5.12
N THR A 34 -26.72 6.81 5.80
CA THR A 34 -27.23 8.04 5.18
C THR A 34 -26.10 8.96 4.76
N VAL A 35 -25.12 9.23 5.63
CA VAL A 35 -23.97 10.09 5.27
C VAL A 35 -23.02 9.41 4.27
N MET A 36 -22.90 8.07 4.27
CA MET A 36 -22.21 7.31 3.20
C MET A 36 -22.82 7.61 1.82
N ARG A 37 -24.16 7.47 1.69
CA ARG A 37 -24.88 7.71 0.45
C ARG A 37 -24.94 9.20 0.08
N SER A 38 -24.95 10.10 1.06
CA SER A 38 -24.87 11.56 0.83
C SER A 38 -23.51 12.00 0.27
N LEU A 39 -22.43 11.26 0.57
CA LEU A 39 -21.10 11.42 -0.02
C LEU A 39 -20.93 10.64 -1.34
N GLY A 40 -21.97 9.92 -1.80
CA GLY A 40 -22.00 9.19 -3.08
C GLY A 40 -21.42 7.77 -3.02
N GLN A 41 -21.12 7.25 -1.83
CA GLN A 41 -20.60 5.89 -1.65
C GLN A 41 -21.76 4.88 -1.63
N ASN A 42 -21.50 3.65 -2.09
CA ASN A 42 -22.52 2.60 -2.30
C ASN A 42 -22.24 1.27 -1.54
N PRO A 43 -21.94 1.28 -0.22
CA PRO A 43 -21.77 0.07 0.56
C PRO A 43 -23.09 -0.69 0.71
N THR A 44 -23.03 -2.02 0.84
CA THR A 44 -24.17 -2.89 1.12
C THR A 44 -24.59 -2.77 2.59
N GLU A 45 -25.75 -3.35 2.94
CA GLU A 45 -26.16 -3.50 4.34
C GLU A 45 -25.14 -4.30 5.16
N ALA A 46 -24.44 -5.27 4.55
CA ALA A 46 -23.38 -6.05 5.18
C ALA A 46 -22.09 -5.21 5.40
N GLU A 47 -21.68 -4.41 4.41
CA GLU A 47 -20.52 -3.52 4.55
C GLU A 47 -20.79 -2.35 5.52
N LEU A 48 -22.04 -1.87 5.58
CA LEU A 48 -22.47 -0.91 6.61
C LEU A 48 -22.45 -1.55 8.01
N GLN A 49 -23.02 -2.75 8.17
CA GLN A 49 -23.01 -3.47 9.45
C GLN A 49 -21.58 -3.75 9.95
N ASP A 50 -20.66 -4.12 9.05
CA ASP A 50 -19.24 -4.34 9.36
C ASP A 50 -18.54 -3.08 9.94
N MET A 51 -18.90 -1.89 9.48
CA MET A 51 -18.42 -0.61 10.03
C MET A 51 -19.14 -0.24 11.33
N ILE A 52 -20.47 -0.35 11.34
CA ILE A 52 -21.33 0.03 12.47
C ILE A 52 -21.02 -0.81 13.72
N ASN A 53 -20.98 -2.14 13.62
CA ASN A 53 -20.73 -2.98 14.81
C ASN A 53 -19.30 -2.81 15.39
N GLU A 54 -18.35 -2.33 14.58
CA GLU A 54 -17.00 -2.00 15.02
C GLU A 54 -17.00 -0.73 15.88
N VAL A 55 -17.65 0.36 15.43
CA VAL A 55 -17.72 1.61 16.21
C VAL A 55 -18.71 1.53 17.39
N ASP A 56 -19.79 0.75 17.26
CA ASP A 56 -20.77 0.51 18.33
C ASP A 56 -20.31 -0.51 19.39
N ALA A 57 -19.06 -0.97 19.29
CA ALA A 57 -18.39 -1.72 20.36
C ALA A 57 -18.18 -0.88 21.64
N ASP A 58 -18.20 0.44 21.51
CA ASP A 58 -18.22 1.43 22.61
C ASP A 58 -19.57 1.47 23.37
N GLY A 59 -20.66 1.01 22.74
CA GLY A 59 -21.97 0.79 23.36
C GLY A 59 -22.89 2.01 23.46
N ASN A 60 -22.41 3.21 23.12
CA ASN A 60 -23.19 4.47 23.26
C ASN A 60 -24.18 4.75 22.11
N GLY A 61 -24.10 4.01 20.99
CA GLY A 61 -25.04 4.12 19.84
C GLY A 61 -24.79 5.30 18.90
N THR A 62 -23.70 6.05 19.10
CA THR A 62 -23.33 7.26 18.35
C THR A 62 -21.89 7.17 17.83
N ILE A 63 -21.57 8.03 16.86
CA ILE A 63 -20.29 8.14 16.15
C ILE A 63 -19.88 9.62 16.11
N ASP A 64 -18.64 9.93 16.52
CA ASP A 64 -18.04 11.27 16.39
C ASP A 64 -17.27 11.47 15.08
N PHE A 65 -17.05 12.73 14.66
CA PHE A 65 -16.41 13.04 13.38
C PHE A 65 -14.99 12.43 13.23
N PRO A 66 -14.05 12.53 14.20
CA PRO A 66 -12.77 11.83 14.13
C PRO A 66 -12.90 10.31 13.93
N GLU A 67 -13.81 9.64 14.64
CA GLU A 67 -14.04 8.20 14.52
C GLU A 67 -14.61 7.80 13.15
N PHE A 68 -15.57 8.58 12.63
CA PHE A 68 -16.09 8.46 11.26
C PHE A 68 -14.97 8.59 10.22
N LEU A 69 -14.12 9.62 10.33
CA LEU A 69 -12.96 9.81 9.43
C LEU A 69 -11.94 8.67 9.53
N THR A 70 -11.75 8.04 10.70
CA THR A 70 -10.80 6.95 10.93
C THR A 70 -11.20 5.71 10.13
N MET A 71 -12.47 5.27 10.23
CA MET A 71 -12.96 4.14 9.44
C MET A 71 -13.07 4.47 7.94
N MET A 72 -13.40 5.72 7.57
CA MET A 72 -13.36 6.19 6.19
C MET A 72 -11.96 6.12 5.57
N ALA A 73 -10.92 6.56 6.29
CA ALA A 73 -9.52 6.48 5.87
C ALA A 73 -9.07 5.03 5.65
N ARG A 74 -9.39 4.14 6.59
CA ARG A 74 -9.12 2.69 6.49
C ARG A 74 -9.84 2.04 5.30
N LYS A 75 -11.01 2.56 4.89
CA LYS A 75 -11.75 2.08 3.71
C LYS A 75 -11.08 2.40 2.37
N MET A 76 -10.19 3.42 2.33
CA MET A 76 -9.41 3.80 1.15
C MET A 76 -8.09 3.01 0.97
N LYS A 77 -7.70 2.19 1.95
CA LYS A 77 -6.44 1.44 1.94
C LYS A 77 -6.39 0.36 0.86
N ASP A 78 -5.37 0.46 0.00
CA ASP A 78 -4.95 -0.55 -0.98
C ASP A 78 -3.43 -0.42 -1.19
N THR A 79 -2.69 -0.82 -0.15
CA THR A 79 -1.22 -0.84 -0.10
C THR A 79 -0.71 -1.87 0.90
N ASP A 80 0.46 -2.43 0.59
CA ASP A 80 1.29 -3.24 1.48
C ASP A 80 1.97 -2.41 2.60
N SER A 81 2.61 -3.09 3.55
CA SER A 81 3.33 -2.50 4.68
C SER A 81 4.56 -3.34 5.06
N GLU A 82 5.49 -2.76 5.82
CA GLU A 82 6.68 -3.47 6.34
C GLU A 82 6.30 -4.74 7.12
N GLU A 83 5.22 -4.71 7.90
CA GLU A 83 4.70 -5.87 8.62
C GLU A 83 4.13 -6.93 7.66
N GLU A 84 3.38 -6.53 6.63
CA GLU A 84 2.80 -7.45 5.65
C GLU A 84 3.89 -8.14 4.83
N ILE A 85 4.92 -7.39 4.40
CA ILE A 85 6.09 -7.94 3.69
C ILE A 85 6.88 -8.88 4.60
N ARG A 86 7.12 -8.51 5.87
CA ARG A 86 7.83 -9.37 6.84
C ARG A 86 7.10 -10.70 7.05
N GLU A 87 5.78 -10.68 7.20
CA GLU A 87 4.96 -11.90 7.32
C GLU A 87 5.03 -12.77 6.05
N ALA A 88 5.11 -12.16 4.86
CA ALA A 88 5.21 -12.90 3.59
C ALA A 88 6.50 -13.74 3.53
N PHE A 89 7.64 -13.18 3.95
CA PHE A 89 8.88 -13.96 4.11
C PHE A 89 8.79 -14.96 5.26
N ARG A 90 8.10 -14.63 6.36
CA ARG A 90 7.92 -15.52 7.52
C ARG A 90 7.12 -16.78 7.16
N VAL A 91 6.11 -16.68 6.28
CA VAL A 91 5.41 -17.84 5.69
C VAL A 91 6.37 -18.77 4.92
N PHE A 92 7.45 -18.23 4.32
CA PHE A 92 8.46 -18.99 3.59
C PHE A 92 9.69 -19.39 4.45
N ASP A 93 9.77 -18.97 5.72
CA ASP A 93 10.82 -19.36 6.66
C ASP A 93 10.40 -20.63 7.43
N LYS A 94 10.97 -21.78 7.04
CA LYS A 94 10.62 -23.10 7.57
C LYS A 94 11.19 -23.37 8.98
N ASP A 95 12.14 -22.56 9.46
CA ASP A 95 12.82 -22.72 10.76
C ASP A 95 12.46 -21.61 11.77
N GLY A 96 12.03 -20.43 11.30
CA GLY A 96 11.81 -19.22 12.11
C GLY A 96 13.12 -18.48 12.42
N ASN A 97 14.18 -18.75 11.65
CA ASN A 97 15.55 -18.29 11.88
C ASN A 97 15.81 -16.81 11.51
N GLY A 98 14.93 -16.19 10.70
CA GLY A 98 15.13 -14.85 10.14
C GLY A 98 15.89 -14.84 8.79
N TYR A 99 16.09 -16.03 8.23
CA TYR A 99 16.79 -16.26 6.95
C TYR A 99 16.06 -17.30 6.07
N ILE A 100 16.18 -17.15 4.75
CA ILE A 100 15.63 -18.09 3.74
C ILE A 100 16.68 -18.39 2.65
N SER A 101 16.51 -19.46 1.89
CA SER A 101 17.46 -19.83 0.83
C SER A 101 17.30 -18.94 -0.43
N ALA A 102 18.42 -18.59 -1.08
CA ALA A 102 18.43 -17.73 -2.26
C ALA A 102 17.71 -18.36 -3.46
N ALA A 103 17.95 -19.65 -3.73
CA ALA A 103 17.25 -20.40 -4.78
C ALA A 103 15.74 -20.54 -4.50
N GLU A 104 15.37 -20.69 -3.21
CA GLU A 104 13.98 -20.76 -2.77
C GLU A 104 13.25 -19.44 -3.02
N LEU A 105 13.82 -18.30 -2.61
CA LEU A 105 13.26 -16.97 -2.92
C LEU A 105 13.16 -16.73 -4.44
N ARG A 106 14.16 -17.17 -5.22
CA ARG A 106 14.14 -17.05 -6.69
C ARG A 106 12.98 -17.87 -7.28
N HIS A 107 12.75 -19.08 -6.78
CA HIS A 107 11.65 -19.96 -7.21
C HIS A 107 10.26 -19.49 -6.72
N VAL A 108 10.14 -19.06 -5.47
CA VAL A 108 8.82 -18.73 -4.85
C VAL A 108 8.14 -17.53 -5.53
N MET A 109 8.91 -16.65 -6.18
CA MET A 109 8.45 -15.51 -6.99
C MET A 109 8.00 -15.89 -8.42
N THR A 110 8.41 -17.07 -8.93
CA THR A 110 8.15 -17.52 -10.31
C THR A 110 7.26 -18.76 -10.40
N ASN A 111 7.02 -19.45 -9.28
CA ASN A 111 6.15 -20.62 -9.20
C ASN A 111 4.74 -20.32 -8.63
N LEU A 112 4.62 -19.37 -7.69
CA LEU A 112 3.38 -19.06 -6.93
C LEU A 112 2.82 -17.67 -7.28
N GLY A 113 1.48 -17.54 -7.16
CA GLY A 113 0.75 -16.28 -7.35
C GLY A 113 0.83 -15.73 -8.77
N GLU A 114 0.73 -14.41 -8.90
CA GLU A 114 1.19 -13.69 -10.10
C GLU A 114 2.72 -13.69 -10.13
N LYS A 115 3.30 -13.81 -11.32
CA LYS A 115 4.73 -14.10 -11.48
C LYS A 115 5.60 -12.84 -11.63
N LEU A 116 6.76 -12.82 -10.98
CA LEU A 116 7.82 -11.82 -11.22
C LEU A 116 8.69 -12.22 -12.43
N THR A 117 9.29 -11.23 -13.11
CA THR A 117 10.18 -11.43 -14.27
C THR A 117 11.57 -11.90 -13.85
N ASP A 118 12.22 -12.60 -14.77
CA ASP A 118 13.56 -13.15 -14.55
C ASP A 118 14.60 -12.06 -14.30
N GLU A 119 14.50 -10.93 -14.99
CA GLU A 119 15.41 -9.80 -14.86
C GLU A 119 15.27 -9.08 -13.50
N GLU A 120 14.08 -9.09 -12.91
CA GLU A 120 13.80 -8.51 -11.60
C GLU A 120 14.12 -9.50 -10.48
N VAL A 121 13.70 -10.76 -10.56
CA VAL A 121 13.98 -11.74 -9.49
C VAL A 121 15.48 -12.04 -9.35
N ASP A 122 16.25 -12.02 -10.45
CA ASP A 122 17.70 -12.18 -10.41
C ASP A 122 18.40 -11.03 -9.67
N GLU A 123 17.87 -9.81 -9.81
CA GLU A 123 18.36 -8.63 -9.10
C GLU A 123 17.93 -8.63 -7.63
N MET A 124 16.70 -9.10 -7.33
CA MET A 124 16.21 -9.30 -5.95
C MET A 124 17.17 -10.17 -5.14
N ILE A 125 17.65 -11.28 -5.70
CA ILE A 125 18.65 -12.14 -5.05
C ILE A 125 19.99 -11.43 -4.92
N ARG A 126 20.51 -10.86 -6.01
CA ARG A 126 21.82 -10.19 -6.05
C ARG A 126 21.95 -9.08 -4.98
N GLU A 127 20.91 -8.26 -4.82
CA GLU A 127 20.91 -7.13 -3.89
C GLU A 127 20.54 -7.52 -2.44
N ALA A 128 20.05 -8.74 -2.20
CA ALA A 128 19.80 -9.28 -0.86
C ALA A 128 20.99 -10.11 -0.33
N ASP A 129 21.64 -10.91 -1.19
CA ASP A 129 22.75 -11.81 -0.84
C ASP A 129 24.00 -11.07 -0.34
N ILE A 130 24.22 -9.83 -0.81
CA ILE A 130 25.31 -8.93 -0.35
C ILE A 130 25.11 -8.41 1.09
N ASP A 131 23.89 -8.50 1.63
CA ASP A 131 23.54 -8.22 3.03
C ASP A 131 23.28 -9.51 3.86
N GLY A 132 23.25 -10.67 3.18
CA GLY A 132 23.09 -12.01 3.74
C GLY A 132 24.41 -12.79 3.85
N ASP A 133 24.33 -14.10 3.73
CA ASP A 133 25.45 -15.04 3.92
C ASP A 133 25.18 -16.39 3.21
N GLY A 134 24.91 -16.32 1.90
CA GLY A 134 24.43 -17.44 1.08
C GLY A 134 22.93 -17.67 1.24
N GLN A 135 22.45 -17.60 2.49
CA GLN A 135 21.04 -17.40 2.83
C GLN A 135 20.70 -15.90 2.80
N VAL A 136 19.44 -15.58 2.50
CA VAL A 136 18.90 -14.22 2.37
C VAL A 136 18.50 -13.68 3.74
N ASN A 137 19.04 -12.53 4.11
CA ASN A 137 18.72 -11.79 5.34
C ASN A 137 17.43 -10.97 5.18
N TYR A 138 16.27 -11.65 5.05
CA TYR A 138 15.03 -11.01 4.59
C TYR A 138 14.51 -9.89 5.52
N GLU A 139 14.76 -10.00 6.83
CA GLU A 139 14.29 -9.03 7.83
C GLU A 139 14.84 -7.60 7.63
N GLU A 140 16.03 -7.48 7.04
CA GLU A 140 16.59 -6.20 6.59
C GLU A 140 16.05 -5.83 5.20
N PHE A 141 15.97 -6.79 4.27
CA PHE A 141 15.50 -6.58 2.90
C PHE A 141 14.05 -6.05 2.81
N VAL A 142 13.20 -6.43 3.77
CA VAL A 142 11.87 -5.80 4.02
C VAL A 142 11.95 -4.26 3.98
N GLN A 143 12.90 -3.69 4.72
CA GLN A 143 13.03 -2.25 4.91
C GLN A 143 13.84 -1.60 3.79
N MET A 144 14.81 -2.31 3.19
CA MET A 144 15.58 -1.79 2.04
C MET A 144 14.71 -1.60 0.79
N MET A 145 13.58 -2.32 0.67
CA MET A 145 12.57 -2.09 -0.38
C MET A 145 11.70 -0.85 -0.12
N THR A 146 11.23 -0.65 1.12
CA THR A 146 10.30 0.44 1.48
C THR A 146 11.01 1.80 1.61
N ALA A 147 12.29 1.81 1.98
CA ALA A 147 13.14 2.99 2.05
C ALA A 147 13.82 3.33 0.70
N LYS A 148 14.46 4.51 0.65
CA LYS A 148 15.32 5.04 -0.42
C LYS A 148 16.26 6.13 0.12
N GLY B 1 -2.29 -22.93 7.76
CA GLY B 1 -2.73 -23.93 6.75
C GLY B 1 -2.19 -23.61 5.35
N PRO B 2 -2.62 -24.37 4.32
CA PRO B 2 -2.16 -24.20 2.94
C PRO B 2 -2.79 -22.96 2.28
N GLY B 3 -2.21 -22.53 1.15
CA GLY B 3 -2.69 -21.42 0.32
C GLY B 3 -2.14 -20.05 0.69
N SER B 4 -1.56 -19.89 1.89
CA SER B 4 -0.96 -18.63 2.35
C SER B 4 0.29 -18.28 1.53
N GLU B 5 1.02 -19.30 1.09
CA GLU B 5 2.16 -19.23 0.18
C GLU B 5 1.83 -18.54 -1.14
N GLU B 6 0.65 -18.79 -1.71
CA GLU B 6 0.22 -18.24 -3.00
C GLU B 6 0.01 -16.72 -2.95
N VAL B 7 -0.59 -16.21 -1.85
CA VAL B 7 -0.79 -14.76 -1.64
C VAL B 7 0.46 -14.06 -1.09
N SER B 8 1.30 -14.74 -0.30
CA SER B 8 2.57 -14.18 0.20
C SER B 8 3.53 -13.84 -0.95
N ALA B 9 3.62 -14.71 -1.97
CA ALA B 9 4.44 -14.52 -3.16
C ALA B 9 4.14 -13.21 -3.91
N MET B 10 2.90 -12.72 -3.83
CA MET B 10 2.47 -11.46 -4.45
C MET B 10 2.78 -10.21 -3.61
N VAL B 11 2.99 -10.33 -2.29
CA VAL B 11 3.30 -9.18 -1.41
C VAL B 11 4.76 -8.73 -1.57
N ILE B 12 5.71 -9.68 -1.64
CA ILE B 12 7.15 -9.37 -1.72
C ILE B 12 7.46 -8.61 -3.01
N GLN B 13 6.95 -9.11 -4.14
CA GLN B 13 7.15 -8.46 -5.45
C GLN B 13 6.42 -7.10 -5.55
N ARG B 14 5.29 -6.89 -4.85
CA ARG B 14 4.61 -5.58 -4.83
C ARG B 14 5.51 -4.48 -4.26
N ALA B 15 6.25 -4.80 -3.20
CA ALA B 15 7.24 -3.90 -2.60
C ALA B 15 8.47 -3.68 -3.52
N PHE B 16 8.97 -4.76 -4.14
CA PHE B 16 10.14 -4.68 -5.02
C PHE B 16 9.86 -3.91 -6.33
N ARG B 17 8.67 -4.12 -6.93
CA ARG B 17 8.20 -3.34 -8.10
C ARG B 17 8.11 -1.84 -7.76
N ARG B 18 7.53 -1.48 -6.60
CA ARG B 18 7.47 -0.10 -6.11
C ARG B 18 8.87 0.48 -5.86
N HIS B 19 9.78 -0.31 -5.28
CA HIS B 19 11.17 0.10 -5.05
C HIS B 19 11.90 0.42 -6.37
N LEU B 20 11.79 -0.43 -7.39
CA LEU B 20 12.42 -0.20 -8.71
C LEU B 20 11.77 0.96 -9.48
N LEU B 21 10.46 1.16 -9.36
CA LEU B 21 9.76 2.35 -9.87
C LEU B 21 10.35 3.64 -9.25
N GLN B 22 10.60 3.62 -7.94
CA GLN B 22 11.23 4.73 -7.21
C GLN B 22 12.74 4.93 -7.53
N ARG B 23 13.41 3.98 -8.19
CA ARG B 23 14.72 4.20 -8.84
C ARG B 23 14.58 4.74 -10.26
N SER B 24 13.58 4.26 -11.01
CA SER B 24 13.49 4.46 -12.47
C SER B 24 12.87 5.82 -12.86
N LEU B 25 11.72 6.19 -12.27
CA LEU B 25 10.91 7.39 -12.48
C LEU B 25 10.38 7.56 -13.93
N LYS B 26 11.27 7.73 -14.91
CA LYS B 26 10.97 7.87 -16.35
C LYS B 26 10.22 6.65 -16.92
N HIS B 27 10.71 5.45 -16.60
CA HIS B 27 10.07 4.18 -16.96
C HIS B 27 9.14 3.73 -15.82
N ALA B 28 7.89 3.38 -16.15
CA ALA B 28 6.78 3.19 -15.22
C ALA B 28 5.57 2.47 -15.86
N SER B 29 4.53 2.21 -15.07
CA SER B 29 3.24 1.66 -15.50
C SER B 29 2.05 2.40 -14.85
N PHE B 30 0.87 2.29 -15.45
CA PHE B 30 -0.30 3.14 -15.17
C PHE B 30 -1.40 2.46 -14.34
N LEU B 31 -1.05 1.37 -13.63
CA LEU B 31 -1.96 0.48 -12.88
C LEU B 31 -1.28 -0.23 -11.68
N ALA A 1 -10.49 -0.41 -2.73
CA ALA A 1 -10.64 0.84 -1.97
C ALA A 1 -9.40 1.15 -1.13
N ASP A 2 -9.26 2.40 -0.68
CA ASP A 2 -8.12 2.92 0.10
C ASP A 2 -8.49 4.09 1.03
N GLN A 3 -9.78 4.19 1.40
CA GLN A 3 -10.38 5.35 2.09
C GLN A 3 -11.50 4.90 3.03
N LEU A 4 -11.78 5.71 4.07
CA LEU A 4 -12.91 5.51 5.00
C LEU A 4 -14.26 5.31 4.28
N THR A 5 -15.10 4.40 4.80
CA THR A 5 -16.41 4.03 4.23
C THR A 5 -17.58 4.48 5.09
N GLU A 6 -18.77 4.56 4.50
CA GLU A 6 -19.99 5.04 5.17
C GLU A 6 -20.38 4.17 6.38
N GLU A 7 -20.14 2.86 6.32
CA GLU A 7 -20.41 1.94 7.43
C GLU A 7 -19.47 2.14 8.63
N GLN A 8 -18.29 2.73 8.44
CA GLN A 8 -17.38 3.15 9.51
C GLN A 8 -17.80 4.54 10.04
N ILE A 9 -18.12 5.47 9.15
CA ILE A 9 -18.55 6.84 9.46
C ILE A 9 -19.83 6.86 10.31
N ALA A 10 -20.72 5.87 10.13
CA ALA A 10 -21.92 5.68 10.94
C ALA A 10 -21.63 5.39 12.43
N GLU A 11 -20.44 4.86 12.75
CA GLU A 11 -19.98 4.63 14.12
C GLU A 11 -19.25 5.86 14.68
N PHE A 12 -18.39 6.51 13.88
CA PHE A 12 -17.64 7.70 14.30
C PHE A 12 -18.54 8.91 14.59
N LYS A 13 -19.70 9.01 13.91
CA LYS A 13 -20.76 9.98 14.22
C LYS A 13 -21.18 9.94 15.71
N GLU A 14 -21.34 8.74 16.27
CA GLU A 14 -21.85 8.53 17.64
C GLU A 14 -20.86 9.03 18.69
N ALA A 15 -19.56 8.87 18.46
CA ALA A 15 -18.52 9.42 19.35
C ALA A 15 -18.33 10.92 19.16
N PHE A 16 -18.32 11.41 17.91
CA PHE A 16 -18.16 12.83 17.57
C PHE A 16 -19.30 13.70 18.13
N SER A 17 -20.56 13.24 18.02
CA SER A 17 -21.73 14.02 18.42
C SER A 17 -21.87 14.23 19.94
N LEU A 18 -21.15 13.47 20.79
CA LEU A 18 -21.15 13.70 22.25
C LEU A 18 -20.30 14.93 22.63
N PHE A 19 -19.31 15.28 21.81
CA PHE A 19 -18.42 16.44 21.95
C PHE A 19 -18.89 17.67 21.15
N ASP A 20 -19.99 17.55 20.38
CA ASP A 20 -20.67 18.64 19.66
C ASP A 20 -21.55 19.46 20.63
N LYS A 21 -20.90 20.21 21.52
CA LYS A 21 -21.54 20.97 22.60
C LYS A 21 -22.44 22.11 22.10
N ASP A 22 -22.12 22.70 20.93
CA ASP A 22 -22.89 23.78 20.30
C ASP A 22 -24.11 23.28 19.50
N GLY A 23 -24.13 22.00 19.12
CA GLY A 23 -25.24 21.34 18.40
C GLY A 23 -25.23 21.57 16.88
N ASP A 24 -24.22 22.25 16.34
CA ASP A 24 -24.10 22.63 14.93
C ASP A 24 -23.39 21.56 14.07
N GLY A 25 -22.79 20.54 14.69
CA GLY A 25 -22.02 19.49 14.02
C GLY A 25 -20.51 19.74 14.04
N THR A 26 -20.00 20.47 15.04
CA THR A 26 -18.57 20.82 15.21
C THR A 26 -18.10 20.52 16.63
N ILE A 27 -16.90 19.95 16.75
CA ILE A 27 -16.22 19.75 18.05
C ILE A 27 -15.16 20.85 18.26
N THR A 28 -14.77 21.07 19.52
CA THR A 28 -13.61 21.92 19.86
C THR A 28 -12.33 21.15 19.57
N THR A 29 -11.26 21.87 19.22
CA THR A 29 -9.92 21.30 18.94
C THR A 29 -9.35 20.55 20.15
N LYS A 30 -9.67 20.99 21.37
CA LYS A 30 -9.25 20.33 22.62
C LYS A 30 -9.92 18.95 22.82
N GLU A 31 -11.09 18.72 22.22
CA GLU A 31 -11.82 17.45 22.26
C GLU A 31 -11.41 16.47 21.14
N LEU A 32 -10.57 16.89 20.18
CA LEU A 32 -10.04 16.01 19.13
C LEU A 32 -9.25 14.84 19.72
N GLY A 33 -8.35 15.13 20.67
CA GLY A 33 -7.60 14.10 21.40
C GLY A 33 -8.50 13.20 22.26
N THR A 34 -9.65 13.72 22.72
CA THR A 34 -10.66 12.97 23.48
C THR A 34 -11.43 12.02 22.57
N VAL A 35 -11.96 12.49 21.44
CA VAL A 35 -12.68 11.62 20.49
C VAL A 35 -11.75 10.58 19.85
N MET A 36 -10.46 10.90 19.63
CA MET A 36 -9.44 9.91 19.24
C MET A 36 -9.34 8.78 20.27
N ARG A 37 -9.16 9.13 21.56
CA ARG A 37 -9.10 8.16 22.66
C ARG A 37 -10.41 7.35 22.83
N SER A 38 -11.58 7.96 22.68
CA SER A 38 -12.87 7.27 22.72
C SER A 38 -13.08 6.28 21.55
N LEU A 39 -12.42 6.51 20.42
CA LEU A 39 -12.37 5.60 19.26
C LEU A 39 -11.14 4.66 19.29
N GLY A 40 -10.46 4.56 20.43
CA GLY A 40 -9.34 3.62 20.64
C GLY A 40 -8.03 3.99 19.93
N GLN A 41 -7.94 5.20 19.37
CA GLN A 41 -6.73 5.68 18.69
C GLN A 41 -5.72 6.20 19.73
N ASN A 42 -4.42 6.03 19.45
CA ASN A 42 -3.32 6.30 20.38
C ASN A 42 -2.24 7.34 19.91
N PRO A 43 -2.60 8.43 19.19
CA PRO A 43 -1.62 9.46 18.82
C PRO A 43 -1.12 10.23 20.05
N THR A 44 0.12 10.73 19.99
CA THR A 44 0.74 11.58 21.02
C THR A 44 0.16 13.00 20.98
N GLU A 45 0.45 13.80 22.01
CA GLU A 45 0.15 15.24 22.02
C GLU A 45 0.76 15.97 20.80
N ALA A 46 1.97 15.59 20.39
CA ALA A 46 2.64 16.13 19.20
C ALA A 46 1.95 15.71 17.89
N GLU A 47 1.56 14.43 17.74
CA GLU A 47 0.85 13.92 16.57
C GLU A 47 -0.58 14.48 16.49
N LEU A 48 -1.25 14.69 17.62
CA LEU A 48 -2.53 15.41 17.70
C LEU A 48 -2.36 16.86 17.24
N GLN A 49 -1.39 17.59 17.79
CA GLN A 49 -1.16 18.99 17.43
C GLN A 49 -0.78 19.16 15.95
N ASP A 50 0.00 18.24 15.38
CA ASP A 50 0.36 18.22 13.95
C ASP A 50 -0.86 18.12 13.02
N MET A 51 -1.95 17.47 13.45
CA MET A 51 -3.24 17.47 12.74
C MET A 51 -4.06 18.72 13.06
N ILE A 52 -4.12 19.13 14.33
CA ILE A 52 -4.96 20.25 14.80
C ILE A 52 -4.51 21.57 14.14
N ASN A 53 -3.22 21.90 14.17
CA ASN A 53 -2.73 23.15 13.57
C ASN A 53 -2.85 23.18 12.03
N GLU A 54 -2.97 22.00 11.39
CA GLU A 54 -3.22 21.87 9.95
C GLU A 54 -4.71 22.08 9.63
N VAL A 55 -5.65 21.43 10.35
CA VAL A 55 -7.10 21.58 10.07
C VAL A 55 -7.68 22.91 10.58
N ASP A 56 -7.14 23.46 11.67
CA ASP A 56 -7.59 24.73 12.29
C ASP A 56 -6.70 25.93 11.91
N ALA A 57 -6.04 25.86 10.76
CA ALA A 57 -5.16 26.91 10.23
C ALA A 57 -5.85 28.28 10.04
N ASP A 58 -7.17 28.30 9.85
CA ASP A 58 -8.00 29.50 9.76
C ASP A 58 -8.35 30.14 11.12
N GLY A 59 -8.00 29.48 12.24
CA GLY A 59 -8.15 30.02 13.61
C GLY A 59 -9.57 29.90 14.19
N ASN A 60 -10.33 28.89 13.76
CA ASN A 60 -11.74 28.68 14.17
C ASN A 60 -11.88 28.27 15.64
N GLY A 61 -10.93 27.45 16.15
CA GLY A 61 -10.99 26.78 17.46
C GLY A 61 -11.82 25.49 17.45
N THR A 62 -12.30 25.06 16.27
CA THR A 62 -13.28 23.98 16.07
C THR A 62 -12.98 23.16 14.82
N ILE A 63 -13.51 21.94 14.79
CA ILE A 63 -13.37 20.97 13.69
C ILE A 63 -14.75 20.44 13.29
N ASP A 64 -15.06 20.50 12.00
CA ASP A 64 -16.29 19.97 11.38
C ASP A 64 -16.15 18.48 11.04
N PHE A 65 -17.26 17.75 11.00
CA PHE A 65 -17.31 16.29 10.87
C PHE A 65 -16.46 15.71 9.71
N PRO A 66 -16.60 16.15 8.43
CA PRO A 66 -15.77 15.62 7.34
C PRO A 66 -14.29 15.97 7.48
N GLU A 67 -13.94 17.08 8.13
CA GLU A 67 -12.54 17.49 8.37
C GLU A 67 -11.88 16.63 9.46
N PHE A 68 -12.64 16.25 10.49
CA PHE A 68 -12.26 15.24 11.48
C PHE A 68 -12.06 13.86 10.81
N LEU A 69 -12.96 13.45 9.92
CA LEU A 69 -12.91 12.14 9.25
C LEU A 69 -11.70 11.98 8.32
N THR A 70 -11.10 13.07 7.81
CA THR A 70 -9.81 13.04 7.09
C THR A 70 -8.70 12.44 7.93
N MET A 71 -8.67 12.73 9.23
CA MET A 71 -7.69 12.16 10.16
C MET A 71 -7.84 10.65 10.33
N MET A 72 -9.07 10.14 10.23
CA MET A 72 -9.40 8.71 10.36
C MET A 72 -9.16 7.94 9.05
N ALA A 73 -9.45 8.55 7.89
CA ALA A 73 -9.19 8.00 6.56
C ALA A 73 -7.71 7.66 6.36
N ARG A 74 -6.83 8.51 6.88
CA ARG A 74 -5.37 8.34 6.88
C ARG A 74 -4.90 7.12 7.69
N LYS A 75 -5.60 6.75 8.77
CA LYS A 75 -5.29 5.53 9.57
C LYS A 75 -5.75 4.24 8.86
N MET A 76 -6.90 4.30 8.18
CA MET A 76 -7.58 3.13 7.59
C MET A 76 -7.16 2.83 6.12
N LYS A 77 -6.26 3.63 5.54
CA LYS A 77 -5.72 3.42 4.18
C LYS A 77 -5.06 2.03 4.02
N ASP A 78 -5.36 1.34 2.92
CA ASP A 78 -5.02 -0.06 2.62
C ASP A 78 -3.62 -0.26 1.98
N THR A 79 -2.72 0.72 2.16
CA THR A 79 -1.35 0.72 1.63
C THR A 79 -0.44 -0.26 2.37
N ASP A 80 0.64 -0.69 1.72
CA ASP A 80 1.61 -1.69 2.18
C ASP A 80 2.43 -1.23 3.40
N SER A 81 3.08 -2.17 4.10
CA SER A 81 4.00 -1.89 5.21
C SER A 81 5.09 -2.95 5.42
N GLU A 82 6.19 -2.55 6.07
CA GLU A 82 7.34 -3.40 6.43
C GLU A 82 6.96 -4.57 7.35
N GLU A 83 5.84 -4.46 8.07
CA GLU A 83 5.27 -5.51 8.92
C GLU A 83 4.25 -6.39 8.17
N GLU A 84 3.50 -5.82 7.22
CA GLU A 84 2.53 -6.56 6.40
C GLU A 84 3.24 -7.51 5.42
N ILE A 85 4.32 -7.07 4.79
CA ILE A 85 5.15 -7.90 3.90
C ILE A 85 5.85 -9.03 4.68
N ARG A 86 6.12 -8.84 5.98
CA ARG A 86 6.86 -9.78 6.84
C ARG A 86 6.24 -11.18 6.89
N GLU A 87 4.91 -11.28 6.91
CA GLU A 87 4.19 -12.57 6.97
C GLU A 87 4.49 -13.45 5.75
N ALA A 88 4.65 -12.82 4.57
CA ALA A 88 4.94 -13.52 3.33
C ALA A 88 6.31 -14.20 3.36
N PHE A 89 7.33 -13.53 3.91
CA PHE A 89 8.63 -14.14 4.16
C PHE A 89 8.55 -15.20 5.28
N ARG A 90 7.78 -14.95 6.35
CA ARG A 90 7.64 -15.87 7.49
C ARG A 90 6.97 -17.20 7.14
N VAL A 91 6.04 -17.27 6.18
CA VAL A 91 5.51 -18.58 5.72
C VAL A 91 6.53 -19.38 4.89
N PHE A 92 7.53 -18.72 4.27
CA PHE A 92 8.63 -19.37 3.54
C PHE A 92 9.85 -19.69 4.44
N ASP A 93 9.86 -19.19 5.68
CA ASP A 93 10.84 -19.52 6.73
C ASP A 93 10.47 -20.87 7.37
N LYS A 94 11.46 -21.77 7.47
CA LYS A 94 11.26 -23.14 7.97
C LYS A 94 11.06 -23.25 9.50
N ASP A 95 11.36 -22.19 10.26
CA ASP A 95 11.34 -22.19 11.74
C ASP A 95 10.89 -20.87 12.39
N GLY A 96 10.88 -19.77 11.63
CA GLY A 96 10.70 -18.39 12.13
C GLY A 96 12.03 -17.76 12.59
N ASN A 97 13.15 -18.23 12.06
CA ASN A 97 14.51 -17.83 12.43
C ASN A 97 14.92 -16.43 11.93
N GLY A 98 14.21 -15.88 10.93
CA GLY A 98 14.51 -14.59 10.28
C GLY A 98 15.30 -14.73 8.98
N TYR A 99 15.42 -15.96 8.44
CA TYR A 99 16.23 -16.28 7.26
C TYR A 99 15.55 -17.25 6.28
N ILE A 100 15.87 -17.12 4.99
CA ILE A 100 15.46 -18.00 3.88
C ILE A 100 16.64 -18.24 2.93
N SER A 101 16.62 -19.30 2.13
CA SER A 101 17.61 -19.49 1.06
C SER A 101 17.42 -18.48 -0.09
N ALA A 102 18.52 -17.98 -0.67
CA ALA A 102 18.48 -17.11 -1.85
C ALA A 102 17.97 -17.86 -3.11
N ALA A 103 18.25 -19.16 -3.22
CA ALA A 103 17.71 -20.00 -4.29
C ALA A 103 16.20 -20.24 -4.11
N GLU A 104 15.75 -20.44 -2.86
CA GLU A 104 14.32 -20.54 -2.54
C GLU A 104 13.59 -19.22 -2.85
N LEU A 105 14.16 -18.07 -2.47
CA LEU A 105 13.59 -16.75 -2.81
C LEU A 105 13.49 -16.56 -4.33
N ARG A 106 14.50 -16.97 -5.12
CA ARG A 106 14.45 -16.91 -6.59
C ARG A 106 13.35 -17.82 -7.17
N HIS A 107 13.20 -19.03 -6.62
CA HIS A 107 12.20 -20.02 -7.06
C HIS A 107 10.76 -19.65 -6.64
N VAL A 108 10.53 -19.25 -5.39
CA VAL A 108 9.19 -18.98 -4.85
C VAL A 108 8.53 -17.76 -5.53
N MET A 109 9.32 -16.82 -6.04
CA MET A 109 8.86 -15.66 -6.82
C MET A 109 8.43 -16.01 -8.26
N THR A 110 8.81 -17.16 -8.81
CA THR A 110 8.40 -17.63 -10.16
C THR A 110 7.42 -18.79 -10.10
N ASN A 111 7.40 -19.58 -9.02
CA ASN A 111 6.56 -20.77 -8.89
C ASN A 111 5.18 -20.50 -8.24
N LEU A 112 5.13 -19.68 -7.18
CA LEU A 112 3.90 -19.36 -6.42
C LEU A 112 3.28 -18.04 -6.93
N GLY A 113 1.95 -18.03 -7.08
CA GLY A 113 1.16 -16.84 -7.47
C GLY A 113 1.36 -16.42 -8.92
N GLU A 114 1.15 -15.13 -9.20
CA GLU A 114 1.58 -14.50 -10.46
C GLU A 114 3.12 -14.46 -10.58
N LYS A 115 3.65 -14.23 -11.79
CA LYS A 115 5.09 -14.34 -12.08
C LYS A 115 5.86 -13.02 -11.83
N LEU A 116 7.03 -13.12 -11.18
CA LEU A 116 8.08 -12.09 -11.20
C LEU A 116 9.04 -12.39 -12.37
N THR A 117 9.38 -11.39 -13.20
CA THR A 117 10.19 -11.55 -14.42
C THR A 117 11.64 -11.85 -14.04
N ASP A 118 12.38 -12.49 -14.95
CA ASP A 118 13.79 -12.84 -14.74
C ASP A 118 14.64 -11.60 -14.40
N GLU A 119 14.43 -10.48 -15.11
CA GLU A 119 15.11 -9.20 -14.89
C GLU A 119 14.74 -8.54 -13.56
N GLU A 120 13.57 -8.87 -12.99
CA GLU A 120 13.11 -8.42 -11.67
C GLU A 120 13.70 -9.33 -10.58
N VAL A 121 13.46 -10.64 -10.66
CA VAL A 121 13.87 -11.59 -9.60
C VAL A 121 15.40 -11.69 -9.47
N ASP A 122 16.15 -11.62 -10.57
CA ASP A 122 17.62 -11.67 -10.51
C ASP A 122 18.19 -10.42 -9.80
N GLU A 123 17.53 -9.26 -9.92
CA GLU A 123 17.91 -8.02 -9.24
C GLU A 123 17.48 -8.01 -7.76
N MET A 124 16.32 -8.60 -7.44
CA MET A 124 15.88 -8.87 -6.06
C MET A 124 16.94 -9.72 -5.32
N ILE A 125 17.46 -10.76 -5.97
CA ILE A 125 18.56 -11.58 -5.45
C ILE A 125 19.88 -10.81 -5.42
N ARG A 126 20.23 -10.05 -6.46
CA ARG A 126 21.49 -9.30 -6.57
C ARG A 126 21.73 -8.38 -5.36
N GLU A 127 20.69 -7.68 -4.89
CA GLU A 127 20.80 -6.76 -3.73
C GLU A 127 20.65 -7.45 -2.37
N ALA A 128 20.34 -8.76 -2.33
CA ALA A 128 20.35 -9.59 -1.12
C ALA A 128 21.67 -10.38 -0.96
N ASP A 129 22.16 -11.00 -2.03
CA ASP A 129 23.32 -11.90 -2.07
C ASP A 129 24.65 -11.20 -1.70
N ILE A 130 24.73 -9.89 -1.96
CA ILE A 130 25.88 -9.04 -1.59
C ILE A 130 26.00 -8.78 -0.08
N ASP A 131 24.97 -9.10 0.71
CA ASP A 131 24.94 -8.95 2.17
C ASP A 131 24.81 -10.30 2.90
N GLY A 132 23.93 -11.19 2.41
CA GLY A 132 23.66 -12.52 2.98
C GLY A 132 24.16 -13.63 2.04
N ASP A 133 25.21 -14.36 2.47
CA ASP A 133 25.80 -15.47 1.72
C ASP A 133 24.95 -16.75 1.86
N GLY A 134 24.25 -17.14 0.78
CA GLY A 134 23.39 -18.32 0.70
C GLY A 134 22.04 -18.16 1.40
N GLN A 135 22.04 -17.65 2.64
CA GLN A 135 20.85 -17.29 3.41
C GLN A 135 20.61 -15.77 3.33
N VAL A 136 19.36 -15.39 3.03
CA VAL A 136 18.88 -14.00 3.01
C VAL A 136 18.29 -13.66 4.38
N ASN A 137 18.78 -12.59 5.02
CA ASN A 137 18.08 -11.98 6.15
C ASN A 137 16.94 -11.10 5.61
N TYR A 138 15.74 -11.68 5.50
CA TYR A 138 14.61 -10.97 4.89
C TYR A 138 14.11 -9.78 5.73
N GLU A 139 14.32 -9.83 7.05
CA GLU A 139 13.89 -8.76 7.97
C GLU A 139 14.69 -7.46 7.77
N GLU A 140 15.94 -7.53 7.30
CA GLU A 140 16.72 -6.38 6.85
C GLU A 140 16.47 -6.05 5.38
N PHE A 141 16.27 -7.05 4.52
CA PHE A 141 15.95 -6.83 3.09
C PHE A 141 14.64 -6.05 2.90
N VAL A 142 13.60 -6.40 3.65
CA VAL A 142 12.31 -5.68 3.63
C VAL A 142 12.43 -4.23 4.12
N GLN A 143 13.30 -3.96 5.09
CA GLN A 143 13.59 -2.61 5.56
C GLN A 143 14.31 -1.79 4.48
N MET A 144 15.21 -2.40 3.69
CA MET A 144 15.85 -1.72 2.55
C MET A 144 14.89 -1.42 1.40
N MET A 145 14.06 -2.39 0.96
CA MET A 145 13.20 -2.21 -0.23
C MET A 145 11.91 -1.41 0.02
N THR A 146 11.44 -1.27 1.26
CA THR A 146 10.33 -0.34 1.59
C THR A 146 10.77 1.13 1.62
N ALA A 147 12.07 1.39 1.76
CA ALA A 147 12.71 2.69 1.57
C ALA A 147 13.21 2.91 0.12
N LYS A 148 13.97 3.99 -0.10
CA LYS A 148 14.59 4.39 -1.39
C LYS A 148 15.79 5.31 -1.15
N GLY B 1 -8.61 -25.90 2.66
CA GLY B 1 -8.62 -24.53 2.08
C GLY B 1 -7.49 -24.30 1.07
N PRO B 2 -7.35 -23.08 0.54
CA PRO B 2 -6.30 -22.72 -0.41
C PRO B 2 -4.93 -22.60 0.28
N GLY B 3 -3.85 -22.60 -0.51
CA GLY B 3 -2.47 -22.46 0.00
C GLY B 3 -2.12 -21.00 0.25
N SER B 4 -1.66 -20.69 1.45
CA SER B 4 -1.26 -19.34 1.88
C SER B 4 -0.01 -18.87 1.13
N GLU B 5 0.89 -19.81 0.83
CA GLU B 5 2.12 -19.64 0.08
C GLU B 5 1.90 -18.98 -1.29
N GLU B 6 0.81 -19.35 -1.98
CA GLU B 6 0.49 -18.91 -3.34
C GLU B 6 0.12 -17.41 -3.36
N VAL B 7 -0.67 -16.95 -2.38
CA VAL B 7 -1.05 -15.53 -2.23
C VAL B 7 0.04 -14.70 -1.52
N SER B 8 0.87 -15.32 -0.68
CA SER B 8 1.98 -14.66 0.03
C SER B 8 3.06 -14.16 -0.93
N ALA B 9 3.48 -14.98 -1.91
CA ALA B 9 4.53 -14.62 -2.87
C ALA B 9 4.25 -13.27 -3.57
N MET B 10 2.99 -13.02 -3.92
CA MET B 10 2.54 -11.79 -4.57
C MET B 10 2.66 -10.54 -3.69
N VAL B 11 2.75 -10.67 -2.35
CA VAL B 11 2.95 -9.54 -1.42
C VAL B 11 4.39 -9.00 -1.49
N ILE B 12 5.36 -9.89 -1.70
CA ILE B 12 6.78 -9.52 -1.89
C ILE B 12 6.98 -8.88 -3.26
N GLN B 13 6.29 -9.40 -4.29
CA GLN B 13 6.35 -8.88 -5.67
C GLN B 13 5.81 -7.44 -5.76
N ARG B 14 4.63 -7.15 -5.18
CA ARG B 14 4.03 -5.80 -5.24
C ARG B 14 4.88 -4.74 -4.51
N ALA B 15 5.55 -5.11 -3.41
CA ALA B 15 6.46 -4.24 -2.67
C ALA B 15 7.70 -3.89 -3.53
N PHE B 16 8.34 -4.89 -4.13
CA PHE B 16 9.49 -4.71 -5.00
C PHE B 16 9.15 -3.90 -6.26
N ARG B 17 7.98 -4.12 -6.85
CA ARG B 17 7.48 -3.34 -8.00
C ARG B 17 7.14 -1.89 -7.63
N ARG B 18 6.57 -1.64 -6.45
CA ARG B 18 6.31 -0.29 -5.93
C ARG B 18 7.62 0.47 -5.63
N HIS B 19 8.65 -0.23 -5.14
CA HIS B 19 10.00 0.31 -5.00
C HIS B 19 10.59 0.71 -6.36
N LEU B 20 10.56 -0.19 -7.36
CA LEU B 20 11.08 0.08 -8.72
C LEU B 20 10.35 1.24 -9.42
N LEU B 21 9.04 1.38 -9.26
CA LEU B 21 8.24 2.49 -9.79
C LEU B 21 8.76 3.86 -9.31
N GLN B 22 9.14 3.98 -8.03
CA GLN B 22 9.68 5.21 -7.45
C GLN B 22 11.19 5.39 -7.70
N ARG B 23 11.94 4.28 -7.84
CA ARG B 23 13.41 4.27 -8.02
C ARG B 23 13.83 4.52 -9.49
N SER B 24 13.10 3.98 -10.46
CA SER B 24 13.38 4.13 -11.90
C SER B 24 12.55 5.22 -12.59
N LEU B 25 11.48 5.69 -11.94
CA LEU B 25 10.52 6.75 -12.32
C LEU B 25 9.62 6.33 -13.49
N LYS B 26 10.23 5.93 -14.62
CA LYS B 26 9.55 5.25 -15.72
C LYS B 26 9.28 3.77 -15.35
N HIS B 27 8.15 3.22 -15.82
CA HIS B 27 7.69 1.86 -15.52
C HIS B 27 6.62 1.39 -16.53
N ALA B 28 6.52 0.07 -16.74
CA ALA B 28 5.47 -0.53 -17.57
C ALA B 28 4.06 -0.25 -17.02
N SER B 29 3.10 0.01 -17.91
CA SER B 29 1.68 0.33 -17.64
C SER B 29 1.44 1.72 -17.02
N PHE B 30 2.45 2.31 -16.36
CA PHE B 30 2.42 3.67 -15.83
C PHE B 30 2.67 4.72 -16.93
N LEU B 31 3.62 4.45 -17.83
CA LEU B 31 3.93 5.25 -19.02
C LEU B 31 3.02 4.86 -20.21
N ALA A 1 8.48 11.44 1.08
CA ALA A 1 7.19 11.84 1.70
C ALA A 1 6.09 10.80 1.41
N ASP A 2 5.05 10.76 2.24
CA ASP A 2 3.96 9.77 2.21
C ASP A 2 2.54 10.37 2.34
N GLN A 3 2.41 11.69 2.43
CA GLN A 3 1.16 12.42 2.70
C GLN A 3 1.07 13.74 1.89
N LEU A 4 -0.01 14.49 2.08
CA LEU A 4 -0.37 15.72 1.36
C LEU A 4 0.71 16.82 1.48
N THR A 5 0.97 17.55 0.39
CA THR A 5 2.00 18.60 0.32
C THR A 5 1.40 20.01 0.27
N GLU A 6 2.22 21.00 0.62
CA GLU A 6 1.80 22.41 0.72
C GLU A 6 1.24 22.96 -0.59
N GLU A 7 1.78 22.53 -1.75
CA GLU A 7 1.30 22.94 -3.07
C GLU A 7 -0.08 22.35 -3.43
N GLN A 8 -0.50 21.25 -2.79
CA GLN A 8 -1.87 20.73 -2.88
C GLN A 8 -2.80 21.48 -1.92
N ILE A 9 -2.35 21.68 -0.67
CA ILE A 9 -3.08 22.39 0.39
C ILE A 9 -3.48 23.81 -0.04
N ALA A 10 -2.61 24.50 -0.78
CA ALA A 10 -2.87 25.84 -1.33
C ALA A 10 -4.05 25.89 -2.32
N GLU A 11 -4.36 24.76 -2.98
CA GLU A 11 -5.50 24.65 -3.92
C GLU A 11 -6.77 24.20 -3.19
N PHE A 12 -6.67 23.22 -2.28
CA PHE A 12 -7.82 22.72 -1.51
C PHE A 12 -8.42 23.78 -0.58
N LYS A 13 -7.63 24.77 -0.14
CA LYS A 13 -8.13 25.93 0.62
C LYS A 13 -9.20 26.73 -0.15
N GLU A 14 -9.04 26.87 -1.47
CA GLU A 14 -9.97 27.62 -2.31
C GLU A 14 -11.33 26.91 -2.42
N ALA A 15 -11.34 25.58 -2.55
CA ALA A 15 -12.57 24.78 -2.59
C ALA A 15 -13.27 24.74 -1.21
N PHE A 16 -12.51 24.64 -0.12
CA PHE A 16 -13.04 24.64 1.25
C PHE A 16 -13.66 26.01 1.62
N SER A 17 -13.04 27.10 1.19
CA SER A 17 -13.44 28.47 1.54
C SER A 17 -14.81 28.88 0.97
N LEU A 18 -15.28 28.29 -0.14
CA LEU A 18 -16.60 28.58 -0.71
C LEU A 18 -17.76 28.01 0.13
N PHE A 19 -17.49 26.98 0.94
CA PHE A 19 -18.42 26.33 1.87
C PHE A 19 -18.31 26.88 3.32
N ASP A 20 -17.34 27.76 3.60
CA ASP A 20 -17.19 28.47 4.88
C ASP A 20 -18.12 29.70 4.91
N LYS A 21 -19.43 29.45 5.02
CA LYS A 21 -20.47 30.50 4.92
C LYS A 21 -20.51 31.43 6.14
N ASP A 22 -19.98 30.98 7.29
CA ASP A 22 -19.86 31.77 8.53
C ASP A 22 -18.63 32.69 8.54
N GLY A 23 -17.62 32.40 7.71
CA GLY A 23 -16.35 33.13 7.64
C GLY A 23 -15.37 32.80 8.79
N ASP A 24 -15.67 31.78 9.58
CA ASP A 24 -14.94 31.39 10.79
C ASP A 24 -13.78 30.41 10.52
N GLY A 25 -13.70 29.85 9.29
CA GLY A 25 -12.67 28.90 8.87
C GLY A 25 -13.08 27.44 9.00
N THR A 26 -14.38 27.15 9.10
CA THR A 26 -14.95 25.81 9.29
C THR A 26 -16.09 25.53 8.30
N ILE A 27 -16.39 24.26 8.07
CA ILE A 27 -17.57 23.79 7.32
C ILE A 27 -18.45 22.88 8.20
N THR A 28 -19.71 22.68 7.83
CA THR A 28 -20.59 21.66 8.43
C THR A 28 -20.31 20.28 7.84
N THR A 29 -20.64 19.25 8.63
CA THR A 29 -20.56 17.84 8.22
C THR A 29 -21.46 17.53 7.03
N LYS A 30 -22.59 18.24 6.89
CA LYS A 30 -23.51 18.10 5.76
C LYS A 30 -22.90 18.55 4.41
N GLU A 31 -22.02 19.57 4.43
CA GLU A 31 -21.35 20.10 3.23
C GLU A 31 -20.04 19.38 2.89
N LEU A 32 -19.52 18.51 3.78
CA LEU A 32 -18.31 17.72 3.54
C LEU A 32 -18.42 16.91 2.25
N GLY A 33 -19.53 16.21 2.04
CA GLY A 33 -19.82 15.47 0.81
C GLY A 33 -19.93 16.36 -0.44
N THR A 34 -20.28 17.64 -0.25
CA THR A 34 -20.33 18.66 -1.30
C THR A 34 -18.93 19.13 -1.68
N VAL A 35 -18.04 19.36 -0.71
CA VAL A 35 -16.61 19.64 -1.01
C VAL A 35 -15.94 18.45 -1.71
N MET A 36 -16.26 17.22 -1.28
CA MET A 36 -15.73 15.99 -1.89
C MET A 36 -16.08 15.89 -3.38
N ARG A 37 -17.37 15.98 -3.74
CA ARG A 37 -17.80 15.91 -5.15
C ARG A 37 -17.34 17.10 -6.00
N SER A 38 -17.15 18.27 -5.40
CA SER A 38 -16.54 19.44 -6.06
C SER A 38 -15.05 19.24 -6.38
N LEU A 39 -14.36 18.37 -5.63
CA LEU A 39 -12.98 17.91 -5.87
C LEU A 39 -12.93 16.56 -6.63
N GLY A 40 -14.07 16.04 -7.12
CA GLY A 40 -14.17 14.83 -7.94
C GLY A 40 -14.21 13.51 -7.16
N GLN A 41 -14.32 13.55 -5.83
CA GLN A 41 -14.42 12.36 -4.96
C GLN A 41 -15.90 12.03 -4.74
N ASN A 42 -16.32 10.80 -5.07
CA ASN A 42 -17.71 10.35 -4.95
C ASN A 42 -17.83 9.15 -3.97
N PRO A 43 -17.90 9.41 -2.65
CA PRO A 43 -18.09 8.36 -1.64
C PRO A 43 -19.55 7.88 -1.60
N THR A 44 -19.76 6.69 -1.03
CA THR A 44 -21.09 6.21 -0.61
C THR A 44 -21.52 6.95 0.66
N GLU A 45 -22.79 6.79 1.05
CA GLU A 45 -23.29 7.31 2.33
C GLU A 45 -22.51 6.74 3.53
N ALA A 46 -22.09 5.47 3.46
CA ALA A 46 -21.28 4.81 4.49
C ALA A 46 -19.84 5.32 4.50
N GLU A 47 -19.18 5.45 3.33
CA GLU A 47 -17.81 5.95 3.21
C GLU A 47 -17.73 7.45 3.56
N LEU A 48 -18.79 8.23 3.29
CA LEU A 48 -18.90 9.62 3.70
C LEU A 48 -19.01 9.73 5.23
N GLN A 49 -19.88 8.94 5.86
CA GLN A 49 -20.02 8.89 7.32
C GLN A 49 -18.72 8.40 8.00
N ASP A 50 -18.00 7.46 7.39
CA ASP A 50 -16.68 6.99 7.84
C ASP A 50 -15.60 8.08 7.86
N MET A 51 -15.61 9.00 6.88
CA MET A 51 -14.73 10.18 6.89
C MET A 51 -15.16 11.20 7.94
N ILE A 52 -16.47 11.46 8.06
CA ILE A 52 -17.03 12.46 8.97
C ILE A 52 -16.75 12.07 10.44
N ASN A 53 -17.19 10.91 10.91
CA ASN A 53 -17.05 10.54 12.33
C ASN A 53 -15.57 10.38 12.78
N GLU A 54 -14.64 10.21 11.84
CA GLU A 54 -13.19 10.18 12.08
C GLU A 54 -12.63 11.59 12.40
N VAL A 55 -13.23 12.68 11.89
CA VAL A 55 -12.82 14.07 12.20
C VAL A 55 -13.75 14.76 13.21
N ASP A 56 -15.04 14.41 13.24
CA ASP A 56 -16.06 14.94 14.16
C ASP A 56 -16.18 14.12 15.45
N ALA A 57 -15.09 13.44 15.85
CA ALA A 57 -15.02 12.61 17.04
C ALA A 57 -15.23 13.38 18.36
N ASP A 58 -14.99 14.70 18.35
CA ASP A 58 -15.27 15.62 19.47
C ASP A 58 -16.74 16.08 19.53
N GLY A 59 -17.56 15.79 18.50
CA GLY A 59 -19.02 15.98 18.49
C GLY A 59 -19.48 17.40 18.16
N ASN A 60 -18.63 18.25 17.58
CA ASN A 60 -18.91 19.67 17.31
C ASN A 60 -19.97 19.89 16.21
N GLY A 61 -20.11 18.97 15.26
CA GLY A 61 -21.00 19.08 14.08
C GLY A 61 -20.37 19.89 12.93
N THR A 62 -19.08 20.25 13.06
CA THR A 62 -18.30 21.07 12.13
C THR A 62 -16.89 20.53 11.98
N ILE A 63 -16.27 20.83 10.84
CA ILE A 63 -14.93 20.36 10.44
C ILE A 63 -14.05 21.59 10.17
N ASP A 64 -12.85 21.62 10.76
CA ASP A 64 -11.84 22.66 10.56
C ASP A 64 -10.86 22.26 9.45
N PHE A 65 -10.25 23.24 8.78
CA PHE A 65 -9.44 23.03 7.58
C PHE A 65 -8.34 21.95 7.69
N PRO A 66 -7.47 21.92 8.72
CA PRO A 66 -6.47 20.85 8.87
C PRO A 66 -7.07 19.46 9.14
N GLU A 67 -8.29 19.37 9.68
CA GLU A 67 -9.01 18.09 9.87
C GLU A 67 -9.57 17.58 8.53
N PHE A 68 -10.16 18.46 7.72
CA PHE A 68 -10.54 18.19 6.34
C PHE A 68 -9.33 17.74 5.50
N LEU A 69 -8.14 18.33 5.70
CA LEU A 69 -6.91 17.90 5.03
C LEU A 69 -6.38 16.54 5.52
N THR A 70 -6.69 16.12 6.77
CA THR A 70 -6.27 14.80 7.30
C THR A 70 -6.96 13.66 6.56
N MET A 71 -8.28 13.78 6.30
CA MET A 71 -9.03 12.80 5.50
C MET A 71 -8.71 12.84 4.00
N MET A 72 -8.03 13.89 3.52
CA MET A 72 -7.46 13.96 2.16
C MET A 72 -6.10 13.24 2.10
N ALA A 73 -5.22 13.52 3.06
CA ALA A 73 -3.84 13.00 3.13
C ALA A 73 -3.78 11.46 3.13
N ARG A 74 -4.64 10.79 3.92
CA ARG A 74 -4.58 9.34 4.10
C ARG A 74 -5.00 8.51 2.87
N LYS A 75 -5.72 9.12 1.92
CA LYS A 75 -6.06 8.47 0.64
C LYS A 75 -4.88 8.39 -0.35
N MET A 76 -3.97 9.38 -0.30
CA MET A 76 -3.00 9.67 -1.38
C MET A 76 -1.61 9.05 -1.16
N LYS A 77 -1.42 8.27 -0.10
CA LYS A 77 -0.14 7.65 0.27
C LYS A 77 0.41 6.66 -0.79
N ASP A 78 1.73 6.66 -0.98
CA ASP A 78 2.45 5.79 -1.93
C ASP A 78 3.05 4.53 -1.27
N THR A 79 3.02 4.44 0.06
CA THR A 79 3.64 3.37 0.87
C THR A 79 2.75 2.13 0.98
N ASP A 80 3.23 1.13 1.72
CA ASP A 80 2.63 -0.20 1.96
C ASP A 80 3.06 -0.72 3.34
N SER A 81 2.30 -1.65 3.93
CA SER A 81 2.50 -2.07 5.32
C SER A 81 3.68 -3.03 5.46
N GLU A 82 4.69 -2.62 6.23
CA GLU A 82 5.88 -3.43 6.51
C GLU A 82 5.53 -4.76 7.20
N GLU A 83 4.44 -4.80 7.99
CA GLU A 83 3.95 -6.03 8.63
C GLU A 83 3.45 -7.03 7.56
N GLU A 84 2.63 -6.56 6.60
CA GLU A 84 2.12 -7.40 5.51
C GLU A 84 3.28 -7.96 4.66
N ILE A 85 4.27 -7.13 4.38
CA ILE A 85 5.46 -7.48 3.59
C ILE A 85 6.35 -8.50 4.34
N ARG A 86 6.56 -8.32 5.65
CA ARG A 86 7.48 -9.18 6.43
C ARG A 86 6.86 -10.56 6.72
N GLU A 87 5.59 -10.65 7.11
CA GLU A 87 4.96 -11.95 7.39
C GLU A 87 4.81 -12.85 6.15
N ALA A 88 4.85 -12.28 4.94
CA ALA A 88 4.90 -13.03 3.68
C ALA A 88 6.18 -13.87 3.50
N PHE A 89 7.28 -13.57 4.22
CA PHE A 89 8.48 -14.42 4.23
C PHE A 89 8.40 -15.58 5.24
N ARG A 90 7.63 -15.43 6.34
CA ARG A 90 7.59 -16.42 7.42
C ARG A 90 6.91 -17.75 7.02
N VAL A 91 6.01 -17.72 6.04
CA VAL A 91 5.47 -18.97 5.42
C VAL A 91 6.53 -19.76 4.62
N PHE A 92 7.68 -19.13 4.32
CA PHE A 92 8.85 -19.75 3.69
C PHE A 92 10.03 -19.96 4.67
N ASP A 93 9.79 -19.71 5.96
CA ASP A 93 10.73 -19.93 7.09
C ASP A 93 9.94 -20.14 8.39
N LYS A 94 9.21 -21.25 8.45
CA LYS A 94 8.26 -21.56 9.54
C LYS A 94 8.94 -21.87 10.89
N ASP A 95 10.27 -22.06 10.89
CA ASP A 95 11.11 -22.15 12.09
C ASP A 95 11.38 -20.78 12.74
N GLY A 96 11.17 -19.66 12.01
CA GLY A 96 11.31 -18.28 12.51
C GLY A 96 12.76 -17.80 12.65
N ASN A 97 13.69 -18.41 11.92
CA ASN A 97 15.14 -18.12 12.00
C ASN A 97 15.53 -16.71 11.48
N GLY A 98 14.75 -16.14 10.55
CA GLY A 98 14.99 -14.82 9.94
C GLY A 98 15.76 -14.88 8.61
N TYR A 99 16.04 -16.08 8.10
CA TYR A 99 16.84 -16.33 6.89
C TYR A 99 16.19 -17.35 5.94
N ILE A 100 16.47 -17.18 4.64
CA ILE A 100 16.06 -18.07 3.54
C ILE A 100 17.18 -18.20 2.51
N SER A 101 17.19 -19.29 1.75
CA SER A 101 18.14 -19.48 0.64
C SER A 101 17.80 -18.62 -0.57
N ALA A 102 18.80 -18.10 -1.28
CA ALA A 102 18.61 -17.28 -2.49
C ALA A 102 17.85 -18.03 -3.59
N ALA A 103 18.12 -19.33 -3.75
CA ALA A 103 17.39 -20.22 -4.65
C ALA A 103 15.93 -20.43 -4.23
N GLU A 104 15.62 -20.44 -2.94
CA GLU A 104 14.26 -20.59 -2.41
C GLU A 104 13.43 -19.34 -2.70
N LEU A 105 13.95 -18.14 -2.41
CA LEU A 105 13.27 -16.89 -2.76
C LEU A 105 13.03 -16.80 -4.27
N ARG A 106 14.06 -17.09 -5.08
CA ARG A 106 13.93 -17.16 -6.55
C ARG A 106 12.86 -18.17 -6.99
N HIS A 107 12.76 -19.32 -6.33
CA HIS A 107 11.70 -20.31 -6.57
C HIS A 107 10.30 -19.78 -6.20
N VAL A 108 10.10 -19.13 -5.04
CA VAL A 108 8.80 -18.51 -4.68
C VAL A 108 8.36 -17.54 -5.78
N MET A 109 9.25 -16.63 -6.17
CA MET A 109 9.00 -15.57 -7.17
C MET A 109 8.70 -16.07 -8.59
N THR A 110 9.06 -17.31 -8.95
CA THR A 110 8.88 -17.90 -10.30
C THR A 110 7.90 -19.07 -10.35
N ASN A 111 7.51 -19.67 -9.20
CA ASN A 111 6.55 -20.77 -9.12
C ASN A 111 5.19 -20.34 -8.55
N LEU A 112 5.18 -19.67 -7.38
CA LEU A 112 3.97 -19.33 -6.62
C LEU A 112 3.36 -17.99 -7.06
N GLY A 113 2.03 -17.90 -7.05
CA GLY A 113 1.25 -16.69 -7.35
C GLY A 113 1.40 -16.19 -8.78
N GLU A 114 1.13 -14.90 -8.99
CA GLU A 114 1.57 -14.18 -10.19
C GLU A 114 3.10 -13.98 -10.16
N LYS A 115 3.75 -13.99 -11.32
CA LYS A 115 5.21 -14.16 -11.42
C LYS A 115 6.01 -12.84 -11.42
N LEU A 116 7.23 -12.90 -10.86
CA LEU A 116 8.26 -11.86 -11.01
C LEU A 116 9.11 -12.16 -12.26
N THR A 117 9.48 -11.13 -13.03
CA THR A 117 10.24 -11.27 -14.29
C THR A 117 11.67 -11.72 -14.02
N ASP A 118 12.31 -12.35 -15.00
CA ASP A 118 13.68 -12.86 -14.93
C ASP A 118 14.70 -11.77 -14.51
N GLU A 119 14.55 -10.56 -15.04
CA GLU A 119 15.40 -9.41 -14.70
C GLU A 119 15.11 -8.89 -13.28
N GLU A 120 13.84 -8.84 -12.88
CA GLU A 120 13.38 -8.41 -11.55
C GLU A 120 13.85 -9.40 -10.47
N VAL A 121 13.69 -10.72 -10.68
CA VAL A 121 14.13 -11.72 -9.69
C VAL A 121 15.67 -11.81 -9.59
N ASP A 122 16.39 -11.61 -10.70
CA ASP A 122 17.85 -11.49 -10.68
C ASP A 122 18.32 -10.24 -9.90
N GLU A 123 17.67 -9.09 -10.11
CA GLU A 123 17.94 -7.85 -9.36
C GLU A 123 17.60 -8.01 -7.86
N MET A 124 16.51 -8.72 -7.53
CA MET A 124 16.12 -9.02 -6.15
C MET A 124 17.23 -9.82 -5.43
N ILE A 125 17.69 -10.92 -6.02
CA ILE A 125 18.77 -11.74 -5.46
C ILE A 125 20.10 -10.98 -5.40
N ARG A 126 20.43 -10.19 -6.44
CA ARG A 126 21.62 -9.33 -6.46
C ARG A 126 21.67 -8.38 -5.26
N GLU A 127 20.55 -7.76 -4.90
CA GLU A 127 20.46 -6.83 -3.77
C GLU A 127 20.33 -7.52 -2.39
N ALA A 128 19.84 -8.76 -2.35
CA ALA A 128 19.60 -9.52 -1.12
C ALA A 128 20.77 -10.41 -0.66
N ASP A 129 21.42 -11.12 -1.59
CA ASP A 129 22.45 -12.13 -1.31
C ASP A 129 23.78 -11.53 -0.79
N ILE A 130 24.06 -10.27 -1.16
CA ILE A 130 25.29 -9.54 -0.78
C ILE A 130 25.41 -9.24 0.73
N ASP A 131 24.35 -9.44 1.50
CA ASP A 131 24.36 -9.34 2.98
C ASP A 131 25.05 -10.57 3.65
N GLY A 132 25.16 -11.69 2.94
CA GLY A 132 25.79 -12.94 3.40
C GLY A 132 26.44 -13.72 2.26
N ASP A 133 26.15 -15.03 2.21
CA ASP A 133 26.63 -15.96 1.17
C ASP A 133 25.66 -17.13 1.01
N GLY A 134 24.87 -17.12 -0.06
CA GLY A 134 23.82 -18.11 -0.38
C GLY A 134 22.51 -17.94 0.40
N GLN A 135 22.49 -17.05 1.40
CA GLN A 135 21.35 -16.79 2.29
C GLN A 135 20.93 -15.31 2.23
N VAL A 136 19.63 -15.07 2.32
CA VAL A 136 18.99 -13.76 2.43
C VAL A 136 18.52 -13.56 3.87
N ASN A 137 18.90 -12.45 4.51
CA ASN A 137 18.20 -11.95 5.70
C ASN A 137 16.97 -11.15 5.27
N TYR A 138 15.78 -11.76 5.33
CA TYR A 138 14.56 -11.08 4.85
C TYR A 138 14.10 -9.92 5.76
N GLU A 139 14.43 -9.97 7.05
CA GLU A 139 14.04 -8.96 8.04
C GLU A 139 14.57 -7.56 7.65
N GLU A 140 15.89 -7.43 7.43
CA GLU A 140 16.49 -6.17 6.98
C GLU A 140 16.20 -5.89 5.49
N PHE A 141 15.89 -6.91 4.68
CA PHE A 141 15.48 -6.73 3.28
C PHE A 141 14.14 -5.94 3.18
N VAL A 142 13.18 -6.18 4.08
CA VAL A 142 11.96 -5.36 4.18
C VAL A 142 12.28 -3.90 4.55
N GLN A 143 13.23 -3.67 5.48
CA GLN A 143 13.65 -2.31 5.86
C GLN A 143 14.34 -1.59 4.69
N MET A 144 15.07 -2.30 3.83
CA MET A 144 15.60 -1.74 2.58
C MET A 144 14.49 -1.47 1.54
N MET A 145 13.48 -2.33 1.41
CA MET A 145 12.38 -2.14 0.45
C MET A 145 11.44 -0.97 0.77
N THR A 146 11.19 -0.67 2.05
CA THR A 146 10.39 0.49 2.49
C THR A 146 11.17 1.81 2.36
N ALA A 147 12.52 1.74 2.36
CA ALA A 147 13.43 2.84 2.05
C ALA A 147 13.76 2.94 0.54
N LYS A 148 14.62 3.91 0.20
CA LYS A 148 15.24 4.10 -1.13
C LYS A 148 16.72 3.68 -1.08
N GLY B 1 -7.41 -27.32 -1.66
CA GLY B 1 -7.79 -25.91 -1.41
C GLY B 1 -6.61 -24.95 -1.59
N PRO B 2 -6.83 -23.64 -1.32
CA PRO B 2 -5.82 -22.60 -1.43
C PRO B 2 -4.78 -22.67 -0.30
N GLY B 3 -3.62 -22.05 -0.53
CA GLY B 3 -2.51 -21.93 0.43
C GLY B 3 -2.09 -20.48 0.67
N SER B 4 -1.56 -20.20 1.86
CA SER B 4 -1.06 -18.87 2.24
C SER B 4 0.20 -18.50 1.45
N GLU B 5 1.03 -19.50 1.14
CA GLU B 5 2.22 -19.42 0.29
C GLU B 5 1.90 -18.82 -1.08
N GLU B 6 0.79 -19.22 -1.70
CA GLU B 6 0.41 -18.80 -3.05
C GLU B 6 0.07 -17.30 -3.12
N VAL B 7 -0.55 -16.74 -2.07
CA VAL B 7 -0.87 -15.30 -1.97
C VAL B 7 0.29 -14.47 -1.39
N SER B 8 1.08 -15.03 -0.48
CA SER B 8 2.26 -14.37 0.11
C SER B 8 3.33 -14.03 -0.94
N ALA B 9 3.55 -14.94 -1.91
CA ALA B 9 4.48 -14.77 -3.02
C ALA B 9 4.30 -13.46 -3.80
N MET B 10 3.08 -12.92 -3.87
CA MET B 10 2.75 -11.66 -4.53
C MET B 10 2.96 -10.41 -3.65
N VAL B 11 2.92 -10.55 -2.32
CA VAL B 11 3.08 -9.43 -1.38
C VAL B 11 4.56 -9.00 -1.26
N ILE B 12 5.49 -9.94 -1.43
CA ILE B 12 6.94 -9.67 -1.55
C ILE B 12 7.20 -8.81 -2.80
N GLN B 13 6.54 -9.12 -3.92
CA GLN B 13 6.67 -8.36 -5.18
C GLN B 13 6.02 -6.98 -5.08
N ARG B 14 4.92 -6.85 -4.31
CA ARG B 14 4.22 -5.59 -4.01
C ARG B 14 5.10 -4.56 -3.26
N ALA B 15 6.18 -5.02 -2.60
CA ALA B 15 7.23 -4.20 -2.00
C ALA B 15 8.41 -3.98 -2.93
N PHE B 16 8.89 -5.02 -3.61
CA PHE B 16 10.09 -4.94 -4.45
C PHE B 16 9.92 -4.02 -5.67
N ARG B 17 8.79 -4.13 -6.39
CA ARG B 17 8.47 -3.24 -7.51
C ARG B 17 8.28 -1.78 -7.05
N ARG B 18 7.72 -1.59 -5.86
CA ARG B 18 7.54 -0.28 -5.20
C ARG B 18 8.88 0.34 -4.77
N HIS B 19 9.81 -0.46 -4.26
CA HIS B 19 11.19 -0.05 -3.93
C HIS B 19 11.96 0.44 -5.16
N LEU B 20 11.94 -0.32 -6.26
CA LEU B 20 12.57 0.05 -7.53
C LEU B 20 12.02 1.39 -8.08
N LEU B 21 10.72 1.64 -7.92
CA LEU B 21 10.09 2.90 -8.31
C LEU B 21 10.60 4.11 -7.51
N GLN B 22 10.99 3.95 -6.23
CA GLN B 22 11.59 5.02 -5.43
C GLN B 22 13.00 5.36 -5.97
N ARG B 23 13.77 4.34 -6.34
CA ARG B 23 15.16 4.47 -6.81
C ARG B 23 15.25 4.97 -8.26
N SER B 24 14.30 4.58 -9.11
CA SER B 24 14.28 4.97 -10.53
C SER B 24 13.58 6.32 -10.80
N LEU B 25 12.70 6.74 -9.88
CA LEU B 25 11.79 7.90 -9.90
C LEU B 25 10.70 7.75 -10.98
N LYS B 26 11.09 7.52 -12.23
CA LYS B 26 10.20 7.27 -13.37
C LYS B 26 9.61 5.85 -13.36
N HIS B 27 8.35 5.70 -13.77
CA HIS B 27 7.70 4.39 -13.92
C HIS B 27 8.13 3.63 -15.20
N ALA B 28 8.52 4.36 -16.26
CA ALA B 28 8.91 3.87 -17.58
C ALA B 28 9.64 4.97 -18.39
N SER B 29 10.15 4.63 -19.57
CA SER B 29 10.81 5.57 -20.50
C SER B 29 9.85 6.66 -21.01
N PHE B 30 10.35 7.90 -21.19
CA PHE B 30 9.57 9.05 -21.63
C PHE B 30 9.21 9.00 -23.13
N LEU B 31 10.08 8.40 -23.96
CA LEU B 31 9.98 8.31 -25.43
C LEU B 31 10.82 7.14 -25.97
N ALA A 1 1.74 8.83 -3.50
CA ALA A 1 0.34 8.58 -3.13
C ALA A 1 -0.59 9.68 -3.67
N ASP A 2 -1.62 9.31 -4.42
CA ASP A 2 -2.64 10.21 -4.97
C ASP A 2 -4.09 9.70 -4.80
N GLN A 3 -4.28 8.50 -4.23
CA GLN A 3 -5.57 7.82 -4.11
C GLN A 3 -5.52 6.76 -3.01
N LEU A 4 -6.44 6.84 -2.05
CA LEU A 4 -6.72 5.79 -1.05
C LEU A 4 -7.22 4.48 -1.66
N THR A 5 -7.02 3.35 -0.97
CA THR A 5 -7.60 2.04 -1.31
C THR A 5 -8.97 1.84 -0.66
N GLU A 6 -9.79 0.95 -1.24
CA GLU A 6 -11.16 0.68 -0.80
C GLU A 6 -11.22 0.22 0.68
N GLU A 7 -10.24 -0.57 1.12
CA GLU A 7 -10.14 -1.06 2.50
C GLU A 7 -9.78 0.03 3.52
N GLN A 8 -9.18 1.15 3.09
CA GLN A 8 -8.98 2.33 3.93
C GLN A 8 -10.25 3.19 3.95
N ILE A 9 -10.87 3.40 2.79
CA ILE A 9 -12.12 4.17 2.64
C ILE A 9 -13.25 3.59 3.51
N ALA A 10 -13.33 2.26 3.63
CA ALA A 10 -14.34 1.57 4.44
C ALA A 10 -14.20 1.87 5.95
N GLU A 11 -13.01 2.25 6.42
CA GLU A 11 -12.79 2.68 7.81
C GLU A 11 -13.08 4.18 7.98
N PHE A 12 -12.61 5.03 7.06
CA PHE A 12 -12.82 6.48 7.14
C PHE A 12 -14.30 6.88 6.97
N LYS A 13 -15.09 6.07 6.26
CA LYS A 13 -16.54 6.26 6.14
C LYS A 13 -17.27 6.24 7.49
N GLU A 14 -16.87 5.33 8.39
CA GLU A 14 -17.45 5.20 9.72
C GLU A 14 -17.13 6.43 10.62
N ALA A 15 -15.89 6.93 10.55
CA ALA A 15 -15.50 8.16 11.26
C ALA A 15 -16.19 9.41 10.70
N PHE A 16 -16.30 9.52 9.37
CA PHE A 16 -17.01 10.63 8.70
C PHE A 16 -18.51 10.62 9.00
N SER A 17 -19.13 9.43 9.11
CA SER A 17 -20.58 9.27 9.33
C SER A 17 -21.08 9.88 10.66
N LEU A 18 -20.27 9.90 11.72
CA LEU A 18 -20.65 10.49 13.01
C LEU A 18 -20.64 12.04 12.99
N PHE A 19 -19.94 12.65 12.03
CA PHE A 19 -19.92 14.10 11.77
C PHE A 19 -20.89 14.51 10.63
N ASP A 20 -21.40 13.56 9.83
CA ASP A 20 -22.47 13.75 8.85
C ASP A 20 -23.84 13.83 9.55
N LYS A 21 -23.98 14.88 10.38
CA LYS A 21 -25.12 15.09 11.29
C LYS A 21 -26.41 15.53 10.56
N ASP A 22 -26.30 15.99 9.31
CA ASP A 22 -27.41 16.26 8.39
C ASP A 22 -27.91 14.98 7.67
N GLY A 23 -27.09 13.93 7.58
CA GLY A 23 -27.40 12.67 6.90
C GLY A 23 -27.28 12.73 5.37
N ASP A 24 -26.75 13.84 4.82
CA ASP A 24 -26.70 14.15 3.38
C ASP A 24 -25.40 13.66 2.69
N GLY A 25 -24.39 13.23 3.47
CA GLY A 25 -23.07 12.83 3.00
C GLY A 25 -22.01 13.94 3.07
N THR A 26 -22.22 14.93 3.95
CA THR A 26 -21.36 16.12 4.12
C THR A 26 -21.09 16.42 5.59
N ILE A 27 -19.88 16.89 5.88
CA ILE A 27 -19.51 17.53 7.16
C ILE A 27 -19.39 19.05 6.98
N THR A 28 -19.45 19.82 8.06
CA THR A 28 -18.99 21.22 8.06
C THR A 28 -17.48 21.29 8.13
N THR A 29 -16.91 22.38 7.62
CA THR A 29 -15.46 22.67 7.65
C THR A 29 -14.91 22.70 9.08
N LYS A 30 -15.73 23.10 10.05
CA LYS A 30 -15.40 23.10 11.48
C LYS A 30 -15.14 21.70 12.05
N GLU A 31 -15.82 20.66 11.53
CA GLU A 31 -15.69 19.28 12.00
C GLU A 31 -14.51 18.53 11.33
N LEU A 32 -13.85 19.09 10.30
CA LEU A 32 -12.70 18.45 9.66
C LEU A 32 -11.53 18.26 10.64
N GLY A 33 -11.17 19.31 11.38
CA GLY A 33 -10.13 19.23 12.40
C GLY A 33 -10.47 18.26 13.53
N THR A 34 -11.76 17.97 13.72
CA THR A 34 -12.29 16.97 14.66
C THR A 34 -12.22 15.56 14.07
N VAL A 35 -12.58 15.33 12.80
CA VAL A 35 -12.52 13.96 12.22
C VAL A 35 -11.09 13.50 11.99
N MET A 36 -10.17 14.40 11.64
CA MET A 36 -8.74 14.08 11.54
C MET A 36 -8.10 13.80 12.91
N ARG A 37 -8.58 14.43 13.99
CA ARG A 37 -8.19 14.10 15.37
C ARG A 37 -8.82 12.79 15.87
N SER A 38 -10.04 12.48 15.45
CA SER A 38 -10.69 11.19 15.73
C SER A 38 -10.00 10.01 15.02
N LEU A 39 -9.36 10.27 13.87
CA LEU A 39 -8.50 9.33 13.12
C LEU A 39 -7.04 9.34 13.60
N GLY A 40 -6.68 10.14 14.61
CA GLY A 40 -5.37 10.17 15.26
C GLY A 40 -4.28 10.95 14.53
N GLN A 41 -4.63 11.76 13.51
CA GLN A 41 -3.67 12.49 12.68
C GLN A 41 -3.18 13.78 13.36
N ASN A 42 -4.07 14.47 14.08
CA ASN A 42 -3.79 15.68 14.87
C ASN A 42 -3.12 16.81 14.04
N PRO A 43 -3.76 17.25 12.93
CA PRO A 43 -3.13 18.14 11.98
C PRO A 43 -2.92 19.55 12.57
N THR A 44 -1.77 20.16 12.24
CA THR A 44 -1.42 21.53 12.66
C THR A 44 -2.40 22.53 12.06
N GLU A 45 -2.69 23.61 12.79
CA GLU A 45 -3.75 24.56 12.44
C GLU A 45 -3.55 25.21 11.07
N ALA A 46 -2.31 25.59 10.72
CA ALA A 46 -1.99 26.17 9.42
C ALA A 46 -2.14 25.18 8.25
N GLU A 47 -1.75 23.92 8.46
CA GLU A 47 -1.88 22.85 7.47
C GLU A 47 -3.36 22.48 7.26
N LEU A 48 -4.12 22.34 8.36
CA LEU A 48 -5.57 22.11 8.35
C LEU A 48 -6.32 23.23 7.62
N GLN A 49 -6.07 24.49 7.99
CA GLN A 49 -6.76 25.62 7.41
C GLN A 49 -6.46 25.78 5.90
N ASP A 50 -5.23 25.51 5.46
CA ASP A 50 -4.87 25.53 4.03
C ASP A 50 -5.57 24.40 3.23
N MET A 51 -5.83 23.25 3.85
CA MET A 51 -6.64 22.17 3.24
C MET A 51 -8.12 22.57 3.17
N ILE A 52 -8.64 23.26 4.19
CA ILE A 52 -10.01 23.81 4.17
C ILE A 52 -10.14 24.83 3.04
N ASN A 53 -9.19 25.76 2.89
CA ASN A 53 -9.17 26.75 1.80
C ASN A 53 -9.19 26.10 0.40
N GLU A 54 -8.64 24.90 0.23
CA GLU A 54 -8.68 24.15 -1.03
C GLU A 54 -10.12 23.67 -1.33
N VAL A 55 -10.77 23.00 -0.38
CA VAL A 55 -12.10 22.37 -0.60
C VAL A 55 -13.29 23.34 -0.43
N ASP A 56 -13.13 24.41 0.34
CA ASP A 56 -14.15 25.44 0.62
C ASP A 56 -13.93 26.73 -0.19
N ALA A 57 -13.22 26.64 -1.33
CA ALA A 57 -12.87 27.79 -2.18
C ALA A 57 -14.08 28.58 -2.72
N ASP A 58 -15.25 27.93 -2.85
CA ASP A 58 -16.52 28.52 -3.26
C ASP A 58 -17.37 29.09 -2.09
N GLY A 59 -16.93 28.90 -0.83
CA GLY A 59 -17.61 29.41 0.37
C GLY A 59 -18.83 28.60 0.81
N ASN A 60 -18.87 27.30 0.48
CA ASN A 60 -19.98 26.40 0.80
C ASN A 60 -20.22 26.21 2.31
N GLY A 61 -19.15 26.21 3.11
CA GLY A 61 -19.16 25.91 4.56
C GLY A 61 -19.10 24.41 4.89
N THR A 62 -19.05 23.55 3.86
CA THR A 62 -19.18 22.08 3.97
C THR A 62 -18.20 21.35 3.06
N ILE A 63 -17.96 20.09 3.39
CA ILE A 63 -17.05 19.16 2.69
C ILE A 63 -17.80 17.83 2.51
N ASP A 64 -17.86 17.31 1.28
CA ASP A 64 -18.44 15.99 0.96
C ASP A 64 -17.41 14.86 1.12
N PHE A 65 -17.91 13.61 1.19
CA PHE A 65 -17.08 12.44 1.46
C PHE A 65 -15.94 12.23 0.44
N PRO A 66 -16.16 12.21 -0.89
CA PRO A 66 -15.05 12.03 -1.84
C PRO A 66 -14.05 13.21 -1.84
N GLU A 67 -14.45 14.45 -1.57
CA GLU A 67 -13.50 15.56 -1.38
C GLU A 67 -12.65 15.39 -0.11
N PHE A 68 -13.24 14.93 1.00
CA PHE A 68 -12.50 14.56 2.22
C PHE A 68 -11.49 13.43 1.95
N LEU A 69 -11.89 12.38 1.23
CA LEU A 69 -11.02 11.27 0.84
C LEU A 69 -9.86 11.72 -0.07
N THR A 70 -10.06 12.75 -0.91
CA THR A 70 -9.03 13.33 -1.77
C THR A 70 -7.98 14.12 -0.98
N MET A 71 -8.35 14.73 0.15
CA MET A 71 -7.36 15.27 1.12
C MET A 71 -6.60 14.13 1.80
N MET A 72 -7.30 13.11 2.31
CA MET A 72 -6.71 11.96 3.01
C MET A 72 -5.73 11.16 2.14
N ALA A 73 -6.05 10.95 0.86
CA ALA A 73 -5.21 10.24 -0.12
C ALA A 73 -3.77 10.78 -0.22
N ARG A 74 -3.65 12.10 -0.21
CA ARG A 74 -2.39 12.84 -0.28
C ARG A 74 -1.64 12.91 1.06
N LYS A 75 -2.32 12.72 2.20
CA LYS A 75 -1.69 12.62 3.54
C LYS A 75 -1.17 11.20 3.85
N MET A 76 -1.90 10.15 3.40
CA MET A 76 -1.53 8.73 3.56
C MET A 76 -0.44 8.30 2.57
N LYS A 77 0.16 7.13 2.79
CA LYS A 77 1.10 6.46 1.85
C LYS A 77 0.41 5.31 1.09
N ASP A 78 0.83 5.08 -0.16
CA ASP A 78 0.30 4.02 -1.03
C ASP A 78 1.15 2.72 -1.02
N THR A 79 2.40 2.79 -0.55
CA THR A 79 3.36 1.68 -0.51
C THR A 79 2.87 0.53 0.36
N ASP A 80 3.20 -0.70 -0.05
CA ASP A 80 2.76 -1.95 0.56
C ASP A 80 3.25 -2.11 2.01
N SER A 81 2.44 -2.73 2.87
CA SER A 81 2.59 -2.66 4.33
C SER A 81 3.80 -3.47 4.85
N GLU A 82 4.69 -2.81 5.60
CA GLU A 82 5.98 -3.33 6.03
C GLU A 82 5.87 -4.65 6.82
N GLU A 83 4.87 -4.74 7.71
CA GLU A 83 4.61 -5.94 8.50
C GLU A 83 4.03 -7.10 7.66
N GLU A 84 3.24 -6.79 6.63
CA GLU A 84 2.68 -7.81 5.71
C GLU A 84 3.79 -8.38 4.81
N ILE A 85 4.72 -7.54 4.36
CA ILE A 85 5.93 -7.97 3.61
C ILE A 85 6.81 -8.85 4.51
N ARG A 86 7.03 -8.47 5.77
CA ARG A 86 7.80 -9.26 6.74
C ARG A 86 7.14 -10.63 7.02
N GLU A 87 5.82 -10.67 7.22
CA GLU A 87 5.07 -11.92 7.42
C GLU A 87 5.11 -12.83 6.18
N ALA A 88 5.16 -12.28 4.97
CA ALA A 88 5.23 -13.07 3.74
C ALA A 88 6.53 -13.89 3.65
N PHE A 89 7.65 -13.35 4.11
CA PHE A 89 8.90 -14.10 4.29
C PHE A 89 8.81 -15.13 5.41
N ARG A 90 8.10 -14.83 6.51
CA ARG A 90 7.90 -15.76 7.64
C ARG A 90 6.98 -16.94 7.28
N VAL A 91 5.99 -16.75 6.40
CA VAL A 91 5.19 -17.85 5.80
C VAL A 91 6.10 -18.83 5.04
N PHE A 92 7.21 -18.36 4.46
CA PHE A 92 8.24 -19.19 3.81
C PHE A 92 9.39 -19.61 4.74
N ASP A 93 9.27 -19.38 6.05
CA ASP A 93 10.21 -19.79 7.10
C ASP A 93 9.46 -20.20 8.38
N LYS A 94 8.71 -21.31 8.28
CA LYS A 94 7.87 -21.84 9.36
C LYS A 94 8.64 -22.30 10.62
N ASP A 95 9.96 -22.45 10.52
CA ASP A 95 10.88 -22.74 11.63
C ASP A 95 11.25 -21.49 12.45
N GLY A 96 11.03 -20.28 11.90
CA GLY A 96 11.30 -19.01 12.58
C GLY A 96 12.78 -18.65 12.68
N ASN A 97 13.62 -19.20 11.79
CA ASN A 97 15.08 -19.04 11.81
C ASN A 97 15.56 -17.61 11.48
N GLY A 98 14.78 -16.83 10.73
CA GLY A 98 15.10 -15.46 10.30
C GLY A 98 15.87 -15.38 8.97
N TYR A 99 16.03 -16.52 8.28
CA TYR A 99 16.75 -16.66 7.02
C TYR A 99 16.03 -17.62 6.04
N ILE A 100 16.22 -17.40 4.75
CA ILE A 100 15.73 -18.23 3.63
C ILE A 100 16.85 -18.43 2.61
N SER A 101 16.77 -19.43 1.74
CA SER A 101 17.75 -19.61 0.65
C SER A 101 17.54 -18.56 -0.47
N ALA A 102 18.62 -18.13 -1.12
CA ALA A 102 18.56 -17.24 -2.28
C ALA A 102 17.92 -17.93 -3.51
N ALA A 103 18.20 -19.23 -3.71
CA ALA A 103 17.56 -20.04 -4.75
C ALA A 103 16.09 -20.33 -4.42
N GLU A 104 15.77 -20.54 -3.15
CA GLU A 104 14.40 -20.69 -2.64
C GLU A 104 13.58 -19.42 -2.87
N LEU A 105 14.12 -18.24 -2.55
CA LEU A 105 13.49 -16.94 -2.83
C LEU A 105 13.30 -16.74 -4.34
N ARG A 106 14.32 -17.06 -5.16
CA ARG A 106 14.20 -16.99 -6.62
C ARG A 106 13.08 -17.91 -7.14
N HIS A 107 12.97 -19.14 -6.61
CA HIS A 107 11.94 -20.11 -6.97
C HIS A 107 10.53 -19.71 -6.49
N VAL A 108 10.37 -19.29 -5.24
CA VAL A 108 9.05 -18.94 -4.66
C VAL A 108 8.41 -17.71 -5.35
N MET A 109 9.24 -16.87 -5.99
CA MET A 109 8.86 -15.76 -6.88
C MET A 109 8.46 -16.18 -8.31
N THR A 110 8.82 -17.40 -8.77
CA THR A 110 8.63 -17.87 -10.17
C THR A 110 7.68 -19.07 -10.30
N ASN A 111 6.90 -19.41 -9.26
CA ASN A 111 5.89 -20.49 -9.34
C ASN A 111 4.60 -20.25 -8.51
N LEU A 112 4.51 -19.15 -7.75
CA LEU A 112 3.37 -18.83 -6.85
C LEU A 112 2.89 -17.40 -7.06
N GLY A 113 1.58 -17.17 -6.93
CA GLY A 113 0.94 -15.85 -7.07
C GLY A 113 0.85 -15.42 -8.53
N GLU A 114 1.97 -14.92 -9.05
CA GLU A 114 2.26 -14.72 -10.47
C GLU A 114 3.79 -14.77 -10.65
N LYS A 115 4.26 -15.23 -11.81
CA LYS A 115 5.70 -15.41 -12.04
C LYS A 115 6.41 -14.06 -12.24
N LEU A 116 7.32 -13.71 -11.34
CA LEU A 116 8.20 -12.54 -11.45
C LEU A 116 9.21 -12.72 -12.60
N THR A 117 9.47 -11.66 -13.37
CA THR A 117 10.36 -11.69 -14.55
C THR A 117 11.80 -11.94 -14.12
N ASP A 118 12.59 -12.57 -14.99
CA ASP A 118 13.97 -12.97 -14.67
C ASP A 118 14.87 -11.76 -14.34
N GLU A 119 14.72 -10.65 -15.06
CA GLU A 119 15.45 -9.40 -14.79
C GLU A 119 15.03 -8.72 -13.47
N GLU A 120 13.79 -8.93 -13.03
CA GLU A 120 13.28 -8.44 -11.75
C GLU A 120 13.80 -9.33 -10.61
N VAL A 121 13.60 -10.65 -10.69
CA VAL A 121 13.99 -11.57 -9.60
C VAL A 121 15.51 -11.65 -9.42
N ASP A 122 16.30 -11.53 -10.51
CA ASP A 122 17.76 -11.48 -10.42
C ASP A 122 18.25 -10.23 -9.66
N GLU A 123 17.57 -9.09 -9.83
CA GLU A 123 17.85 -7.87 -9.08
C GLU A 123 17.35 -7.96 -7.63
N MET A 124 16.22 -8.62 -7.37
CA MET A 124 15.74 -8.93 -6.01
C MET A 124 16.77 -9.73 -5.22
N ILE A 125 17.45 -10.69 -5.85
CA ILE A 125 18.56 -11.43 -5.25
C ILE A 125 19.81 -10.54 -5.10
N ARG A 126 20.19 -9.76 -6.12
CA ARG A 126 21.35 -8.85 -6.06
C ARG A 126 21.23 -7.84 -4.90
N GLU A 127 20.05 -7.28 -4.68
CA GLU A 127 19.77 -6.33 -3.59
C GLU A 127 19.64 -7.00 -2.21
N ALA A 128 19.62 -8.34 -2.13
CA ALA A 128 19.68 -9.11 -0.89
C ALA A 128 21.11 -9.62 -0.59
N ASP A 129 21.79 -10.13 -1.61
CA ASP A 129 23.13 -10.75 -1.53
C ASP A 129 24.27 -9.76 -1.19
N ILE A 130 23.99 -8.45 -1.18
CA ILE A 130 24.86 -7.43 -0.55
C ILE A 130 24.95 -7.56 0.98
N ASP A 131 24.03 -8.26 1.64
CA ASP A 131 24.04 -8.59 3.07
C ASP A 131 23.98 -10.10 3.35
N GLY A 132 23.29 -10.87 2.49
CA GLY A 132 23.23 -12.34 2.54
C GLY A 132 24.47 -13.04 1.96
N ASP A 133 24.45 -14.37 2.00
CA ASP A 133 25.53 -15.25 1.53
C ASP A 133 25.01 -16.69 1.35
N GLY A 134 24.25 -16.91 0.28
CA GLY A 134 23.51 -18.16 0.00
C GLY A 134 22.21 -18.26 0.80
N GLN A 135 22.29 -17.94 2.10
CA GLN A 135 21.14 -17.59 2.94
C GLN A 135 20.90 -16.07 2.85
N VAL A 136 19.65 -15.66 2.65
CA VAL A 136 19.16 -14.29 2.64
C VAL A 136 18.69 -13.91 4.04
N ASN A 137 19.22 -12.80 4.57
CA ASN A 137 18.67 -12.14 5.74
C ASN A 137 17.44 -11.32 5.32
N TYR A 138 16.25 -11.94 5.32
CA TYR A 138 15.03 -11.27 4.84
C TYR A 138 14.59 -10.10 5.75
N GLU A 139 14.92 -10.16 7.05
CA GLU A 139 14.56 -9.12 8.02
C GLU A 139 15.21 -7.78 7.66
N GLU A 140 16.50 -7.78 7.30
CA GLU A 140 17.18 -6.61 6.77
C GLU A 140 16.69 -6.25 5.35
N PHE A 141 16.41 -7.25 4.50
CA PHE A 141 15.94 -7.01 3.14
C PHE A 141 14.59 -6.27 3.07
N VAL A 142 13.67 -6.52 4.01
CA VAL A 142 12.42 -5.73 4.15
C VAL A 142 12.74 -4.23 4.22
N GLN A 143 13.67 -3.82 5.08
CA GLN A 143 14.00 -2.41 5.31
C GLN A 143 14.78 -1.79 4.14
N MET A 144 15.53 -2.60 3.37
CA MET A 144 16.17 -2.14 2.12
C MET A 144 15.16 -2.01 0.95
N MET A 145 14.16 -2.88 0.89
CA MET A 145 13.15 -2.92 -0.19
C MET A 145 12.06 -1.84 -0.04
N THR A 146 11.69 -1.45 1.19
CA THR A 146 10.66 -0.41 1.44
C THR A 146 11.16 1.02 1.21
N ALA A 147 12.47 1.22 0.99
CA ALA A 147 13.09 2.48 0.58
C ALA A 147 12.87 2.81 -0.92
N LYS A 148 13.48 3.91 -1.38
CA LYS A 148 13.44 4.41 -2.78
C LYS A 148 14.63 5.32 -3.10
N GLY B 1 -10.37 -18.13 1.95
CA GLY B 1 -9.96 -17.40 0.72
C GLY B 1 -8.73 -18.03 0.06
N PRO B 2 -7.95 -17.24 -0.71
CA PRO B 2 -6.70 -17.65 -1.36
C PRO B 2 -5.65 -18.22 -0.40
N GLY B 3 -4.68 -18.96 -0.94
CA GLY B 3 -3.60 -19.60 -0.16
C GLY B 3 -2.59 -18.60 0.42
N SER B 4 -2.08 -18.88 1.62
CA SER B 4 -1.19 -17.97 2.36
C SER B 4 0.15 -17.80 1.63
N GLU B 5 0.69 -18.92 1.13
CA GLU B 5 1.87 -18.97 0.26
C GLU B 5 1.64 -18.21 -1.06
N GLU B 6 0.45 -18.33 -1.65
CA GLU B 6 0.10 -17.66 -2.91
C GLU B 6 0.04 -16.12 -2.74
N VAL B 7 -0.61 -15.61 -1.68
CA VAL B 7 -0.63 -14.16 -1.40
C VAL B 7 0.72 -13.64 -0.90
N SER B 8 1.51 -14.45 -0.20
CA SER B 8 2.87 -14.08 0.21
C SER B 8 3.80 -13.84 -0.99
N ALA B 9 3.74 -14.73 -1.99
CA ALA B 9 4.49 -14.58 -3.24
C ALA B 9 4.09 -13.33 -4.03
N MET B 10 2.82 -12.87 -3.91
CA MET B 10 2.37 -11.60 -4.49
C MET B 10 2.83 -10.39 -3.68
N VAL B 11 2.69 -10.41 -2.35
CA VAL B 11 3.01 -9.28 -1.46
C VAL B 11 4.51 -8.91 -1.52
N ILE B 12 5.40 -9.90 -1.62
CA ILE B 12 6.86 -9.64 -1.75
C ILE B 12 7.18 -8.94 -3.07
N GLN B 13 6.68 -9.42 -4.20
CA GLN B 13 6.99 -8.84 -5.51
C GLN B 13 6.23 -7.52 -5.76
N ARG B 14 5.06 -7.32 -5.14
CA ARG B 14 4.35 -6.03 -5.12
C ARG B 14 5.25 -4.93 -4.54
N ALA B 15 5.87 -5.17 -3.38
CA ALA B 15 6.78 -4.21 -2.74
C ALA B 15 8.03 -3.94 -3.59
N PHE B 16 8.58 -4.97 -4.24
CA PHE B 16 9.71 -4.82 -5.16
C PHE B 16 9.34 -3.99 -6.40
N ARG B 17 8.15 -4.19 -6.97
CA ARG B 17 7.65 -3.40 -8.10
C ARG B 17 7.30 -1.96 -7.70
N ARG B 18 6.80 -1.74 -6.48
CA ARG B 18 6.62 -0.42 -5.88
C ARG B 18 7.96 0.32 -5.75
N HIS B 19 8.98 -0.37 -5.25
CA HIS B 19 10.36 0.14 -5.15
C HIS B 19 10.95 0.51 -6.52
N LEU B 20 10.83 -0.37 -7.53
CA LEU B 20 11.27 -0.10 -8.90
C LEU B 20 10.58 1.13 -9.52
N LEU B 21 9.26 1.24 -9.37
CA LEU B 21 8.46 2.38 -9.84
C LEU B 21 8.88 3.69 -9.17
N GLN B 22 9.02 3.71 -7.85
CA GLN B 22 9.41 4.90 -7.09
C GLN B 22 10.90 5.28 -7.28
N ARG B 23 11.75 4.32 -7.67
CA ARG B 23 13.14 4.59 -8.07
C ARG B 23 13.23 5.19 -9.49
N SER B 24 12.44 4.69 -10.43
CA SER B 24 12.56 5.01 -11.87
C SER B 24 11.69 6.18 -12.33
N LEU B 25 10.56 6.45 -11.65
CA LEU B 25 9.55 7.48 -11.96
C LEU B 25 8.92 7.31 -13.37
N LYS B 26 9.04 6.12 -13.98
CA LYS B 26 8.74 5.85 -15.39
C LYS B 26 7.26 5.97 -15.82
N HIS B 27 6.34 6.12 -14.87
CA HIS B 27 4.93 6.44 -15.13
C HIS B 27 4.72 7.93 -15.52
N ALA B 28 5.62 8.84 -15.11
CA ALA B 28 5.60 10.25 -15.50
C ALA B 28 6.18 10.47 -16.91
N SER B 29 5.72 11.52 -17.59
CA SER B 29 6.19 11.90 -18.93
C SER B 29 7.55 12.65 -18.87
N PHE B 30 8.53 12.19 -19.67
CA PHE B 30 9.86 12.81 -19.76
C PHE B 30 10.00 13.78 -20.96
N LEU B 31 8.99 13.83 -21.85
CA LEU B 31 8.94 14.70 -23.04
C LEU B 31 8.67 16.18 -22.69
N ALA A 1 -1.72 10.54 7.54
CA ALA A 1 -3.02 9.89 7.27
C ALA A 1 -2.94 8.98 6.05
N ASP A 2 -3.88 8.03 5.92
CA ASP A 2 -3.95 7.03 4.83
C ASP A 2 -5.03 7.38 3.78
N GLN A 3 -5.87 8.38 4.08
CA GLN A 3 -7.14 8.70 3.43
C GLN A 3 -7.45 10.21 3.63
N LEU A 4 -8.66 10.65 3.26
CA LEU A 4 -9.15 12.03 3.47
C LEU A 4 -9.02 12.48 4.94
N THR A 5 -8.53 13.70 5.18
CA THR A 5 -8.27 14.23 6.53
C THR A 5 -9.46 15.00 7.09
N GLU A 6 -9.48 15.22 8.42
CA GLU A 6 -10.52 16.01 9.10
C GLU A 6 -10.53 17.48 8.62
N GLU A 7 -9.36 18.07 8.34
CA GLU A 7 -9.26 19.45 7.83
C GLU A 7 -9.68 19.58 6.35
N GLN A 8 -9.56 18.52 5.55
CA GLN A 8 -10.17 18.45 4.22
C GLN A 8 -11.69 18.34 4.34
N ILE A 9 -12.20 17.42 5.18
CA ILE A 9 -13.64 17.22 5.41
C ILE A 9 -14.31 18.52 5.92
N ALA A 10 -13.65 19.26 6.81
CA ALA A 10 -14.16 20.54 7.33
C ALA A 10 -14.26 21.65 6.26
N GLU A 11 -13.46 21.60 5.20
CA GLU A 11 -13.52 22.52 4.06
C GLU A 11 -14.61 22.07 3.06
N PHE A 12 -14.67 20.78 2.73
CA PHE A 12 -15.65 20.23 1.80
C PHE A 12 -17.09 20.32 2.35
N LYS A 13 -17.27 20.30 3.69
CA LYS A 13 -18.55 20.57 4.35
C LYS A 13 -19.17 21.92 3.93
N GLU A 14 -18.34 22.95 3.75
CA GLU A 14 -18.77 24.31 3.39
C GLU A 14 -19.06 24.45 1.89
N ALA A 15 -18.41 23.64 1.04
CA ALA A 15 -18.73 23.56 -0.39
C ALA A 15 -20.03 22.76 -0.64
N PHE A 16 -20.27 21.70 0.15
CA PHE A 16 -21.45 20.86 0.06
C PHE A 16 -22.73 21.56 0.56
N SER A 17 -22.65 22.37 1.61
CA SER A 17 -23.83 23.00 2.24
C SER A 17 -24.52 24.06 1.36
N LEU A 18 -23.78 24.71 0.43
CA LEU A 18 -24.36 25.69 -0.51
C LEU A 18 -25.24 25.04 -1.59
N PHE A 19 -25.06 23.75 -1.86
CA PHE A 19 -25.87 22.93 -2.76
C PHE A 19 -26.95 22.11 -2.04
N ASP A 20 -26.89 22.01 -0.70
CA ASP A 20 -27.94 21.49 0.17
C ASP A 20 -29.04 22.54 0.40
N LYS A 21 -29.66 23.01 -0.71
CA LYS A 21 -30.65 24.09 -0.72
C LYS A 21 -32.00 23.69 -0.11
N ASP A 22 -32.29 22.38 -0.06
CA ASP A 22 -33.49 21.80 0.58
C ASP A 22 -33.33 21.64 2.11
N GLY A 23 -32.09 21.63 2.62
CA GLY A 23 -31.77 21.59 4.06
C GLY A 23 -31.79 20.19 4.69
N ASP A 24 -31.94 19.13 3.89
CA ASP A 24 -32.06 17.73 4.34
C ASP A 24 -30.70 17.06 4.61
N GLY A 25 -29.58 17.67 4.19
CA GLY A 25 -28.22 17.13 4.33
C GLY A 25 -27.72 16.37 3.10
N THR A 26 -28.35 16.58 1.94
CA THR A 26 -28.05 15.93 0.65
C THR A 26 -27.85 16.96 -0.45
N ILE A 27 -27.11 16.57 -1.49
CA ILE A 27 -27.09 17.26 -2.80
C ILE A 27 -27.69 16.34 -3.87
N THR A 28 -28.12 16.89 -5.01
CA THR A 28 -28.57 16.10 -6.17
C THR A 28 -27.38 15.56 -6.96
N THR A 29 -27.66 14.52 -7.73
CA THR A 29 -26.68 13.91 -8.65
C THR A 29 -26.21 14.88 -9.73
N LYS A 30 -27.03 15.85 -10.14
CA LYS A 30 -26.62 16.91 -11.07
C LYS A 30 -25.71 17.97 -10.41
N GLU A 31 -25.88 18.26 -9.11
CA GLU A 31 -25.01 19.18 -8.35
C GLU A 31 -23.69 18.53 -7.90
N LEU A 32 -23.56 17.20 -7.97
CA LEU A 32 -22.29 16.48 -7.73
C LEU A 32 -21.18 17.02 -8.66
N GLY A 33 -21.47 17.14 -9.96
CA GLY A 33 -20.55 17.73 -10.94
C GLY A 33 -20.27 19.22 -10.69
N THR A 34 -21.19 19.95 -10.05
CA THR A 34 -21.05 21.36 -9.70
C THR A 34 -20.18 21.55 -8.47
N VAL A 35 -20.34 20.74 -7.42
CA VAL A 35 -19.44 20.76 -6.25
C VAL A 35 -18.03 20.25 -6.59
N MET A 36 -17.89 19.30 -7.53
CA MET A 36 -16.58 18.91 -8.08
C MET A 36 -15.87 20.09 -8.76
N ARG A 37 -16.56 20.81 -9.64
CA ARG A 37 -16.05 22.03 -10.29
C ARG A 37 -15.77 23.16 -9.29
N SER A 38 -16.56 23.30 -8.23
CA SER A 38 -16.33 24.28 -7.14
C SER A 38 -15.09 23.96 -6.29
N LEU A 39 -14.72 22.69 -6.19
CA LEU A 39 -13.45 22.21 -5.60
C LEU A 39 -12.30 22.12 -6.62
N GLY A 40 -12.51 22.55 -7.87
CA GLY A 40 -11.48 22.66 -8.91
C GLY A 40 -11.22 21.38 -9.71
N GLN A 41 -12.03 20.33 -9.54
CA GLN A 41 -11.90 19.05 -10.26
C GLN A 41 -12.76 19.03 -11.54
N ASN A 42 -12.22 18.45 -12.61
CA ASN A 42 -12.79 18.46 -13.96
C ASN A 42 -12.80 17.06 -14.63
N PRO A 43 -13.57 16.08 -14.08
CA PRO A 43 -13.74 14.77 -14.70
C PRO A 43 -14.53 14.86 -16.01
N THR A 44 -14.45 13.82 -16.85
CA THR A 44 -15.33 13.67 -18.02
C THR A 44 -16.76 13.37 -17.59
N GLU A 45 -17.73 13.49 -18.49
CA GLU A 45 -19.11 13.08 -18.25
C GLU A 45 -19.21 11.59 -17.88
N ALA A 46 -18.38 10.73 -18.49
CA ALA A 46 -18.31 9.31 -18.19
C ALA A 46 -17.70 9.03 -16.81
N GLU A 47 -16.61 9.69 -16.45
CA GLU A 47 -16.00 9.57 -15.12
C GLU A 47 -16.93 10.11 -14.02
N LEU A 48 -17.60 11.24 -14.29
CA LEU A 48 -18.57 11.85 -13.37
C LEU A 48 -19.76 10.91 -13.14
N GLN A 49 -20.35 10.38 -14.21
CA GLN A 49 -21.45 9.42 -14.15
C GLN A 49 -21.06 8.15 -13.37
N ASP A 50 -19.85 7.61 -13.59
CA ASP A 50 -19.37 6.40 -12.90
C ASP A 50 -19.15 6.62 -11.39
N MET A 51 -18.69 7.80 -10.95
CA MET A 51 -18.57 8.14 -9.53
C MET A 51 -19.95 8.21 -8.85
N ILE A 52 -20.96 8.71 -9.56
CA ILE A 52 -22.35 8.73 -9.09
C ILE A 52 -22.87 7.30 -8.96
N ASN A 53 -22.69 6.46 -9.99
CA ASN A 53 -23.10 5.03 -9.95
C ASN A 53 -22.47 4.25 -8.78
N GLU A 54 -21.26 4.63 -8.35
CA GLU A 54 -20.57 4.04 -7.20
C GLU A 54 -21.13 4.48 -5.83
N VAL A 55 -21.99 5.50 -5.74
CA VAL A 55 -22.58 5.96 -4.46
C VAL A 55 -24.12 5.99 -4.44
N ASP A 56 -24.79 6.10 -5.59
CA ASP A 56 -26.26 6.09 -5.73
C ASP A 56 -26.68 5.03 -6.76
N ALA A 57 -26.24 3.80 -6.53
CA ALA A 57 -26.47 2.63 -7.39
C ALA A 57 -27.96 2.27 -7.54
N ASP A 58 -28.79 2.60 -6.54
CA ASP A 58 -30.25 2.39 -6.53
C ASP A 58 -31.04 3.51 -7.26
N GLY A 59 -30.39 4.63 -7.61
CA GLY A 59 -30.95 5.70 -8.45
C GLY A 59 -31.93 6.62 -7.71
N ASN A 60 -31.63 6.98 -6.46
CA ASN A 60 -32.47 7.89 -5.66
C ASN A 60 -32.49 9.34 -6.18
N GLY A 61 -31.43 9.76 -6.90
CA GLY A 61 -31.25 11.12 -7.44
C GLY A 61 -30.55 12.08 -6.47
N THR A 62 -30.07 11.60 -5.32
CA THR A 62 -29.46 12.38 -4.24
C THR A 62 -28.28 11.64 -3.61
N ILE A 63 -27.32 12.41 -3.09
CA ILE A 63 -26.10 11.95 -2.43
C ILE A 63 -25.96 12.67 -1.07
N ASP A 64 -25.76 11.90 0.00
CA ASP A 64 -25.52 12.42 1.36
C ASP A 64 -24.01 12.66 1.59
N PHE A 65 -23.67 13.51 2.56
CA PHE A 65 -22.31 13.96 2.81
C PHE A 65 -21.23 12.84 2.93
N PRO A 66 -21.40 11.75 3.69
CA PRO A 66 -20.36 10.72 3.81
C PRO A 66 -20.17 9.90 2.51
N GLU A 67 -21.20 9.76 1.66
CA GLU A 67 -21.07 9.14 0.34
C GLU A 67 -20.26 10.04 -0.62
N PHE A 68 -20.54 11.35 -0.61
CA PHE A 68 -19.74 12.35 -1.34
C PHE A 68 -18.27 12.36 -0.87
N LEU A 69 -18.01 12.19 0.43
CA LEU A 69 -16.64 12.06 0.96
C LEU A 69 -15.97 10.72 0.62
N THR A 70 -16.74 9.64 0.40
CA THR A 70 -16.18 8.32 0.02
C THR A 70 -15.49 8.39 -1.33
N MET A 71 -16.14 8.98 -2.34
CA MET A 71 -15.54 9.16 -3.67
C MET A 71 -14.35 10.13 -3.67
N MET A 72 -14.23 11.00 -2.65
CA MET A 72 -13.06 11.87 -2.45
C MET A 72 -11.89 11.13 -1.75
N ALA A 73 -12.17 10.30 -0.75
CA ALA A 73 -11.16 9.49 -0.04
C ALA A 73 -10.46 8.48 -0.97
N ARG A 74 -11.24 7.80 -1.82
CA ARG A 74 -10.76 6.83 -2.83
C ARG A 74 -9.67 7.40 -3.76
N LYS A 75 -9.70 8.70 -4.05
CA LYS A 75 -8.71 9.38 -4.93
C LYS A 75 -7.33 9.54 -4.29
N MET A 76 -7.21 9.45 -2.95
CA MET A 76 -6.00 9.77 -2.17
C MET A 76 -5.39 8.58 -1.43
N LYS A 77 -6.07 7.43 -1.36
CA LYS A 77 -5.57 6.22 -0.71
C LYS A 77 -4.47 5.51 -1.53
N ASP A 78 -3.29 5.31 -0.94
CA ASP A 78 -2.08 4.78 -1.61
C ASP A 78 -1.06 4.17 -0.62
N THR A 79 -1.54 3.71 0.54
CA THR A 79 -0.71 3.30 1.69
C THR A 79 -0.02 1.95 1.51
N ASP A 80 0.76 1.55 2.52
CA ASP A 80 1.65 0.38 2.59
C ASP A 80 2.17 0.18 4.03
N SER A 81 2.80 -0.97 4.30
CA SER A 81 3.40 -1.29 5.61
C SER A 81 4.50 -2.35 5.50
N GLU A 82 5.61 -2.19 6.23
CA GLU A 82 6.65 -3.20 6.34
C GLU A 82 6.16 -4.48 7.03
N GLU A 83 5.27 -4.35 8.02
CA GLU A 83 4.76 -5.49 8.80
C GLU A 83 3.91 -6.44 7.92
N GLU A 84 3.28 -5.91 6.87
CA GLU A 84 2.52 -6.68 5.89
C GLU A 84 3.44 -7.56 5.04
N ILE A 85 4.62 -7.03 4.66
CA ILE A 85 5.61 -7.72 3.82
C ILE A 85 6.40 -8.75 4.66
N ARG A 86 6.71 -8.45 5.92
CA ARG A 86 7.46 -9.33 6.82
C ARG A 86 6.75 -10.67 7.08
N GLU A 87 5.43 -10.67 7.25
CA GLU A 87 4.66 -11.90 7.47
C GLU A 87 4.72 -12.84 6.26
N ALA A 88 4.77 -12.31 5.03
CA ALA A 88 4.89 -13.11 3.82
C ALA A 88 6.22 -13.87 3.75
N PHE A 89 7.34 -13.26 4.18
CA PHE A 89 8.61 -13.97 4.37
C PHE A 89 8.58 -14.94 5.55
N ARG A 90 7.88 -14.60 6.64
CA ARG A 90 7.71 -15.44 7.82
C ARG A 90 6.94 -16.74 7.48
N VAL A 91 5.98 -16.68 6.56
CA VAL A 91 5.29 -17.85 5.96
C VAL A 91 6.28 -18.76 5.20
N PHE A 92 7.25 -18.19 4.47
CA PHE A 92 8.23 -18.95 3.67
C PHE A 92 9.40 -19.53 4.48
N ASP A 93 9.72 -18.99 5.65
CA ASP A 93 10.65 -19.62 6.61
C ASP A 93 9.99 -20.86 7.26
N LYS A 94 10.53 -22.04 6.95
CA LYS A 94 9.99 -23.33 7.38
C LYS A 94 10.42 -23.76 8.80
N ASP A 95 11.36 -23.07 9.44
CA ASP A 95 11.92 -23.40 10.76
C ASP A 95 11.70 -22.30 11.82
N GLY A 96 11.54 -21.04 11.39
CA GLY A 96 11.45 -19.85 12.24
C GLY A 96 12.82 -19.27 12.63
N ASN A 97 13.87 -19.61 11.86
CA ASN A 97 15.26 -19.21 12.12
C ASN A 97 15.55 -17.72 11.84
N GLY A 98 14.69 -17.03 11.08
CA GLY A 98 14.87 -15.64 10.62
C GLY A 98 15.56 -15.53 9.26
N TYR A 99 15.67 -16.63 8.53
CA TYR A 99 16.37 -16.73 7.24
C TYR A 99 15.63 -17.62 6.23
N ILE A 100 15.85 -17.35 4.94
CA ILE A 100 15.53 -18.23 3.80
C ILE A 100 16.80 -18.46 2.97
N SER A 101 16.84 -19.45 2.08
CA SER A 101 17.94 -19.57 1.10
C SER A 101 17.66 -18.71 -0.15
N ALA A 102 18.72 -18.28 -0.85
CA ALA A 102 18.62 -17.61 -2.15
C ALA A 102 17.98 -18.51 -3.22
N ALA A 103 18.16 -19.84 -3.11
CA ALA A 103 17.50 -20.83 -3.95
C ALA A 103 15.99 -20.91 -3.70
N GLU A 104 15.56 -20.91 -2.43
CA GLU A 104 14.14 -20.81 -2.05
C GLU A 104 13.54 -19.50 -2.59
N LEU A 105 14.19 -18.36 -2.36
CA LEU A 105 13.73 -17.04 -2.84
C LEU A 105 13.59 -17.02 -4.37
N ARG A 106 14.57 -17.60 -5.10
CA ARG A 106 14.54 -17.72 -6.57
C ARG A 106 13.42 -18.64 -7.08
N HIS A 107 13.00 -19.64 -6.31
CA HIS A 107 11.88 -20.53 -6.68
C HIS A 107 10.51 -19.97 -6.22
N VAL A 108 10.36 -19.61 -4.94
CA VAL A 108 9.08 -19.25 -4.32
C VAL A 108 8.46 -17.97 -4.89
N MET A 109 9.26 -17.10 -5.52
CA MET A 109 8.78 -15.89 -6.22
C MET A 109 8.45 -16.13 -7.69
N THR A 110 8.94 -17.20 -8.32
CA THR A 110 8.81 -17.45 -9.77
C THR A 110 7.80 -18.56 -10.11
N ASN A 111 7.49 -19.45 -9.16
CA ASN A 111 6.48 -20.52 -9.35
C ASN A 111 5.08 -20.20 -8.77
N LEU A 112 4.94 -19.12 -7.99
CA LEU A 112 3.71 -18.71 -7.28
C LEU A 112 3.28 -17.28 -7.64
N GLY A 113 2.01 -16.97 -7.40
CA GLY A 113 1.45 -15.61 -7.40
C GLY A 113 1.40 -14.97 -8.80
N GLU A 114 1.73 -13.69 -8.86
CA GLU A 114 1.93 -12.92 -10.09
C GLU A 114 3.41 -13.05 -10.49
N LYS A 115 3.77 -14.26 -10.96
CA LYS A 115 5.13 -14.80 -11.08
C LYS A 115 6.21 -13.77 -11.46
N LEU A 116 7.27 -13.68 -10.66
CA LEU A 116 8.37 -12.73 -10.81
C LEU A 116 9.21 -13.06 -12.07
N THR A 117 9.53 -12.05 -12.89
CA THR A 117 10.25 -12.21 -14.16
C THR A 117 11.74 -12.44 -13.91
N ASP A 118 12.44 -13.02 -14.89
CA ASP A 118 13.89 -13.26 -14.86
C ASP A 118 14.71 -12.00 -14.50
N GLU A 119 14.37 -10.86 -15.12
CA GLU A 119 15.02 -9.57 -14.86
C GLU A 119 14.67 -8.98 -13.47
N GLU A 120 13.49 -9.33 -12.94
CA GLU A 120 13.03 -8.90 -11.62
C GLU A 120 13.67 -9.75 -10.50
N VAL A 121 13.67 -11.09 -10.63
CA VAL A 121 14.25 -11.99 -9.61
C VAL A 121 15.77 -11.86 -9.52
N ASP A 122 16.46 -11.59 -10.63
CA ASP A 122 17.89 -11.31 -10.64
C ASP A 122 18.24 -10.03 -9.87
N GLU A 123 17.44 -8.96 -10.03
CA GLU A 123 17.63 -7.70 -9.31
C GLU A 123 17.21 -7.82 -7.83
N MET A 124 16.11 -8.52 -7.52
CA MET A 124 15.69 -8.82 -6.14
C MET A 124 16.82 -9.47 -5.35
N ILE A 125 17.48 -10.48 -5.92
CA ILE A 125 18.56 -11.22 -5.24
C ILE A 125 19.88 -10.45 -5.27
N ARG A 126 20.20 -9.70 -6.34
CA ARG A 126 21.34 -8.78 -6.35
C ARG A 126 21.26 -7.77 -5.20
N GLU A 127 20.06 -7.30 -4.86
CA GLU A 127 19.81 -6.39 -3.74
C GLU A 127 19.72 -7.10 -2.36
N ALA A 128 19.68 -8.44 -2.30
CA ALA A 128 19.67 -9.20 -1.04
C ALA A 128 21.05 -9.80 -0.69
N ASP A 129 21.72 -10.45 -1.65
CA ASP A 129 22.95 -11.21 -1.47
C ASP A 129 24.21 -10.34 -1.21
N ILE A 130 24.09 -9.03 -1.38
CA ILE A 130 25.09 -8.02 -0.94
C ILE A 130 25.19 -7.89 0.59
N ASP A 131 24.19 -8.35 1.35
CA ASP A 131 24.23 -8.48 2.82
C ASP A 131 24.06 -9.94 3.31
N GLY A 132 23.37 -10.79 2.52
CA GLY A 132 23.29 -12.23 2.76
C GLY A 132 24.56 -12.98 2.35
N ASP A 133 24.50 -14.32 2.40
CA ASP A 133 25.61 -15.23 2.09
C ASP A 133 25.07 -16.65 1.79
N GLY A 134 24.28 -16.76 0.71
CA GLY A 134 23.52 -17.97 0.34
C GLY A 134 22.24 -18.13 1.17
N GLN A 135 22.33 -17.86 2.47
CA GLN A 135 21.18 -17.56 3.33
C GLN A 135 20.89 -16.05 3.26
N VAL A 136 19.60 -15.70 3.23
CA VAL A 136 19.08 -14.32 3.10
C VAL A 136 18.37 -13.94 4.39
N ASN A 137 18.85 -12.86 5.01
CA ASN A 137 18.18 -12.17 6.12
C ASN A 137 17.11 -11.21 5.57
N TYR A 138 15.96 -11.77 5.18
CA TYR A 138 14.85 -11.07 4.52
C TYR A 138 14.35 -9.81 5.28
N GLU A 139 14.51 -9.77 6.60
CA GLU A 139 14.14 -8.64 7.44
C GLU A 139 14.85 -7.34 7.00
N GLU A 140 16.14 -7.44 6.63
CA GLU A 140 16.92 -6.33 6.11
C GLU A 140 16.51 -5.99 4.67
N PHE A 141 16.17 -6.99 3.84
CA PHE A 141 15.70 -6.75 2.47
C PHE A 141 14.37 -5.97 2.44
N VAL A 142 13.44 -6.25 3.34
CA VAL A 142 12.20 -5.45 3.48
C VAL A 142 12.52 -3.99 3.86
N GLN A 143 13.49 -3.75 4.74
CA GLN A 143 13.93 -2.39 5.07
C GLN A 143 14.55 -1.70 3.84
N MET A 144 15.42 -2.39 3.09
CA MET A 144 16.05 -1.84 1.87
C MET A 144 15.06 -1.55 0.73
N MET A 145 13.90 -2.23 0.68
CA MET A 145 12.82 -1.90 -0.27
C MET A 145 12.08 -0.60 0.08
N THR A 146 11.86 -0.31 1.37
CA THR A 146 10.92 0.75 1.82
C THR A 146 11.61 2.00 2.37
N ALA A 147 12.78 1.88 3.01
CA ALA A 147 13.50 3.01 3.60
C ALA A 147 14.21 3.87 2.53
N LYS A 148 14.30 5.19 2.77
CA LYS A 148 14.77 6.21 1.81
C LYS A 148 15.60 7.30 2.51
N GLY B 1 -10.44 -20.20 -3.36
CA GLY B 1 -9.59 -18.99 -3.34
C GLY B 1 -8.10 -19.33 -3.36
N PRO B 2 -7.22 -18.30 -3.31
CA PRO B 2 -5.76 -18.46 -3.36
C PRO B 2 -5.19 -19.02 -2.05
N GLY B 3 -3.99 -19.59 -2.12
CA GLY B 3 -3.26 -20.16 -0.98
C GLY B 3 -2.52 -19.12 -0.14
N SER B 4 -2.12 -19.50 1.08
CA SER B 4 -1.35 -18.65 2.02
C SER B 4 -0.01 -18.22 1.42
N GLU B 5 0.77 -19.21 0.97
CA GLU B 5 2.01 -19.06 0.26
C GLU B 5 1.85 -18.30 -1.07
N GLU B 6 0.69 -18.45 -1.75
CA GLU B 6 0.40 -17.75 -3.00
C GLU B 6 0.11 -16.25 -2.77
N VAL B 7 -0.70 -15.88 -1.77
CA VAL B 7 -0.89 -14.47 -1.41
C VAL B 7 0.38 -13.85 -0.81
N SER B 8 1.21 -14.63 -0.09
CA SER B 8 2.52 -14.19 0.38
C SER B 8 3.46 -13.84 -0.79
N ALA B 9 3.50 -14.66 -1.85
CA ALA B 9 4.24 -14.33 -3.07
C ALA B 9 3.72 -13.04 -3.70
N MET B 10 2.40 -12.89 -3.85
CA MET B 10 1.78 -11.68 -4.42
C MET B 10 2.07 -10.41 -3.61
N VAL B 11 2.09 -10.48 -2.27
CA VAL B 11 2.45 -9.34 -1.41
C VAL B 11 3.89 -8.88 -1.67
N ILE B 12 4.86 -9.82 -1.74
CA ILE B 12 6.28 -9.46 -1.93
C ILE B 12 6.56 -9.04 -3.38
N GLN B 13 5.94 -9.68 -4.37
CA GLN B 13 6.02 -9.29 -5.79
C GLN B 13 5.51 -7.86 -5.99
N ARG B 14 4.34 -7.52 -5.44
CA ARG B 14 3.75 -6.18 -5.55
C ARG B 14 4.55 -5.12 -4.80
N ALA B 15 5.10 -5.44 -3.61
CA ALA B 15 5.99 -4.55 -2.86
C ALA B 15 7.29 -4.23 -3.64
N PHE B 16 7.93 -5.25 -4.20
CA PHE B 16 9.11 -5.09 -5.05
C PHE B 16 8.79 -4.30 -6.33
N ARG B 17 7.64 -4.53 -6.98
CA ARG B 17 7.23 -3.77 -8.16
C ARG B 17 6.93 -2.29 -7.85
N ARG B 18 6.32 -1.98 -6.70
CA ARG B 18 6.17 -0.59 -6.21
C ARG B 18 7.52 0.06 -5.90
N HIS B 19 8.49 -0.70 -5.39
CA HIS B 19 9.88 -0.24 -5.22
C HIS B 19 10.59 0.03 -6.56
N LEU B 20 10.45 -0.84 -7.57
CA LEU B 20 11.13 -0.70 -8.87
C LEU B 20 10.79 0.60 -9.59
N LEU B 21 9.54 1.08 -9.46
CA LEU B 21 9.10 2.38 -9.98
C LEU B 21 9.88 3.57 -9.41
N GLN B 22 10.46 3.43 -8.22
CA GLN B 22 11.25 4.49 -7.55
C GLN B 22 12.69 4.56 -8.07
N ARG B 23 13.23 3.47 -8.65
CA ARG B 23 14.54 3.44 -9.33
C ARG B 23 14.45 3.62 -10.86
N SER B 24 13.33 3.28 -11.50
CA SER B 24 13.13 3.47 -12.94
C SER B 24 12.53 4.84 -13.33
N LEU B 25 11.73 5.45 -12.44
CA LEU B 25 11.04 6.74 -12.63
C LEU B 25 10.15 6.74 -13.90
N LYS B 26 9.55 5.59 -14.24
CA LYS B 26 8.76 5.40 -15.47
C LYS B 26 7.63 6.44 -15.62
N HIS B 27 7.45 6.99 -16.84
CA HIS B 27 6.52 8.08 -17.13
C HIS B 27 5.05 7.75 -16.81
N ALA B 28 4.67 6.46 -16.84
CA ALA B 28 3.35 5.97 -16.46
C ALA B 28 2.96 6.26 -14.99
N SER B 29 3.93 6.58 -14.12
CA SER B 29 3.68 7.03 -12.73
C SER B 29 3.26 8.51 -12.63
N PHE B 30 3.39 9.29 -13.71
CA PHE B 30 3.23 10.75 -13.73
C PHE B 30 2.25 11.25 -14.82
N LEU B 31 2.12 10.52 -15.93
CA LEU B 31 1.22 10.81 -17.06
C LEU B 31 -0.28 10.80 -16.67
N ALA A 1 3.57 5.67 9.01
CA ALA A 1 3.17 7.11 9.00
C ALA A 1 3.79 7.85 7.79
N ASP A 2 3.16 8.96 7.39
CA ASP A 2 3.56 9.85 6.28
C ASP A 2 2.90 11.23 6.49
N GLN A 3 1.56 11.24 6.55
CA GLN A 3 0.68 12.27 7.14
C GLN A 3 0.54 13.55 6.30
N LEU A 4 -0.45 14.39 6.64
CA LEU A 4 -0.61 15.74 6.05
C LEU A 4 0.44 16.75 6.58
N THR A 5 0.69 17.80 5.77
CA THR A 5 1.50 18.99 6.12
C THR A 5 0.58 20.18 6.40
N GLU A 6 1.12 21.21 7.06
CA GLU A 6 0.34 22.40 7.47
C GLU A 6 -0.29 23.14 6.27
N GLU A 7 0.40 23.18 5.12
CA GLU A 7 -0.12 23.79 3.88
C GLU A 7 -1.23 22.97 3.21
N GLN A 8 -1.27 21.64 3.41
CA GLN A 8 -2.38 20.79 2.98
C GLN A 8 -3.55 20.91 3.95
N ILE A 9 -3.29 20.92 5.26
CA ILE A 9 -4.30 21.15 6.31
C ILE A 9 -5.04 22.47 6.09
N ALA A 10 -4.34 23.55 5.74
CA ALA A 10 -4.92 24.86 5.46
C ALA A 10 -5.90 24.85 4.25
N GLU A 11 -5.66 23.99 3.26
CA GLU A 11 -6.52 23.84 2.09
C GLU A 11 -7.79 23.02 2.44
N PHE A 12 -7.65 21.96 3.23
CA PHE A 12 -8.78 21.17 3.72
C PHE A 12 -9.65 21.95 4.74
N LYS A 13 -9.05 22.86 5.51
CA LYS A 13 -9.77 23.79 6.41
C LYS A 13 -10.77 24.68 5.66
N GLU A 14 -10.40 25.16 4.46
CA GLU A 14 -11.26 26.01 3.64
C GLU A 14 -12.54 25.27 3.20
N ALA A 15 -12.42 23.99 2.82
CA ALA A 15 -13.58 23.16 2.47
C ALA A 15 -14.42 22.73 3.69
N PHE A 16 -13.77 22.33 4.78
CA PHE A 16 -14.43 21.91 6.03
C PHE A 16 -15.23 23.07 6.66
N SER A 17 -14.69 24.28 6.63
CA SER A 17 -15.30 25.48 7.24
C SER A 17 -16.59 25.95 6.56
N LEU A 18 -16.90 25.52 5.32
CA LEU A 18 -18.17 25.83 4.65
C LEU A 18 -19.33 24.97 5.19
N PHE A 19 -19.03 23.74 5.64
CA PHE A 19 -20.00 22.81 6.27
C PHE A 19 -20.13 23.01 7.78
N ASP A 20 -19.13 23.63 8.43
CA ASP A 20 -19.21 24.12 9.81
C ASP A 20 -20.07 25.40 9.90
N LYS A 21 -21.39 25.23 9.74
CA LYS A 21 -22.40 26.29 9.67
C LYS A 21 -22.53 27.12 10.96
N ASP A 22 -22.19 26.52 12.11
CA ASP A 22 -22.23 27.13 13.44
C ASP A 22 -20.93 27.85 13.84
N GLY A 23 -19.82 27.59 13.13
CA GLY A 23 -18.49 28.13 13.46
C GLY A 23 -17.84 27.48 14.68
N ASP A 24 -18.25 26.25 15.02
CA ASP A 24 -17.90 25.55 16.26
C ASP A 24 -16.77 24.50 16.09
N GLY A 25 -16.31 24.29 14.86
CA GLY A 25 -15.21 23.37 14.52
C GLY A 25 -15.65 21.95 14.15
N THR A 26 -16.95 21.73 13.89
CA THR A 26 -17.55 20.42 13.63
C THR A 26 -18.43 20.40 12.38
N ILE A 27 -18.52 19.24 11.74
CA ILE A 27 -19.51 18.89 10.71
C ILE A 27 -20.33 17.66 11.15
N THR A 28 -21.45 17.36 10.49
CA THR A 28 -22.14 16.07 10.69
C THR A 28 -21.44 14.92 9.99
N THR A 29 -21.79 13.70 10.39
CA THR A 29 -21.44 12.46 9.68
C THR A 29 -22.02 12.44 8.27
N LYS A 30 -23.21 13.00 8.06
CA LYS A 30 -23.84 13.16 6.75
C LYS A 30 -23.02 14.06 5.80
N GLU A 31 -22.47 15.17 6.32
CA GLU A 31 -21.66 16.13 5.55
C GLU A 31 -20.25 15.61 5.21
N LEU A 32 -19.77 14.55 5.86
CA LEU A 32 -18.47 13.92 5.58
C LEU A 32 -18.39 13.51 4.10
N GLY A 33 -19.41 12.80 3.60
CA GLY A 33 -19.49 12.37 2.20
C GLY A 33 -19.69 13.53 1.21
N THR A 34 -20.11 14.70 1.70
CA THR A 34 -20.27 15.94 0.92
C THR A 34 -18.95 16.72 0.87
N VAL A 35 -18.21 16.86 1.97
CA VAL A 35 -16.89 17.52 1.95
C VAL A 35 -15.83 16.71 1.20
N MET A 36 -15.92 15.37 1.19
CA MET A 36 -15.12 14.51 0.30
C MET A 36 -15.36 14.88 -1.18
N ARG A 37 -16.62 15.06 -1.57
CA ARG A 37 -17.01 15.43 -2.94
C ARG A 37 -16.74 16.90 -3.28
N SER A 38 -16.74 17.79 -2.28
CA SER A 38 -16.28 19.18 -2.42
C SER A 38 -14.75 19.25 -2.71
N LEU A 39 -13.99 18.28 -2.18
CA LEU A 39 -12.57 18.05 -2.47
C LEU A 39 -12.31 17.18 -3.71
N GLY A 40 -13.38 16.70 -4.36
CA GLY A 40 -13.34 16.05 -5.68
C GLY A 40 -13.23 14.52 -5.66
N GLN A 41 -13.30 13.86 -4.50
CA GLN A 41 -13.26 12.39 -4.40
C GLN A 41 -14.65 11.82 -4.03
N ASN A 42 -15.05 10.74 -4.71
CA ASN A 42 -16.37 10.11 -4.58
C ASN A 42 -16.24 8.69 -3.99
N PRO A 43 -16.20 8.53 -2.65
CA PRO A 43 -16.18 7.21 -2.00
C PRO A 43 -17.54 6.53 -2.15
N THR A 44 -17.54 5.20 -2.26
CA THR A 44 -18.75 4.37 -2.24
C THR A 44 -19.39 4.38 -0.86
N GLU A 45 -20.66 4.00 -0.74
CA GLU A 45 -21.36 3.94 0.55
C GLU A 45 -20.62 3.09 1.59
N ALA A 46 -20.02 1.96 1.17
CA ALA A 46 -19.22 1.09 2.04
C ALA A 46 -17.89 1.73 2.49
N GLU A 47 -17.12 2.33 1.58
CA GLU A 47 -15.85 3.00 1.90
C GLU A 47 -16.09 4.30 2.71
N LEU A 48 -17.21 4.98 2.47
CA LEU A 48 -17.65 6.17 3.23
C LEU A 48 -18.05 5.79 4.66
N GLN A 49 -18.87 4.74 4.84
CA GLN A 49 -19.27 4.26 6.15
C GLN A 49 -18.06 3.75 6.95
N ASP A 50 -17.09 3.09 6.29
CA ASP A 50 -15.83 2.63 6.90
C ASP A 50 -14.97 3.78 7.46
N MET A 51 -15.01 4.98 6.86
CA MET A 51 -14.36 6.18 7.41
C MET A 51 -15.19 6.80 8.54
N ILE A 52 -16.50 6.95 8.36
CA ILE A 52 -17.40 7.59 9.33
C ILE A 52 -17.42 6.82 10.66
N ASN A 53 -17.70 5.52 10.67
CA ASN A 53 -17.92 4.77 11.92
C ASN A 53 -16.66 4.68 12.80
N GLU A 54 -15.46 4.88 12.22
CA GLU A 54 -14.18 4.96 12.92
C GLU A 54 -13.98 6.30 13.64
N VAL A 55 -14.57 7.40 13.17
CA VAL A 55 -14.46 8.73 13.82
C VAL A 55 -15.69 9.11 14.66
N ASP A 56 -16.87 8.59 14.32
CA ASP A 56 -18.10 8.70 15.12
C ASP A 56 -18.26 7.53 16.12
N ALA A 57 -17.14 6.93 16.54
CA ALA A 57 -17.11 5.82 17.50
C ALA A 57 -17.68 6.19 18.89
N ASP A 58 -17.69 7.48 19.25
CA ASP A 58 -18.32 8.03 20.46
C ASP A 58 -19.85 8.25 20.33
N GLY A 59 -20.41 8.17 19.12
CA GLY A 59 -21.85 8.18 18.84
C GLY A 59 -22.51 9.56 18.80
N ASN A 60 -21.74 10.65 18.74
CA ASN A 60 -22.25 12.02 18.79
C ASN A 60 -23.03 12.47 17.53
N GLY A 61 -22.79 11.83 16.37
CA GLY A 61 -23.37 12.21 15.06
C GLY A 61 -22.58 13.32 14.35
N THR A 62 -21.40 13.69 14.87
CA THR A 62 -20.56 14.80 14.42
C THR A 62 -19.09 14.42 14.39
N ILE A 63 -18.32 15.16 13.58
CA ILE A 63 -16.89 14.97 13.33
C ILE A 63 -16.19 16.31 13.52
N ASP A 64 -15.11 16.35 14.31
CA ASP A 64 -14.29 17.55 14.55
C ASP A 64 -13.12 17.59 13.56
N PHE A 65 -12.57 18.78 13.30
CA PHE A 65 -11.56 19.01 12.27
C PHE A 65 -10.34 18.05 12.28
N PRO A 66 -9.67 17.75 13.42
CA PRO A 66 -8.53 16.84 13.42
C PRO A 66 -8.92 15.38 13.19
N GLU A 67 -10.16 14.97 13.48
CA GLU A 67 -10.67 13.63 13.17
C GLU A 67 -10.88 13.45 11.66
N PHE A 68 -11.43 14.48 11.01
CA PHE A 68 -11.54 14.56 9.55
C PHE A 68 -10.16 14.59 8.86
N LEU A 69 -9.17 15.29 9.44
CA LEU A 69 -7.79 15.29 8.92
C LEU A 69 -7.11 13.94 9.10
N THR A 70 -7.42 13.15 10.15
CA THR A 70 -6.79 11.85 10.42
C THR A 70 -7.08 10.84 9.31
N MET A 71 -8.33 10.74 8.85
CA MET A 71 -8.69 9.85 7.73
C MET A 71 -8.04 10.31 6.41
N MET A 72 -7.83 11.60 6.20
CA MET A 72 -7.12 12.14 5.03
C MET A 72 -5.61 11.85 5.10
N ALA A 73 -4.99 12.04 6.26
CA ALA A 73 -3.56 11.78 6.51
C ALA A 73 -3.18 10.32 6.23
N ARG A 74 -4.04 9.37 6.64
CA ARG A 74 -3.85 7.93 6.43
C ARG A 74 -4.03 7.50 4.97
N LYS A 75 -4.88 8.17 4.18
CA LYS A 75 -5.07 7.89 2.74
C LYS A 75 -3.90 8.35 1.83
N MET A 76 -3.06 9.28 2.29
CA MET A 76 -1.98 9.89 1.48
C MET A 76 -0.68 9.08 1.42
N LYS A 77 -0.53 7.99 2.19
CA LYS A 77 0.72 7.20 2.24
C LYS A 77 1.14 6.61 0.87
N ASP A 78 2.46 6.46 0.66
CA ASP A 78 3.06 6.09 -0.64
C ASP A 78 3.48 4.60 -0.74
N THR A 79 3.33 3.83 0.36
CA THR A 79 3.84 2.45 0.49
C THR A 79 2.83 1.54 1.17
N ASP A 80 2.88 0.25 0.81
CA ASP A 80 2.26 -0.86 1.53
C ASP A 80 3.04 -1.19 2.82
N SER A 81 2.37 -1.83 3.79
CA SER A 81 2.83 -1.90 5.18
C SER A 81 3.95 -2.94 5.42
N GLU A 82 4.93 -2.60 6.25
CA GLU A 82 6.10 -3.44 6.56
C GLU A 82 5.72 -4.84 7.09
N GLU A 83 4.69 -4.92 7.94
CA GLU A 83 4.24 -6.18 8.52
C GLU A 83 3.64 -7.15 7.48
N GLU A 84 3.03 -6.62 6.41
CA GLU A 84 2.45 -7.43 5.33
C GLU A 84 3.56 -8.12 4.54
N ILE A 85 4.66 -7.40 4.27
CA ILE A 85 5.88 -7.91 3.63
C ILE A 85 6.58 -8.92 4.56
N ARG A 86 6.71 -8.58 5.85
CA ARG A 86 7.42 -9.39 6.84
C ARG A 86 6.76 -10.78 7.03
N GLU A 87 5.44 -10.84 7.18
CA GLU A 87 4.73 -12.12 7.37
C GLU A 87 4.74 -13.00 6.09
N ALA A 88 4.82 -12.41 4.89
CA ALA A 88 4.92 -13.16 3.65
C ALA A 88 6.21 -14.01 3.62
N PHE A 89 7.34 -13.45 4.06
CA PHE A 89 8.58 -14.22 4.24
C PHE A 89 8.44 -15.25 5.37
N ARG A 90 7.77 -14.89 6.49
CA ARG A 90 7.62 -15.77 7.65
C ARG A 90 6.71 -16.99 7.38
N VAL A 91 5.79 -16.92 6.42
CA VAL A 91 5.07 -18.10 5.89
C VAL A 91 6.03 -19.13 5.24
N PHE A 92 7.14 -18.69 4.63
CA PHE A 92 8.14 -19.58 4.00
C PHE A 92 9.28 -20.02 4.94
N ASP A 93 9.50 -19.29 6.04
CA ASP A 93 10.43 -19.65 7.12
C ASP A 93 10.04 -20.98 7.81
N LYS A 94 11.05 -21.78 8.17
CA LYS A 94 10.86 -23.12 8.75
C LYS A 94 10.53 -23.11 10.26
N ASP A 95 10.80 -22.00 10.96
CA ASP A 95 10.68 -21.87 12.43
C ASP A 95 10.36 -20.44 12.93
N GLY A 96 10.42 -19.44 12.04
CA GLY A 96 10.43 -18.01 12.39
C GLY A 96 11.83 -17.48 12.71
N ASN A 97 12.88 -18.15 12.21
CA ASN A 97 14.28 -17.89 12.55
C ASN A 97 14.87 -16.60 11.94
N GLY A 98 14.21 -16.01 10.93
CA GLY A 98 14.59 -14.74 10.29
C GLY A 98 15.41 -14.89 9.00
N TYR A 99 15.58 -16.11 8.50
CA TYR A 99 16.39 -16.41 7.30
C TYR A 99 15.71 -17.39 6.32
N ILE A 100 15.97 -17.18 5.02
CA ILE A 100 15.58 -18.04 3.88
C ILE A 100 16.75 -18.19 2.90
N SER A 101 16.72 -19.14 1.96
CA SER A 101 17.76 -19.25 0.91
C SER A 101 17.58 -18.19 -0.20
N ALA A 102 18.69 -17.77 -0.83
CA ALA A 102 18.68 -16.86 -1.99
C ALA A 102 18.11 -17.54 -3.26
N ALA A 103 18.40 -18.82 -3.47
CA ALA A 103 17.82 -19.61 -4.57
C ALA A 103 16.33 -19.91 -4.30
N GLU A 104 15.97 -20.15 -3.04
CA GLU A 104 14.60 -20.28 -2.57
C GLU A 104 13.80 -18.99 -2.81
N LEU A 105 14.34 -17.82 -2.47
CA LEU A 105 13.70 -16.53 -2.74
C LEU A 105 13.54 -16.25 -4.24
N ARG A 106 14.43 -16.76 -5.11
CA ARG A 106 14.21 -16.71 -6.55
C ARG A 106 13.04 -17.63 -6.95
N HIS A 107 13.05 -18.89 -6.48
CA HIS A 107 12.06 -19.91 -6.83
C HIS A 107 10.64 -19.57 -6.32
N VAL A 108 10.51 -19.11 -5.07
CA VAL A 108 9.22 -18.80 -4.44
C VAL A 108 8.48 -17.63 -5.14
N MET A 109 9.22 -16.81 -5.91
CA MET A 109 8.70 -15.71 -6.73
C MET A 109 8.39 -16.09 -8.18
N THR A 110 9.02 -17.13 -8.74
CA THR A 110 8.86 -17.58 -10.14
C THR A 110 7.98 -18.82 -10.27
N ASN A 111 7.56 -19.44 -9.17
CA ASN A 111 6.66 -20.59 -9.15
C ASN A 111 5.28 -20.24 -8.54
N LEU A 112 5.25 -19.83 -7.27
CA LEU A 112 4.02 -19.58 -6.50
C LEU A 112 3.43 -18.18 -6.79
N GLY A 113 2.10 -18.07 -6.74
CA GLY A 113 1.37 -16.82 -6.98
C GLY A 113 1.42 -16.39 -8.45
N GLU A 114 1.42 -15.07 -8.69
CA GLU A 114 1.82 -14.50 -9.98
C GLU A 114 3.35 -14.56 -10.15
N LYS A 115 3.86 -14.28 -11.36
CA LYS A 115 5.30 -14.39 -11.68
C LYS A 115 5.83 -13.08 -12.31
N LEU A 116 6.82 -12.43 -11.67
CA LEU A 116 7.53 -11.27 -12.22
C LEU A 116 8.65 -11.70 -13.21
N THR A 117 9.24 -10.70 -13.89
CA THR A 117 10.29 -10.88 -14.91
C THR A 117 11.63 -11.33 -14.34
N ASP A 118 12.38 -12.07 -15.16
CA ASP A 118 13.64 -12.72 -14.77
C ASP A 118 14.76 -11.71 -14.44
N GLU A 119 14.74 -10.52 -15.05
CA GLU A 119 15.70 -9.45 -14.74
C GLU A 119 15.37 -8.75 -13.40
N GLU A 120 14.08 -8.61 -13.08
CA GLU A 120 13.61 -8.04 -11.82
C GLU A 120 13.81 -9.04 -10.66
N VAL A 121 13.44 -10.31 -10.82
CA VAL A 121 13.73 -11.31 -9.77
C VAL A 121 15.24 -11.51 -9.55
N ASP A 122 16.08 -11.34 -10.57
CA ASP A 122 17.53 -11.32 -10.41
C ASP A 122 18.01 -10.09 -9.60
N GLU A 123 17.48 -8.90 -9.89
CA GLU A 123 17.80 -7.67 -9.15
C GLU A 123 17.40 -7.79 -7.67
N MET A 124 16.23 -8.39 -7.38
CA MET A 124 15.75 -8.69 -6.03
C MET A 124 16.77 -9.54 -5.25
N ILE A 125 17.37 -10.54 -5.89
CA ILE A 125 18.40 -11.40 -5.28
C ILE A 125 19.76 -10.70 -5.17
N ARG A 126 20.21 -9.98 -6.20
CA ARG A 126 21.52 -9.32 -6.21
C ARG A 126 21.70 -8.31 -5.06
N GLU A 127 20.62 -7.69 -4.57
CA GLU A 127 20.66 -6.78 -3.42
C GLU A 127 20.72 -7.49 -2.04
N ALA A 128 20.50 -8.81 -1.98
CA ALA A 128 20.70 -9.64 -0.78
C ALA A 128 21.96 -10.52 -0.86
N ASP A 129 22.29 -11.02 -2.05
CA ASP A 129 23.41 -11.93 -2.34
C ASP A 129 24.80 -11.30 -2.12
N ILE A 130 24.89 -9.97 -2.01
CA ILE A 130 26.12 -9.24 -1.62
C ILE A 130 26.63 -9.55 -0.20
N ASP A 131 25.84 -10.24 0.63
CA ASP A 131 26.28 -10.79 1.92
C ASP A 131 27.20 -12.02 1.76
N GLY A 132 27.05 -12.76 0.65
CA GLY A 132 27.93 -13.85 0.21
C GLY A 132 27.66 -15.22 0.84
N ASP A 133 26.82 -15.32 1.86
CA ASP A 133 26.57 -16.55 2.63
C ASP A 133 25.55 -17.51 1.97
N GLY A 134 24.71 -17.00 1.07
CA GLY A 134 23.65 -17.76 0.37
C GLY A 134 22.30 -17.81 1.09
N GLN A 135 22.25 -17.35 2.35
CA GLN A 135 21.02 -17.10 3.11
C GLN A 135 20.70 -15.58 3.07
N VAL A 136 19.40 -15.26 2.99
CA VAL A 136 18.84 -13.91 3.01
C VAL A 136 18.30 -13.64 4.41
N ASN A 137 18.79 -12.58 5.06
CA ASN A 137 18.11 -11.98 6.22
C ASN A 137 16.92 -11.16 5.71
N TYR A 138 15.73 -11.76 5.68
CA TYR A 138 14.55 -11.07 5.14
C TYR A 138 14.02 -9.97 6.07
N GLU A 139 14.33 -10.04 7.37
CA GLU A 139 13.86 -9.08 8.37
C GLU A 139 14.35 -7.65 8.07
N GLU A 140 15.61 -7.51 7.66
CA GLU A 140 16.17 -6.24 7.18
C GLU A 140 15.80 -5.94 5.72
N PHE A 141 15.53 -6.96 4.89
CA PHE A 141 15.13 -6.77 3.49
C PHE A 141 13.77 -6.06 3.35
N VAL A 142 12.87 -6.18 4.34
CA VAL A 142 11.60 -5.43 4.43
C VAL A 142 11.83 -3.90 4.40
N GLN A 143 12.89 -3.40 5.06
CA GLN A 143 13.22 -1.97 5.11
C GLN A 143 13.62 -1.43 3.72
N MET A 144 14.27 -2.26 2.89
CA MET A 144 14.75 -1.87 1.56
C MET A 144 13.61 -1.53 0.60
N MET A 145 12.53 -2.33 0.60
CA MET A 145 11.41 -2.19 -0.34
C MET A 145 10.37 -1.12 0.07
N THR A 146 10.23 -0.81 1.37
CA THR A 146 9.35 0.29 1.83
C THR A 146 10.01 1.67 1.64
N ALA A 147 11.35 1.72 1.65
CA ALA A 147 12.13 2.91 1.31
C ALA A 147 12.22 3.19 -0.21
N LYS A 148 13.01 4.21 -0.59
CA LYS A 148 13.33 4.63 -1.97
C LYS A 148 14.84 4.86 -2.13
N GLY B 1 -10.01 -21.01 -3.05
CA GLY B 1 -9.15 -20.21 -3.96
C GLY B 1 -7.68 -20.58 -3.83
N PRO B 2 -6.75 -19.68 -4.20
CA PRO B 2 -5.31 -19.88 -4.09
C PRO B 2 -4.83 -20.16 -2.66
N GLY B 3 -3.68 -20.84 -2.55
CA GLY B 3 -3.08 -21.21 -1.25
C GLY B 3 -2.43 -20.05 -0.51
N SER B 4 -2.12 -20.26 0.77
CA SER B 4 -1.53 -19.26 1.66
C SER B 4 -0.13 -18.85 1.17
N GLU B 5 0.63 -19.83 0.72
CA GLU B 5 1.92 -19.70 0.04
C GLU B 5 1.79 -18.86 -1.25
N GLU B 6 0.75 -19.10 -2.05
CA GLU B 6 0.53 -18.40 -3.32
C GLU B 6 0.18 -16.92 -3.10
N VAL B 7 -0.71 -16.61 -2.14
CA VAL B 7 -1.06 -15.21 -1.84
C VAL B 7 0.07 -14.48 -1.09
N SER B 8 0.90 -15.18 -0.31
CA SER B 8 2.11 -14.61 0.28
C SER B 8 3.14 -14.24 -0.80
N ALA B 9 3.36 -15.12 -1.77
CA ALA B 9 4.29 -14.93 -2.89
C ALA B 9 3.94 -13.69 -3.74
N MET B 10 2.66 -13.29 -3.79
CA MET B 10 2.23 -12.04 -4.43
C MET B 10 2.74 -10.79 -3.69
N VAL B 11 2.72 -10.76 -2.37
CA VAL B 11 2.97 -9.52 -1.59
C VAL B 11 4.43 -9.07 -1.73
N ILE B 12 5.38 -10.01 -1.78
CA ILE B 12 6.83 -9.69 -1.87
C ILE B 12 7.16 -9.04 -3.22
N GLN B 13 6.70 -9.63 -4.34
CA GLN B 13 6.95 -9.07 -5.66
C GLN B 13 6.08 -7.84 -5.98
N ARG B 14 4.92 -7.67 -5.33
CA ARG B 14 4.14 -6.42 -5.41
C ARG B 14 4.87 -5.27 -4.72
N ALA B 15 5.44 -5.50 -3.52
CA ALA B 15 6.30 -4.53 -2.84
C ALA B 15 7.56 -4.19 -3.68
N PHE B 16 8.21 -5.20 -4.27
CA PHE B 16 9.40 -5.00 -5.11
C PHE B 16 9.09 -4.20 -6.39
N ARG B 17 8.01 -4.53 -7.12
CA ARG B 17 7.60 -3.78 -8.32
C ARG B 17 7.13 -2.35 -7.99
N ARG B 18 6.43 -2.16 -6.86
CA ARG B 18 6.05 -0.83 -6.33
C ARG B 18 7.27 0.01 -5.91
N HIS B 19 8.33 -0.63 -5.39
CA HIS B 19 9.63 -0.01 -5.14
C HIS B 19 10.38 0.35 -6.44
N LEU B 20 10.46 -0.56 -7.42
CA LEU B 20 11.09 -0.35 -8.72
C LEU B 20 10.42 0.78 -9.53
N LEU B 21 9.10 0.97 -9.39
CA LEU B 21 8.39 2.13 -9.94
C LEU B 21 8.94 3.47 -9.42
N GLN B 22 9.52 3.52 -8.21
CA GLN B 22 10.15 4.73 -7.67
C GLN B 22 11.57 4.95 -8.20
N ARG B 23 12.22 3.92 -8.76
CA ARG B 23 13.48 4.02 -9.50
C ARG B 23 13.26 4.47 -10.95
N SER B 24 12.19 3.98 -11.60
CA SER B 24 11.85 4.28 -13.00
C SER B 24 11.07 5.59 -13.21
N LEU B 25 10.27 6.00 -12.21
CA LEU B 25 9.37 7.17 -12.13
C LEU B 25 8.17 7.07 -13.08
N LYS B 26 8.41 6.84 -14.38
CA LYS B 26 7.36 6.57 -15.37
C LYS B 26 6.72 5.17 -15.18
N HIS B 27 5.42 5.06 -15.51
CA HIS B 27 4.63 3.83 -15.38
C HIS B 27 5.17 2.66 -16.23
N ALA B 28 4.93 1.42 -15.78
CA ALA B 28 5.38 0.18 -16.43
C ALA B 28 4.27 -0.90 -16.40
N SER B 29 4.48 -1.99 -17.14
CA SER B 29 3.55 -3.13 -17.22
C SER B 29 4.30 -4.43 -17.58
N PHE B 30 3.78 -5.57 -17.11
CA PHE B 30 4.41 -6.89 -17.21
C PHE B 30 3.61 -7.90 -18.07
N LEU B 31 2.37 -7.56 -18.47
CA LEU B 31 1.42 -8.39 -19.25
C LEU B 31 0.34 -7.51 -19.90
N ALA A 1 -8.10 5.67 6.68
CA ALA A 1 -9.22 4.77 6.29
C ALA A 1 -10.43 5.00 7.20
N ASP A 2 -11.64 4.86 6.65
CA ASP A 2 -12.92 5.11 7.36
C ASP A 2 -14.14 4.44 6.67
N GLN A 3 -14.27 4.59 5.35
CA GLN A 3 -15.31 4.02 4.46
C GLN A 3 -16.69 4.71 4.64
N LEU A 4 -17.69 4.29 3.85
CA LEU A 4 -18.93 5.08 3.69
C LEU A 4 -19.80 5.20 4.95
N THR A 5 -20.53 6.33 5.04
CA THR A 5 -21.62 6.59 5.99
C THR A 5 -22.97 6.68 5.27
N GLU A 6 -24.07 6.55 6.02
CA GLU A 6 -25.43 6.63 5.49
C GLU A 6 -25.75 8.01 4.89
N GLU A 7 -25.18 9.09 5.43
CA GLU A 7 -25.35 10.45 4.88
C GLU A 7 -24.54 10.70 3.59
N GLN A 8 -23.45 9.97 3.35
CA GLN A 8 -22.78 9.94 2.05
C GLN A 8 -23.60 9.13 1.04
N ILE A 9 -24.10 7.95 1.44
CA ILE A 9 -24.96 7.10 0.58
C ILE A 9 -26.22 7.87 0.13
N ALA A 10 -26.81 8.69 0.98
CA ALA A 10 -27.98 9.52 0.67
C ALA A 10 -27.73 10.55 -0.45
N GLU A 11 -26.48 11.02 -0.61
CA GLU A 11 -26.07 11.91 -1.69
C GLU A 11 -25.66 11.13 -2.96
N PHE A 12 -24.95 10.02 -2.79
CA PHE A 12 -24.53 9.17 -3.91
C PHE A 12 -25.72 8.51 -4.62
N LYS A 13 -26.83 8.26 -3.92
CA LYS A 13 -28.10 7.79 -4.51
C LYS A 13 -28.66 8.78 -5.53
N GLU A 14 -28.65 10.08 -5.22
CA GLU A 14 -29.12 11.14 -6.12
C GLU A 14 -28.26 11.26 -7.39
N ALA A 15 -26.93 11.09 -7.27
CA ALA A 15 -26.03 11.05 -8.41
C ALA A 15 -26.20 9.80 -9.29
N PHE A 16 -26.29 8.61 -8.67
CA PHE A 16 -26.49 7.34 -9.35
C PHE A 16 -27.84 7.28 -10.08
N SER A 17 -28.91 7.79 -9.47
CA SER A 17 -30.26 7.82 -10.04
C SER A 17 -30.42 8.75 -11.26
N LEU A 18 -29.50 9.68 -11.53
CA LEU A 18 -29.53 10.48 -12.77
C LEU A 18 -29.12 9.64 -13.99
N PHE A 19 -28.26 8.63 -13.79
CA PHE A 19 -27.80 7.70 -14.83
C PHE A 19 -28.75 6.50 -15.02
N ASP A 20 -29.56 6.17 -14.02
CA ASP A 20 -30.64 5.16 -14.11
C ASP A 20 -31.84 5.73 -14.89
N LYS A 21 -31.80 5.64 -16.22
CA LYS A 21 -32.81 6.23 -17.12
C LYS A 21 -34.17 5.50 -17.08
N ASP A 22 -34.18 4.21 -16.77
CA ASP A 22 -35.39 3.37 -16.76
C ASP A 22 -36.12 3.33 -15.40
N GLY A 23 -35.46 3.77 -14.32
CA GLY A 23 -35.98 3.78 -12.95
C GLY A 23 -35.90 2.41 -12.25
N ASP A 24 -35.07 1.49 -12.76
CA ASP A 24 -34.97 0.09 -12.30
C ASP A 24 -33.91 -0.13 -11.19
N GLY A 25 -33.12 0.89 -10.86
CA GLY A 25 -32.10 0.86 -9.80
C GLY A 25 -30.70 0.46 -10.26
N THR A 26 -30.41 0.48 -11.58
CA THR A 26 -29.13 0.08 -12.18
C THR A 26 -28.58 1.14 -13.14
N ILE A 27 -27.26 1.16 -13.32
CA ILE A 27 -26.56 1.92 -14.38
C ILE A 27 -25.80 0.97 -15.32
N THR A 28 -25.45 1.42 -16.53
CA THR A 28 -24.54 0.67 -17.42
C THR A 28 -23.11 0.80 -16.91
N THR A 29 -22.27 -0.19 -17.18
CA THR A 29 -20.84 -0.21 -16.82
C THR A 29 -20.06 0.97 -17.43
N LYS A 30 -20.48 1.44 -18.60
CA LYS A 30 -19.97 2.63 -19.28
C LYS A 30 -20.17 3.94 -18.48
N GLU A 31 -21.20 4.00 -17.63
CA GLU A 31 -21.58 5.20 -16.85
C GLU A 31 -20.86 5.27 -15.50
N LEU A 32 -20.12 4.21 -15.11
CA LEU A 32 -19.39 4.14 -13.85
C LEU A 32 -18.35 5.26 -13.75
N GLY A 33 -17.54 5.44 -14.80
CA GLY A 33 -16.56 6.54 -14.88
C GLY A 33 -17.21 7.93 -14.91
N THR A 34 -18.47 8.03 -15.36
CA THR A 34 -19.25 9.26 -15.37
C THR A 34 -19.77 9.60 -13.97
N VAL A 35 -20.38 8.64 -13.26
CA VAL A 35 -20.86 8.88 -11.87
C VAL A 35 -19.70 9.08 -10.88
N MET A 36 -18.53 8.46 -11.10
CA MET A 36 -17.27 8.78 -10.41
C MET A 36 -16.91 10.27 -10.58
N ARG A 37 -16.87 10.77 -11.83
CA ARG A 37 -16.56 12.15 -12.17
C ARG A 37 -17.57 13.16 -11.59
N SER A 38 -18.86 12.83 -11.62
CA SER A 38 -19.92 13.67 -11.02
C SER A 38 -19.84 13.76 -9.49
N LEU A 39 -19.26 12.74 -8.82
CA LEU A 39 -18.95 12.73 -7.39
C LEU A 39 -17.54 13.25 -7.07
N GLY A 40 -16.85 13.86 -8.05
CA GLY A 40 -15.54 14.51 -7.86
C GLY A 40 -14.37 13.54 -7.67
N GLN A 41 -14.57 12.24 -7.93
CA GLN A 41 -13.54 11.22 -7.78
C GLN A 41 -12.56 11.27 -8.98
N ASN A 42 -11.28 10.96 -8.73
CA ASN A 42 -10.21 11.01 -9.74
C ASN A 42 -9.43 9.67 -9.91
N PRO A 43 -10.11 8.54 -10.18
CA PRO A 43 -9.47 7.27 -10.49
C PRO A 43 -8.85 7.28 -11.90
N THR A 44 -7.74 6.56 -12.08
CA THR A 44 -7.10 6.30 -13.39
C THR A 44 -7.93 5.29 -14.18
N GLU A 45 -7.71 5.22 -15.50
CA GLU A 45 -8.39 4.30 -16.43
C GLU A 45 -8.28 2.83 -15.99
N ALA A 46 -7.12 2.42 -15.49
CA ALA A 46 -6.88 1.06 -14.97
C ALA A 46 -7.69 0.78 -13.69
N GLU A 47 -7.88 1.78 -12.82
CA GLU A 47 -8.72 1.66 -11.62
C GLU A 47 -10.20 1.57 -11.99
N LEU A 48 -10.68 2.43 -12.91
CA LEU A 48 -12.05 2.37 -13.43
C LEU A 48 -12.37 1.01 -14.03
N GLN A 49 -11.49 0.49 -14.88
CA GLN A 49 -11.66 -0.83 -15.49
C GLN A 49 -11.70 -1.95 -14.43
N ASP A 50 -10.75 -1.95 -13.48
CA ASP A 50 -10.68 -3.00 -12.45
C ASP A 50 -11.86 -2.97 -11.47
N MET A 51 -12.43 -1.79 -11.19
CA MET A 51 -13.63 -1.65 -10.36
C MET A 51 -14.86 -2.19 -11.09
N ILE A 52 -14.91 -2.10 -12.42
CA ILE A 52 -16.00 -2.70 -13.21
C ILE A 52 -15.88 -4.23 -13.18
N ASN A 53 -14.68 -4.77 -13.43
CA ASN A 53 -14.42 -6.22 -13.36
C ASN A 53 -14.75 -6.82 -11.99
N GLU A 54 -14.67 -6.05 -10.91
CA GLU A 54 -15.03 -6.47 -9.54
C GLU A 54 -16.54 -6.67 -9.36
N VAL A 55 -17.41 -5.94 -10.11
CA VAL A 55 -18.88 -5.96 -9.94
C VAL A 55 -19.64 -6.59 -11.12
N ASP A 56 -19.10 -6.52 -12.34
CA ASP A 56 -19.67 -7.12 -13.56
C ASP A 56 -19.19 -8.58 -13.78
N ALA A 57 -18.66 -9.22 -12.74
CA ALA A 57 -18.24 -10.63 -12.73
C ALA A 57 -19.39 -11.62 -13.03
N ASP A 58 -20.64 -11.21 -12.81
CA ASP A 58 -21.85 -11.97 -13.18
C ASP A 58 -22.21 -11.86 -14.68
N GLY A 59 -21.58 -10.95 -15.43
CA GLY A 59 -21.76 -10.78 -16.88
C GLY A 59 -23.00 -9.99 -17.30
N ASN A 60 -23.59 -9.21 -16.38
CA ASN A 60 -24.87 -8.51 -16.58
C ASN A 60 -24.79 -7.33 -17.58
N GLY A 61 -23.63 -6.67 -17.69
CA GLY A 61 -23.42 -5.43 -18.46
C GLY A 61 -23.87 -4.16 -17.71
N THR A 62 -24.29 -4.29 -16.44
CA THR A 62 -24.85 -3.24 -15.58
C THR A 62 -24.34 -3.37 -14.15
N ILE A 63 -24.45 -2.28 -13.40
CA ILE A 63 -24.06 -2.17 -11.98
C ILE A 63 -25.29 -1.76 -11.16
N ASP A 64 -25.53 -2.47 -10.06
CA ASP A 64 -26.60 -2.20 -9.09
C ASP A 64 -26.08 -1.33 -7.93
N PHE A 65 -26.96 -0.54 -7.32
CA PHE A 65 -26.60 0.49 -6.35
C PHE A 65 -25.67 0.02 -5.20
N PRO A 66 -25.95 -1.07 -4.45
CA PRO A 66 -25.07 -1.54 -3.39
C PRO A 66 -23.71 -2.06 -3.90
N GLU A 67 -23.61 -2.50 -5.17
CA GLU A 67 -22.33 -2.92 -5.77
C GLU A 67 -21.44 -1.71 -6.07
N PHE A 68 -22.04 -0.62 -6.58
CA PHE A 68 -21.41 0.69 -6.73
C PHE A 68 -20.98 1.28 -5.37
N LEU A 69 -21.79 1.12 -4.31
CA LEU A 69 -21.41 1.54 -2.95
C LEU A 69 -20.26 0.69 -2.37
N THR A 70 -20.17 -0.60 -2.73
CA THR A 70 -19.11 -1.52 -2.24
C THR A 70 -17.73 -1.05 -2.74
N MET A 71 -17.59 -0.71 -4.02
CA MET A 71 -16.33 -0.14 -4.53
C MET A 71 -16.02 1.22 -3.92
N MET A 72 -17.02 2.09 -3.74
CA MET A 72 -16.87 3.42 -3.11
C MET A 72 -16.40 3.33 -1.65
N ALA A 73 -16.82 2.29 -0.91
CA ALA A 73 -16.34 1.99 0.44
C ALA A 73 -14.91 1.44 0.45
N ARG A 74 -14.65 0.37 -0.32
CA ARG A 74 -13.37 -0.36 -0.35
C ARG A 74 -12.18 0.50 -0.76
N LYS A 75 -12.33 1.42 -1.71
CA LYS A 75 -11.25 2.32 -2.17
C LYS A 75 -10.78 3.34 -1.10
N MET A 76 -11.56 3.56 -0.02
CA MET A 76 -11.16 4.37 1.15
C MET A 76 -10.27 3.60 2.15
N LYS A 77 -10.05 2.30 1.95
CA LYS A 77 -9.22 1.43 2.80
C LYS A 77 -8.28 0.47 2.04
N ASP A 78 -7.96 0.84 0.81
CA ASP A 78 -7.13 0.10 -0.15
C ASP A 78 -5.62 0.31 0.15
N THR A 79 -5.17 -0.24 1.29
CA THR A 79 -3.81 -0.04 1.85
C THR A 79 -3.17 -1.35 2.33
N ASP A 80 -1.93 -1.25 2.82
CA ASP A 80 -1.03 -2.34 3.24
C ASP A 80 0.07 -1.82 4.20
N SER A 81 0.91 -2.72 4.72
CA SER A 81 1.93 -2.37 5.72
C SER A 81 3.21 -3.21 5.62
N GLU A 82 4.31 -2.67 6.18
CA GLU A 82 5.62 -3.34 6.29
C GLU A 82 5.51 -4.67 7.08
N GLU A 83 4.60 -4.75 8.05
CA GLU A 83 4.35 -5.96 8.85
C GLU A 83 3.62 -7.03 8.03
N GLU A 84 2.66 -6.65 7.16
CA GLU A 84 1.97 -7.59 6.27
C GLU A 84 2.96 -8.18 5.24
N ILE A 85 3.89 -7.35 4.76
CA ILE A 85 5.00 -7.77 3.87
C ILE A 85 5.97 -8.69 4.63
N ARG A 86 6.27 -8.41 5.91
CA ARG A 86 7.15 -9.24 6.75
C ARG A 86 6.57 -10.63 7.01
N GLU A 87 5.27 -10.74 7.30
CA GLU A 87 4.60 -12.04 7.53
C GLU A 87 4.67 -12.96 6.30
N ALA A 88 4.61 -12.41 5.09
CA ALA A 88 4.74 -13.20 3.85
C ALA A 88 6.09 -13.94 3.75
N PHE A 89 7.20 -13.32 4.20
CA PHE A 89 8.49 -14.03 4.32
C PHE A 89 8.49 -15.05 5.47
N ARG A 90 7.87 -14.73 6.60
CA ARG A 90 7.78 -15.62 7.76
C ARG A 90 7.00 -16.91 7.48
N VAL A 91 6.05 -16.88 6.54
CA VAL A 91 5.37 -18.10 6.01
C VAL A 91 6.37 -19.09 5.36
N PHE A 92 7.42 -18.60 4.68
CA PHE A 92 8.42 -19.44 3.99
C PHE A 92 9.59 -19.87 4.89
N ASP A 93 9.86 -19.16 5.99
CA ASP A 93 10.83 -19.54 7.01
C ASP A 93 10.39 -20.82 7.75
N LYS A 94 11.36 -21.71 8.02
CA LYS A 94 11.09 -23.05 8.58
C LYS A 94 10.83 -23.07 10.10
N ASP A 95 11.09 -21.96 10.80
CA ASP A 95 10.98 -21.85 12.26
C ASP A 95 10.52 -20.46 12.76
N GLY A 96 10.57 -19.42 11.91
CA GLY A 96 10.43 -18.00 12.28
C GLY A 96 11.77 -17.38 12.67
N ASN A 97 12.88 -17.92 12.13
CA ASN A 97 14.25 -17.58 12.52
C ASN A 97 14.75 -16.22 11.95
N GLY A 98 14.20 -15.77 10.83
CA GLY A 98 14.59 -14.54 10.12
C GLY A 98 15.44 -14.80 8.88
N TYR A 99 15.52 -16.04 8.39
CA TYR A 99 16.41 -16.48 7.31
C TYR A 99 15.79 -17.52 6.35
N ILE A 100 16.06 -17.37 5.05
CA ILE A 100 15.61 -18.25 3.96
C ILE A 100 16.74 -18.48 2.94
N SER A 101 16.71 -19.57 2.18
CA SER A 101 17.71 -19.86 1.16
C SER A 101 17.54 -18.97 -0.09
N ALA A 102 18.64 -18.42 -0.64
CA ALA A 102 18.59 -17.54 -1.81
C ALA A 102 18.01 -18.23 -3.07
N ALA A 103 18.30 -19.53 -3.27
CA ALA A 103 17.71 -20.33 -4.34
C ALA A 103 16.19 -20.57 -4.15
N GLU A 104 15.74 -20.72 -2.91
CA GLU A 104 14.30 -20.84 -2.58
C GLU A 104 13.59 -19.49 -2.80
N LEU A 105 14.20 -18.36 -2.40
CA LEU A 105 13.69 -17.01 -2.69
C LEU A 105 13.58 -16.78 -4.21
N ARG A 106 14.53 -17.28 -5.00
CA ARG A 106 14.47 -17.24 -6.47
C ARG A 106 13.30 -18.07 -7.02
N HIS A 107 13.07 -19.28 -6.48
CA HIS A 107 12.00 -20.18 -6.90
C HIS A 107 10.60 -19.68 -6.47
N VAL A 108 10.42 -19.30 -5.21
CA VAL A 108 9.12 -18.88 -4.64
C VAL A 108 8.57 -17.60 -5.31
N MET A 109 9.45 -16.81 -5.94
CA MET A 109 9.11 -15.58 -6.67
C MET A 109 8.89 -15.75 -8.17
N THR A 110 9.33 -16.86 -8.78
CA THR A 110 9.12 -17.17 -10.21
C THR A 110 8.00 -18.18 -10.42
N ASN A 111 7.80 -19.12 -9.49
CA ASN A 111 6.80 -20.18 -9.60
C ASN A 111 5.47 -19.79 -8.92
N LEU A 112 5.53 -19.42 -7.63
CA LEU A 112 4.37 -19.11 -6.80
C LEU A 112 3.98 -17.62 -6.87
N GLY A 113 2.71 -17.33 -6.62
CA GLY A 113 2.11 -16.01 -6.79
C GLY A 113 1.81 -15.72 -8.27
N GLU A 114 2.16 -14.52 -8.73
CA GLU A 114 2.26 -14.20 -10.15
C GLU A 114 3.64 -14.68 -10.70
N LYS A 115 3.99 -14.32 -11.94
CA LYS A 115 5.38 -14.44 -12.42
C LYS A 115 6.22 -13.21 -12.03
N LEU A 116 7.55 -13.33 -12.14
CA LEU A 116 8.52 -12.25 -11.94
C LEU A 116 9.73 -12.49 -12.87
N THR A 117 10.24 -11.46 -13.54
CA THR A 117 11.25 -11.59 -14.59
C THR A 117 12.64 -11.88 -14.02
N ASP A 118 13.51 -12.44 -14.86
CA ASP A 118 14.88 -12.83 -14.51
C ASP A 118 15.70 -11.65 -13.96
N GLU A 119 15.60 -10.48 -14.60
CA GLU A 119 16.30 -9.26 -14.19
C GLU A 119 15.74 -8.64 -12.90
N GLU A 120 14.50 -8.97 -12.55
CA GLU A 120 13.88 -8.59 -11.27
C GLU A 120 14.33 -9.58 -10.19
N VAL A 121 14.09 -10.88 -10.36
CA VAL A 121 14.32 -11.87 -9.30
C VAL A 121 15.81 -12.05 -8.97
N ASP A 122 16.71 -11.90 -9.93
CA ASP A 122 18.17 -11.92 -9.70
C ASP A 122 18.62 -10.69 -8.89
N GLU A 123 18.02 -9.53 -9.14
CA GLU A 123 18.30 -8.30 -8.41
C GLU A 123 17.68 -8.30 -7.01
N MET A 124 16.57 -9.03 -6.79
CA MET A 124 16.04 -9.28 -5.44
C MET A 124 17.09 -9.94 -4.54
N ILE A 125 17.82 -10.94 -5.04
CA ILE A 125 18.94 -11.57 -4.30
C ILE A 125 20.08 -10.55 -4.13
N ARG A 126 20.43 -9.80 -5.18
CA ARG A 126 21.49 -8.79 -5.16
C ARG A 126 21.23 -7.65 -4.15
N GLU A 127 19.96 -7.34 -3.86
CA GLU A 127 19.55 -6.36 -2.84
C GLU A 127 19.37 -6.99 -1.44
N ALA A 128 18.85 -8.22 -1.35
CA ALA A 128 18.54 -8.87 -0.06
C ALA A 128 19.75 -9.53 0.62
N ASP A 129 20.60 -10.20 -0.15
CA ASP A 129 21.85 -10.85 0.31
C ASP A 129 23.09 -9.95 0.12
N ILE A 130 22.98 -8.95 -0.77
CA ILE A 130 24.05 -7.98 -1.13
C ILE A 130 25.23 -8.70 -1.81
N ASP A 131 24.87 -9.53 -2.79
CA ASP A 131 25.71 -10.32 -3.72
C ASP A 131 26.27 -11.62 -3.10
N GLY A 132 26.18 -12.72 -3.87
CA GLY A 132 26.56 -14.08 -3.45
C GLY A 132 25.38 -15.06 -3.38
N ASP A 133 25.52 -16.09 -2.54
CA ASP A 133 24.54 -17.17 -2.33
C ASP A 133 24.66 -17.73 -0.91
N GLY A 134 23.52 -18.11 -0.31
CA GLY A 134 23.43 -18.61 1.06
C GLY A 134 22.07 -18.32 1.72
N GLN A 135 22.07 -18.04 3.03
CA GLN A 135 20.87 -17.66 3.79
C GLN A 135 20.66 -16.14 3.70
N VAL A 136 19.50 -15.73 3.21
CA VAL A 136 19.03 -14.33 3.05
C VAL A 136 18.39 -13.86 4.36
N ASN A 137 18.86 -12.73 4.91
CA ASN A 137 18.14 -12.03 5.98
C ASN A 137 17.01 -11.18 5.38
N TYR A 138 15.78 -11.72 5.37
CA TYR A 138 14.63 -11.01 4.79
C TYR A 138 14.15 -9.83 5.66
N GLU A 139 14.39 -9.88 6.98
CA GLU A 139 13.90 -8.87 7.91
C GLU A 139 14.57 -7.50 7.67
N GLU A 140 15.89 -7.49 7.43
CA GLU A 140 16.62 -6.28 6.99
C GLU A 140 16.24 -5.87 5.57
N PHE A 141 16.03 -6.84 4.65
CA PHE A 141 15.62 -6.56 3.28
C PHE A 141 14.27 -5.85 3.21
N VAL A 142 13.29 -6.22 4.04
CA VAL A 142 12.00 -5.52 4.13
C VAL A 142 12.19 -4.04 4.44
N GLN A 143 13.07 -3.67 5.39
CA GLN A 143 13.28 -2.27 5.76
C GLN A 143 13.94 -1.46 4.63
N MET A 144 14.80 -2.08 3.80
CA MET A 144 15.35 -1.46 2.59
C MET A 144 14.31 -1.35 1.46
N MET A 145 13.43 -2.34 1.32
CA MET A 145 12.40 -2.41 0.27
C MET A 145 11.25 -1.42 0.49
N THR A 146 10.82 -1.20 1.74
CA THR A 146 9.70 -0.31 2.11
C THR A 146 10.11 1.17 2.27
N ALA A 147 11.41 1.48 2.18
CA ALA A 147 11.92 2.85 2.25
C ALA A 147 11.36 3.76 1.13
N LYS A 148 11.08 5.02 1.48
CA LYS A 148 10.51 6.06 0.59
C LYS A 148 11.51 7.15 0.20
N GLY B 1 -9.76 -23.08 -3.31
CA GLY B 1 -9.11 -21.79 -3.61
C GLY B 1 -7.61 -21.92 -3.80
N PRO B 2 -6.86 -20.80 -3.86
CA PRO B 2 -5.41 -20.77 -4.02
C PRO B 2 -4.68 -21.19 -2.72
N GLY B 3 -3.40 -21.55 -2.84
CA GLY B 3 -2.54 -21.93 -1.72
C GLY B 3 -2.09 -20.73 -0.88
N SER B 4 -1.83 -20.96 0.40
CA SER B 4 -1.38 -19.91 1.34
C SER B 4 -0.01 -19.36 0.95
N GLU B 5 0.88 -20.26 0.53
CA GLU B 5 2.18 -19.96 -0.08
C GLU B 5 2.02 -19.12 -1.34
N GLU B 6 1.05 -19.46 -2.20
CA GLU B 6 0.81 -18.79 -3.47
C GLU B 6 0.32 -17.35 -3.25
N VAL B 7 -0.66 -17.13 -2.37
CA VAL B 7 -1.14 -15.75 -2.05
C VAL B 7 -0.13 -14.94 -1.21
N SER B 8 0.73 -15.58 -0.41
CA SER B 8 1.81 -14.89 0.31
C SER B 8 2.86 -14.35 -0.66
N ALA B 9 3.30 -15.14 -1.65
CA ALA B 9 4.29 -14.73 -2.64
C ALA B 9 3.88 -13.43 -3.39
N MET B 10 2.58 -13.25 -3.65
CA MET B 10 2.03 -12.03 -4.28
C MET B 10 2.32 -10.76 -3.48
N VAL B 11 2.41 -10.83 -2.15
CA VAL B 11 2.66 -9.66 -1.29
C VAL B 11 4.11 -9.18 -1.46
N ILE B 12 5.07 -10.10 -1.53
CA ILE B 12 6.50 -9.79 -1.75
C ILE B 12 6.70 -9.27 -3.18
N GLN B 13 6.09 -9.93 -4.17
CA GLN B 13 6.13 -9.49 -5.58
C GLN B 13 5.55 -8.09 -5.75
N ARG B 14 4.41 -7.77 -5.10
CA ARG B 14 3.80 -6.43 -5.12
C ARG B 14 4.76 -5.39 -4.53
N ALA B 15 5.31 -5.64 -3.34
CA ALA B 15 6.23 -4.72 -2.67
C ALA B 15 7.52 -4.48 -3.47
N PHE B 16 8.12 -5.53 -4.03
CA PHE B 16 9.35 -5.43 -4.80
C PHE B 16 9.14 -4.72 -6.15
N ARG B 17 8.04 -4.98 -6.87
CA ARG B 17 7.70 -4.24 -8.10
C ARG B 17 7.42 -2.76 -7.80
N ARG B 18 6.72 -2.45 -6.71
CA ARG B 18 6.48 -1.07 -6.23
C ARG B 18 7.79 -0.37 -5.81
N HIS B 19 8.74 -1.09 -5.22
CA HIS B 19 10.08 -0.59 -4.92
C HIS B 19 10.90 -0.27 -6.21
N LEU B 20 10.97 -1.22 -7.15
CA LEU B 20 11.70 -1.03 -8.41
C LEU B 20 11.12 0.10 -9.28
N LEU B 21 9.83 0.41 -9.17
CA LEU B 21 9.22 1.59 -9.77
C LEU B 21 9.81 2.91 -9.25
N GLN B 22 10.36 2.94 -8.02
CA GLN B 22 11.09 4.09 -7.49
C GLN B 22 12.56 4.10 -7.96
N ARG B 23 13.17 2.92 -8.11
CA ARG B 23 14.58 2.75 -8.50
C ARG B 23 14.82 3.05 -9.99
N SER B 24 13.95 2.55 -10.86
CA SER B 24 14.14 2.54 -12.33
C SER B 24 13.20 3.45 -13.12
N LEU B 25 12.11 3.93 -12.48
CA LEU B 25 11.10 4.91 -12.95
C LEU B 25 10.20 4.38 -14.09
N LYS B 26 10.78 3.81 -15.15
CA LYS B 26 10.08 3.14 -16.26
C LYS B 26 10.30 1.62 -16.21
N HIS B 27 11.56 1.19 -16.38
CA HIS B 27 12.04 -0.20 -16.46
C HIS B 27 13.58 -0.23 -16.61
N ALA B 28 14.18 -1.42 -16.51
CA ALA B 28 15.63 -1.63 -16.78
C ALA B 28 15.97 -1.48 -18.27
N SER B 29 17.21 -1.10 -18.58
CA SER B 29 17.70 -0.94 -19.97
C SER B 29 18.08 -2.29 -20.62
N PHE B 30 18.00 -2.35 -21.96
CA PHE B 30 18.34 -3.52 -22.79
C PHE B 30 18.61 -3.16 -24.25
N LEU B 31 17.78 -2.27 -24.84
CA LEU B 31 17.90 -1.72 -26.19
C LEU B 31 18.99 -0.64 -26.34
N ALA A 1 -8.05 -8.63 11.04
CA ALA A 1 -9.50 -8.73 11.26
C ALA A 1 -10.28 -8.58 9.94
N ASP A 2 -11.52 -9.06 9.90
CA ASP A 2 -12.42 -8.99 8.71
C ASP A 2 -13.45 -7.85 8.81
N GLN A 3 -13.37 -7.05 9.87
CA GLN A 3 -14.36 -6.05 10.28
C GLN A 3 -13.71 -5.03 11.23
N LEU A 4 -14.23 -3.80 11.29
CA LEU A 4 -13.70 -2.75 12.17
C LEU A 4 -13.75 -3.13 13.66
N THR A 5 -12.71 -2.76 14.41
CA THR A 5 -12.59 -3.02 15.87
C THR A 5 -13.04 -1.81 16.68
N GLU A 6 -13.34 -2.04 17.96
CA GLU A 6 -13.88 -1.01 18.87
C GLU A 6 -12.93 0.20 19.05
N GLU A 7 -11.62 -0.02 18.98
CA GLU A 7 -10.60 1.05 19.05
C GLU A 7 -10.53 1.90 17.78
N GLN A 8 -11.00 1.39 16.62
CA GLN A 8 -11.19 2.20 15.41
C GLN A 8 -12.54 2.94 15.47
N ILE A 9 -13.60 2.26 15.91
CA ILE A 9 -14.95 2.85 16.07
C ILE A 9 -14.91 4.07 17.01
N ALA A 10 -14.09 4.04 18.05
CA ALA A 10 -13.89 5.16 18.98
C ALA A 10 -13.33 6.44 18.31
N GLU A 11 -12.64 6.29 17.17
CA GLU A 11 -12.12 7.41 16.37
C GLU A 11 -13.12 7.83 15.28
N PHE A 12 -13.75 6.87 14.59
CA PHE A 12 -14.78 7.15 13.58
C PHE A 12 -15.99 7.88 14.17
N LYS A 13 -16.34 7.61 15.43
CA LYS A 13 -17.41 8.31 16.16
C LYS A 13 -17.17 9.81 16.26
N GLU A 14 -15.93 10.25 16.49
CA GLU A 14 -15.59 11.67 16.60
C GLU A 14 -15.73 12.39 15.25
N ALA A 15 -15.33 11.76 14.14
CA ALA A 15 -15.50 12.33 12.79
C ALA A 15 -16.97 12.36 12.36
N PHE A 16 -17.75 11.32 12.68
CA PHE A 16 -19.17 11.23 12.35
C PHE A 16 -20.02 12.21 13.17
N SER A 17 -19.71 12.38 14.45
CA SER A 17 -20.50 13.22 15.37
C SER A 17 -20.42 14.74 15.09
N LEU A 18 -19.42 15.21 14.33
CA LEU A 18 -19.35 16.62 13.90
C LEU A 18 -20.36 16.94 12.76
N PHE A 19 -20.75 15.93 11.98
CA PHE A 19 -21.77 16.05 10.92
C PHE A 19 -23.20 15.78 11.42
N ASP A 20 -23.35 15.09 12.55
CA ASP A 20 -24.64 14.90 13.26
C ASP A 20 -25.03 16.18 14.03
N LYS A 21 -25.68 17.12 13.32
CA LYS A 21 -26.02 18.44 13.86
C LYS A 21 -27.15 18.40 14.90
N ASP A 22 -28.05 17.42 14.82
CA ASP A 22 -29.22 17.28 15.69
C ASP A 22 -28.93 16.47 16.98
N GLY A 23 -27.84 15.71 17.00
CA GLY A 23 -27.42 14.86 18.14
C GLY A 23 -28.15 13.51 18.20
N ASP A 24 -28.78 13.08 17.10
CA ASP A 24 -29.63 11.88 17.03
C ASP A 24 -28.90 10.61 16.55
N GLY A 25 -27.62 10.73 16.16
CA GLY A 25 -26.77 9.61 15.72
C GLY A 25 -26.81 9.34 14.21
N THR A 26 -27.31 10.29 13.40
CA THR A 26 -27.45 10.18 11.93
C THR A 26 -26.76 11.32 11.18
N ILE A 27 -26.34 11.05 9.96
CA ILE A 27 -25.90 12.05 8.96
C ILE A 27 -26.78 11.94 7.70
N THR A 28 -26.77 12.94 6.80
CA THR A 28 -27.41 12.79 5.48
C THR A 28 -26.56 11.96 4.52
N THR A 29 -27.21 11.52 3.44
CA THR A 29 -26.56 10.91 2.27
C THR A 29 -25.60 11.87 1.57
N LYS A 30 -25.82 13.19 1.69
CA LYS A 30 -24.92 14.24 1.20
C LYS A 30 -23.68 14.39 2.10
N GLU A 31 -23.87 14.39 3.42
CA GLU A 31 -22.79 14.46 4.42
C GLU A 31 -21.88 13.23 4.43
N LEU A 32 -22.33 12.08 3.90
CA LEU A 32 -21.50 10.90 3.73
C LEU A 32 -20.24 11.22 2.92
N GLY A 33 -20.39 11.83 1.74
CA GLY A 33 -19.26 12.20 0.87
C GLY A 33 -18.30 13.21 1.51
N THR A 34 -18.75 13.93 2.56
CA THR A 34 -17.94 14.82 3.39
C THR A 34 -17.24 14.06 4.51
N VAL A 35 -17.90 13.12 5.21
CA VAL A 35 -17.23 12.36 6.29
C VAL A 35 -16.23 11.34 5.76
N MET A 36 -16.45 10.82 4.54
CA MET A 36 -15.45 10.06 3.78
C MET A 36 -14.14 10.86 3.64
N ARG A 37 -14.24 12.11 3.18
CA ARG A 37 -13.10 13.01 2.98
C ARG A 37 -12.51 13.57 4.28
N SER A 38 -13.30 13.70 5.34
CA SER A 38 -12.81 13.96 6.71
C SER A 38 -11.89 12.82 7.22
N LEU A 39 -12.17 11.58 6.79
CA LEU A 39 -11.39 10.36 7.06
C LEU A 39 -10.36 10.05 5.95
N GLY A 40 -10.12 10.97 5.01
CA GLY A 40 -9.09 10.85 3.96
C GLY A 40 -9.48 9.93 2.79
N GLN A 41 -10.73 9.47 2.72
CA GLN A 41 -11.25 8.61 1.65
C GLN A 41 -11.83 9.49 0.53
N ASN A 42 -11.48 9.22 -0.73
CA ASN A 42 -11.89 10.03 -1.89
C ASN A 42 -12.71 9.21 -2.93
N PRO A 43 -13.93 8.73 -2.57
CA PRO A 43 -14.77 7.93 -3.46
C PRO A 43 -15.41 8.82 -4.54
N THR A 44 -15.51 8.28 -5.77
CA THR A 44 -16.18 8.94 -6.90
C THR A 44 -17.70 8.97 -6.67
N GLU A 45 -18.41 9.87 -7.35
CA GLU A 45 -19.87 10.03 -7.22
C GLU A 45 -20.64 8.73 -7.52
N ALA A 46 -20.17 7.92 -8.48
CA ALA A 46 -20.72 6.60 -8.79
C ALA A 46 -20.49 5.57 -7.66
N GLU A 47 -19.37 5.66 -6.95
CA GLU A 47 -19.05 4.80 -5.80
C GLU A 47 -19.89 5.20 -4.58
N LEU A 48 -20.05 6.51 -4.34
CA LEU A 48 -20.96 7.05 -3.33
C LEU A 48 -22.40 6.60 -3.62
N GLN A 49 -22.89 6.73 -4.86
CA GLN A 49 -24.22 6.26 -5.23
C GLN A 49 -24.39 4.75 -4.99
N ASP A 50 -23.38 3.93 -5.33
CA ASP A 50 -23.42 2.48 -5.14
C ASP A 50 -23.52 2.05 -3.66
N MET A 51 -22.89 2.78 -2.72
CA MET A 51 -23.04 2.51 -1.28
C MET A 51 -24.29 3.14 -0.68
N ILE A 52 -24.68 4.33 -1.14
CA ILE A 52 -25.87 5.07 -0.67
C ILE A 52 -27.15 4.31 -1.01
N ASN A 53 -27.39 3.95 -2.28
CA ASN A 53 -28.68 3.38 -2.70
C ASN A 53 -28.98 2.01 -2.04
N GLU A 54 -27.95 1.32 -1.56
CA GLU A 54 -28.05 0.08 -0.79
C GLU A 54 -28.45 0.30 0.68
N VAL A 55 -28.25 1.49 1.25
CA VAL A 55 -28.62 1.82 2.65
C VAL A 55 -29.81 2.80 2.75
N ASP A 56 -30.00 3.66 1.75
CA ASP A 56 -31.11 4.62 1.64
C ASP A 56 -32.31 4.06 0.86
N ALA A 57 -32.47 2.72 0.83
CA ALA A 57 -33.57 2.01 0.17
C ALA A 57 -34.96 2.36 0.74
N ASP A 58 -35.03 2.89 1.97
CA ASP A 58 -36.26 3.39 2.61
C ASP A 58 -36.69 4.78 2.09
N GLY A 59 -35.81 5.51 1.39
CA GLY A 59 -36.04 6.87 0.90
C GLY A 59 -35.92 7.95 1.99
N ASN A 60 -35.28 7.62 3.11
CA ASN A 60 -35.23 8.44 4.33
C ASN A 60 -34.31 9.67 4.21
N GLY A 61 -33.26 9.59 3.38
CA GLY A 61 -32.28 10.66 3.14
C GLY A 61 -31.11 10.68 4.14
N THR A 62 -31.04 9.70 5.06
CA THR A 62 -30.10 9.66 6.19
C THR A 62 -29.47 8.29 6.38
N ILE A 63 -28.29 8.28 7.02
CA ILE A 63 -27.47 7.11 7.36
C ILE A 63 -27.15 7.13 8.85
N ASP A 64 -27.35 6.00 9.53
CA ASP A 64 -27.08 5.79 10.97
C ASP A 64 -25.63 5.33 11.22
N PHE A 65 -25.10 5.55 12.42
CA PHE A 65 -23.70 5.29 12.75
C PHE A 65 -23.21 3.85 12.48
N PRO A 66 -23.87 2.76 12.96
CA PRO A 66 -23.46 1.39 12.65
C PRO A 66 -23.64 1.02 11.17
N GLU A 67 -24.58 1.66 10.46
CA GLU A 67 -24.80 1.47 9.02
C GLU A 67 -23.66 2.09 8.18
N PHE A 68 -23.19 3.27 8.59
CA PHE A 68 -21.96 3.89 8.07
C PHE A 68 -20.71 3.05 8.37
N LEU A 69 -20.60 2.48 9.58
CA LEU A 69 -19.48 1.58 9.93
C LEU A 69 -19.49 0.28 9.11
N THR A 70 -20.66 -0.24 8.73
CA THR A 70 -20.80 -1.46 7.91
C THR A 70 -20.20 -1.25 6.52
N MET A 71 -20.53 -0.14 5.84
CA MET A 71 -19.95 0.16 4.53
C MET A 71 -18.44 0.45 4.60
N MET A 72 -17.95 1.03 5.70
CA MET A 72 -16.51 1.25 5.95
C MET A 72 -15.75 -0.06 6.20
N ALA A 73 -16.33 -0.99 6.97
CA ALA A 73 -15.74 -2.31 7.26
C ALA A 73 -15.53 -3.14 6.01
N ARG A 74 -16.57 -3.28 5.19
CA ARG A 74 -16.59 -4.07 3.94
C ARG A 74 -15.63 -3.52 2.87
N LYS A 75 -15.26 -2.23 2.95
CA LYS A 75 -14.40 -1.54 1.97
C LYS A 75 -12.89 -1.65 2.24
N MET A 76 -12.46 -2.05 3.45
CA MET A 76 -11.05 -2.06 3.88
C MET A 76 -10.14 -2.92 2.98
N LYS A 77 -8.94 -2.41 2.70
CA LYS A 77 -8.00 -2.93 1.68
C LYS A 77 -7.00 -3.96 2.24
N ASP A 78 -6.39 -4.76 1.35
CA ASP A 78 -5.24 -5.62 1.63
C ASP A 78 -3.91 -4.84 1.60
N THR A 79 -3.79 -3.86 0.69
CA THR A 79 -2.75 -2.81 0.59
C THR A 79 -1.31 -3.37 0.71
N ASP A 80 -0.38 -2.63 1.30
CA ASP A 80 0.99 -3.04 1.63
C ASP A 80 1.57 -2.24 2.81
N SER A 81 2.46 -2.87 3.59
CA SER A 81 3.06 -2.33 4.82
C SER A 81 4.21 -3.22 5.29
N GLU A 82 5.23 -2.64 5.94
CA GLU A 82 6.46 -3.35 6.34
C GLU A 82 6.21 -4.58 7.23
N GLU A 83 5.14 -4.58 8.03
CA GLU A 83 4.73 -5.72 8.86
C GLU A 83 4.16 -6.86 8.02
N GLU A 84 3.33 -6.55 7.02
CA GLU A 84 2.74 -7.53 6.09
C GLU A 84 3.83 -8.12 5.17
N ILE A 85 4.75 -7.28 4.71
CA ILE A 85 5.93 -7.66 3.90
C ILE A 85 6.85 -8.56 4.71
N ARG A 86 7.10 -8.26 6.00
CA ARG A 86 7.87 -9.12 6.91
C ARG A 86 7.22 -10.49 7.12
N GLU A 87 5.89 -10.53 7.35
CA GLU A 87 5.16 -11.78 7.52
C GLU A 87 5.19 -12.65 6.25
N ALA A 88 5.21 -12.07 5.06
CA ALA A 88 5.26 -12.82 3.80
C ALA A 88 6.57 -13.63 3.68
N PHE A 89 7.71 -13.07 4.10
CA PHE A 89 8.96 -13.84 4.23
C PHE A 89 8.88 -14.86 5.39
N ARG A 90 8.26 -14.49 6.52
CA ARG A 90 8.14 -15.35 7.70
C ARG A 90 7.29 -16.61 7.43
N VAL A 91 6.29 -16.54 6.55
CA VAL A 91 5.52 -17.70 6.04
C VAL A 91 6.43 -18.71 5.31
N PHE A 92 7.44 -18.24 4.56
CA PHE A 92 8.36 -19.11 3.81
C PHE A 92 9.53 -19.65 4.66
N ASP A 93 9.90 -18.97 5.75
CA ASP A 93 10.85 -19.50 6.74
C ASP A 93 10.23 -20.68 7.50
N LYS A 94 10.84 -21.86 7.36
CA LYS A 94 10.33 -23.13 7.91
C LYS A 94 10.67 -23.35 9.40
N ASP A 95 11.51 -22.50 9.99
CA ASP A 95 11.93 -22.57 11.40
C ASP A 95 11.65 -21.27 12.19
N GLY A 96 11.46 -20.13 11.50
CA GLY A 96 11.35 -18.79 12.11
C GLY A 96 12.70 -18.18 12.48
N ASN A 97 13.79 -18.67 11.90
CA ASN A 97 15.17 -18.30 12.21
C ASN A 97 15.58 -16.89 11.74
N GLY A 98 14.86 -16.30 10.78
CA GLY A 98 15.16 -14.99 10.16
C GLY A 98 15.91 -15.08 8.82
N TYR A 99 16.01 -16.30 8.26
CA TYR A 99 16.76 -16.58 7.02
C TYR A 99 16.01 -17.55 6.07
N ILE A 100 16.12 -17.31 4.76
CA ILE A 100 15.57 -18.15 3.67
C ILE A 100 16.62 -18.40 2.58
N SER A 101 16.46 -19.44 1.76
CA SER A 101 17.43 -19.78 0.73
C SER A 101 17.28 -18.89 -0.53
N ALA A 102 18.39 -18.47 -1.14
CA ALA A 102 18.37 -17.61 -2.33
C ALA A 102 17.70 -18.27 -3.54
N ALA A 103 17.97 -19.57 -3.77
CA ALA A 103 17.31 -20.36 -4.82
C ALA A 103 15.79 -20.53 -4.60
N GLU A 104 15.35 -20.53 -3.34
CA GLU A 104 13.94 -20.63 -2.93
C GLU A 104 13.21 -19.29 -3.11
N LEU A 105 13.82 -18.17 -2.72
CA LEU A 105 13.25 -16.82 -2.96
C LEU A 105 13.15 -16.50 -4.46
N ARG A 106 14.15 -16.90 -5.25
CA ARG A 106 14.06 -16.93 -6.72
C ARG A 106 12.85 -17.77 -7.19
N HIS A 107 12.74 -19.02 -6.74
CA HIS A 107 11.70 -19.96 -7.19
C HIS A 107 10.28 -19.54 -6.78
N VAL A 108 10.08 -19.07 -5.54
CA VAL A 108 8.74 -18.73 -5.03
C VAL A 108 8.12 -17.51 -5.76
N MET A 109 8.94 -16.66 -6.37
CA MET A 109 8.52 -15.56 -7.25
C MET A 109 8.14 -16.01 -8.68
N THR A 110 8.60 -17.18 -9.14
CA THR A 110 8.34 -17.71 -10.50
C THR A 110 7.39 -18.92 -10.52
N ASN A 111 7.09 -19.50 -9.36
CA ASN A 111 6.19 -20.66 -9.23
C ASN A 111 4.79 -20.32 -8.66
N LEU A 112 4.68 -19.46 -7.63
CA LEU A 112 3.40 -19.08 -6.99
C LEU A 112 2.81 -17.79 -7.59
N GLY A 113 1.48 -17.64 -7.51
CA GLY A 113 0.74 -16.39 -7.75
C GLY A 113 0.85 -15.85 -9.18
N GLU A 114 0.72 -14.54 -9.33
CA GLU A 114 1.20 -13.81 -10.51
C GLU A 114 2.73 -13.82 -10.54
N LYS A 115 3.34 -13.99 -11.71
CA LYS A 115 4.79 -14.29 -11.82
C LYS A 115 5.67 -13.04 -11.97
N LEU A 116 6.83 -13.05 -11.31
CA LEU A 116 7.91 -12.06 -11.44
C LEU A 116 8.88 -12.46 -12.57
N THR A 117 9.58 -11.50 -13.18
CA THR A 117 10.52 -11.77 -14.30
C THR A 117 11.90 -12.23 -13.87
N ASP A 118 12.62 -12.82 -14.83
CA ASP A 118 14.01 -13.26 -14.72
C ASP A 118 14.95 -12.09 -14.34
N GLU A 119 14.72 -10.91 -14.91
CA GLU A 119 15.43 -9.67 -14.65
C GLU A 119 15.19 -9.20 -13.20
N GLU A 120 13.94 -9.30 -12.72
CA GLU A 120 13.55 -8.89 -11.37
C GLU A 120 14.07 -9.84 -10.30
N VAL A 121 14.00 -11.17 -10.48
CA VAL A 121 14.58 -12.11 -9.49
C VAL A 121 16.12 -12.02 -9.46
N ASP A 122 16.78 -11.73 -10.58
CA ASP A 122 18.23 -11.51 -10.60
C ASP A 122 18.62 -10.24 -9.82
N GLU A 123 17.85 -9.16 -9.92
CA GLU A 123 17.99 -7.98 -9.07
C GLU A 123 17.72 -8.32 -7.59
N MET A 124 16.61 -9.01 -7.30
CA MET A 124 16.15 -9.34 -5.94
C MET A 124 17.23 -10.10 -5.14
N ILE A 125 17.76 -11.18 -5.72
CA ILE A 125 18.80 -12.00 -5.08
C ILE A 125 20.13 -11.24 -4.97
N ARG A 126 20.53 -10.48 -6.00
CA ARG A 126 21.77 -9.69 -5.98
C ARG A 126 21.77 -8.56 -4.93
N GLU A 127 20.63 -7.90 -4.72
CA GLU A 127 20.47 -6.90 -3.65
C GLU A 127 20.39 -7.52 -2.24
N ALA A 128 20.05 -8.81 -2.12
CA ALA A 128 20.04 -9.53 -0.84
C ALA A 128 21.42 -10.13 -0.49
N ASP A 129 22.11 -10.75 -1.45
CA ASP A 129 23.36 -11.52 -1.26
C ASP A 129 24.56 -10.66 -0.79
N ILE A 130 24.52 -9.34 -1.04
CA ILE A 130 25.51 -8.38 -0.53
C ILE A 130 25.42 -8.15 0.99
N ASP A 131 24.31 -8.52 1.64
CA ASP A 131 24.13 -8.50 3.11
C ASP A 131 24.07 -9.93 3.70
N GLY A 132 23.52 -10.89 2.94
CA GLY A 132 23.42 -12.31 3.30
C GLY A 132 24.71 -13.10 3.05
N ASP A 133 24.58 -14.42 2.99
CA ASP A 133 25.70 -15.39 2.87
C ASP A 133 25.19 -16.75 2.35
N GLY A 134 24.73 -16.77 1.09
CA GLY A 134 24.03 -17.90 0.46
C GLY A 134 22.55 -17.98 0.88
N GLN A 135 22.29 -17.79 2.18
CA GLN A 135 20.96 -17.52 2.72
C GLN A 135 20.69 -16.00 2.74
N VAL A 136 19.41 -15.64 2.53
CA VAL A 136 18.91 -14.25 2.53
C VAL A 136 18.52 -13.86 3.94
N ASN A 137 19.09 -12.75 4.44
CA ASN A 137 18.74 -12.11 5.69
C ASN A 137 17.49 -11.23 5.50
N TYR A 138 16.30 -11.85 5.37
CA TYR A 138 15.09 -11.13 4.96
C TYR A 138 14.64 -10.03 5.93
N GLU A 139 15.01 -10.13 7.21
CA GLU A 139 14.64 -9.17 8.24
C GLU A 139 15.12 -7.75 7.91
N GLU A 140 16.32 -7.60 7.35
CA GLU A 140 16.85 -6.32 6.86
C GLU A 140 16.29 -5.97 5.46
N PHE A 141 16.06 -6.98 4.61
CA PHE A 141 15.60 -6.83 3.23
C PHE A 141 14.21 -6.16 3.12
N VAL A 142 13.35 -6.33 4.14
CA VAL A 142 12.07 -5.62 4.28
C VAL A 142 12.23 -4.09 4.21
N GLN A 143 13.28 -3.51 4.79
CA GLN A 143 13.49 -2.06 4.85
C GLN A 143 13.80 -1.47 3.46
N MET A 144 14.35 -2.28 2.54
CA MET A 144 14.64 -1.88 1.16
C MET A 144 13.36 -1.71 0.32
N MET A 145 12.24 -2.31 0.76
CA MET A 145 10.94 -2.25 0.08
C MET A 145 10.22 -0.93 0.31
N THR A 146 10.25 -0.41 1.55
CA THR A 146 9.66 0.87 1.94
C THR A 146 10.59 2.03 1.66
N ALA A 147 11.90 1.83 1.85
CA ALA A 147 13.00 2.67 1.35
C ALA A 147 13.01 4.10 1.96
N LYS A 148 13.65 5.05 1.26
CA LYS A 148 13.82 6.46 1.67
C LYS A 148 12.50 7.25 1.68
N GLY B 1 -6.25 -27.47 0.80
CA GLY B 1 -5.05 -26.91 1.48
C GLY B 1 -5.04 -25.39 1.50
N PRO B 2 -4.28 -24.76 2.42
CA PRO B 2 -4.21 -23.31 2.58
C PRO B 2 -3.42 -22.64 1.46
N GLY B 3 -3.80 -21.39 1.13
CA GLY B 3 -3.16 -20.55 0.10
C GLY B 3 -2.18 -19.52 0.65
N SER B 4 -1.67 -19.70 1.87
CA SER B 4 -0.89 -18.70 2.61
C SER B 4 0.43 -18.39 1.90
N GLU B 5 1.07 -19.42 1.37
CA GLU B 5 2.26 -19.36 0.51
C GLU B 5 1.97 -18.62 -0.81
N GLU B 6 0.82 -18.86 -1.45
CA GLU B 6 0.46 -18.22 -2.71
C GLU B 6 0.22 -16.72 -2.54
N VAL B 7 -0.53 -16.32 -1.50
CA VAL B 7 -0.77 -14.88 -1.21
C VAL B 7 0.47 -14.16 -0.70
N SER B 8 1.37 -14.84 0.03
CA SER B 8 2.66 -14.27 0.45
C SER B 8 3.54 -13.93 -0.76
N ALA B 9 3.63 -14.82 -1.76
CA ALA B 9 4.35 -14.54 -3.01
C ALA B 9 3.80 -13.31 -3.76
N MET B 10 2.49 -13.05 -3.64
CA MET B 10 1.85 -11.86 -4.20
C MET B 10 2.05 -10.57 -3.39
N VAL B 11 2.47 -10.64 -2.12
CA VAL B 11 2.86 -9.47 -1.30
C VAL B 11 4.30 -9.04 -1.61
N ILE B 12 5.25 -9.98 -1.72
CA ILE B 12 6.67 -9.68 -1.92
C ILE B 12 6.93 -8.99 -3.26
N GLN B 13 6.20 -9.34 -4.32
CA GLN B 13 6.31 -8.67 -5.62
C GLN B 13 5.80 -7.21 -5.61
N ARG B 14 4.75 -6.88 -4.84
CA ARG B 14 4.32 -5.48 -4.66
C ARG B 14 5.39 -4.67 -3.90
N ALA B 15 6.00 -5.29 -2.88
CA ALA B 15 7.09 -4.72 -2.09
C ALA B 15 8.34 -4.47 -2.96
N PHE B 16 8.70 -5.42 -3.82
CA PHE B 16 9.86 -5.31 -4.70
C PHE B 16 9.66 -4.31 -5.85
N ARG B 17 8.45 -4.21 -6.40
CA ARG B 17 8.13 -3.16 -7.39
C ARG B 17 8.04 -1.76 -6.76
N ARG B 18 7.81 -1.67 -5.43
CA ARG B 18 8.02 -0.44 -4.64
C ARG B 18 9.51 -0.14 -4.42
N HIS B 19 10.34 -1.16 -4.16
CA HIS B 19 11.81 -1.00 -4.09
C HIS B 19 12.41 -0.46 -5.40
N LEU B 20 12.09 -1.06 -6.55
CA LEU B 20 12.70 -0.77 -7.85
C LEU B 20 12.54 0.68 -8.33
N LEU B 21 11.56 1.42 -7.80
CA LEU B 21 11.40 2.87 -8.00
C LEU B 21 12.20 3.63 -6.93
N GLN B 22 11.83 3.46 -5.65
CA GLN B 22 12.29 4.30 -4.54
C GLN B 22 13.78 4.11 -4.18
N ARG B 23 14.46 3.08 -4.72
CA ARG B 23 15.91 2.88 -4.58
C ARG B 23 16.76 4.09 -5.04
N SER B 24 16.27 4.90 -5.98
CA SER B 24 17.06 5.96 -6.65
C SER B 24 16.26 6.95 -7.53
N LEU B 25 15.09 6.55 -8.04
CA LEU B 25 14.13 7.28 -8.90
C LEU B 25 14.66 7.56 -10.32
N LYS B 26 15.93 7.96 -10.46
CA LYS B 26 16.60 8.24 -11.73
C LYS B 26 16.92 6.95 -12.53
N HIS B 27 16.84 7.01 -13.86
CA HIS B 27 17.07 5.86 -14.76
C HIS B 27 18.54 5.35 -14.78
N ALA B 28 19.51 6.22 -14.51
CA ALA B 28 20.94 5.89 -14.50
C ALA B 28 21.38 5.33 -13.13
N SER B 29 21.95 4.14 -13.12
CA SER B 29 22.43 3.45 -11.90
C SER B 29 23.91 3.74 -11.55
N PHE B 30 24.70 4.22 -12.53
CA PHE B 30 26.16 4.41 -12.42
C PHE B 30 26.56 5.84 -11.99
N LEU B 31 25.63 6.80 -12.03
CA LEU B 31 25.84 8.21 -11.63
C LEU B 31 25.66 8.41 -10.11
N ALA A 1 -6.09 4.68 9.78
CA ALA A 1 -7.29 4.86 8.93
C ALA A 1 -7.03 4.36 7.49
N ASP A 2 -8.09 4.13 6.73
CA ASP A 2 -8.08 3.63 5.34
C ASP A 2 -8.46 4.72 4.30
N GLN A 3 -8.57 5.97 4.75
CA GLN A 3 -9.32 7.03 4.07
C GLN A 3 -8.83 8.44 4.45
N LEU A 4 -9.26 9.47 3.69
CA LEU A 4 -8.93 10.87 3.96
C LEU A 4 -9.34 11.36 5.37
N THR A 5 -8.55 12.28 5.93
CA THR A 5 -8.74 12.91 7.24
C THR A 5 -9.51 14.22 7.12
N GLU A 6 -10.11 14.67 8.23
CA GLU A 6 -10.94 15.89 8.28
C GLU A 6 -10.17 17.15 7.84
N GLU A 7 -8.87 17.24 8.15
CA GLU A 7 -8.01 18.37 7.75
C GLU A 7 -7.69 18.39 6.24
N GLN A 8 -7.73 17.24 5.56
CA GLN A 8 -7.63 17.15 4.11
C GLN A 8 -8.99 17.44 3.45
N ILE A 9 -10.08 16.88 4.00
CA ILE A 9 -11.46 17.12 3.57
C ILE A 9 -11.82 18.61 3.59
N ALA A 10 -11.33 19.36 4.58
CA ALA A 10 -11.54 20.80 4.72
C ALA A 10 -10.94 21.63 3.57
N GLU A 11 -9.92 21.11 2.88
CA GLU A 11 -9.34 21.73 1.68
C GLU A 11 -10.05 21.27 0.39
N PHE A 12 -10.40 19.98 0.29
CA PHE A 12 -11.13 19.44 -0.86
C PHE A 12 -12.54 20.05 -1.00
N LYS A 13 -13.17 20.44 0.10
CA LYS A 13 -14.41 21.23 0.13
C LYS A 13 -14.29 22.54 -0.69
N GLU A 14 -13.18 23.26 -0.54
CA GLU A 14 -13.02 24.60 -1.14
C GLU A 14 -12.98 24.54 -2.68
N ALA A 15 -12.34 23.52 -3.25
CA ALA A 15 -12.36 23.31 -4.71
C ALA A 15 -13.72 22.80 -5.19
N PHE A 16 -14.29 21.80 -4.53
CA PHE A 16 -15.59 21.20 -4.89
C PHE A 16 -16.73 22.24 -4.88
N SER A 17 -16.76 23.13 -3.87
CA SER A 17 -17.81 24.15 -3.73
C SER A 17 -17.82 25.23 -4.82
N LEU A 18 -16.73 25.42 -5.60
CA LEU A 18 -16.71 26.39 -6.70
C LEU A 18 -17.37 25.81 -7.97
N PHE A 19 -17.32 24.49 -8.16
CA PHE A 19 -17.98 23.76 -9.25
C PHE A 19 -19.42 23.34 -8.91
N ASP A 20 -19.82 23.46 -7.64
CA ASP A 20 -21.21 23.38 -7.17
C ASP A 20 -21.95 24.71 -7.46
N LYS A 21 -22.09 25.03 -8.75
CA LYS A 21 -22.61 26.31 -9.26
C LYS A 21 -24.09 26.54 -8.96
N ASP A 22 -24.88 25.47 -8.78
CA ASP A 22 -26.31 25.53 -8.46
C ASP A 22 -26.59 25.62 -6.94
N GLY A 23 -25.59 25.31 -6.10
CA GLY A 23 -25.69 25.37 -4.63
C GLY A 23 -26.36 24.14 -4.00
N ASP A 24 -26.54 23.06 -4.76
CA ASP A 24 -27.23 21.83 -4.34
C ASP A 24 -26.35 20.86 -3.52
N GLY A 25 -25.02 21.02 -3.60
CA GLY A 25 -24.03 20.14 -2.95
C GLY A 25 -23.47 19.04 -3.87
N THR A 26 -23.57 19.23 -5.19
CA THR A 26 -23.08 18.29 -6.22
C THR A 26 -22.31 19.02 -7.31
N ILE A 27 -21.36 18.31 -7.93
CA ILE A 27 -20.70 18.73 -9.18
C ILE A 27 -21.21 17.89 -10.36
N THR A 28 -21.03 18.34 -11.60
CA THR A 28 -21.21 17.52 -12.80
C THR A 28 -20.00 16.63 -13.05
N THR A 29 -20.26 15.50 -13.73
CA THR A 29 -19.23 14.52 -14.13
C THR A 29 -18.18 15.14 -15.04
N LYS A 30 -18.57 16.06 -15.92
CA LYS A 30 -17.67 16.79 -16.82
C LYS A 30 -16.63 17.65 -16.06
N GLU A 31 -17.04 18.24 -14.93
CA GLU A 31 -16.19 19.13 -14.12
C GLU A 31 -15.31 18.37 -13.11
N LEU A 32 -15.50 17.05 -12.94
CA LEU A 32 -14.64 16.21 -12.09
C LEU A 32 -13.15 16.37 -12.47
N GLY A 33 -12.85 16.30 -13.76
CA GLY A 33 -11.51 16.52 -14.33
C GLY A 33 -10.98 17.95 -14.18
N THR A 34 -11.86 18.91 -13.83
CA THR A 34 -11.53 20.31 -13.52
C THR A 34 -11.30 20.50 -12.03
N VAL A 35 -12.10 19.88 -11.15
CA VAL A 35 -11.81 19.86 -9.70
C VAL A 35 -10.47 19.16 -9.43
N MET A 36 -10.19 18.07 -10.16
CA MET A 36 -8.91 17.36 -10.12
C MET A 36 -7.74 18.32 -10.40
N ARG A 37 -7.80 19.08 -11.51
CA ARG A 37 -6.75 20.02 -11.93
C ARG A 37 -6.67 21.27 -11.04
N SER A 38 -7.76 21.67 -10.39
CA SER A 38 -7.76 22.72 -9.34
C SER A 38 -7.06 22.27 -8.05
N LEU A 39 -6.91 20.96 -7.84
CA LEU A 39 -6.21 20.33 -6.70
C LEU A 39 -4.82 19.78 -7.07
N GLY A 40 -4.40 19.88 -8.34
CA GLY A 40 -3.10 19.44 -8.85
C GLY A 40 -3.06 18.00 -9.39
N GLN A 41 -4.20 17.31 -9.47
CA GLN A 41 -4.33 15.99 -10.11
C GLN A 41 -4.56 16.18 -11.62
N ASN A 42 -3.77 15.51 -12.46
CA ASN A 42 -3.82 15.64 -13.92
C ASN A 42 -4.16 14.27 -14.59
N PRO A 43 -5.42 13.79 -14.50
CA PRO A 43 -5.82 12.48 -15.00
C PRO A 43 -5.88 12.47 -16.53
N THR A 44 -5.27 11.45 -17.13
CA THR A 44 -5.45 11.11 -18.56
C THR A 44 -6.91 10.79 -18.84
N GLU A 45 -7.37 10.92 -20.08
CA GLU A 45 -8.78 10.72 -20.45
C GLU A 45 -9.33 9.32 -20.03
N ALA A 46 -8.49 8.29 -20.06
CA ALA A 46 -8.82 6.95 -19.59
C ALA A 46 -8.97 6.87 -18.05
N GLU A 47 -8.07 7.52 -17.29
CA GLU A 47 -8.12 7.61 -15.83
C GLU A 47 -9.31 8.48 -15.37
N LEU A 48 -9.63 9.54 -16.11
CA LEU A 48 -10.78 10.40 -15.87
C LEU A 48 -12.08 9.62 -16.08
N GLN A 49 -12.23 8.90 -17.19
CA GLN A 49 -13.39 8.06 -17.45
C GLN A 49 -13.50 6.91 -16.42
N ASP A 50 -12.38 6.33 -15.98
CA ASP A 50 -12.35 5.29 -14.95
C ASP A 50 -12.89 5.78 -13.60
N MET A 51 -12.67 7.05 -13.25
CA MET A 51 -13.25 7.69 -12.05
C MET A 51 -14.72 8.03 -12.28
N ILE A 52 -15.10 8.55 -13.45
CA ILE A 52 -16.48 8.95 -13.74
C ILE A 52 -17.41 7.73 -13.71
N ASN A 53 -17.17 6.69 -14.50
CA ASN A 53 -18.08 5.55 -14.61
C ASN A 53 -18.21 4.72 -13.30
N GLU A 54 -17.28 4.86 -12.36
CA GLU A 54 -17.37 4.32 -11.00
C GLU A 54 -18.43 5.02 -10.13
N VAL A 55 -18.75 6.29 -10.39
CA VAL A 55 -19.75 7.09 -9.62
C VAL A 55 -21.00 7.43 -10.45
N ASP A 56 -20.90 7.49 -11.78
CA ASP A 56 -22.00 7.74 -12.73
C ASP A 56 -22.67 6.44 -13.22
N ALA A 57 -22.58 5.35 -12.45
CA ALA A 57 -23.16 4.04 -12.76
C ALA A 57 -24.71 4.07 -12.88
N ASP A 58 -25.35 5.04 -12.23
CA ASP A 58 -26.80 5.33 -12.32
C ASP A 58 -27.18 6.13 -13.58
N GLY A 59 -26.21 6.75 -14.26
CA GLY A 59 -26.41 7.66 -15.40
C GLY A 59 -26.89 9.06 -14.99
N ASN A 60 -26.74 9.43 -13.71
CA ASN A 60 -27.33 10.63 -13.12
C ASN A 60 -26.71 11.95 -13.62
N GLY A 61 -25.44 11.93 -14.05
CA GLY A 61 -24.70 13.07 -14.60
C GLY A 61 -24.01 13.96 -13.55
N THR A 62 -24.12 13.63 -12.25
CA THR A 62 -23.60 14.41 -11.12
C THR A 62 -22.95 13.53 -10.06
N ILE A 63 -22.12 14.15 -9.21
CA ILE A 63 -21.31 13.53 -8.16
C ILE A 63 -21.50 14.33 -6.85
N ASP A 64 -21.75 13.64 -5.74
CA ASP A 64 -21.88 14.23 -4.40
C ASP A 64 -20.55 14.22 -3.64
N PHE A 65 -20.39 15.10 -2.66
CA PHE A 65 -19.12 15.29 -1.95
C PHE A 65 -18.54 14.03 -1.29
N PRO A 66 -19.31 13.16 -0.60
CA PRO A 66 -18.81 11.90 -0.06
C PRO A 66 -18.29 10.94 -1.15
N GLU A 67 -18.93 10.92 -2.32
CA GLU A 67 -18.54 10.05 -3.45
C GLU A 67 -17.21 10.55 -4.07
N PHE A 68 -17.10 11.88 -4.27
CA PHE A 68 -15.87 12.55 -4.70
C PHE A 68 -14.71 12.31 -3.72
N LEU A 69 -14.95 12.43 -2.41
CA LEU A 69 -13.95 12.13 -1.38
C LEU A 69 -13.53 10.65 -1.39
N THR A 70 -14.47 9.72 -1.67
CA THR A 70 -14.17 8.28 -1.79
C THR A 70 -13.24 8.03 -2.97
N MET A 71 -13.48 8.65 -4.12
CA MET A 71 -12.54 8.60 -5.25
C MET A 71 -11.15 9.13 -4.87
N MET A 72 -11.08 10.30 -4.22
CA MET A 72 -9.81 10.92 -3.80
C MET A 72 -9.05 10.07 -2.77
N ALA A 73 -9.73 9.46 -1.81
CA ALA A 73 -9.14 8.54 -0.82
C ALA A 73 -8.52 7.29 -1.45
N ARG A 74 -9.26 6.68 -2.40
CA ARG A 74 -8.80 5.54 -3.21
C ARG A 74 -7.59 5.89 -4.10
N LYS A 75 -7.51 7.13 -4.62
CA LYS A 75 -6.47 7.58 -5.55
C LYS A 75 -5.04 7.64 -4.95
N MET A 76 -4.93 7.74 -3.61
CA MET A 76 -3.66 7.95 -2.89
C MET A 76 -2.79 6.70 -2.69
N LYS A 77 -3.28 5.50 -3.02
CA LYS A 77 -2.65 4.22 -2.65
C LYS A 77 -2.94 3.06 -3.62
N ASP A 78 -1.98 2.13 -3.75
CA ASP A 78 -2.00 0.99 -4.68
C ASP A 78 -0.97 -0.10 -4.27
N THR A 79 -0.79 -0.29 -2.95
CA THR A 79 0.20 -1.20 -2.35
C THR A 79 -0.25 -1.71 -0.98
N ASP A 80 0.41 -2.74 -0.47
CA ASP A 80 0.11 -3.42 0.80
C ASP A 80 0.93 -2.87 2.00
N SER A 81 0.59 -3.29 3.22
CA SER A 81 1.18 -2.77 4.46
C SER A 81 2.49 -3.50 4.84
N GLU A 82 3.46 -2.76 5.39
CA GLU A 82 4.81 -3.25 5.75
C GLU A 82 4.77 -4.45 6.71
N GLU A 83 3.81 -4.51 7.65
CA GLU A 83 3.66 -5.64 8.58
C GLU A 83 3.13 -6.91 7.89
N GLU A 84 2.28 -6.76 6.86
CA GLU A 84 1.79 -7.86 6.03
C GLU A 84 2.91 -8.39 5.11
N ILE A 85 3.70 -7.49 4.52
CA ILE A 85 4.92 -7.80 3.77
C ILE A 85 5.94 -8.56 4.64
N ARG A 86 6.13 -8.13 5.90
CA ARG A 86 6.99 -8.80 6.88
C ARG A 86 6.50 -10.22 7.20
N GLU A 87 5.20 -10.41 7.45
CA GLU A 87 4.61 -11.71 7.74
C GLU A 87 4.68 -12.69 6.56
N ALA A 88 4.60 -12.19 5.32
CA ALA A 88 4.70 -13.02 4.11
C ALA A 88 6.06 -13.75 4.03
N PHE A 89 7.17 -13.12 4.43
CA PHE A 89 8.47 -13.80 4.56
C PHE A 89 8.49 -14.80 5.73
N ARG A 90 7.86 -14.45 6.86
CA ARG A 90 7.77 -15.32 8.05
C ARG A 90 6.95 -16.59 7.78
N VAL A 91 5.98 -16.56 6.86
CA VAL A 91 5.29 -17.76 6.34
C VAL A 91 6.27 -18.74 5.65
N PHE A 92 7.25 -18.24 4.90
CA PHE A 92 8.24 -19.08 4.19
C PHE A 92 9.43 -19.51 5.08
N ASP A 93 9.71 -18.83 6.18
CA ASP A 93 10.64 -19.29 7.23
C ASP A 93 10.02 -20.41 8.08
N LYS A 94 9.93 -21.60 7.46
CA LYS A 94 9.35 -22.83 8.01
C LYS A 94 10.08 -23.42 9.24
N ASP A 95 11.35 -23.05 9.45
CA ASP A 95 12.19 -23.49 10.58
C ASP A 95 12.17 -22.51 11.77
N GLY A 96 11.74 -21.25 11.56
CA GLY A 96 11.77 -20.19 12.57
C GLY A 96 13.16 -19.58 12.79
N ASN A 97 14.05 -19.70 11.80
CA ASN A 97 15.47 -19.33 11.88
C ASN A 97 15.73 -17.80 11.75
N GLY A 98 14.80 -17.05 11.14
CA GLY A 98 14.97 -15.63 10.78
C GLY A 98 15.61 -15.41 9.41
N TYR A 99 15.80 -16.48 8.63
CA TYR A 99 16.46 -16.49 7.32
C TYR A 99 15.77 -17.44 6.33
N ILE A 100 15.96 -17.19 5.02
CA ILE A 100 15.49 -18.04 3.91
C ILE A 100 16.62 -18.24 2.90
N SER A 101 16.58 -19.31 2.12
CA SER A 101 17.61 -19.57 1.09
C SER A 101 17.40 -18.69 -0.17
N ALA A 102 18.47 -18.22 -0.81
CA ALA A 102 18.38 -17.40 -2.02
C ALA A 102 17.73 -18.16 -3.20
N ALA A 103 17.97 -19.46 -3.31
CA ALA A 103 17.30 -20.33 -4.29
C ALA A 103 15.80 -20.52 -4.00
N GLU A 104 15.41 -20.51 -2.73
CA GLU A 104 14.00 -20.57 -2.30
C GLU A 104 13.29 -19.25 -2.60
N LEU A 105 13.92 -18.10 -2.30
CA LEU A 105 13.42 -16.77 -2.66
C LEU A 105 13.33 -16.54 -4.18
N ARG A 106 14.26 -17.14 -4.95
CA ARG A 106 14.15 -17.22 -6.42
C ARG A 106 12.93 -18.04 -6.84
N HIS A 107 12.77 -19.25 -6.30
CA HIS A 107 11.71 -20.18 -6.68
C HIS A 107 10.30 -19.69 -6.29
N VAL A 108 10.13 -19.17 -5.07
CA VAL A 108 8.82 -18.68 -4.57
C VAL A 108 8.29 -17.48 -5.38
N MET A 109 9.15 -16.81 -6.16
CA MET A 109 8.80 -15.68 -7.03
C MET A 109 8.51 -16.06 -8.49
N THR A 110 8.95 -17.25 -8.94
CA THR A 110 8.76 -17.75 -10.31
C THR A 110 7.76 -18.91 -10.39
N ASN A 111 7.49 -19.60 -9.29
CA ASN A 111 6.50 -20.68 -9.20
C ASN A 111 5.12 -20.19 -8.69
N LEU A 112 5.10 -19.26 -7.73
CA LEU A 112 3.88 -18.80 -7.03
C LEU A 112 3.54 -17.32 -7.32
N GLY A 113 2.26 -16.98 -7.19
CA GLY A 113 1.75 -15.62 -7.25
C GLY A 113 1.72 -15.03 -8.67
N GLU A 114 1.99 -13.73 -8.78
CA GLU A 114 2.19 -13.02 -10.04
C GLU A 114 3.65 -13.19 -10.47
N LYS A 115 3.90 -13.84 -11.61
CA LYS A 115 5.25 -14.26 -11.99
C LYS A 115 6.19 -13.07 -12.23
N LEU A 116 7.36 -13.06 -11.57
CA LEU A 116 8.45 -12.12 -11.83
C LEU A 116 9.29 -12.57 -13.03
N THR A 117 9.81 -11.63 -13.80
CA THR A 117 10.73 -11.91 -14.93
C THR A 117 12.09 -12.37 -14.45
N ASP A 118 12.85 -12.88 -15.42
CA ASP A 118 14.27 -13.18 -15.25
C ASP A 118 15.09 -11.94 -14.79
N GLU A 119 14.67 -10.74 -15.19
CA GLU A 119 15.29 -9.48 -14.77
C GLU A 119 14.86 -9.09 -13.33
N GLU A 120 13.57 -9.21 -12.99
CA GLU A 120 13.05 -8.90 -11.65
C GLU A 120 13.60 -9.87 -10.59
N VAL A 121 13.58 -11.19 -10.86
CA VAL A 121 14.07 -12.18 -9.89
C VAL A 121 15.58 -12.13 -9.73
N ASP A 122 16.34 -11.80 -10.79
CA ASP A 122 17.78 -11.52 -10.69
C ASP A 122 18.03 -10.30 -9.80
N GLU A 123 17.32 -9.19 -10.03
CA GLU A 123 17.48 -7.96 -9.24
C GLU A 123 17.15 -8.19 -7.76
N MET A 124 16.08 -8.93 -7.44
CA MET A 124 15.70 -9.24 -6.06
C MET A 124 16.80 -9.97 -5.29
N ILE A 125 17.41 -11.00 -5.90
CA ILE A 125 18.50 -11.77 -5.29
C ILE A 125 19.80 -10.95 -5.27
N ARG A 126 20.11 -10.22 -6.35
CA ARG A 126 21.32 -9.38 -6.46
C ARG A 126 21.43 -8.35 -5.33
N GLU A 127 20.31 -7.79 -4.87
CA GLU A 127 20.27 -6.85 -3.75
C GLU A 127 20.43 -7.50 -2.35
N ALA A 128 20.35 -8.83 -2.24
CA ALA A 128 20.64 -9.59 -1.03
C ALA A 128 22.03 -10.27 -1.05
N ASP A 129 22.45 -10.81 -2.19
CA ASP A 129 23.64 -11.65 -2.38
C ASP A 129 24.98 -10.89 -2.29
N ILE A 130 24.97 -9.55 -2.37
CA ILE A 130 26.16 -8.68 -2.27
C ILE A 130 26.83 -8.64 -0.88
N ASP A 131 26.25 -9.26 0.14
CA ASP A 131 26.77 -9.31 1.51
C ASP A 131 26.26 -10.55 2.27
N GLY A 132 27.07 -11.08 3.19
CA GLY A 132 26.72 -12.21 4.06
C GLY A 132 26.95 -13.56 3.40
N ASP A 133 25.86 -14.22 2.98
CA ASP A 133 25.80 -15.64 2.58
C ASP A 133 24.57 -15.92 1.69
N GLY A 134 24.41 -17.16 1.20
CA GLY A 134 23.22 -17.62 0.47
C GLY A 134 21.95 -17.75 1.34
N GLN A 135 22.06 -17.57 2.66
CA GLN A 135 20.93 -17.31 3.55
C GLN A 135 20.59 -15.80 3.55
N VAL A 136 19.38 -15.45 3.13
CA VAL A 136 18.86 -14.08 3.02
C VAL A 136 18.26 -13.66 4.36
N ASN A 137 18.76 -12.55 4.92
CA ASN A 137 18.09 -11.86 6.02
C ASN A 137 16.93 -11.02 5.47
N TYR A 138 15.75 -11.63 5.39
CA TYR A 138 14.57 -10.98 4.82
C TYR A 138 14.07 -9.80 5.67
N GLU A 139 14.32 -9.82 6.99
CA GLU A 139 13.86 -8.78 7.92
C GLU A 139 14.51 -7.42 7.64
N GLU A 140 15.81 -7.41 7.33
CA GLU A 140 16.49 -6.23 6.79
C GLU A 140 16.06 -5.91 5.35
N PHE A 141 15.86 -6.95 4.51
CA PHE A 141 15.44 -6.77 3.11
C PHE A 141 14.09 -6.04 2.99
N VAL A 142 13.13 -6.29 3.90
CA VAL A 142 11.83 -5.57 3.95
C VAL A 142 12.06 -4.05 3.97
N GLN A 143 12.73 -3.54 5.01
CA GLN A 143 12.92 -2.11 5.20
C GLN A 143 13.80 -1.48 4.11
N MET A 144 14.77 -2.22 3.55
CA MET A 144 15.60 -1.73 2.44
C MET A 144 14.78 -1.43 1.16
N MET A 145 13.68 -2.16 0.91
CA MET A 145 12.79 -1.87 -0.23
C MET A 145 11.59 -0.97 0.09
N THR A 146 11.03 -1.02 1.31
CA THR A 146 9.79 -0.28 1.66
C THR A 146 10.05 1.14 2.17
N ALA A 147 11.17 1.39 2.86
CA ALA A 147 11.49 2.68 3.49
C ALA A 147 12.53 3.50 2.69
N LYS A 148 12.64 4.80 3.02
CA LYS A 148 13.62 5.75 2.45
C LYS A 148 14.91 5.83 3.29
N GLY B 1 -8.70 -23.69 -5.54
CA GLY B 1 -8.59 -22.44 -4.76
C GLY B 1 -7.15 -22.02 -4.50
N PRO B 2 -6.91 -20.75 -4.08
CA PRO B 2 -5.57 -20.21 -3.80
C PRO B 2 -4.99 -20.79 -2.50
N GLY B 3 -3.66 -20.88 -2.43
CA GLY B 3 -2.91 -21.35 -1.27
C GLY B 3 -2.36 -20.21 -0.41
N SER B 4 -2.01 -20.51 0.84
CA SER B 4 -1.47 -19.54 1.80
C SER B 4 -0.09 -19.04 1.34
N GLU B 5 0.69 -19.94 0.75
CA GLU B 5 1.96 -19.66 0.05
C GLU B 5 1.74 -18.75 -1.17
N GLU B 6 0.70 -19.00 -1.97
CA GLU B 6 0.42 -18.22 -3.18
C GLU B 6 0.00 -16.77 -2.84
N VAL B 7 -0.86 -16.58 -1.84
CA VAL B 7 -1.26 -15.23 -1.40
C VAL B 7 -0.13 -14.50 -0.67
N SER B 8 0.74 -15.21 0.07
CA SER B 8 1.93 -14.60 0.67
C SER B 8 2.93 -14.09 -0.38
N ALA B 9 3.23 -14.90 -1.40
CA ALA B 9 4.08 -14.51 -2.53
C ALA B 9 3.60 -13.21 -3.19
N MET B 10 2.28 -13.08 -3.44
CA MET B 10 1.71 -11.86 -4.04
C MET B 10 1.93 -10.59 -3.20
N VAL B 11 2.06 -10.68 -1.87
CA VAL B 11 2.35 -9.50 -1.02
C VAL B 11 3.82 -9.06 -1.14
N ILE B 12 4.76 -10.01 -1.22
CA ILE B 12 6.19 -9.71 -1.48
C ILE B 12 6.36 -9.10 -2.89
N GLN B 13 5.64 -9.63 -3.87
CA GLN B 13 5.68 -9.16 -5.27
C GLN B 13 5.08 -7.75 -5.40
N ARG B 14 4.04 -7.42 -4.63
CA ARG B 14 3.47 -6.07 -4.53
C ARG B 14 4.49 -5.05 -3.98
N ALA B 15 5.24 -5.42 -2.94
CA ALA B 15 6.29 -4.58 -2.35
C ALA B 15 7.45 -4.32 -3.33
N PHE B 16 7.93 -5.36 -4.01
CA PHE B 16 9.03 -5.24 -4.98
C PHE B 16 8.61 -4.41 -6.21
N ARG B 17 7.42 -4.67 -6.77
CA ARG B 17 6.90 -3.91 -7.92
C ARG B 17 6.51 -2.46 -7.59
N ARG B 18 6.14 -2.17 -6.33
CA ARG B 18 6.09 -0.80 -5.79
C ARG B 18 7.49 -0.16 -5.80
N HIS B 19 8.47 -0.81 -5.17
CA HIS B 19 9.83 -0.29 -4.98
C HIS B 19 10.57 0.05 -6.29
N LEU B 20 10.49 -0.81 -7.31
CA LEU B 20 11.21 -0.63 -8.58
C LEU B 20 10.89 0.71 -9.30
N LEU B 21 9.68 1.24 -9.13
CA LEU B 21 9.28 2.53 -9.71
C LEU B 21 10.06 3.70 -9.09
N GLN B 22 10.29 3.68 -7.78
CA GLN B 22 11.15 4.67 -7.09
C GLN B 22 12.62 4.47 -7.47
N ARG B 23 13.09 3.21 -7.59
CA ARG B 23 14.48 2.88 -7.96
C ARG B 23 14.86 3.40 -9.36
N SER B 24 14.00 3.19 -10.35
CA SER B 24 14.27 3.55 -11.76
C SER B 24 13.81 4.96 -12.18
N LEU B 25 13.04 5.65 -11.32
CA LEU B 25 12.45 7.00 -11.50
C LEU B 25 11.41 7.09 -12.64
N LYS B 26 11.19 6.00 -13.39
CA LYS B 26 10.38 5.86 -14.63
C LYS B 26 11.10 6.45 -15.86
N HIS B 27 10.98 5.79 -17.01
CA HIS B 27 11.64 6.21 -18.27
C HIS B 27 10.93 7.39 -18.97
N ALA B 28 9.69 7.71 -18.58
CA ALA B 28 8.92 8.87 -19.02
C ALA B 28 8.55 9.78 -17.84
N SER B 29 8.51 11.10 -18.08
CA SER B 29 8.23 12.12 -17.05
C SER B 29 6.75 12.54 -16.96
N PHE B 30 5.86 11.96 -17.78
CA PHE B 30 4.46 12.34 -17.88
C PHE B 30 3.61 11.96 -16.64
N LEU B 31 3.94 10.84 -15.98
CA LEU B 31 3.24 10.33 -14.80
C LEU B 31 3.67 11.05 -13.49
N ALA A 1 -9.09 2.60 -0.44
CA ALA A 1 -9.65 3.91 -0.84
C ALA A 1 -8.60 5.02 -0.68
N ASP A 2 -8.79 6.15 -1.38
CA ASP A 2 -7.81 7.23 -1.52
C ASP A 2 -8.09 8.44 -0.62
N GLN A 3 -9.19 8.41 0.15
CA GLN A 3 -9.71 9.52 0.94
C GLN A 3 -9.86 9.13 2.42
N LEU A 4 -9.58 10.07 3.33
CA LEU A 4 -9.77 9.90 4.78
C LEU A 4 -11.23 9.54 5.16
N THR A 5 -11.39 8.79 6.25
CA THR A 5 -12.68 8.37 6.83
C THR A 5 -13.23 9.40 7.80
N GLU A 6 -14.54 9.38 8.02
CA GLU A 6 -15.23 10.33 8.91
C GLU A 6 -14.69 10.28 10.35
N GLU A 7 -14.34 9.10 10.86
CA GLU A 7 -13.77 8.92 12.20
C GLU A 7 -12.34 9.47 12.33
N GLN A 8 -11.59 9.60 11.23
CA GLN A 8 -10.28 10.26 11.21
C GLN A 8 -10.44 11.78 11.05
N ILE A 9 -11.34 12.23 10.16
CA ILE A 9 -11.66 13.66 9.96
C ILE A 9 -12.13 14.32 11.27
N ALA A 10 -12.93 13.63 12.08
CA ALA A 10 -13.40 14.10 13.38
C ALA A 10 -12.27 14.34 14.41
N GLU A 11 -11.16 13.59 14.30
CA GLU A 11 -9.98 13.76 15.15
C GLU A 11 -9.06 14.86 14.60
N PHE A 12 -8.88 14.94 13.28
CA PHE A 12 -8.07 15.99 12.64
C PHE A 12 -8.69 17.39 12.80
N LYS A 13 -10.03 17.50 12.83
CA LYS A 13 -10.74 18.73 13.20
C LYS A 13 -10.31 19.28 14.58
N GLU A 14 -10.20 18.39 15.57
CA GLU A 14 -9.91 18.73 16.97
C GLU A 14 -8.49 19.29 17.17
N ALA A 15 -7.52 18.85 16.35
CA ALA A 15 -6.18 19.44 16.33
C ALA A 15 -6.11 20.71 15.48
N PHE A 16 -6.80 20.75 14.33
CA PHE A 16 -6.82 21.89 13.40
C PHE A 16 -7.50 23.13 14.01
N SER A 17 -8.58 22.96 14.79
CA SER A 17 -9.36 24.07 15.34
C SER A 17 -8.61 24.93 16.38
N LEU A 18 -7.53 24.41 17.00
CA LEU A 18 -6.72 25.20 17.94
C LEU A 18 -5.77 26.18 17.22
N PHE A 19 -5.41 25.89 15.96
CA PHE A 19 -4.58 26.75 15.10
C PHE A 19 -5.42 27.70 14.22
N ASP A 20 -6.74 27.50 14.16
CA ASP A 20 -7.71 28.38 13.47
C ASP A 20 -7.99 29.66 14.29
N LYS A 21 -6.95 30.51 14.41
CA LYS A 21 -6.94 31.74 15.18
C LYS A 21 -7.84 32.85 14.56
N ASP A 22 -8.04 32.84 13.25
CA ASP A 22 -8.92 33.76 12.53
C ASP A 22 -10.41 33.40 12.66
N GLY A 23 -10.71 32.12 12.96
CA GLY A 23 -12.07 31.60 13.20
C GLY A 23 -12.85 31.22 11.94
N ASP A 24 -12.27 31.39 10.75
CA ASP A 24 -12.91 31.15 9.45
C ASP A 24 -12.79 29.69 8.96
N GLY A 25 -11.99 28.86 9.64
CA GLY A 25 -11.69 27.47 9.27
C GLY A 25 -10.39 27.32 8.47
N THR A 26 -9.47 28.30 8.56
CA THR A 26 -8.19 28.34 7.85
C THR A 26 -7.01 28.42 8.82
N ILE A 27 -5.87 27.88 8.40
CA ILE A 27 -4.56 28.03 9.07
C ILE A 27 -3.53 28.64 8.10
N THR A 28 -2.41 29.15 8.63
CA THR A 28 -1.27 29.61 7.81
C THR A 28 -0.41 28.46 7.32
N THR A 29 0.45 28.78 6.37
CA THR A 29 1.52 27.89 5.88
C THR A 29 2.57 27.61 6.95
N LYS A 30 2.78 28.52 7.91
CA LYS A 30 3.67 28.28 9.07
C LYS A 30 3.04 27.40 10.16
N GLU A 31 1.72 27.51 10.42
CA GLU A 31 1.02 26.62 11.36
C GLU A 31 0.79 25.20 10.79
N LEU A 32 0.89 25.01 9.47
CA LEU A 32 0.78 23.70 8.81
C LEU A 32 1.82 22.72 9.38
N GLY A 33 3.10 23.13 9.46
CA GLY A 33 4.18 22.35 10.06
C GLY A 33 3.98 22.10 11.56
N THR A 34 3.29 23.01 12.25
CA THR A 34 2.95 22.87 13.68
C THR A 34 1.84 21.84 13.87
N VAL A 35 0.74 21.92 13.13
CA VAL A 35 -0.36 20.93 13.24
C VAL A 35 0.06 19.52 12.76
N MET A 36 0.96 19.42 11.75
CA MET A 36 1.60 18.16 11.36
C MET A 36 2.33 17.51 12.55
N ARG A 37 3.23 18.25 13.19
CA ARG A 37 4.05 17.75 14.31
C ARG A 37 3.25 17.59 15.61
N SER A 38 2.15 18.33 15.79
CA SER A 38 1.21 18.15 16.91
C SER A 38 0.41 16.84 16.78
N LEU A 39 0.06 16.43 15.55
CA LEU A 39 -0.57 15.14 15.25
C LEU A 39 0.43 13.97 15.21
N GLY A 40 1.71 14.24 14.93
CA GLY A 40 2.81 13.27 14.90
C GLY A 40 3.34 12.92 13.51
N GLN A 41 3.06 13.74 12.49
CA GLN A 41 3.73 13.65 11.19
C GLN A 41 5.07 14.42 11.28
N ASN A 42 6.17 13.80 10.81
CA ASN A 42 7.51 14.38 10.82
C ASN A 42 8.13 14.44 9.40
N PRO A 43 7.60 15.31 8.51
CA PRO A 43 8.17 15.52 7.19
C PRO A 43 9.49 16.29 7.28
N THR A 44 10.32 16.19 6.23
CA THR A 44 11.47 17.08 6.01
C THR A 44 10.99 18.49 5.66
N GLU A 45 11.87 19.48 5.74
CA GLU A 45 11.56 20.85 5.30
C GLU A 45 11.14 20.90 3.81
N ALA A 46 11.77 20.07 2.96
CA ALA A 46 11.44 19.95 1.54
C ALA A 46 10.08 19.27 1.31
N GLU A 47 9.77 18.18 2.01
CA GLU A 47 8.50 17.49 1.91
C GLU A 47 7.34 18.33 2.48
N LEU A 48 7.58 19.06 3.58
CA LEU A 48 6.63 20.02 4.15
C LEU A 48 6.33 21.14 3.15
N GLN A 49 7.37 21.75 2.56
CA GLN A 49 7.22 22.79 1.55
C GLN A 49 6.48 22.27 0.30
N ASP A 50 6.72 21.02 -0.11
CA ASP A 50 6.01 20.39 -1.23
C ASP A 50 4.50 20.14 -0.96
N MET A 51 4.12 19.77 0.27
CA MET A 51 2.70 19.64 0.66
C MET A 51 2.01 21.00 0.69
N ILE A 52 2.72 22.03 1.15
CA ILE A 52 2.23 23.42 1.10
C ILE A 52 2.06 23.86 -0.36
N ASN A 53 3.08 23.73 -1.20
CA ASN A 53 3.03 24.10 -2.63
C ASN A 53 1.92 23.37 -3.41
N GLU A 54 1.49 22.19 -2.97
CA GLU A 54 0.37 21.45 -3.56
C GLU A 54 -0.98 22.13 -3.31
N VAL A 55 -1.13 22.91 -2.22
CA VAL A 55 -2.41 23.54 -1.81
C VAL A 55 -2.40 25.07 -1.88
N ASP A 56 -1.25 25.72 -1.70
CA ASP A 56 -1.07 27.18 -1.74
C ASP A 56 -0.44 27.66 -3.07
N ALA A 57 -0.68 26.91 -4.16
CA ALA A 57 -0.20 27.22 -5.51
C ALA A 57 -0.69 28.59 -6.04
N ASP A 58 -1.83 29.07 -5.54
CA ASP A 58 -2.43 30.38 -5.87
C ASP A 58 -1.83 31.55 -5.06
N GLY A 59 -1.00 31.27 -4.04
CA GLY A 59 -0.19 32.27 -3.32
C GLY A 59 -0.90 33.04 -2.21
N ASN A 60 -1.98 32.49 -1.64
CA ASN A 60 -2.77 33.16 -0.59
C ASN A 60 -2.10 33.19 0.79
N GLY A 61 -1.18 32.26 1.08
CA GLY A 61 -0.48 32.14 2.37
C GLY A 61 -1.27 31.41 3.47
N THR A 62 -2.40 30.79 3.09
CA THR A 62 -3.34 30.10 4.00
C THR A 62 -3.90 28.83 3.39
N ILE A 63 -4.38 27.93 4.25
CA ILE A 63 -4.86 26.58 3.93
C ILE A 63 -6.19 26.35 4.64
N ASP A 64 -7.21 25.94 3.90
CA ASP A 64 -8.56 25.61 4.41
C ASP A 64 -8.64 24.13 4.84
N PHE A 65 -9.56 23.80 5.74
CA PHE A 65 -9.68 22.45 6.33
C PHE A 65 -9.72 21.29 5.31
N PRO A 66 -10.53 21.31 4.22
CA PRO A 66 -10.52 20.24 3.23
C PRO A 66 -9.22 20.15 2.42
N GLU A 67 -8.44 21.24 2.29
CA GLU A 67 -7.14 21.23 1.61
C GLU A 67 -6.09 20.54 2.49
N PHE A 68 -6.09 20.84 3.79
CA PHE A 68 -5.30 20.14 4.82
C PHE A 68 -5.67 18.65 4.90
N LEU A 69 -6.96 18.29 4.82
CA LEU A 69 -7.40 16.90 4.74
C LEU A 69 -6.97 16.22 3.43
N THR A 70 -6.91 16.94 2.31
CA THR A 70 -6.50 16.41 0.99
C THR A 70 -5.02 16.01 0.99
N MET A 71 -4.11 16.84 1.50
CA MET A 71 -2.70 16.45 1.63
C MET A 71 -2.51 15.26 2.59
N MET A 72 -3.31 15.19 3.67
CA MET A 72 -3.30 14.07 4.62
C MET A 72 -3.85 12.76 4.02
N ALA A 73 -4.94 12.81 3.24
CA ALA A 73 -5.51 11.70 2.51
C ALA A 73 -4.49 11.08 1.54
N ARG A 74 -3.87 11.94 0.72
CA ARG A 74 -2.80 11.60 -0.24
C ARG A 74 -1.54 11.01 0.43
N LYS A 75 -1.33 11.23 1.73
CA LYS A 75 -0.20 10.69 2.50
C LYS A 75 -0.43 9.24 2.99
N MET A 76 -1.68 8.76 3.00
CA MET A 76 -2.04 7.38 3.38
C MET A 76 -1.76 6.38 2.25
N LYS A 77 -1.51 5.11 2.62
CA LYS A 77 -1.23 4.01 1.68
C LYS A 77 -2.47 3.13 1.44
N ASP A 78 -2.67 2.69 0.19
CA ASP A 78 -3.72 1.73 -0.21
C ASP A 78 -3.22 0.27 -0.29
N THR A 79 -1.90 0.07 -0.36
CA THR A 79 -1.22 -1.25 -0.46
C THR A 79 -1.04 -1.94 0.89
N ASP A 80 -0.42 -3.11 0.88
CA ASP A 80 -0.18 -3.98 2.05
C ASP A 80 0.79 -3.37 3.07
N SER A 81 0.61 -3.71 4.35
CA SER A 81 1.39 -3.17 5.47
C SER A 81 2.78 -3.82 5.64
N GLU A 82 3.71 -3.14 6.32
CA GLU A 82 5.08 -3.62 6.58
C GLU A 82 5.09 -4.99 7.28
N GLU A 83 4.19 -5.22 8.24
CA GLU A 83 4.04 -6.51 8.92
C GLU A 83 3.55 -7.63 7.98
N GLU A 84 2.69 -7.32 7.00
CA GLU A 84 2.22 -8.32 6.02
C GLU A 84 3.35 -8.70 5.05
N ILE A 85 4.15 -7.72 4.62
CA ILE A 85 5.35 -7.96 3.80
C ILE A 85 6.36 -8.81 4.60
N ARG A 86 6.56 -8.51 5.89
CA ARG A 86 7.45 -9.29 6.75
C ARG A 86 6.94 -10.72 7.01
N GLU A 87 5.64 -10.89 7.24
CA GLU A 87 4.99 -12.20 7.40
C GLU A 87 5.11 -13.05 6.13
N ALA A 88 5.06 -12.44 4.95
CA ALA A 88 5.17 -13.17 3.68
C ALA A 88 6.53 -13.89 3.58
N PHE A 89 7.63 -13.21 3.90
CA PHE A 89 8.95 -13.84 4.03
C PHE A 89 8.99 -14.89 5.17
N ARG A 90 8.33 -14.62 6.31
CA ARG A 90 8.30 -15.54 7.45
C ARG A 90 7.46 -16.81 7.18
N VAL A 91 6.48 -16.78 6.28
CA VAL A 91 5.80 -17.98 5.74
C VAL A 91 6.78 -18.89 4.96
N PHE A 92 7.77 -18.31 4.25
CA PHE A 92 8.78 -19.08 3.51
C PHE A 92 10.02 -19.49 4.35
N ASP A 93 10.22 -18.87 5.52
CA ASP A 93 11.16 -19.34 6.55
C ASP A 93 10.66 -20.69 7.13
N LYS A 94 11.51 -21.71 7.08
CA LYS A 94 11.18 -23.09 7.47
C LYS A 94 11.21 -23.36 8.99
N ASP A 95 11.68 -22.40 9.80
CA ASP A 95 11.85 -22.54 11.25
C ASP A 95 11.34 -21.33 12.06
N GLY A 96 11.22 -20.15 11.43
CA GLY A 96 10.96 -18.86 12.10
C GLY A 96 12.25 -18.20 12.59
N ASN A 97 13.40 -18.56 12.01
CA ASN A 97 14.74 -18.13 12.42
C ASN A 97 15.08 -16.66 12.08
N GLY A 98 14.39 -16.06 11.11
CA GLY A 98 14.67 -14.72 10.57
C GLY A 98 15.52 -14.76 9.29
N TYR A 99 15.59 -15.91 8.62
CA TYR A 99 16.39 -16.15 7.41
C TYR A 99 15.71 -17.08 6.41
N ILE A 100 15.87 -16.80 5.10
CA ILE A 100 15.45 -17.66 3.98
C ILE A 100 16.62 -17.93 3.03
N SER A 101 16.57 -19.02 2.27
CA SER A 101 17.60 -19.37 1.27
C SER A 101 17.43 -18.54 -0.01
N ALA A 102 18.52 -18.06 -0.61
CA ALA A 102 18.46 -17.28 -1.85
C ALA A 102 17.85 -18.07 -3.02
N ALA A 103 18.06 -19.39 -3.07
CA ALA A 103 17.43 -20.28 -4.04
C ALA A 103 15.89 -20.39 -3.85
N GLU A 104 15.42 -20.36 -2.59
CA GLU A 104 13.99 -20.35 -2.27
C GLU A 104 13.35 -19.01 -2.68
N LEU A 105 14.00 -17.89 -2.36
CA LEU A 105 13.59 -16.54 -2.76
C LEU A 105 13.53 -16.37 -4.30
N ARG A 106 14.44 -17.04 -5.02
CA ARG A 106 14.41 -17.13 -6.48
C ARG A 106 13.22 -17.98 -6.97
N HIS A 107 13.00 -19.15 -6.36
CA HIS A 107 11.99 -20.11 -6.77
C HIS A 107 10.55 -19.64 -6.47
N VAL A 108 10.28 -19.08 -5.29
CA VAL A 108 8.94 -18.61 -4.89
C VAL A 108 8.38 -17.59 -5.91
N MET A 109 9.21 -16.64 -6.34
CA MET A 109 8.83 -15.57 -7.26
C MET A 109 8.50 -16.06 -8.69
N THR A 110 9.07 -17.20 -9.13
CA THR A 110 8.88 -17.74 -10.49
C THR A 110 7.78 -18.79 -10.60
N ASN A 111 7.13 -19.20 -9.49
CA ASN A 111 6.07 -20.24 -9.53
C ASN A 111 4.84 -20.00 -8.60
N LEU A 112 4.93 -19.17 -7.56
CA LEU A 112 3.83 -18.85 -6.65
C LEU A 112 3.29 -17.43 -6.87
N GLY A 113 2.02 -17.20 -6.56
CA GLY A 113 1.30 -15.95 -6.85
C GLY A 113 1.20 -15.70 -8.36
N GLU A 114 1.26 -14.43 -8.76
CA GLU A 114 1.57 -14.05 -10.15
C GLU A 114 3.09 -14.13 -10.35
N LYS A 115 3.54 -14.70 -11.46
CA LYS A 115 4.97 -14.94 -11.72
C LYS A 115 5.75 -13.63 -11.99
N LEU A 116 6.87 -13.44 -11.27
CA LEU A 116 7.81 -12.33 -11.44
C LEU A 116 8.74 -12.55 -12.65
N THR A 117 9.17 -11.47 -13.30
CA THR A 117 10.03 -11.51 -14.50
C THR A 117 11.47 -11.88 -14.16
N ASP A 118 12.18 -12.46 -15.10
CA ASP A 118 13.62 -12.77 -15.00
C ASP A 118 14.45 -11.51 -14.70
N GLU A 119 14.13 -10.40 -15.37
CA GLU A 119 14.78 -9.09 -15.19
C GLU A 119 14.43 -8.41 -13.86
N GLU A 120 13.42 -8.91 -13.13
CA GLU A 120 13.06 -8.49 -11.78
C GLU A 120 13.69 -9.41 -10.73
N VAL A 121 13.50 -10.74 -10.82
CA VAL A 121 13.98 -11.68 -9.81
C VAL A 121 15.51 -11.74 -9.74
N ASP A 122 16.23 -11.53 -10.86
CA ASP A 122 17.70 -11.50 -10.86
C ASP A 122 18.25 -10.26 -10.12
N GLU A 123 17.52 -9.14 -10.11
CA GLU A 123 17.85 -7.96 -9.29
C GLU A 123 17.47 -8.20 -7.81
N MET A 124 16.34 -8.86 -7.54
CA MET A 124 15.92 -9.22 -6.18
C MET A 124 17.01 -10.03 -5.48
N ILE A 125 17.55 -11.05 -6.14
CA ILE A 125 18.68 -11.85 -5.62
C ILE A 125 19.98 -11.03 -5.53
N ARG A 126 20.28 -10.16 -6.50
CA ARG A 126 21.47 -9.30 -6.47
C ARG A 126 21.51 -8.41 -5.21
N GLU A 127 20.37 -7.86 -4.80
CA GLU A 127 20.24 -7.02 -3.60
C GLU A 127 20.11 -7.83 -2.29
N ALA A 128 19.72 -9.11 -2.37
CA ALA A 128 19.50 -9.99 -1.20
C ALA A 128 20.72 -10.85 -0.82
N ASP A 129 21.51 -11.31 -1.79
CA ASP A 129 22.61 -12.27 -1.59
C ASP A 129 23.89 -11.65 -1.01
N ILE A 130 24.08 -10.33 -1.18
CA ILE A 130 25.25 -9.58 -0.66
C ILE A 130 25.37 -9.62 0.87
N ASP A 131 26.60 -9.78 1.36
CA ASP A 131 27.02 -9.87 2.77
C ASP A 131 26.62 -11.19 3.47
N GLY A 132 25.58 -11.87 3.01
CA GLY A 132 25.09 -13.15 3.54
C GLY A 132 25.84 -14.37 2.99
N ASP A 133 25.73 -15.49 3.71
CA ASP A 133 26.33 -16.80 3.37
C ASP A 133 25.40 -17.66 2.47
N GLY A 134 24.71 -17.02 1.52
CA GLY A 134 23.65 -17.63 0.70
C GLY A 134 22.26 -17.63 1.36
N GLN A 135 22.19 -17.28 2.64
CA GLN A 135 20.94 -17.06 3.38
C GLN A 135 20.66 -15.56 3.49
N VAL A 136 19.41 -15.17 3.27
CA VAL A 136 18.92 -13.78 3.21
C VAL A 136 18.30 -13.41 4.55
N ASN A 137 18.83 -12.35 5.19
CA ASN A 137 18.19 -11.66 6.31
C ASN A 137 17.07 -10.74 5.80
N TYR A 138 15.91 -11.31 5.48
CA TYR A 138 14.80 -10.61 4.83
C TYR A 138 14.26 -9.38 5.62
N GLU A 139 14.51 -9.34 6.93
CA GLU A 139 14.21 -8.18 7.78
C GLU A 139 14.89 -6.89 7.25
N GLU A 140 16.14 -7.00 6.80
CA GLU A 140 16.89 -5.91 6.17
C GLU A 140 16.40 -5.66 4.73
N PHE A 141 15.97 -6.71 4.01
CA PHE A 141 15.42 -6.56 2.66
C PHE A 141 14.09 -5.78 2.67
N VAL A 142 13.22 -6.00 3.66
CA VAL A 142 12.00 -5.19 3.88
C VAL A 142 12.37 -3.71 4.09
N GLN A 143 13.38 -3.42 4.93
CA GLN A 143 13.84 -2.06 5.17
C GLN A 143 14.39 -1.40 3.91
N MET A 144 15.15 -2.12 3.07
CA MET A 144 15.64 -1.60 1.78
C MET A 144 14.49 -1.28 0.82
N MET A 145 13.40 -2.05 0.82
CA MET A 145 12.20 -1.76 0.02
C MET A 145 11.40 -0.55 0.51
N THR A 146 11.28 -0.35 1.83
CA THR A 146 10.43 0.70 2.45
C THR A 146 11.15 2.02 2.72
N ALA A 147 12.49 2.06 2.69
CA ALA A 147 13.29 3.28 2.87
C ALA A 147 13.06 4.35 1.77
N LYS A 148 13.49 5.59 2.07
CA LYS A 148 13.33 6.82 1.26
C LYS A 148 14.40 7.87 1.58
N GLY B 1 -3.69 -23.19 -6.08
CA GLY B 1 -2.65 -24.02 -5.44
C GLY B 1 -2.72 -23.94 -3.93
N PRO B 2 -1.61 -23.62 -3.23
CA PRO B 2 -1.53 -23.60 -1.76
C PRO B 2 -2.22 -22.37 -1.15
N GLY B 3 -2.36 -22.38 0.18
CA GLY B 3 -3.11 -21.37 0.94
C GLY B 3 -2.34 -20.06 1.14
N SER B 4 -1.40 -20.06 2.08
CA SER B 4 -0.70 -18.82 2.50
C SER B 4 0.43 -18.47 1.53
N GLU B 5 1.15 -19.49 1.04
CA GLU B 5 2.29 -19.39 0.13
C GLU B 5 1.92 -18.67 -1.18
N GLU B 6 0.71 -18.91 -1.72
CA GLU B 6 0.26 -18.30 -2.97
C GLU B 6 0.04 -16.79 -2.84
N VAL B 7 -0.56 -16.33 -1.74
CA VAL B 7 -0.82 -14.89 -1.48
C VAL B 7 0.39 -14.17 -0.88
N SER B 8 1.26 -14.87 -0.16
CA SER B 8 2.52 -14.28 0.35
C SER B 8 3.44 -13.82 -0.80
N ALA B 9 3.53 -14.62 -1.87
CA ALA B 9 4.28 -14.26 -3.08
C ALA B 9 3.75 -12.98 -3.77
N MET B 10 2.45 -12.69 -3.68
CA MET B 10 1.84 -11.44 -4.16
C MET B 10 2.24 -10.22 -3.30
N VAL B 11 2.30 -10.36 -1.98
CA VAL B 11 2.64 -9.25 -1.07
C VAL B 11 4.12 -8.84 -1.20
N ILE B 12 5.03 -9.81 -1.43
CA ILE B 12 6.46 -9.52 -1.67
C ILE B 12 6.66 -8.69 -2.95
N GLN B 13 6.08 -9.11 -4.07
CA GLN B 13 6.31 -8.44 -5.35
C GLN B 13 5.65 -7.05 -5.44
N ARG B 14 4.55 -6.80 -4.71
CA ARG B 14 3.94 -5.47 -4.59
C ARG B 14 4.93 -4.46 -3.98
N ALA B 15 5.67 -4.85 -2.93
CA ALA B 15 6.70 -4.02 -2.30
C ALA B 15 7.91 -3.82 -3.24
N PHE B 16 8.36 -4.90 -3.89
CA PHE B 16 9.52 -4.86 -4.79
C PHE B 16 9.28 -3.99 -6.02
N ARG B 17 8.12 -4.09 -6.68
CA ARG B 17 7.75 -3.26 -7.83
C ARG B 17 7.58 -1.77 -7.46
N ARG B 18 6.98 -1.47 -6.31
CA ARG B 18 6.90 -0.09 -5.78
C ARG B 18 8.29 0.49 -5.43
N HIS B 19 9.21 -0.35 -4.96
CA HIS B 19 10.61 0.05 -4.71
C HIS B 19 11.38 0.33 -6.02
N LEU B 20 11.31 -0.55 -7.03
CA LEU B 20 12.01 -0.38 -8.30
C LEU B 20 11.59 0.90 -9.06
N LEU B 21 10.34 1.33 -8.91
CA LEU B 21 9.86 2.61 -9.45
C LEU B 21 10.63 3.81 -8.85
N GLN B 22 11.17 3.71 -7.63
CA GLN B 22 12.00 4.76 -7.02
C GLN B 22 13.43 4.79 -7.61
N ARG B 23 13.90 3.67 -8.19
CA ARG B 23 15.18 3.61 -8.91
C ARG B 23 15.04 4.09 -10.37
N SER B 24 13.94 3.76 -11.04
CA SER B 24 13.71 4.11 -12.45
C SER B 24 13.14 5.53 -12.65
N LEU B 25 12.35 6.03 -11.69
CA LEU B 25 11.61 7.30 -11.62
C LEU B 25 10.48 7.39 -12.67
N LYS B 26 10.80 7.23 -13.96
CA LYS B 26 9.86 7.20 -15.07
C LYS B 26 9.22 5.81 -15.26
N HIS B 27 8.03 5.76 -15.84
CA HIS B 27 7.33 4.51 -16.18
C HIS B 27 7.86 3.87 -17.50
N ALA B 28 7.53 2.59 -17.73
CA ALA B 28 7.77 1.89 -18.99
C ALA B 28 6.68 2.19 -20.05
N SER B 29 6.87 1.71 -21.28
CA SER B 29 5.87 1.76 -22.36
C SER B 29 5.67 0.38 -23.02
N PHE B 30 4.47 0.13 -23.56
CA PHE B 30 4.03 -1.20 -24.01
C PHE B 30 4.35 -1.53 -25.47
N LEU B 31 4.63 -0.53 -26.32
CA LEU B 31 4.96 -0.68 -27.75
C LEU B 31 6.35 -1.29 -28.03
N ALA A 1 8.46 7.34 4.33
CA ALA A 1 8.54 7.41 5.79
C ALA A 1 7.54 8.43 6.37
N ASP A 2 7.34 8.41 7.69
CA ASP A 2 6.43 9.31 8.44
C ASP A 2 7.15 10.54 9.04
N GLN A 3 8.37 10.83 8.55
CA GLN A 3 9.28 11.84 9.07
C GLN A 3 10.23 12.29 7.95
N LEU A 4 10.49 13.62 7.86
CA LEU A 4 11.42 14.22 6.90
C LEU A 4 12.88 14.06 7.33
N THR A 5 13.79 13.95 6.36
CA THR A 5 15.25 13.83 6.55
C THR A 5 15.97 15.13 6.23
N GLU A 6 17.19 15.29 6.76
CA GLU A 6 17.98 16.52 6.63
C GLU A 6 18.35 16.84 5.17
N GLU A 7 18.56 15.80 4.34
CA GLU A 7 18.83 15.94 2.90
C GLU A 7 17.60 16.42 2.10
N GLN A 8 16.38 16.14 2.58
CA GLN A 8 15.16 16.68 2.01
C GLN A 8 14.97 18.14 2.45
N ILE A 9 15.20 18.44 3.74
CA ILE A 9 15.15 19.81 4.30
C ILE A 9 16.12 20.75 3.54
N ALA A 10 17.35 20.28 3.26
CA ALA A 10 18.35 21.05 2.50
C ALA A 10 17.91 21.37 1.05
N GLU A 11 17.14 20.50 0.40
CA GLU A 11 16.60 20.69 -0.93
C GLU A 11 15.40 21.65 -0.91
N PHE A 12 14.44 21.43 0.01
CA PHE A 12 13.24 22.27 0.12
C PHE A 12 13.54 23.71 0.55
N LYS A 13 14.64 23.95 1.27
CA LYS A 13 15.11 25.31 1.61
C LYS A 13 15.40 26.16 0.37
N GLU A 14 15.98 25.57 -0.68
CA GLU A 14 16.30 26.29 -1.92
C GLU A 14 15.05 26.68 -2.72
N ALA A 15 13.99 25.84 -2.70
CA ALA A 15 12.70 26.19 -3.32
C ALA A 15 11.92 27.23 -2.51
N PHE A 16 11.89 27.10 -1.19
CA PHE A 16 11.21 28.03 -0.28
C PHE A 16 11.86 29.42 -0.30
N SER A 17 13.20 29.49 -0.35
CA SER A 17 13.97 30.75 -0.32
C SER A 17 13.85 31.60 -1.59
N LEU A 18 13.35 31.05 -2.71
CA LEU A 18 13.07 31.86 -3.92
C LEU A 18 11.81 32.73 -3.75
N PHE A 19 10.86 32.27 -2.93
CA PHE A 19 9.60 32.96 -2.61
C PHE A 19 9.74 33.92 -1.40
N ASP A 20 10.82 33.83 -0.63
CA ASP A 20 11.22 34.76 0.44
C ASP A 20 11.80 36.06 -0.14
N LYS A 21 10.91 36.92 -0.63
CA LYS A 21 11.23 38.19 -1.31
C LYS A 21 11.72 39.28 -0.35
N ASP A 22 11.37 39.20 0.94
CA ASP A 22 11.76 40.15 1.98
C ASP A 22 13.12 39.83 2.64
N GLY A 23 13.59 38.58 2.53
CA GLY A 23 14.86 38.11 3.07
C GLY A 23 14.82 37.71 4.55
N ASP A 24 13.62 37.60 5.14
CA ASP A 24 13.39 37.32 6.58
C ASP A 24 13.23 35.83 6.90
N GLY A 25 13.19 34.95 5.88
CA GLY A 25 13.02 33.50 6.02
C GLY A 25 11.55 33.05 6.04
N THR A 26 10.64 33.86 5.50
CA THR A 26 9.18 33.60 5.46
C THR A 26 8.64 33.71 4.04
N ILE A 27 7.47 33.10 3.78
CA ILE A 27 6.67 33.29 2.55
C ILE A 27 5.27 33.79 2.89
N THR A 28 4.56 34.39 1.92
CA THR A 28 3.11 34.64 2.04
C THR A 28 2.36 33.31 1.94
N THR A 29 1.21 33.19 2.61
CA THR A 29 0.31 32.01 2.50
C THR A 29 -0.11 31.75 1.06
N LYS A 30 -0.23 32.80 0.24
CA LYS A 30 -0.54 32.72 -1.20
C LYS A 30 0.58 32.06 -2.04
N GLU A 31 1.84 32.07 -1.57
CA GLU A 31 2.96 31.39 -2.24
C GLU A 31 3.09 29.91 -1.83
N LEU A 32 2.36 29.44 -0.82
CA LEU A 32 2.41 28.02 -0.43
C LEU A 32 1.96 27.12 -1.58
N GLY A 33 0.82 27.44 -2.21
CA GLY A 33 0.29 26.69 -3.36
C GLY A 33 1.24 26.74 -4.56
N THR A 34 2.08 27.78 -4.65
CA THR A 34 3.15 27.90 -5.64
C THR A 34 4.34 27.02 -5.27
N VAL A 35 4.85 27.05 -4.02
CA VAL A 35 6.07 26.30 -3.68
C VAL A 35 5.81 24.78 -3.64
N MET A 36 4.62 24.36 -3.20
CA MET A 36 4.21 22.94 -3.24
C MET A 36 4.09 22.43 -4.69
N ARG A 37 3.55 23.24 -5.61
CA ARG A 37 3.48 22.93 -7.04
C ARG A 37 4.87 22.89 -7.70
N SER A 38 5.79 23.79 -7.34
CA SER A 38 7.20 23.72 -7.79
C SER A 38 7.96 22.49 -7.25
N LEU A 39 7.54 21.93 -6.11
CA LEU A 39 8.02 20.66 -5.55
C LEU A 39 7.22 19.43 -6.04
N GLY A 40 6.37 19.60 -7.06
CA GLY A 40 5.65 18.52 -7.73
C GLY A 40 4.42 17.97 -6.98
N GLN A 41 4.00 18.64 -5.91
CA GLN A 41 2.84 18.24 -5.10
C GLN A 41 1.56 18.88 -5.67
N ASN A 42 0.42 18.21 -5.54
CA ASN A 42 -0.87 18.64 -6.12
C ASN A 42 -2.03 18.61 -5.10
N PRO A 43 -2.00 19.46 -4.06
CA PRO A 43 -3.14 19.65 -3.16
C PRO A 43 -4.29 20.37 -3.87
N THR A 44 -5.53 20.10 -3.43
CA THR A 44 -6.71 20.90 -3.81
C THR A 44 -6.68 22.26 -3.10
N GLU A 45 -7.57 23.16 -3.51
CA GLU A 45 -7.78 24.42 -2.78
C GLU A 45 -8.23 24.17 -1.33
N ALA A 46 -9.01 23.11 -1.10
CA ALA A 46 -9.46 22.69 0.23
C ALA A 46 -8.30 22.14 1.08
N GLU A 47 -7.47 21.24 0.53
CA GLU A 47 -6.27 20.74 1.19
C GLU A 47 -5.28 21.88 1.50
N LEU A 48 -5.08 22.82 0.58
CA LEU A 48 -4.18 23.94 0.73
C LEU A 48 -4.69 24.91 1.82
N GLN A 49 -5.98 25.27 1.82
CA GLN A 49 -6.57 26.13 2.85
C GLN A 49 -6.53 25.48 4.24
N ASP A 50 -6.70 24.16 4.33
CA ASP A 50 -6.58 23.38 5.57
C ASP A 50 -5.14 23.40 6.14
N MET A 51 -4.11 23.41 5.29
CA MET A 51 -2.71 23.54 5.73
C MET A 51 -2.37 24.98 6.11
N ILE A 52 -2.91 25.97 5.37
CA ILE A 52 -2.71 27.40 5.64
C ILE A 52 -3.28 27.79 7.00
N ASN A 53 -4.59 27.64 7.25
CA ASN A 53 -5.20 28.15 8.48
C ASN A 53 -4.68 27.46 9.77
N GLU A 54 -4.07 26.28 9.64
CA GLU A 54 -3.37 25.59 10.71
C GLU A 54 -2.07 26.31 11.15
N VAL A 55 -1.33 26.92 10.22
CA VAL A 55 -0.07 27.64 10.52
C VAL A 55 -0.28 29.16 10.64
N ASP A 56 -1.24 29.73 9.92
CA ASP A 56 -1.61 31.15 9.93
C ASP A 56 -2.70 31.47 10.99
N ALA A 57 -2.69 30.74 12.12
CA ALA A 57 -3.67 30.87 13.21
C ALA A 57 -3.61 32.26 13.90
N ASP A 58 -2.48 32.96 13.82
CA ASP A 58 -2.30 34.34 14.29
C ASP A 58 -2.79 35.41 13.29
N GLY A 59 -3.09 35.03 12.04
CA GLY A 59 -3.70 35.89 11.02
C GLY A 59 -2.75 36.85 10.30
N ASN A 60 -1.43 36.64 10.39
CA ASN A 60 -0.40 37.50 9.79
C ASN A 60 -0.32 37.42 8.25
N GLY A 61 -0.82 36.33 7.64
CA GLY A 61 -0.79 36.08 6.20
C GLY A 61 0.53 35.47 5.70
N THR A 62 1.37 34.94 6.61
CA THR A 62 2.73 34.45 6.33
C THR A 62 3.02 33.10 6.98
N ILE A 63 4.01 32.41 6.46
CA ILE A 63 4.48 31.07 6.89
C ILE A 63 6.00 31.10 7.04
N ASP A 64 6.53 30.59 8.15
CA ASP A 64 7.97 30.43 8.41
C ASP A 64 8.46 29.01 8.00
N PHE A 65 9.74 28.86 7.67
CA PHE A 65 10.28 27.64 7.11
C PHE A 65 10.02 26.35 7.95
N PRO A 66 10.17 26.33 9.28
CA PRO A 66 9.81 25.18 10.11
C PRO A 66 8.32 24.79 10.04
N GLU A 67 7.43 25.77 9.87
CA GLU A 67 5.97 25.55 9.77
C GLU A 67 5.62 24.87 8.44
N PHE A 68 6.26 25.30 7.35
CA PHE A 68 6.18 24.66 6.04
C PHE A 68 6.74 23.22 6.07
N LEU A 69 7.87 22.98 6.74
CA LEU A 69 8.46 21.64 6.87
C LEU A 69 7.59 20.68 7.70
N THR A 70 6.78 21.19 8.64
CA THR A 70 5.84 20.38 9.44
C THR A 70 4.76 19.76 8.56
N MET A 71 4.28 20.50 7.54
CA MET A 71 3.35 19.96 6.52
C MET A 71 3.99 18.80 5.75
N MET A 72 5.23 18.98 5.29
CA MET A 72 5.99 17.98 4.52
C MET A 72 6.26 16.71 5.33
N ALA A 73 6.75 16.86 6.57
CA ALA A 73 7.10 15.73 7.45
C ALA A 73 5.92 14.79 7.73
N ARG A 74 4.75 15.36 8.04
CA ARG A 74 3.52 14.64 8.38
C ARG A 74 2.92 13.88 7.19
N LYS A 75 2.86 14.51 6.01
CA LYS A 75 2.11 14.02 4.84
C LYS A 75 2.89 13.05 3.92
N MET A 76 4.19 12.83 4.17
CA MET A 76 5.05 11.88 3.43
C MET A 76 4.66 10.39 3.58
N LYS A 77 3.86 10.03 4.58
CA LYS A 77 3.40 8.65 4.79
C LYS A 77 2.33 8.22 3.76
N ASP A 78 2.67 7.26 2.90
CA ASP A 78 1.78 6.73 1.83
C ASP A 78 2.04 5.25 1.47
N THR A 79 3.02 4.60 2.12
CA THR A 79 3.42 3.21 1.87
C THR A 79 2.50 2.21 2.57
N ASP A 80 2.41 1.00 2.04
CA ASP A 80 1.67 -0.14 2.61
C ASP A 80 2.46 -0.82 3.76
N SER A 81 1.77 -1.61 4.58
CA SER A 81 2.28 -2.09 5.89
C SER A 81 3.56 -2.94 5.78
N GLU A 82 4.60 -2.55 6.53
CA GLU A 82 5.86 -3.29 6.61
C GLU A 82 5.66 -4.70 7.19
N GLU A 83 4.76 -4.86 8.17
CA GLU A 83 4.47 -6.14 8.81
C GLU A 83 3.83 -7.14 7.84
N GLU A 84 2.99 -6.67 6.93
CA GLU A 84 2.33 -7.50 5.91
C GLU A 84 3.35 -8.08 4.92
N ILE A 85 4.35 -7.28 4.55
CA ILE A 85 5.48 -7.70 3.72
C ILE A 85 6.43 -8.62 4.50
N ARG A 86 6.66 -8.33 5.79
CA ARG A 86 7.55 -9.12 6.66
C ARG A 86 7.02 -10.55 6.89
N GLU A 87 5.72 -10.72 7.19
CA GLU A 87 5.16 -12.04 7.42
C GLU A 87 5.11 -12.90 6.15
N ALA A 88 5.06 -12.27 4.96
CA ALA A 88 5.10 -12.99 3.69
C ALA A 88 6.42 -13.75 3.53
N PHE A 89 7.56 -13.14 3.90
CA PHE A 89 8.85 -13.86 3.99
C PHE A 89 8.85 -14.94 5.07
N ARG A 90 8.19 -14.71 6.21
CA ARG A 90 8.08 -15.66 7.31
C ARG A 90 7.29 -16.94 6.93
N VAL A 91 6.31 -16.86 6.03
CA VAL A 91 5.64 -18.05 5.44
C VAL A 91 6.65 -19.03 4.81
N PHE A 92 7.75 -18.52 4.24
CA PHE A 92 8.78 -19.31 3.52
C PHE A 92 10.01 -19.65 4.38
N ASP A 93 10.04 -19.28 5.66
CA ASP A 93 11.08 -19.66 6.62
C ASP A 93 10.89 -21.13 7.07
N LYS A 94 11.97 -21.92 7.08
CA LYS A 94 11.94 -23.35 7.42
C LYS A 94 11.63 -23.66 8.90
N ASP A 95 11.75 -22.67 9.79
CA ASP A 95 11.71 -22.83 11.25
C ASP A 95 11.04 -21.63 12.00
N GLY A 96 10.97 -20.46 11.34
CA GLY A 96 10.64 -19.18 11.97
C GLY A 96 11.90 -18.46 12.51
N ASN A 97 13.07 -18.77 11.96
CA ASN A 97 14.38 -18.34 12.47
C ASN A 97 14.74 -16.88 12.15
N GLY A 98 14.09 -16.27 11.16
CA GLY A 98 14.36 -14.92 10.63
C GLY A 98 15.23 -14.91 9.36
N TYR A 99 15.34 -16.06 8.68
CA TYR A 99 16.23 -16.29 7.54
C TYR A 99 15.61 -17.24 6.50
N ILE A 100 15.84 -16.95 5.20
CA ILE A 100 15.36 -17.75 4.06
C ILE A 100 16.50 -17.97 3.06
N SER A 101 16.45 -19.05 2.27
CA SER A 101 17.45 -19.33 1.25
C SER A 101 17.21 -18.49 -0.02
N ALA A 102 18.27 -17.91 -0.60
CA ALA A 102 18.17 -17.09 -1.82
C ALA A 102 17.60 -17.87 -3.02
N ALA A 103 17.91 -19.16 -3.15
CA ALA A 103 17.33 -20.05 -4.16
C ALA A 103 15.82 -20.32 -3.94
N GLU A 104 15.38 -20.43 -2.68
CA GLU A 104 13.97 -20.58 -2.32
C GLU A 104 13.21 -19.28 -2.61
N LEU A 105 13.79 -18.12 -2.26
CA LEU A 105 13.25 -16.80 -2.58
C LEU A 105 13.05 -16.64 -4.10
N ARG A 106 14.08 -16.92 -4.89
CA ARG A 106 14.01 -16.95 -6.36
C ARG A 106 12.91 -17.90 -6.87
N HIS A 107 12.82 -19.10 -6.30
CA HIS A 107 11.82 -20.11 -6.68
C HIS A 107 10.38 -19.69 -6.33
N VAL A 108 10.12 -19.13 -5.15
CA VAL A 108 8.79 -18.63 -4.74
C VAL A 108 8.24 -17.66 -5.79
N MET A 109 9.07 -16.74 -6.29
CA MET A 109 8.64 -15.69 -7.23
C MET A 109 8.38 -16.19 -8.67
N THR A 110 8.88 -17.38 -9.04
CA THR A 110 8.72 -17.99 -10.37
C THR A 110 7.76 -19.18 -10.38
N ASN A 111 7.44 -19.77 -9.22
CA ASN A 111 6.50 -20.90 -9.09
C ASN A 111 5.11 -20.47 -8.56
N LEU A 112 5.06 -19.70 -7.47
CA LEU A 112 3.83 -19.37 -6.72
C LEU A 112 3.23 -18.02 -7.15
N GLY A 113 1.89 -17.95 -7.17
CA GLY A 113 1.12 -16.75 -7.48
C GLY A 113 1.25 -16.28 -8.93
N GLU A 114 0.98 -14.99 -9.17
CA GLU A 114 1.43 -14.30 -10.39
C GLU A 114 2.96 -14.13 -10.36
N LYS A 115 3.59 -14.16 -11.53
CA LYS A 115 5.05 -14.35 -11.65
C LYS A 115 5.86 -13.06 -11.72
N LEU A 116 7.10 -13.11 -11.21
CA LEU A 116 8.11 -12.08 -11.31
C LEU A 116 9.02 -12.36 -12.53
N THR A 117 9.31 -11.35 -13.35
CA THR A 117 10.07 -11.47 -14.61
C THR A 117 11.54 -11.77 -14.31
N ASP A 118 12.24 -12.39 -15.26
CA ASP A 118 13.67 -12.74 -15.15
C ASP A 118 14.56 -11.54 -14.77
N GLU A 119 14.29 -10.37 -15.36
CA GLU A 119 15.01 -9.10 -15.09
C GLU A 119 14.62 -8.45 -13.75
N GLU A 120 13.52 -8.89 -13.13
CA GLU A 120 13.06 -8.46 -11.80
C GLU A 120 13.56 -9.44 -10.72
N VAL A 121 13.32 -10.75 -10.88
CA VAL A 121 13.64 -11.77 -9.85
C VAL A 121 15.13 -11.92 -9.62
N ASP A 122 15.97 -11.74 -10.64
CA ASP A 122 17.43 -11.77 -10.46
C ASP A 122 17.89 -10.57 -9.63
N GLU A 123 17.42 -9.35 -9.93
CA GLU A 123 17.74 -8.13 -9.18
C GLU A 123 17.28 -8.21 -7.71
N MET A 124 16.12 -8.82 -7.44
CA MET A 124 15.64 -9.12 -6.08
C MET A 124 16.63 -9.96 -5.27
N ILE A 125 17.43 -10.81 -5.94
CA ILE A 125 18.51 -11.58 -5.29
C ILE A 125 19.81 -10.78 -5.24
N ARG A 126 20.19 -10.02 -6.28
CA ARG A 126 21.41 -9.18 -6.27
C ARG A 126 21.40 -8.14 -5.13
N GLU A 127 20.23 -7.65 -4.73
CA GLU A 127 20.07 -6.73 -3.59
C GLU A 127 19.97 -7.45 -2.22
N ALA A 128 19.90 -8.80 -2.19
CA ALA A 128 19.84 -9.63 -0.99
C ALA A 128 21.16 -10.37 -0.69
N ASP A 129 21.89 -10.80 -1.72
CA ASP A 129 23.13 -11.59 -1.66
C ASP A 129 24.32 -10.85 -0.99
N ILE A 130 24.20 -9.52 -0.85
CA ILE A 130 25.20 -8.63 -0.24
C ILE A 130 25.49 -8.92 1.25
N ASP A 131 24.68 -9.74 1.92
CA ASP A 131 24.93 -10.21 3.29
C ASP A 131 26.10 -11.21 3.40
N GLY A 132 26.55 -11.78 2.27
CA GLY A 132 27.80 -12.56 2.15
C GLY A 132 27.66 -14.08 2.12
N ASP A 133 26.43 -14.62 2.13
CA ASP A 133 26.12 -16.05 2.02
C ASP A 133 24.68 -16.31 1.53
N GLY A 134 24.31 -17.59 1.37
CA GLY A 134 23.05 -18.02 0.74
C GLY A 134 21.79 -17.85 1.59
N GLN A 135 21.89 -17.51 2.87
CA GLN A 135 20.73 -17.13 3.69
C GLN A 135 20.51 -15.61 3.63
N VAL A 136 19.28 -15.20 3.28
CA VAL A 136 18.82 -13.82 3.27
C VAL A 136 18.27 -13.47 4.65
N ASN A 137 18.81 -12.42 5.29
CA ASN A 137 18.20 -11.77 6.43
C ASN A 137 17.06 -10.87 5.95
N TYR A 138 15.86 -11.44 5.76
CA TYR A 138 14.75 -10.74 5.12
C TYR A 138 14.24 -9.52 5.92
N GLU A 139 14.47 -9.50 7.23
CA GLU A 139 14.14 -8.38 8.12
C GLU A 139 14.86 -7.08 7.72
N GLU A 140 16.11 -7.18 7.22
CA GLU A 140 16.82 -6.05 6.63
C GLU A 140 16.40 -5.83 5.17
N PHE A 141 16.19 -6.89 4.39
CA PHE A 141 15.81 -6.79 2.96
C PHE A 141 14.51 -6.01 2.75
N VAL A 142 13.49 -6.24 3.60
CA VAL A 142 12.26 -5.45 3.60
C VAL A 142 12.57 -3.95 3.69
N GLN A 143 13.38 -3.56 4.67
CA GLN A 143 13.67 -2.13 4.93
C GLN A 143 14.56 -1.50 3.85
N MET A 144 15.41 -2.29 3.18
CA MET A 144 16.18 -1.84 2.02
C MET A 144 15.30 -1.55 0.78
N MET A 145 14.21 -2.30 0.56
CA MET A 145 13.30 -2.07 -0.58
C MET A 145 12.10 -1.13 -0.29
N THR A 146 11.64 -1.00 0.97
CA THR A 146 10.60 0.01 1.32
C THR A 146 11.17 1.43 1.38
N ALA A 147 12.47 1.58 1.61
CA ALA A 147 13.18 2.87 1.55
C ALA A 147 13.36 3.40 0.11
N LYS A 148 13.67 4.70 0.03
CA LYS A 148 14.04 5.44 -1.20
C LYS A 148 15.30 4.91 -1.88
N GLY B 1 -5.44 -21.05 -5.07
CA GLY B 1 -6.14 -22.08 -4.24
C GLY B 1 -6.00 -21.79 -2.75
N PRO B 2 -6.29 -22.77 -1.88
CA PRO B 2 -6.19 -22.66 -0.42
C PRO B 2 -4.77 -22.36 0.08
N GLY B 3 -4.67 -21.85 1.31
CA GLY B 3 -3.39 -21.52 1.96
C GLY B 3 -3.00 -20.04 1.83
N SER B 4 -1.72 -19.76 1.99
CA SER B 4 -1.13 -18.39 1.99
C SER B 4 -0.05 -18.22 0.91
N GLU B 5 0.63 -19.31 0.54
CA GLU B 5 1.89 -19.33 -0.20
C GLU B 5 1.80 -18.63 -1.57
N GLU B 6 0.64 -18.65 -2.23
CA GLU B 6 0.44 -18.00 -3.52
C GLU B 6 0.15 -16.49 -3.42
N VAL B 7 -0.41 -16.01 -2.31
CA VAL B 7 -0.72 -14.58 -2.10
C VAL B 7 0.41 -13.83 -1.40
N SER B 8 1.12 -14.50 -0.47
CA SER B 8 2.34 -13.96 0.15
C SER B 8 3.46 -13.74 -0.90
N ALA B 9 3.60 -14.64 -1.88
CA ALA B 9 4.49 -14.46 -3.02
C ALA B 9 4.20 -13.18 -3.81
N MET B 10 2.93 -12.77 -3.93
CA MET B 10 2.53 -11.53 -4.63
C MET B 10 2.72 -10.26 -3.78
N VAL B 11 2.61 -10.34 -2.45
CA VAL B 11 2.87 -9.20 -1.54
C VAL B 11 4.35 -8.78 -1.59
N ILE B 12 5.28 -9.75 -1.68
CA ILE B 12 6.73 -9.45 -1.81
C ILE B 12 7.02 -8.73 -3.14
N GLN B 13 6.37 -9.18 -4.22
CA GLN B 13 6.49 -8.55 -5.55
C GLN B 13 5.90 -7.13 -5.56
N ARG B 14 4.79 -6.88 -4.85
CA ARG B 14 4.14 -5.57 -4.75
C ARG B 14 5.11 -4.50 -4.20
N ALA B 15 5.83 -4.82 -3.11
CA ALA B 15 6.82 -3.93 -2.50
C ALA B 15 7.99 -3.63 -3.46
N PHE B 16 8.56 -4.67 -4.07
CA PHE B 16 9.69 -4.56 -4.98
C PHE B 16 9.33 -3.81 -6.28
N ARG B 17 8.14 -4.03 -6.85
CA ARG B 17 7.65 -3.30 -8.02
C ARG B 17 7.32 -1.84 -7.71
N ARG B 18 6.81 -1.53 -6.50
CA ARG B 18 6.65 -0.13 -6.04
C ARG B 18 8.01 0.56 -5.82
N HIS B 19 9.05 -0.16 -5.39
CA HIS B 19 10.42 0.35 -5.32
C HIS B 19 11.01 0.66 -6.72
N LEU B 20 10.90 -0.29 -7.65
CA LEU B 20 11.38 -0.13 -9.04
C LEU B 20 10.65 0.96 -9.83
N LEU B 21 9.47 1.41 -9.40
CA LEU B 21 8.76 2.54 -10.01
C LEU B 21 9.58 3.85 -9.95
N GLN B 22 10.45 4.03 -8.95
CA GLN B 22 11.36 5.18 -8.86
C GLN B 22 12.63 4.97 -9.70
N ARG B 23 13.08 3.73 -9.87
CA ARG B 23 14.29 3.37 -10.63
C ARG B 23 14.04 3.36 -12.15
N SER B 24 12.87 2.91 -12.59
CA SER B 24 12.57 2.58 -14.01
C SER B 24 11.32 3.28 -14.57
N LEU B 25 10.62 4.10 -13.76
CA LEU B 25 9.52 5.03 -14.10
C LEU B 25 8.19 4.36 -14.55
N LYS B 26 8.24 3.10 -14.97
CA LYS B 26 7.19 2.14 -15.41
C LYS B 26 7.79 1.04 -16.31
N HIS B 27 8.73 1.41 -17.19
CA HIS B 27 9.48 0.57 -18.12
C HIS B 27 10.65 1.37 -18.74
N ALA B 28 11.75 0.70 -19.07
CA ALA B 28 12.92 1.32 -19.72
C ALA B 28 12.59 1.86 -21.13
N SER B 29 13.32 2.89 -21.57
CA SER B 29 13.10 3.62 -22.83
C SER B 29 14.32 4.49 -23.21
N PHE B 30 14.16 5.38 -24.20
CA PHE B 30 15.20 6.30 -24.65
C PHE B 30 15.43 7.50 -23.69
N LEU B 31 14.56 7.70 -22.69
CA LEU B 31 14.60 8.80 -21.71
C LEU B 31 15.70 8.56 -20.65
N ALA A 1 2.70 9.39 -5.79
CA ALA A 1 2.67 10.43 -4.74
C ALA A 1 2.41 9.82 -3.35
N ASP A 2 2.64 10.59 -2.29
CA ASP A 2 2.51 10.14 -0.88
C ASP A 2 1.33 10.81 -0.15
N GLN A 3 0.48 11.53 -0.90
CA GLN A 3 -0.59 12.42 -0.41
C GLN A 3 -1.45 12.86 -1.60
N LEU A 4 -2.70 13.30 -1.34
CA LEU A 4 -3.50 14.07 -2.29
C LEU A 4 -2.98 15.52 -2.41
N THR A 5 -3.30 16.17 -3.55
CA THR A 5 -2.95 17.56 -3.89
C THR A 5 -4.16 18.31 -4.42
N GLU A 6 -4.08 19.63 -4.50
CA GLU A 6 -5.20 20.51 -4.91
C GLU A 6 -5.79 20.13 -6.27
N GLU A 7 -4.95 19.75 -7.24
CA GLU A 7 -5.37 19.33 -8.58
C GLU A 7 -6.06 17.96 -8.62
N GLN A 8 -5.81 17.08 -7.62
CA GLN A 8 -6.54 15.84 -7.44
C GLN A 8 -7.88 16.10 -6.72
N ILE A 9 -7.85 16.91 -5.66
CA ILE A 9 -9.02 17.31 -4.86
C ILE A 9 -10.09 17.97 -5.74
N ALA A 10 -9.68 18.79 -6.70
CA ALA A 10 -10.57 19.48 -7.65
C ALA A 10 -11.36 18.52 -8.56
N GLU A 11 -10.83 17.30 -8.81
CA GLU A 11 -11.51 16.27 -9.59
C GLU A 11 -12.36 15.36 -8.69
N PHE A 12 -11.86 14.97 -7.51
CA PHE A 12 -12.59 14.13 -6.56
C PHE A 12 -13.88 14.78 -6.05
N LYS A 13 -13.93 16.13 -5.98
CA LYS A 13 -15.16 16.85 -5.64
C LYS A 13 -16.30 16.60 -6.65
N GLU A 14 -15.99 16.41 -7.93
CA GLU A 14 -16.99 16.21 -9.00
C GLU A 14 -17.63 14.82 -8.96
N ALA A 15 -16.95 13.82 -8.37
CA ALA A 15 -17.56 12.51 -8.10
C ALA A 15 -18.33 12.52 -6.75
N PHE A 16 -17.82 13.24 -5.74
CA PHE A 16 -18.44 13.34 -4.43
C PHE A 16 -19.76 14.14 -4.45
N SER A 17 -19.84 15.20 -5.26
CA SER A 17 -21.00 16.11 -5.29
C SER A 17 -22.30 15.47 -5.78
N LEU A 18 -22.23 14.39 -6.58
CA LEU A 18 -23.42 13.65 -7.07
C LEU A 18 -24.03 12.73 -5.99
N PHE A 19 -23.26 12.36 -4.96
CA PHE A 19 -23.71 11.59 -3.81
C PHE A 19 -24.06 12.49 -2.61
N ASP A 20 -23.53 13.72 -2.57
CA ASP A 20 -23.93 14.83 -1.68
C ASP A 20 -25.27 15.45 -2.13
N LYS A 21 -26.33 14.64 -2.18
CA LYS A 21 -27.67 15.03 -2.63
C LYS A 21 -28.40 15.99 -1.67
N ASP A 22 -27.99 16.01 -0.40
CA ASP A 22 -28.49 16.94 0.63
C ASP A 22 -27.86 18.35 0.52
N GLY A 23 -26.68 18.46 -0.11
CA GLY A 23 -25.98 19.72 -0.41
C GLY A 23 -25.14 20.27 0.74
N ASP A 24 -25.03 19.55 1.85
CA ASP A 24 -24.33 19.98 3.08
C ASP A 24 -22.80 19.72 3.05
N GLY A 25 -22.31 18.95 2.07
CA GLY A 25 -20.90 18.56 1.93
C GLY A 25 -20.59 17.17 2.51
N THR A 26 -21.61 16.30 2.63
CA THR A 26 -21.53 14.96 3.23
C THR A 26 -22.11 13.88 2.31
N ILE A 27 -21.57 12.66 2.41
CA ILE A 27 -22.17 11.43 1.87
C ILE A 27 -22.50 10.45 3.00
N THR A 28 -23.39 9.50 2.74
CA THR A 28 -23.64 8.35 3.64
C THR A 28 -22.46 7.39 3.55
N THR A 29 -22.20 6.63 4.62
CA THR A 29 -21.25 5.51 4.64
C THR A 29 -21.58 4.46 3.59
N LYS A 30 -22.87 4.29 3.26
CA LYS A 30 -23.36 3.43 2.17
C LYS A 30 -22.96 3.93 0.77
N GLU A 31 -22.92 5.25 0.56
CA GLU A 31 -22.56 5.89 -0.73
C GLU A 31 -21.04 5.95 -0.95
N LEU A 32 -20.22 5.81 0.11
CA LEU A 32 -18.77 5.64 -0.05
C LEU A 32 -18.43 4.43 -0.93
N GLY A 33 -19.13 3.32 -0.73
CA GLY A 33 -18.99 2.10 -1.54
C GLY A 33 -19.40 2.29 -3.00
N THR A 34 -20.11 3.37 -3.33
CA THR A 34 -20.46 3.78 -4.70
C THR A 34 -19.47 4.81 -5.24
N VAL A 35 -18.99 5.78 -4.45
CA VAL A 35 -18.06 6.80 -4.99
C VAL A 35 -16.67 6.23 -5.26
N MET A 36 -16.22 5.24 -4.48
CA MET A 36 -14.98 4.48 -4.76
C MET A 36 -15.09 3.70 -6.08
N ARG A 37 -16.26 3.11 -6.37
CA ARG A 37 -16.56 2.47 -7.66
C ARG A 37 -16.62 3.48 -8.82
N SER A 38 -17.21 4.65 -8.60
CA SER A 38 -17.29 5.74 -9.60
C SER A 38 -15.92 6.32 -9.97
N LEU A 39 -14.95 6.26 -9.03
CA LEU A 39 -13.54 6.63 -9.24
C LEU A 39 -12.67 5.46 -9.74
N GLY A 40 -13.27 4.29 -9.98
CA GLY A 40 -12.63 3.13 -10.62
C GLY A 40 -11.87 2.20 -9.67
N GLN A 41 -12.00 2.37 -8.35
CA GLN A 41 -11.39 1.48 -7.35
C GLN A 41 -12.32 0.31 -6.99
N ASN A 42 -11.76 -0.78 -6.44
CA ASN A 42 -12.46 -2.02 -6.09
C ASN A 42 -12.07 -2.53 -4.69
N PRO A 43 -12.49 -1.83 -3.60
CA PRO A 43 -12.38 -2.37 -2.25
C PRO A 43 -13.40 -3.50 -2.06
N THR A 44 -13.01 -4.57 -1.35
CA THR A 44 -13.95 -5.58 -0.83
C THR A 44 -14.67 -4.99 0.37
N GLU A 45 -15.79 -5.56 0.78
CA GLU A 45 -16.60 -5.06 1.92
C GLU A 45 -15.79 -4.89 3.22
N ALA A 46 -14.75 -5.71 3.46
CA ALA A 46 -13.85 -5.56 4.60
C ALA A 46 -12.93 -4.34 4.49
N GLU A 47 -12.37 -4.02 3.32
CA GLU A 47 -11.58 -2.80 3.10
C GLU A 47 -12.47 -1.55 3.15
N LEU A 48 -13.70 -1.64 2.62
CA LEU A 48 -14.68 -0.57 2.66
C LEU A 48 -15.12 -0.29 4.11
N GLN A 49 -15.40 -1.34 4.89
CA GLN A 49 -15.71 -1.21 6.32
C GLN A 49 -14.55 -0.61 7.10
N ASP A 50 -13.30 -0.99 6.83
CA ASP A 50 -12.12 -0.45 7.50
C ASP A 50 -11.93 1.08 7.28
N MET A 51 -12.15 1.59 6.07
CA MET A 51 -12.02 3.03 5.80
C MET A 51 -13.15 3.83 6.43
N ILE A 52 -14.36 3.26 6.53
CA ILE A 52 -15.48 3.80 7.29
C ILE A 52 -15.14 3.89 8.78
N ASN A 53 -14.69 2.80 9.42
CA ASN A 53 -14.27 2.80 10.84
C ASN A 53 -13.23 3.88 11.16
N GLU A 54 -12.36 4.20 10.20
CA GLU A 54 -11.30 5.20 10.34
C GLU A 54 -11.82 6.65 10.36
N VAL A 55 -13.06 6.92 9.89
CA VAL A 55 -13.66 8.28 9.86
C VAL A 55 -14.99 8.43 10.62
N ASP A 56 -15.77 7.35 10.76
CA ASP A 56 -17.09 7.32 11.40
C ASP A 56 -17.03 6.88 12.87
N ALA A 57 -15.88 7.05 13.53
CA ALA A 57 -15.62 6.64 14.92
C ALA A 57 -16.54 7.31 15.96
N ASP A 58 -17.10 8.48 15.63
CA ASP A 58 -18.09 9.22 16.43
C ASP A 58 -19.55 8.70 16.23
N GLY A 59 -19.78 7.81 15.25
CA GLY A 59 -21.06 7.12 15.02
C GLY A 59 -22.10 7.93 14.25
N ASN A 60 -21.68 8.88 13.40
CA ASN A 60 -22.57 9.81 12.70
C ASN A 60 -23.38 9.15 11.56
N GLY A 61 -22.83 8.11 10.91
CA GLY A 61 -23.40 7.44 9.74
C GLY A 61 -23.16 8.19 8.42
N THR A 62 -22.34 9.25 8.44
CA THR A 62 -22.01 10.13 7.30
C THR A 62 -20.53 10.53 7.32
N ILE A 63 -20.04 10.92 6.15
CA ILE A 63 -18.63 11.28 5.90
C ILE A 63 -18.59 12.63 5.19
N ASP A 64 -17.87 13.60 5.74
CA ASP A 64 -17.63 14.92 5.15
C ASP A 64 -16.57 14.85 4.03
N PHE A 65 -16.62 15.77 3.05
CA PHE A 65 -15.65 15.84 1.98
C PHE A 65 -14.17 15.80 2.43
N PRO A 66 -13.70 16.61 3.42
CA PRO A 66 -12.33 16.53 3.91
C PRO A 66 -11.98 15.19 4.60
N GLU A 67 -12.94 14.49 5.20
CA GLU A 67 -12.72 13.17 5.81
C GLU A 67 -12.58 12.08 4.73
N PHE A 68 -13.41 12.14 3.68
CA PHE A 68 -13.28 11.32 2.48
C PHE A 68 -11.92 11.53 1.79
N LEU A 69 -11.45 12.78 1.66
CA LEU A 69 -10.12 13.06 1.11
C LEU A 69 -8.99 12.55 2.03
N THR A 70 -9.18 12.58 3.35
CA THR A 70 -8.19 12.11 4.35
C THR A 70 -7.96 10.61 4.26
N MET A 71 -9.02 9.80 4.16
CA MET A 71 -8.87 8.35 3.98
C MET A 71 -8.16 7.98 2.67
N MET A 72 -8.31 8.79 1.60
CA MET A 72 -7.55 8.62 0.35
C MET A 72 -6.09 9.07 0.53
N ALA A 73 -5.83 10.24 1.10
CA ALA A 73 -4.48 10.79 1.29
C ALA A 73 -3.55 9.90 2.14
N ARG A 74 -4.11 9.19 3.11
CA ARG A 74 -3.40 8.26 3.99
C ARG A 74 -3.08 6.91 3.32
N LYS A 75 -3.93 6.43 2.39
CA LYS A 75 -3.72 5.17 1.66
C LYS A 75 -3.02 5.33 0.30
N MET A 76 -3.05 6.53 -0.32
CA MET A 76 -2.26 6.90 -1.51
C MET A 76 -0.79 7.10 -1.13
N LYS A 77 0.05 6.10 -1.38
CA LYS A 77 1.46 6.07 -0.97
C LYS A 77 2.37 5.47 -2.07
N ASP A 78 3.65 5.85 -2.08
CA ASP A 78 4.69 5.29 -2.97
C ASP A 78 5.30 3.96 -2.45
N THR A 79 4.99 3.60 -1.19
CA THR A 79 5.45 2.41 -0.47
C THR A 79 4.30 1.78 0.31
N ASP A 80 4.57 0.72 1.07
CA ASP A 80 3.58 -0.06 1.83
C ASP A 80 4.20 -0.86 2.99
N SER A 81 3.35 -1.44 3.83
CA SER A 81 3.67 -1.80 5.23
C SER A 81 4.78 -2.85 5.40
N GLU A 82 5.84 -2.51 6.14
CA GLU A 82 6.96 -3.43 6.40
C GLU A 82 6.50 -4.71 7.10
N GLU A 83 5.60 -4.62 8.09
CA GLU A 83 5.06 -5.77 8.82
C GLU A 83 4.26 -6.72 7.89
N GLU A 84 3.58 -6.18 6.88
CA GLU A 84 2.81 -6.95 5.90
C GLU A 84 3.74 -7.78 4.99
N ILE A 85 4.86 -7.17 4.57
CA ILE A 85 5.88 -7.85 3.75
C ILE A 85 6.66 -8.87 4.60
N ARG A 86 6.98 -8.54 5.86
CA ARG A 86 7.67 -9.44 6.80
C ARG A 86 6.85 -10.70 7.11
N GLU A 87 5.53 -10.58 7.28
CA GLU A 87 4.63 -11.72 7.48
C GLU A 87 4.63 -12.67 6.26
N ALA A 88 4.74 -12.12 5.04
CA ALA A 88 4.82 -12.92 3.82
C ALA A 88 6.11 -13.75 3.74
N PHE A 89 7.24 -13.21 4.19
CA PHE A 89 8.48 -13.98 4.33
C PHE A 89 8.42 -14.99 5.48
N ARG A 90 7.72 -14.69 6.58
CA ARG A 90 7.67 -15.54 7.77
C ARG A 90 7.09 -16.94 7.50
N VAL A 91 6.10 -17.07 6.60
CA VAL A 91 5.55 -18.38 6.20
C VAL A 91 6.46 -19.20 5.27
N PHE A 92 7.42 -18.55 4.58
CA PHE A 92 8.42 -19.23 3.74
C PHE A 92 9.66 -19.70 4.54
N ASP A 93 9.81 -19.25 5.79
CA ASP A 93 10.81 -19.77 6.74
C ASP A 93 10.27 -21.03 7.43
N LYS A 94 11.01 -22.15 7.32
CA LYS A 94 10.59 -23.46 7.86
C LYS A 94 10.61 -23.57 9.40
N ASP A 95 11.29 -22.65 10.09
CA ASP A 95 11.50 -22.66 11.55
C ASP A 95 11.11 -21.34 12.26
N GLY A 96 11.03 -20.23 11.52
CA GLY A 96 10.91 -18.87 12.06
C GLY A 96 12.26 -18.26 12.43
N ASN A 97 13.35 -18.73 11.81
CA ASN A 97 14.74 -18.39 12.13
C ASN A 97 15.16 -16.95 11.71
N GLY A 98 14.49 -16.36 10.70
CA GLY A 98 14.82 -15.06 10.10
C GLY A 98 15.64 -15.18 8.81
N TYR A 99 15.75 -16.37 8.23
CA TYR A 99 16.59 -16.68 7.07
C TYR A 99 15.96 -17.68 6.09
N ILE A 100 16.18 -17.44 4.79
CA ILE A 100 15.75 -18.28 3.65
C ILE A 100 16.91 -18.49 2.67
N SER A 101 16.86 -19.51 1.82
CA SER A 101 17.88 -19.68 0.75
C SER A 101 17.68 -18.66 -0.39
N ALA A 102 18.77 -18.23 -1.03
CA ALA A 102 18.71 -17.36 -2.20
C ALA A 102 18.07 -18.06 -3.42
N ALA A 103 18.31 -19.36 -3.62
CA ALA A 103 17.67 -20.15 -4.68
C ALA A 103 16.19 -20.43 -4.37
N GLU A 104 15.88 -20.68 -3.09
CA GLU A 104 14.52 -20.83 -2.57
C GLU A 104 13.70 -19.55 -2.80
N LEU A 105 14.27 -18.37 -2.50
CA LEU A 105 13.67 -17.07 -2.79
C LEU A 105 13.43 -16.88 -4.30
N ARG A 106 14.43 -17.20 -5.13
CA ARG A 106 14.32 -17.11 -6.60
C ARG A 106 13.20 -18.00 -7.15
N HIS A 107 13.05 -19.21 -6.60
CA HIS A 107 11.97 -20.13 -6.95
C HIS A 107 10.60 -19.65 -6.44
N VAL A 108 10.45 -19.33 -5.15
CA VAL A 108 9.15 -19.03 -4.56
C VAL A 108 8.55 -17.71 -5.09
N MET A 109 9.40 -16.76 -5.51
CA MET A 109 8.98 -15.49 -6.13
C MET A 109 8.55 -15.63 -7.61
N THR A 110 9.08 -16.61 -8.36
CA THR A 110 8.71 -16.83 -9.76
C THR A 110 7.57 -17.83 -9.90
N ASN A 111 7.48 -18.84 -9.02
CA ASN A 111 6.54 -19.96 -9.17
C ASN A 111 5.13 -19.64 -8.67
N LEU A 112 4.98 -19.09 -7.45
CA LEU A 112 3.69 -18.88 -6.79
C LEU A 112 2.98 -17.60 -7.28
N GLY A 113 1.66 -17.67 -7.41
CA GLY A 113 0.79 -16.55 -7.79
C GLY A 113 0.94 -16.18 -9.27
N GLU A 114 0.81 -14.88 -9.57
CA GLU A 114 1.26 -14.31 -10.85
C GLU A 114 2.79 -14.42 -10.99
N LYS A 115 3.31 -14.43 -12.21
CA LYS A 115 4.74 -14.65 -12.46
C LYS A 115 5.57 -13.35 -12.35
N LEU A 116 6.62 -13.37 -11.52
CA LEU A 116 7.72 -12.40 -11.53
C LEU A 116 8.72 -12.79 -12.65
N THR A 117 9.29 -11.81 -13.37
CA THR A 117 10.24 -12.09 -14.47
C THR A 117 11.65 -12.35 -13.97
N ASP A 118 12.44 -12.92 -14.87
CA ASP A 118 13.87 -13.16 -14.65
C ASP A 118 14.64 -11.84 -14.38
N GLU A 119 14.33 -10.78 -15.15
CA GLU A 119 14.97 -9.46 -15.00
C GLU A 119 14.57 -8.73 -13.69
N GLU A 120 13.44 -9.10 -13.09
CA GLU A 120 13.00 -8.62 -11.77
C GLU A 120 13.61 -9.49 -10.66
N VAL A 121 13.45 -10.81 -10.70
CA VAL A 121 13.91 -11.70 -9.61
C VAL A 121 15.44 -11.73 -9.50
N ASP A 122 16.19 -11.62 -10.61
CA ASP A 122 17.65 -11.60 -10.57
C ASP A 122 18.19 -10.32 -9.92
N GLU A 123 17.47 -9.19 -10.05
CA GLU A 123 17.78 -7.95 -9.34
C GLU A 123 17.49 -8.09 -7.83
N MET A 124 16.36 -8.74 -7.48
CA MET A 124 16.01 -9.04 -6.09
C MET A 124 17.09 -9.89 -5.41
N ILE A 125 17.54 -10.97 -6.05
CA ILE A 125 18.60 -11.85 -5.53
C ILE A 125 19.95 -11.12 -5.48
N ARG A 126 20.29 -10.31 -6.49
CA ARG A 126 21.56 -9.57 -6.51
C ARG A 126 21.70 -8.63 -5.29
N GLU A 127 20.64 -7.88 -4.98
CA GLU A 127 20.62 -6.95 -3.85
C GLU A 127 20.43 -7.65 -2.48
N ALA A 128 19.89 -8.86 -2.46
CA ALA A 128 19.81 -9.71 -1.27
C ALA A 128 21.17 -10.35 -0.92
N ASP A 129 21.89 -10.88 -1.92
CA ASP A 129 23.15 -11.62 -1.75
C ASP A 129 24.29 -10.78 -1.16
N ILE A 130 24.31 -9.47 -1.45
CA ILE A 130 25.32 -8.54 -0.90
C ILE A 130 25.08 -8.17 0.58
N ASP A 131 23.89 -8.45 1.13
CA ASP A 131 23.53 -8.22 2.53
C ASP A 131 23.47 -9.54 3.36
N GLY A 132 23.13 -10.66 2.71
CA GLY A 132 23.05 -12.00 3.31
C GLY A 132 24.40 -12.74 3.36
N ASP A 133 24.33 -14.07 3.43
CA ASP A 133 25.47 -15.00 3.61
C ASP A 133 25.18 -16.33 2.90
N GLY A 134 24.66 -16.27 1.66
CA GLY A 134 24.11 -17.39 0.88
C GLY A 134 22.68 -17.73 1.31
N GLN A 135 22.42 -17.71 2.62
CA GLN A 135 21.09 -17.49 3.18
C GLN A 135 20.78 -15.98 3.19
N VAL A 136 19.56 -15.61 2.81
CA VAL A 136 19.06 -14.22 2.76
C VAL A 136 18.47 -13.85 4.12
N ASN A 137 18.97 -12.77 4.71
CA ASN A 137 18.31 -12.10 5.84
C ASN A 137 17.14 -11.25 5.31
N TYR A 138 15.94 -11.84 5.23
CA TYR A 138 14.77 -11.14 4.68
C TYR A 138 14.31 -9.95 5.55
N GLU A 139 14.59 -10.01 6.86
CA GLU A 139 14.20 -8.99 7.83
C GLU A 139 14.90 -7.65 7.56
N GLU A 140 16.20 -7.69 7.24
CA GLU A 140 16.97 -6.53 6.78
C GLU A 140 16.66 -6.19 5.30
N PHE A 141 16.30 -7.17 4.46
CA PHE A 141 15.94 -6.92 3.06
C PHE A 141 14.66 -6.08 2.90
N VAL A 142 13.63 -6.32 3.73
CA VAL A 142 12.41 -5.48 3.74
C VAL A 142 12.73 -4.02 4.06
N GLN A 143 13.66 -3.76 4.99
CA GLN A 143 14.05 -2.41 5.39
C GLN A 143 14.76 -1.62 4.26
N MET A 144 15.32 -2.32 3.27
CA MET A 144 15.81 -1.74 2.01
C MET A 144 14.69 -1.59 0.97
N MET A 145 13.78 -2.57 0.87
CA MET A 145 12.67 -2.59 -0.09
C MET A 145 11.66 -1.45 0.12
N THR A 146 11.39 -1.04 1.37
CA THR A 146 10.42 0.03 1.70
C THR A 146 10.98 1.45 1.51
N ALA A 147 12.29 1.61 1.30
CA ALA A 147 12.94 2.89 1.00
C ALA A 147 12.89 3.23 -0.51
N LYS A 148 13.22 4.49 -0.84
CA LYS A 148 13.44 4.99 -2.20
C LYS A 148 14.90 4.80 -2.64
N GLY B 1 -4.77 -22.05 -5.76
CA GLY B 1 -4.02 -23.01 -4.93
C GLY B 1 -4.23 -22.71 -3.44
N PRO B 2 -3.17 -22.75 -2.61
CA PRO B 2 -3.27 -22.56 -1.15
C PRO B 2 -3.57 -21.10 -0.77
N GLY B 3 -4.19 -20.89 0.39
CA GLY B 3 -4.63 -19.56 0.87
C GLY B 3 -3.55 -18.70 1.52
N SER B 4 -2.31 -19.18 1.60
CA SER B 4 -1.15 -18.52 2.20
C SER B 4 -0.03 -18.31 1.16
N GLU B 5 0.81 -19.32 0.94
CA GLU B 5 2.03 -19.28 0.15
C GLU B 5 1.85 -18.66 -1.26
N GLU B 6 0.70 -18.90 -1.89
CA GLU B 6 0.37 -18.37 -3.21
C GLU B 6 0.16 -16.84 -3.21
N VAL B 7 -0.42 -16.29 -2.14
CA VAL B 7 -0.68 -14.84 -2.00
C VAL B 7 0.47 -14.10 -1.29
N SER B 8 1.20 -14.76 -0.39
CA SER B 8 2.42 -14.22 0.23
C SER B 8 3.49 -13.87 -0.83
N ALA B 9 3.66 -14.72 -1.85
CA ALA B 9 4.49 -14.39 -3.01
C ALA B 9 4.03 -13.09 -3.69
N MET B 10 2.73 -12.94 -3.95
CA MET B 10 2.17 -11.75 -4.59
C MET B 10 2.27 -10.47 -3.73
N VAL B 11 2.25 -10.58 -2.41
CA VAL B 11 2.51 -9.45 -1.48
C VAL B 11 3.96 -8.94 -1.64
N ILE B 12 4.95 -9.85 -1.70
CA ILE B 12 6.36 -9.47 -1.87
C ILE B 12 6.64 -8.97 -3.29
N GLN B 13 6.08 -9.60 -4.33
CA GLN B 13 6.14 -9.13 -5.71
C GLN B 13 5.58 -7.70 -5.84
N ARG B 14 4.43 -7.42 -5.23
CA ARG B 14 3.80 -6.09 -5.24
C ARG B 14 4.71 -5.02 -4.62
N ALA B 15 5.29 -5.29 -3.46
CA ALA B 15 6.18 -4.35 -2.78
C ALA B 15 7.47 -4.11 -3.59
N PHE B 16 8.07 -5.17 -4.15
CA PHE B 16 9.26 -5.07 -5.00
C PHE B 16 8.99 -4.30 -6.30
N ARG B 17 7.87 -4.55 -6.98
CA ARG B 17 7.45 -3.81 -8.18
C ARG B 17 7.20 -2.33 -7.89
N ARG B 18 6.54 -2.00 -6.76
CA ARG B 18 6.33 -0.62 -6.30
C ARG B 18 7.63 0.10 -5.94
N HIS B 19 8.58 -0.61 -5.33
CA HIS B 19 9.95 -0.13 -5.11
C HIS B 19 10.72 0.16 -6.42
N LEU B 20 10.65 -0.75 -7.40
CA LEU B 20 11.31 -0.62 -8.72
C LEU B 20 10.88 0.63 -9.49
N LEU B 21 9.61 1.04 -9.40
CA LEU B 21 9.10 2.28 -10.00
C LEU B 21 9.78 3.55 -9.45
N GLN B 22 10.34 3.51 -8.23
CA GLN B 22 11.01 4.66 -7.61
C GLN B 22 12.45 4.83 -8.14
N ARG B 23 13.15 3.71 -8.38
CA ARG B 23 14.58 3.68 -8.74
C ARG B 23 14.85 3.54 -10.25
N SER B 24 13.90 3.08 -11.06
CA SER B 24 14.07 2.95 -12.52
C SER B 24 13.74 4.25 -13.29
N LEU B 25 12.77 5.04 -12.81
CA LEU B 25 12.24 6.28 -13.41
C LEU B 25 11.62 6.10 -14.82
N LYS B 26 11.38 4.87 -15.27
CA LYS B 26 10.77 4.57 -16.58
C LYS B 26 9.24 4.84 -16.62
N HIS B 27 8.68 4.93 -17.81
CA HIS B 27 7.23 5.08 -18.07
C HIS B 27 6.74 4.07 -19.12
N ALA B 28 5.49 3.56 -18.98
CA ALA B 28 4.90 2.55 -19.85
C ALA B 28 4.47 3.08 -21.25
N SER B 29 4.52 4.39 -21.47
CA SER B 29 4.35 5.01 -22.79
C SER B 29 5.58 4.88 -23.70
N PHE B 30 6.79 4.73 -23.11
CA PHE B 30 8.10 4.45 -23.73
C PHE B 30 8.70 5.61 -24.55
N LEU B 31 7.88 6.47 -25.16
CA LEU B 31 8.29 7.65 -25.94
C LEU B 31 8.98 8.75 -25.08
N ALA A 1 3.86 11.51 -5.10
CA ALA A 1 2.86 12.45 -4.53
C ALA A 1 2.06 11.79 -3.40
N ASP A 2 1.42 12.60 -2.54
CA ASP A 2 0.64 12.16 -1.38
C ASP A 2 -0.87 12.49 -1.51
N GLN A 3 -1.29 12.95 -2.70
CA GLN A 3 -2.62 13.47 -3.00
C GLN A 3 -3.10 12.98 -4.39
N LEU A 4 -4.32 13.39 -4.79
CA LEU A 4 -4.94 13.04 -6.08
C LEU A 4 -4.07 13.38 -7.31
N THR A 5 -4.12 12.54 -8.34
CA THR A 5 -3.43 12.73 -9.62
C THR A 5 -4.20 13.66 -10.55
N GLU A 6 -3.54 14.20 -11.59
CA GLU A 6 -4.19 15.04 -12.59
C GLU A 6 -5.33 14.33 -13.33
N GLU A 7 -5.21 13.02 -13.57
CA GLU A 7 -6.26 12.22 -14.23
C GLU A 7 -7.43 11.87 -13.28
N GLN A 8 -7.20 11.80 -11.96
CA GLN A 8 -8.28 11.75 -10.97
C GLN A 8 -9.00 13.10 -10.90
N ILE A 9 -8.25 14.20 -10.79
CA ILE A 9 -8.78 15.57 -10.74
C ILE A 9 -9.65 15.87 -11.97
N ALA A 10 -9.22 15.48 -13.18
CA ALA A 10 -9.97 15.68 -14.42
C ALA A 10 -11.33 14.94 -14.43
N GLU A 11 -11.45 13.80 -13.76
CA GLU A 11 -12.67 13.03 -13.64
C GLU A 11 -13.60 13.63 -12.57
N PHE A 12 -13.08 14.01 -11.40
CA PHE A 12 -13.85 14.65 -10.34
C PHE A 12 -14.38 16.04 -10.75
N LYS A 13 -13.67 16.74 -11.64
CA LYS A 13 -14.10 18.02 -12.20
C LYS A 13 -15.46 17.93 -12.93
N GLU A 14 -15.71 16.83 -13.64
CA GLU A 14 -16.96 16.62 -14.39
C GLU A 14 -18.18 16.51 -13.45
N ALA A 15 -18.05 15.82 -12.32
CA ALA A 15 -19.11 15.72 -11.31
C ALA A 15 -19.30 17.04 -10.53
N PHE A 16 -18.21 17.69 -10.13
CA PHE A 16 -18.23 18.97 -9.42
C PHE A 16 -18.83 20.10 -10.27
N SER A 17 -18.51 20.14 -11.57
CA SER A 17 -18.97 21.19 -12.50
C SER A 17 -20.50 21.17 -12.74
N LEU A 18 -21.19 20.04 -12.51
CA LEU A 18 -22.65 19.98 -12.63
C LEU A 18 -23.36 20.76 -11.50
N PHE A 19 -22.71 20.87 -10.34
CA PHE A 19 -23.16 21.61 -9.15
C PHE A 19 -22.58 23.05 -9.06
N ASP A 20 -21.66 23.42 -9.98
CA ASP A 20 -21.06 24.76 -10.10
C ASP A 20 -22.04 25.74 -10.79
N LYS A 21 -23.12 26.04 -10.07
CA LYS A 21 -24.27 26.84 -10.54
C LYS A 21 -23.94 28.31 -10.87
N ASP A 22 -22.88 28.86 -10.28
CA ASP A 22 -22.41 30.23 -10.50
C ASP A 22 -21.39 30.36 -11.64
N GLY A 23 -20.77 29.24 -12.04
CA GLY A 23 -19.79 29.17 -13.14
C GLY A 23 -18.35 29.59 -12.76
N ASP A 24 -18.12 29.94 -11.49
CA ASP A 24 -16.84 30.45 -10.97
C ASP A 24 -15.88 29.34 -10.46
N GLY A 25 -16.36 28.09 -10.38
CA GLY A 25 -15.62 26.94 -9.85
C GLY A 25 -15.94 26.64 -8.38
N THR A 26 -17.15 26.97 -7.92
CA THR A 26 -17.61 26.79 -6.52
C THR A 26 -18.97 26.11 -6.48
N ILE A 27 -19.13 25.16 -5.55
CA ILE A 27 -20.43 24.55 -5.22
C ILE A 27 -21.00 25.14 -3.92
N THR A 28 -22.32 25.02 -3.71
CA THR A 28 -22.94 25.32 -2.40
C THR A 28 -22.61 24.18 -1.43
N THR A 29 -22.54 24.51 -0.13
CA THR A 29 -22.20 23.56 0.95
C THR A 29 -23.19 22.40 1.03
N LYS A 30 -24.48 22.66 0.81
CA LYS A 30 -25.51 21.60 0.77
C LYS A 30 -25.36 20.62 -0.42
N GLU A 31 -24.74 21.06 -1.52
CA GLU A 31 -24.44 20.22 -2.69
C GLU A 31 -23.19 19.34 -2.49
N LEU A 32 -22.38 19.56 -1.44
CA LEU A 32 -21.30 18.65 -1.09
C LEU A 32 -21.85 17.24 -0.80
N GLY A 33 -22.94 17.15 -0.04
CA GLY A 33 -23.60 15.87 0.28
C GLY A 33 -24.16 15.15 -0.96
N THR A 34 -24.39 15.90 -2.04
CA THR A 34 -24.76 15.39 -3.36
C THR A 34 -23.54 14.95 -4.16
N VAL A 35 -22.47 15.75 -4.23
CA VAL A 35 -21.31 15.38 -5.06
C VAL A 35 -20.50 14.23 -4.42
N MET A 36 -20.51 14.12 -3.08
CA MET A 36 -20.04 12.94 -2.34
C MET A 36 -20.74 11.68 -2.83
N ARG A 37 -22.08 11.68 -2.89
CA ARG A 37 -22.88 10.52 -3.30
C ARG A 37 -22.81 10.23 -4.81
N SER A 38 -22.59 11.24 -5.67
CA SER A 38 -22.23 11.03 -7.08
C SER A 38 -20.88 10.31 -7.27
N LEU A 39 -19.98 10.38 -6.27
CA LEU A 39 -18.70 9.64 -6.22
C LEU A 39 -18.75 8.44 -5.24
N GLY A 40 -19.96 8.00 -4.84
CA GLY A 40 -20.17 6.81 -4.01
C GLY A 40 -19.88 6.96 -2.51
N GLN A 41 -19.58 8.17 -2.04
CA GLN A 41 -19.26 8.48 -0.64
C GLN A 41 -20.55 8.81 0.12
N ASN A 42 -20.75 8.20 1.30
CA ASN A 42 -22.01 8.28 2.06
C ASN A 42 -21.77 8.75 3.52
N PRO A 43 -21.37 10.01 3.76
CA PRO A 43 -21.17 10.57 5.09
C PRO A 43 -22.52 10.86 5.78
N THR A 44 -22.56 10.83 7.11
CA THR A 44 -23.70 11.36 7.88
C THR A 44 -23.79 12.87 7.75
N GLU A 45 -24.90 13.47 8.18
CA GLU A 45 -25.03 14.93 8.26
C GLU A 45 -23.95 15.55 9.17
N ALA A 46 -23.56 14.86 10.25
CA ALA A 46 -22.49 15.29 11.15
C ALA A 46 -21.09 15.17 10.50
N GLU A 47 -20.79 14.06 9.82
CA GLU A 47 -19.53 13.90 9.07
C GLU A 47 -19.43 14.87 7.89
N LEU A 48 -20.55 15.19 7.24
CA LEU A 48 -20.61 16.17 6.16
C LEU A 48 -20.38 17.59 6.70
N GLN A 49 -21.06 17.97 7.79
CA GLN A 49 -20.87 19.27 8.46
C GLN A 49 -19.43 19.44 8.96
N ASP A 50 -18.79 18.37 9.45
CA ASP A 50 -17.38 18.37 9.87
C ASP A 50 -16.41 18.67 8.71
N MET A 51 -16.71 18.22 7.48
CA MET A 51 -15.92 18.57 6.29
C MET A 51 -16.23 20.00 5.81
N ILE A 52 -17.50 20.40 5.83
CA ILE A 52 -17.96 21.75 5.42
C ILE A 52 -17.26 22.83 6.25
N ASN A 53 -17.41 22.82 7.58
CA ASN A 53 -16.89 23.90 8.43
C ASN A 53 -15.35 23.94 8.50
N GLU A 54 -14.67 22.83 8.14
CA GLU A 54 -13.22 22.75 8.00
C GLU A 54 -12.73 23.57 6.78
N VAL A 55 -13.39 23.43 5.62
CA VAL A 55 -12.97 24.14 4.39
C VAL A 55 -13.58 25.55 4.25
N ASP A 56 -14.81 25.76 4.74
CA ASP A 56 -15.54 27.05 4.72
C ASP A 56 -15.61 27.65 6.13
N ALA A 57 -14.43 27.84 6.75
CA ALA A 57 -14.29 28.39 8.11
C ALA A 57 -14.74 29.86 8.24
N ASP A 58 -14.74 30.61 7.13
CA ASP A 58 -15.20 32.02 7.07
C ASP A 58 -16.72 32.16 6.87
N GLY A 59 -17.41 31.09 6.46
CA GLY A 59 -18.89 31.02 6.40
C GLY A 59 -19.48 31.63 5.12
N ASN A 60 -18.86 31.40 3.97
CA ASN A 60 -19.34 31.88 2.66
C ASN A 60 -20.63 31.17 2.18
N GLY A 61 -20.86 29.93 2.64
CA GLY A 61 -21.93 29.04 2.15
C GLY A 61 -21.54 28.24 0.89
N THR A 62 -20.25 28.26 0.51
CA THR A 62 -19.70 27.65 -0.71
C THR A 62 -18.36 26.96 -0.46
N ILE A 63 -18.02 26.01 -1.34
CA ILE A 63 -16.74 25.26 -1.36
C ILE A 63 -16.09 25.40 -2.74
N ASP A 64 -14.79 25.67 -2.77
CA ASP A 64 -13.98 25.82 -3.99
C ASP A 64 -13.34 24.50 -4.42
N PHE A 65 -13.10 24.32 -5.72
CA PHE A 65 -12.66 23.05 -6.31
C PHE A 65 -11.41 22.42 -5.65
N PRO A 66 -10.28 23.14 -5.42
CA PRO A 66 -9.12 22.57 -4.75
C PRO A 66 -9.38 22.21 -3.28
N GLU A 67 -10.33 22.85 -2.60
CA GLU A 67 -10.70 22.52 -1.21
C GLU A 67 -11.50 21.22 -1.16
N PHE A 68 -12.45 21.03 -2.08
CA PHE A 68 -13.16 19.77 -2.31
C PHE A 68 -12.20 18.62 -2.68
N LEU A 69 -11.21 18.88 -3.54
CA LEU A 69 -10.18 17.89 -3.89
C LEU A 69 -9.29 17.53 -2.70
N THR A 70 -8.99 18.48 -1.79
CA THR A 70 -8.15 18.26 -0.60
C THR A 70 -8.82 17.29 0.38
N MET A 71 -10.11 17.48 0.70
CA MET A 71 -10.85 16.55 1.58
C MET A 71 -10.98 15.13 0.96
N MET A 72 -11.02 15.01 -0.37
CA MET A 72 -11.02 13.72 -1.08
C MET A 72 -9.62 13.06 -1.07
N ALA A 73 -8.55 13.84 -1.28
CA ALA A 73 -7.16 13.39 -1.28
C ALA A 73 -6.76 12.72 0.04
N ARG A 74 -7.05 13.41 1.15
CA ARG A 74 -6.72 13.03 2.53
C ARG A 74 -7.35 11.68 2.98
N LYS A 75 -8.39 11.20 2.30
CA LYS A 75 -9.10 9.95 2.63
C LYS A 75 -8.43 8.68 2.05
N MET A 76 -7.70 8.79 0.94
CA MET A 76 -7.25 7.65 0.12
C MET A 76 -5.91 7.04 0.58
N LYS A 77 -5.60 5.84 0.07
CA LYS A 77 -4.38 5.05 0.31
C LYS A 77 -3.99 4.20 -0.91
N ASP A 78 -2.71 3.87 -1.06
CA ASP A 78 -2.14 3.23 -2.26
C ASP A 78 -0.93 2.32 -1.94
N THR A 79 -0.82 1.85 -0.69
CA THR A 79 0.29 0.99 -0.22
C THR A 79 -0.13 0.00 0.86
N ASP A 80 0.80 -0.87 1.28
CA ASP A 80 0.62 -2.01 2.16
C ASP A 80 1.65 -2.00 3.32
N SER A 81 1.40 -2.73 4.40
CA SER A 81 2.20 -2.64 5.64
C SER A 81 3.50 -3.46 5.60
N GLU A 82 4.55 -2.94 6.25
CA GLU A 82 5.79 -3.68 6.54
C GLU A 82 5.52 -5.00 7.28
N GLU A 83 4.50 -5.07 8.14
CA GLU A 83 4.14 -6.29 8.88
C GLU A 83 3.61 -7.39 7.95
N GLU A 84 2.87 -7.03 6.88
CA GLU A 84 2.31 -7.97 5.90
C GLU A 84 3.43 -8.54 5.04
N ILE A 85 4.35 -7.69 4.59
CA ILE A 85 5.54 -8.07 3.82
C ILE A 85 6.46 -8.96 4.67
N ARG A 86 6.67 -8.61 5.94
CA ARG A 86 7.47 -9.41 6.89
C ARG A 86 6.85 -10.80 7.13
N GLU A 87 5.54 -10.90 7.35
CA GLU A 87 4.84 -12.15 7.57
C GLU A 87 4.90 -13.08 6.33
N ALA A 88 4.90 -12.52 5.12
CA ALA A 88 5.00 -13.30 3.88
C ALA A 88 6.32 -14.08 3.81
N PHE A 89 7.44 -13.45 4.20
CA PHE A 89 8.72 -14.14 4.36
C PHE A 89 8.69 -15.16 5.52
N ARG A 90 8.04 -14.82 6.64
CA ARG A 90 7.91 -15.70 7.82
C ARG A 90 7.13 -16.99 7.51
N VAL A 91 6.10 -16.93 6.65
CA VAL A 91 5.39 -18.12 6.13
C VAL A 91 6.33 -19.08 5.38
N PHE A 92 7.39 -18.58 4.74
CA PHE A 92 8.41 -19.40 4.04
C PHE A 92 9.61 -19.81 4.91
N ASP A 93 9.77 -19.24 6.11
CA ASP A 93 10.82 -19.61 7.08
C ASP A 93 10.50 -21.00 7.69
N LYS A 94 11.52 -21.85 7.82
CA LYS A 94 11.39 -23.24 8.30
C LYS A 94 11.27 -23.37 9.84
N ASP A 95 11.54 -22.30 10.59
CA ASP A 95 11.49 -22.29 12.07
C ASP A 95 11.06 -20.93 12.69
N GLY A 96 11.02 -19.86 11.89
CA GLY A 96 10.85 -18.47 12.35
C GLY A 96 12.20 -17.82 12.71
N ASN A 97 13.31 -18.34 12.17
CA ASN A 97 14.69 -17.96 12.53
C ASN A 97 15.18 -16.61 11.95
N GLY A 98 14.47 -16.04 10.96
CA GLY A 98 14.81 -14.76 10.32
C GLY A 98 15.60 -14.88 9.02
N TYR A 99 15.76 -16.10 8.48
CA TYR A 99 16.52 -16.37 7.25
C TYR A 99 15.83 -17.37 6.30
N ILE A 100 16.02 -17.16 4.99
CA ILE A 100 15.58 -18.01 3.88
C ILE A 100 16.72 -18.19 2.88
N SER A 101 16.70 -19.23 2.05
CA SER A 101 17.70 -19.42 0.98
C SER A 101 17.47 -18.45 -0.21
N ALA A 102 18.54 -17.95 -0.82
CA ALA A 102 18.49 -17.07 -2.00
C ALA A 102 17.88 -17.77 -3.23
N ALA A 103 18.21 -19.04 -3.47
CA ALA A 103 17.61 -19.84 -4.54
C ALA A 103 16.13 -20.16 -4.26
N GLU A 104 15.78 -20.36 -2.98
CA GLU A 104 14.40 -20.57 -2.54
C GLU A 104 13.56 -19.30 -2.70
N LEU A 105 14.10 -18.11 -2.38
CA LEU A 105 13.45 -16.82 -2.62
C LEU A 105 13.18 -16.61 -4.13
N ARG A 106 14.19 -16.83 -4.99
CA ARG A 106 14.01 -16.82 -6.45
C ARG A 106 12.88 -17.77 -6.90
N HIS A 107 12.86 -19.01 -6.40
CA HIS A 107 11.84 -20.01 -6.75
C HIS A 107 10.43 -19.65 -6.24
N VAL A 108 10.28 -19.28 -4.95
CA VAL A 108 8.98 -18.97 -4.33
C VAL A 108 8.33 -17.71 -4.91
N MET A 109 9.13 -16.82 -5.54
CA MET A 109 8.67 -15.66 -6.32
C MET A 109 8.32 -15.95 -7.80
N THR A 110 8.67 -17.13 -8.35
CA THR A 110 8.46 -17.46 -9.78
C THR A 110 7.57 -18.66 -10.04
N ASN A 111 7.29 -19.50 -9.03
CA ASN A 111 6.34 -20.62 -9.14
C ASN A 111 4.94 -20.35 -8.51
N LEU A 112 4.77 -19.21 -7.83
CA LEU A 112 3.56 -18.79 -7.11
C LEU A 112 3.16 -17.34 -7.48
N GLY A 113 1.90 -16.98 -7.21
CA GLY A 113 1.42 -15.58 -7.23
C GLY A 113 1.53 -14.88 -8.58
N GLU A 114 1.84 -13.59 -8.56
CA GLU A 114 1.99 -12.72 -9.72
C GLU A 114 3.44 -12.73 -10.21
N LYS A 115 3.67 -13.30 -11.40
CA LYS A 115 5.01 -13.61 -11.91
C LYS A 115 5.86 -12.35 -12.26
N LEU A 116 7.19 -12.53 -12.24
CA LEU A 116 8.20 -11.51 -12.59
C LEU A 116 9.37 -12.14 -13.38
N THR A 117 10.20 -11.30 -13.97
CA THR A 117 11.25 -11.68 -14.94
C THR A 117 12.52 -12.22 -14.28
N ASP A 118 13.31 -12.89 -15.11
CA ASP A 118 14.69 -13.29 -14.80
C ASP A 118 15.55 -12.11 -14.37
N GLU A 119 15.32 -10.92 -14.96
CA GLU A 119 15.98 -9.68 -14.60
C GLU A 119 15.51 -9.17 -13.22
N GLU A 120 14.21 -9.21 -12.91
CA GLU A 120 13.69 -8.77 -11.61
C GLU A 120 14.12 -9.71 -10.48
N VAL A 121 14.20 -11.03 -10.67
CA VAL A 121 14.79 -11.91 -9.62
C VAL A 121 16.31 -11.72 -9.49
N ASP A 122 17.04 -11.41 -10.57
CA ASP A 122 18.48 -11.11 -10.48
C ASP A 122 18.74 -9.80 -9.71
N GLU A 123 17.89 -8.77 -9.91
CA GLU A 123 17.87 -7.58 -9.08
C GLU A 123 17.53 -7.92 -7.62
N MET A 124 16.46 -8.69 -7.38
CA MET A 124 15.99 -9.05 -6.03
C MET A 124 17.07 -9.75 -5.20
N ILE A 125 17.67 -10.82 -5.73
CA ILE A 125 18.69 -11.60 -5.01
C ILE A 125 19.96 -10.76 -4.78
N ARG A 126 20.36 -9.92 -5.75
CA ARG A 126 21.51 -9.03 -5.59
C ARG A 126 21.30 -8.03 -4.44
N GLU A 127 20.11 -7.43 -4.29
CA GLU A 127 19.82 -6.49 -3.20
C GLU A 127 19.49 -7.20 -1.86
N ALA A 128 19.06 -8.46 -1.89
CA ALA A 128 18.71 -9.24 -0.71
C ALA A 128 19.92 -9.94 -0.04
N ASP A 129 20.73 -10.68 -0.80
CA ASP A 129 21.90 -11.42 -0.32
C ASP A 129 23.18 -10.56 -0.33
N ILE A 130 23.40 -9.83 -1.42
CA ILE A 130 24.48 -8.84 -1.65
C ILE A 130 25.84 -9.51 -1.88
N ASP A 131 26.35 -10.22 -0.87
CA ASP A 131 27.65 -10.90 -0.82
C ASP A 131 27.71 -11.91 0.35
N GLY A 132 26.57 -12.54 0.66
CA GLY A 132 26.36 -13.40 1.82
C GLY A 132 26.69 -14.88 1.55
N ASP A 133 26.33 -15.72 2.53
CA ASP A 133 26.58 -17.18 2.52
C ASP A 133 25.51 -17.98 1.73
N GLY A 134 24.58 -17.29 1.06
CA GLY A 134 23.42 -17.85 0.34
C GLY A 134 22.12 -17.83 1.15
N GLN A 135 22.16 -17.37 2.40
CA GLN A 135 20.97 -17.12 3.23
C GLN A 135 20.64 -15.62 3.23
N VAL A 136 19.39 -15.29 2.93
CA VAL A 136 18.85 -13.93 2.91
C VAL A 136 18.34 -13.58 4.31
N ASN A 137 18.86 -12.51 4.91
CA ASN A 137 18.20 -11.86 6.04
C ASN A 137 17.02 -11.02 5.53
N TYR A 138 15.83 -11.63 5.50
CA TYR A 138 14.64 -10.97 4.94
C TYR A 138 14.14 -9.82 5.82
N GLU A 139 14.45 -9.86 7.13
CA GLU A 139 13.95 -8.90 8.12
C GLU A 139 14.40 -7.47 7.80
N GLU A 140 15.66 -7.29 7.39
CA GLU A 140 16.16 -6.03 6.85
C GLU A 140 15.61 -5.74 5.44
N PHE A 141 15.56 -6.74 4.56
CA PHE A 141 15.16 -6.60 3.15
C PHE A 141 13.73 -6.09 2.95
N VAL A 142 12.82 -6.28 3.91
CA VAL A 142 11.50 -5.60 3.96
C VAL A 142 11.63 -4.08 3.76
N GLN A 143 12.67 -3.47 4.33
CA GLN A 143 12.85 -2.01 4.34
C GLN A 143 13.61 -1.48 3.11
N MET A 144 14.42 -2.32 2.44
CA MET A 144 14.98 -2.01 1.12
C MET A 144 13.87 -1.77 0.08
N MET A 145 12.79 -2.57 0.11
CA MET A 145 11.67 -2.49 -0.84
C MET A 145 10.58 -1.46 -0.47
N THR A 146 10.64 -0.81 0.71
CA THR A 146 9.85 0.41 1.01
C THR A 146 10.65 1.69 0.72
N ALA A 147 11.99 1.65 0.79
CA ALA A 147 12.87 2.78 0.50
C ALA A 147 12.97 3.12 -1.02
N LYS A 148 13.52 4.31 -1.29
CA LYS A 148 13.82 4.89 -2.61
C LYS A 148 15.10 5.75 -2.53
N GLY B 1 2.07 -26.65 -0.94
CA GLY B 1 1.27 -27.00 0.25
C GLY B 1 0.03 -26.11 0.34
N PRO B 2 -0.27 -25.55 1.53
CA PRO B 2 -1.42 -24.68 1.76
C PRO B 2 -1.41 -23.42 0.88
N GLY B 3 -2.60 -22.85 0.62
CA GLY B 3 -2.76 -21.60 -0.15
C GLY B 3 -2.21 -20.34 0.54
N SER B 4 -1.77 -20.47 1.79
CA SER B 4 -1.08 -19.43 2.56
C SER B 4 0.23 -19.00 1.84
N GLU B 5 0.90 -19.98 1.22
CA GLU B 5 2.07 -19.78 0.36
C GLU B 5 1.76 -18.86 -0.82
N GLU B 6 0.65 -19.12 -1.53
CA GLU B 6 0.24 -18.38 -2.72
C GLU B 6 -0.14 -16.93 -2.39
N VAL B 7 -0.93 -16.71 -1.34
CA VAL B 7 -1.31 -15.34 -0.91
C VAL B 7 -0.13 -14.57 -0.30
N SER B 8 0.83 -15.25 0.33
CA SER B 8 2.06 -14.62 0.83
C SER B 8 2.94 -14.11 -0.31
N ALA B 9 3.20 -14.94 -1.34
CA ALA B 9 4.05 -14.59 -2.47
C ALA B 9 3.66 -13.26 -3.12
N MET B 10 2.35 -13.02 -3.29
CA MET B 10 1.80 -11.79 -3.88
C MET B 10 2.13 -10.52 -3.08
N VAL B 11 2.38 -10.60 -1.77
CA VAL B 11 2.70 -9.43 -0.93
C VAL B 11 4.17 -9.01 -1.10
N ILE B 12 5.08 -9.96 -1.34
CA ILE B 12 6.49 -9.67 -1.68
C ILE B 12 6.58 -9.18 -3.13
N GLN B 13 5.85 -9.83 -4.06
CA GLN B 13 5.87 -9.49 -5.48
C GLN B 13 5.33 -8.07 -5.75
N ARG B 14 4.27 -7.64 -5.08
CA ARG B 14 3.75 -6.26 -5.24
C ARG B 14 4.70 -5.20 -4.64
N ALA B 15 5.36 -5.50 -3.52
CA ALA B 15 6.30 -4.59 -2.87
C ALA B 15 7.59 -4.43 -3.70
N PHE B 16 8.08 -5.50 -4.33
CA PHE B 16 9.25 -5.44 -5.22
C PHE B 16 8.95 -4.72 -6.55
N ARG B 17 7.79 -4.98 -7.17
CA ARG B 17 7.33 -4.23 -8.36
C ARG B 17 7.18 -2.74 -8.05
N ARG B 18 6.59 -2.39 -6.90
CA ARG B 18 6.52 -1.02 -6.37
C ARG B 18 7.93 -0.40 -6.22
N HIS B 19 8.87 -1.11 -5.60
CA HIS B 19 10.25 -0.63 -5.45
C HIS B 19 10.94 -0.30 -6.79
N LEU B 20 10.84 -1.17 -7.81
CA LEU B 20 11.41 -0.91 -9.14
C LEU B 20 10.73 0.28 -9.84
N LEU B 21 9.40 0.40 -9.74
CA LEU B 21 8.62 1.50 -10.29
C LEU B 21 8.99 2.84 -9.61
N GLN B 22 9.21 2.83 -8.29
CA GLN B 22 9.66 4.00 -7.54
C GLN B 22 11.12 4.36 -7.86
N ARG B 23 11.99 3.37 -8.06
CA ARG B 23 13.41 3.56 -8.37
C ARG B 23 13.63 4.11 -9.79
N SER B 24 12.99 3.51 -10.79
CA SER B 24 13.38 3.67 -12.22
C SER B 24 12.21 3.99 -13.16
N LEU B 25 10.98 4.17 -12.64
CA LEU B 25 9.75 4.53 -13.38
C LEU B 25 9.36 3.49 -14.46
N LYS B 26 9.98 2.30 -14.44
CA LYS B 26 9.95 1.29 -15.52
C LYS B 26 10.30 1.84 -16.91
N HIS B 27 11.20 2.84 -16.96
CA HIS B 27 11.85 3.31 -18.19
C HIS B 27 12.73 2.21 -18.82
N ALA B 28 12.73 2.10 -20.14
CA ALA B 28 13.51 1.14 -20.92
C ALA B 28 14.17 1.81 -22.16
N SER B 29 14.98 1.05 -22.91
CA SER B 29 15.83 1.56 -24.00
C SER B 29 15.08 2.21 -25.18
N PHE B 30 13.78 1.93 -25.33
CA PHE B 30 12.88 2.55 -26.33
C PHE B 30 11.60 3.13 -25.70
N LEU B 31 11.44 3.08 -24.36
CA LEU B 31 10.22 3.45 -23.62
C LEU B 31 10.54 4.43 -22.47
N ALA A 1 -2.48 8.29 15.58
CA ALA A 1 -1.90 9.57 15.11
C ALA A 1 -0.48 9.35 14.52
N ASP A 2 0.02 10.33 13.74
CA ASP A 2 1.34 10.30 13.09
C ASP A 2 1.83 11.71 12.74
N GLN A 3 0.99 12.50 12.06
CA GLN A 3 1.13 13.95 11.80
C GLN A 3 2.16 14.27 10.67
N LEU A 4 2.26 15.54 10.27
CA LEU A 4 3.34 16.06 9.42
C LEU A 4 4.75 15.77 9.99
N THR A 5 5.76 15.79 9.10
CA THR A 5 7.19 15.81 9.45
C THR A 5 7.67 17.25 9.61
N GLU A 6 8.77 17.43 10.33
CA GLU A 6 9.39 18.76 10.53
C GLU A 6 9.86 19.39 9.21
N GLU A 7 10.28 18.58 8.24
CA GLU A 7 10.67 19.05 6.90
C GLU A 7 9.45 19.46 6.03
N GLN A 8 8.27 18.87 6.24
CA GLN A 8 7.02 19.34 5.61
C GLN A 8 6.53 20.64 6.28
N ILE A 9 6.58 20.71 7.61
CA ILE A 9 6.21 21.92 8.39
C ILE A 9 7.00 23.15 7.91
N ALA A 10 8.29 22.99 7.60
CA ALA A 10 9.17 24.06 7.10
C ALA A 10 8.77 24.59 5.72
N GLU A 11 8.10 23.78 4.88
CA GLU A 11 7.58 24.20 3.57
C GLU A 11 6.27 24.97 3.70
N PHE A 12 5.33 24.49 4.53
CA PHE A 12 4.05 25.15 4.77
C PHE A 12 4.20 26.48 5.52
N LYS A 13 5.25 26.62 6.35
CA LYS A 13 5.59 27.88 7.02
C LYS A 13 5.85 29.04 6.03
N GLU A 14 6.49 28.76 4.90
CA GLU A 14 6.81 29.76 3.88
C GLU A 14 5.53 30.32 3.22
N ALA A 15 4.56 29.45 2.90
CA ALA A 15 3.27 29.87 2.34
C ALA A 15 2.40 30.61 3.37
N PHE A 16 2.34 30.10 4.60
CA PHE A 16 1.58 30.72 5.70
C PHE A 16 2.11 32.11 6.09
N SER A 17 3.44 32.30 6.04
CA SER A 17 4.10 33.57 6.38
C SER A 17 3.70 34.76 5.47
N LEU A 18 3.39 34.53 4.19
CA LEU A 18 2.97 35.60 3.26
C LEU A 18 1.57 36.15 3.58
N PHE A 19 0.71 35.34 4.22
CA PHE A 19 -0.63 35.71 4.66
C PHE A 19 -0.68 36.26 6.09
N ASP A 20 0.39 36.09 6.89
CA ASP A 20 0.56 36.68 8.22
C ASP A 20 0.90 38.18 8.12
N LYS A 21 -0.13 38.98 7.85
CA LYS A 21 -0.06 40.43 7.63
C LYS A 21 0.22 41.26 8.90
N ASP A 22 0.03 40.66 10.09
CA ASP A 22 0.27 41.29 11.40
C ASP A 22 1.68 40.98 11.97
N GLY A 23 2.31 39.90 11.48
CA GLY A 23 3.65 39.46 11.91
C GLY A 23 3.68 38.64 13.21
N ASP A 24 2.52 38.18 13.69
CA ASP A 24 2.32 37.52 14.99
C ASP A 24 2.30 35.97 14.91
N GLY A 25 2.39 35.40 13.71
CA GLY A 25 2.33 33.94 13.46
C GLY A 25 0.91 33.40 13.25
N THR A 26 -0.05 34.27 12.91
CA THR A 26 -1.47 33.94 12.70
C THR A 26 -1.95 34.39 11.31
N ILE A 27 -3.08 33.84 10.86
CA ILE A 27 -3.88 34.36 9.73
C ILE A 27 -5.33 34.58 10.14
N THR A 28 -6.09 35.39 9.39
CA THR A 28 -7.56 35.50 9.52
C THR A 28 -8.19 34.19 9.05
N THR A 29 -9.32 33.80 9.65
CA THR A 29 -10.09 32.60 9.26
C THR A 29 -10.53 32.63 7.80
N LYS A 30 -10.89 33.82 7.29
CA LYS A 30 -11.27 34.04 5.89
C LYS A 30 -10.10 33.85 4.90
N GLU A 31 -8.86 34.00 5.35
CA GLU A 31 -7.64 33.86 4.56
C GLU A 31 -7.19 32.39 4.41
N LEU A 32 -7.81 31.46 5.16
CA LEU A 32 -7.50 30.04 5.08
C LEU A 32 -7.74 29.48 3.67
N GLY A 33 -8.88 29.82 3.04
CA GLY A 33 -9.20 29.40 1.68
C GLY A 33 -8.18 29.93 0.66
N THR A 34 -7.51 31.05 0.95
CA THR A 34 -6.42 31.62 0.14
C THR A 34 -5.14 30.83 0.31
N VAL A 35 -4.76 30.41 1.53
CA VAL A 35 -3.52 29.60 1.70
C VAL A 35 -3.71 28.15 1.24
N MET A 36 -4.94 27.61 1.35
CA MET A 36 -5.33 26.35 0.70
C MET A 36 -5.12 26.42 -0.82
N ARG A 37 -5.69 27.43 -1.48
CA ARG A 37 -5.54 27.67 -2.92
C ARG A 37 -4.08 27.89 -3.33
N SER A 38 -3.30 28.63 -2.54
CA SER A 38 -1.86 28.86 -2.79
C SER A 38 -1.02 27.56 -2.75
N LEU A 39 -1.38 26.63 -1.86
CA LEU A 39 -0.78 25.29 -1.72
C LEU A 39 -1.36 24.26 -2.71
N GLY A 40 -2.38 24.62 -3.51
CA GLY A 40 -3.03 23.74 -4.49
C GLY A 40 -4.07 22.79 -3.89
N GLN A 41 -4.50 23.03 -2.64
CA GLN A 41 -5.53 22.25 -1.96
C GLN A 41 -6.94 22.67 -2.43
N ASN A 42 -7.87 21.73 -2.46
CA ASN A 42 -9.26 21.97 -2.89
C ASN A 42 -10.29 21.15 -2.06
N PRO A 43 -10.41 21.41 -0.74
CA PRO A 43 -11.44 20.82 0.12
C PRO A 43 -12.81 21.41 -0.19
N THR A 44 -13.88 20.68 0.15
CA THR A 44 -15.27 21.16 0.02
C THR A 44 -15.53 22.26 1.04
N GLU A 45 -16.41 23.20 0.70
CA GLU A 45 -16.67 24.41 1.50
C GLU A 45 -17.14 24.09 2.92
N ALA A 46 -18.04 23.12 3.09
CA ALA A 46 -18.52 22.67 4.40
C ALA A 46 -17.44 21.95 5.23
N GLU A 47 -16.53 21.22 4.58
CA GLU A 47 -15.40 20.56 5.24
C GLU A 47 -14.35 21.58 5.71
N LEU A 48 -14.05 22.59 4.88
CA LEU A 48 -13.15 23.69 5.21
C LEU A 48 -13.74 24.57 6.32
N GLN A 49 -15.04 24.85 6.28
CA GLN A 49 -15.75 25.58 7.34
C GLN A 49 -15.71 24.81 8.67
N ASP A 50 -15.81 23.48 8.66
CA ASP A 50 -15.69 22.66 9.86
C ASP A 50 -14.25 22.67 10.45
N MET A 51 -13.21 22.84 9.62
CA MET A 51 -11.83 23.03 10.10
C MET A 51 -11.68 24.38 10.82
N ILE A 52 -12.30 25.43 10.27
CA ILE A 52 -12.38 26.75 10.90
C ILE A 52 -13.12 26.65 12.25
N ASN A 53 -14.28 25.99 12.31
CA ASN A 53 -15.00 25.75 13.57
C ASN A 53 -14.18 24.94 14.60
N GLU A 54 -13.34 23.99 14.15
CA GLU A 54 -12.47 23.21 15.02
C GLU A 54 -11.37 24.08 15.66
N VAL A 55 -10.72 24.96 14.89
CA VAL A 55 -9.57 25.75 15.38
C VAL A 55 -9.96 27.10 16.02
N ASP A 56 -11.05 27.73 15.56
CA ASP A 56 -11.54 29.03 16.05
C ASP A 56 -12.77 28.89 16.97
N ALA A 57 -12.85 27.79 17.72
CA ALA A 57 -13.94 27.49 18.64
C ALA A 57 -14.14 28.55 19.75
N ASP A 58 -13.08 29.28 20.10
CA ASP A 58 -13.10 30.37 21.11
C ASP A 58 -13.54 31.74 20.52
N GLY A 59 -13.68 31.85 19.20
CA GLY A 59 -14.29 33.01 18.51
C GLY A 59 -13.37 34.20 18.26
N ASN A 60 -12.05 33.99 18.21
CA ASN A 60 -11.06 35.05 17.99
C ASN A 60 -11.06 35.62 16.55
N GLY A 61 -11.50 34.83 15.56
CA GLY A 61 -11.51 35.20 14.13
C GLY A 61 -10.17 34.95 13.43
N THR A 62 -9.26 34.20 14.07
CA THR A 62 -7.87 33.96 13.60
C THR A 62 -7.46 32.51 13.82
N ILE A 63 -6.50 32.05 13.02
CA ILE A 63 -5.89 30.71 13.06
C ILE A 63 -4.39 30.87 13.34
N ASP A 64 -3.88 30.16 14.34
CA ASP A 64 -2.45 30.07 14.66
C ASP A 64 -1.78 28.91 13.91
N PHE A 65 -0.49 29.04 13.61
CA PHE A 65 0.26 28.13 12.75
C PHE A 65 0.20 26.64 13.17
N PRO A 66 0.34 26.25 14.45
CA PRO A 66 0.20 24.84 14.87
C PRO A 66 -1.17 24.24 14.55
N GLU A 67 -2.24 25.03 14.65
CA GLU A 67 -3.62 24.61 14.34
C GLU A 67 -3.85 24.45 12.82
N PHE A 68 -3.26 25.33 11.99
CA PHE A 68 -3.27 25.22 10.53
C PHE A 68 -2.56 23.93 10.05
N LEU A 69 -1.44 23.57 10.67
CA LEU A 69 -0.66 22.38 10.29
C LEU A 69 -1.43 21.06 10.50
N THR A 70 -2.35 20.99 11.47
CA THR A 70 -3.24 19.83 11.72
C THR A 70 -4.22 19.60 10.56
N MET A 71 -4.65 20.66 9.87
CA MET A 71 -5.49 20.53 8.67
C MET A 71 -4.74 19.85 7.52
N MET A 72 -3.43 20.10 7.41
CA MET A 72 -2.54 19.53 6.38
C MET A 72 -2.08 18.10 6.73
N ALA A 73 -1.81 17.84 8.01
CA ALA A 73 -1.35 16.54 8.55
C ALA A 73 -2.20 15.33 8.09
N ARG A 74 -3.52 15.49 8.16
CA ARG A 74 -4.53 14.47 7.86
C ARG A 74 -4.49 13.93 6.41
N LYS A 75 -3.84 14.63 5.47
CA LYS A 75 -3.77 14.26 4.04
C LYS A 75 -2.64 13.25 3.71
N MET A 76 -1.58 13.19 4.52
CA MET A 76 -0.25 12.81 4.01
C MET A 76 0.09 11.31 3.97
N LYS A 77 -0.70 10.42 4.59
CA LYS A 77 -0.49 8.96 4.48
C LYS A 77 -0.91 8.39 3.11
N ASP A 78 -0.37 7.23 2.73
CA ASP A 78 -0.61 6.59 1.41
C ASP A 78 -0.20 5.10 1.32
N THR A 79 0.87 4.69 2.02
CA THR A 79 1.58 3.41 1.78
C THR A 79 1.01 2.22 2.57
N ASP A 80 1.44 1.01 2.19
CA ASP A 80 1.11 -0.27 2.84
C ASP A 80 1.95 -0.51 4.11
N SER A 81 1.51 -1.42 4.99
CA SER A 81 2.21 -1.74 6.24
C SER A 81 3.37 -2.72 6.06
N GLU A 82 4.46 -2.52 6.82
CA GLU A 82 5.66 -3.36 6.78
C GLU A 82 5.35 -4.78 7.29
N GLU A 83 4.49 -4.92 8.31
CA GLU A 83 4.12 -6.20 8.91
C GLU A 83 3.47 -7.15 7.90
N GLU A 84 2.67 -6.63 6.95
CA GLU A 84 2.06 -7.44 5.88
C GLU A 84 3.11 -8.08 4.97
N ILE A 85 4.23 -7.39 4.74
CA ILE A 85 5.35 -7.85 3.91
C ILE A 85 6.25 -8.79 4.75
N ARG A 86 6.47 -8.49 6.02
CA ARG A 86 7.26 -9.32 6.94
C ARG A 86 6.61 -10.69 7.17
N GLU A 87 5.28 -10.76 7.36
CA GLU A 87 4.56 -12.04 7.51
C GLU A 87 4.66 -12.90 6.23
N ALA A 88 4.65 -12.25 5.05
CA ALA A 88 4.77 -12.94 3.76
C ALA A 88 6.13 -13.64 3.61
N PHE A 89 7.21 -13.03 4.10
CA PHE A 89 8.52 -13.69 4.19
C PHE A 89 8.56 -14.74 5.32
N ARG A 90 7.91 -14.47 6.46
CA ARG A 90 7.91 -15.37 7.62
C ARG A 90 7.23 -16.71 7.30
N VAL A 91 6.14 -16.74 6.53
CA VAL A 91 5.52 -18.02 6.09
C VAL A 91 6.42 -18.84 5.13
N PHE A 92 7.40 -18.20 4.47
CA PHE A 92 8.41 -18.90 3.66
C PHE A 92 9.65 -19.35 4.47
N ASP A 93 9.78 -18.94 5.73
CA ASP A 93 10.78 -19.48 6.66
C ASP A 93 10.22 -20.74 7.35
N LYS A 94 10.77 -21.89 6.96
CA LYS A 94 10.30 -23.22 7.38
C LYS A 94 10.83 -23.66 8.76
N ASP A 95 11.77 -22.91 9.36
CA ASP A 95 12.38 -23.22 10.67
C ASP A 95 12.13 -22.15 11.76
N GLY A 96 11.91 -20.89 11.36
CA GLY A 96 11.78 -19.73 12.26
C GLY A 96 13.12 -19.06 12.59
N ASN A 97 14.14 -19.28 11.77
CA ASN A 97 15.52 -18.82 11.98
C ASN A 97 15.73 -17.31 11.73
N GLY A 98 14.82 -16.65 11.01
CA GLY A 98 14.95 -15.25 10.56
C GLY A 98 15.66 -15.12 9.20
N TYR A 99 15.83 -16.24 8.48
CA TYR A 99 16.48 -16.32 7.16
C TYR A 99 15.75 -17.30 6.22
N ILE A 100 15.87 -17.05 4.91
CA ILE A 100 15.44 -17.94 3.81
C ILE A 100 16.58 -18.07 2.80
N SER A 101 16.69 -19.15 2.04
CA SER A 101 17.75 -19.26 1.03
C SER A 101 17.44 -18.43 -0.23
N ALA A 102 18.48 -17.96 -0.93
CA ALA A 102 18.32 -17.26 -2.20
C ALA A 102 17.70 -18.16 -3.29
N ALA A 103 17.97 -19.48 -3.24
CA ALA A 103 17.33 -20.49 -4.08
C ALA A 103 15.82 -20.57 -3.83
N GLU A 104 15.39 -20.64 -2.55
CA GLU A 104 13.98 -20.65 -2.16
C GLU A 104 13.28 -19.35 -2.61
N LEU A 105 13.86 -18.18 -2.31
CA LEU A 105 13.26 -16.89 -2.68
C LEU A 105 13.12 -16.71 -4.19
N ARG A 106 14.17 -17.02 -4.98
CA ARG A 106 14.13 -16.98 -6.44
C ARG A 106 13.07 -17.97 -6.98
N HIS A 107 12.98 -19.18 -6.43
CA HIS A 107 12.00 -20.19 -6.86
C HIS A 107 10.56 -19.83 -6.46
N VAL A 108 10.28 -19.51 -5.19
CA VAL A 108 8.92 -19.23 -4.69
C VAL A 108 8.30 -18.03 -5.43
N MET A 109 9.12 -17.05 -5.85
CA MET A 109 8.67 -15.85 -6.55
C MET A 109 8.44 -16.03 -8.06
N THR A 110 8.98 -17.08 -8.69
CA THR A 110 8.64 -17.47 -10.08
C THR A 110 7.56 -18.55 -10.13
N ASN A 111 7.42 -19.35 -9.06
CA ASN A 111 6.45 -20.45 -8.99
C ASN A 111 5.05 -20.00 -8.51
N LEU A 112 4.96 -18.99 -7.64
CA LEU A 112 3.72 -18.50 -7.02
C LEU A 112 3.46 -17.00 -7.29
N GLY A 113 2.21 -16.59 -7.09
CA GLY A 113 1.74 -15.21 -7.21
C GLY A 113 1.53 -14.81 -8.68
N GLU A 114 2.01 -13.62 -9.05
CA GLU A 114 2.01 -13.11 -10.43
C GLU A 114 3.30 -13.45 -11.21
N LYS A 115 4.25 -14.16 -10.59
CA LYS A 115 5.34 -14.90 -11.26
C LYS A 115 6.24 -13.98 -12.11
N LEU A 116 6.84 -12.97 -11.47
CA LEU A 116 7.66 -11.93 -12.12
C LEU A 116 8.93 -12.45 -12.84
N THR A 117 9.50 -11.59 -13.69
CA THR A 117 10.55 -11.92 -14.68
C THR A 117 11.83 -12.44 -14.04
N ASP A 118 12.60 -13.23 -14.78
CA ASP A 118 13.89 -13.79 -14.33
C ASP A 118 14.92 -12.69 -13.98
N GLU A 119 14.88 -11.54 -14.67
CA GLU A 119 15.67 -10.35 -14.36
C GLU A 119 15.21 -9.65 -13.06
N GLU A 120 13.91 -9.68 -12.76
CA GLU A 120 13.33 -9.08 -11.56
C GLU A 120 13.69 -9.91 -10.31
N VAL A 121 13.49 -11.24 -10.34
CA VAL A 121 14.02 -12.09 -9.24
C VAL A 121 15.55 -12.06 -9.13
N ASP A 122 16.29 -11.89 -10.24
CA ASP A 122 17.75 -11.75 -10.15
C ASP A 122 18.13 -10.49 -9.36
N GLU A 123 17.45 -9.36 -9.61
CA GLU A 123 17.63 -8.12 -8.83
C GLU A 123 17.18 -8.28 -7.37
N MET A 124 16.09 -9.01 -7.11
CA MET A 124 15.61 -9.32 -5.76
C MET A 124 16.64 -10.10 -4.93
N ILE A 125 17.37 -11.02 -5.56
CA ILE A 125 18.51 -11.71 -4.92
C ILE A 125 19.74 -10.80 -4.83
N ARG A 126 20.07 -10.03 -5.88
CA ARG A 126 21.31 -9.24 -5.99
C ARG A 126 21.50 -8.25 -4.84
N GLU A 127 20.44 -7.59 -4.40
CA GLU A 127 20.49 -6.62 -3.29
C GLU A 127 20.65 -7.28 -1.90
N ALA A 128 20.42 -8.59 -1.77
CA ALA A 128 20.60 -9.36 -0.55
C ALA A 128 21.92 -10.17 -0.53
N ASP A 129 22.24 -10.85 -1.65
CA ASP A 129 23.36 -11.80 -1.77
C ASP A 129 24.74 -11.17 -1.50
N ILE A 130 24.90 -9.87 -1.76
CA ILE A 130 26.11 -9.09 -1.48
C ILE A 130 26.44 -8.94 0.02
N ASP A 131 25.48 -9.24 0.90
CA ASP A 131 25.61 -9.21 2.37
C ASP A 131 25.31 -10.57 3.02
N GLY A 132 24.34 -11.32 2.49
CA GLY A 132 23.81 -12.56 3.05
C GLY A 132 24.50 -13.84 2.58
N ASP A 133 25.27 -13.78 1.50
CA ASP A 133 26.08 -14.89 0.97
C ASP A 133 25.26 -16.16 0.62
N GLY A 134 24.02 -15.97 0.18
CA GLY A 134 23.07 -17.03 -0.21
C GLY A 134 21.95 -17.28 0.82
N GLN A 135 22.05 -16.72 2.03
CA GLN A 135 20.98 -16.70 3.03
C GLN A 135 20.43 -15.27 3.14
N VAL A 136 19.14 -15.07 2.83
CA VAL A 136 18.49 -13.76 2.79
C VAL A 136 17.95 -13.41 4.18
N ASN A 137 18.52 -12.37 4.78
CA ASN A 137 18.00 -11.67 5.96
C ASN A 137 16.78 -10.82 5.55
N TYR A 138 15.64 -11.47 5.34
CA TYR A 138 14.44 -10.83 4.77
C TYR A 138 13.92 -9.63 5.60
N GLU A 139 14.10 -9.66 6.91
CA GLU A 139 13.69 -8.56 7.80
C GLU A 139 14.43 -7.25 7.46
N GLU A 140 15.74 -7.35 7.18
CA GLU A 140 16.58 -6.22 6.75
C GLU A 140 16.33 -5.86 5.26
N PHE A 141 16.02 -6.86 4.42
CA PHE A 141 15.65 -6.64 3.02
C PHE A 141 14.38 -5.79 2.87
N VAL A 142 13.37 -5.98 3.74
CA VAL A 142 12.17 -5.13 3.77
C VAL A 142 12.53 -3.66 3.99
N GLN A 143 13.52 -3.35 4.84
CA GLN A 143 13.91 -1.97 5.11
C GLN A 143 14.57 -1.28 3.90
N MET A 144 15.23 -2.04 3.02
CA MET A 144 15.80 -1.54 1.76
C MET A 144 14.73 -1.45 0.66
N MET A 145 13.76 -2.37 0.65
CA MET A 145 12.67 -2.41 -0.34
C MET A 145 11.65 -1.27 -0.15
N THR A 146 11.23 -0.99 1.10
CA THR A 146 10.37 0.16 1.43
C THR A 146 11.18 1.47 1.49
N ALA A 147 12.43 1.38 1.93
CA ALA A 147 13.46 2.43 1.99
C ALA A 147 13.27 3.42 3.15
N LYS A 148 14.37 4.11 3.54
CA LYS A 148 14.45 5.03 4.68
C LYS A 148 15.64 6.00 4.54
N GLY B 1 -9.96 -22.04 -2.63
CA GLY B 1 -9.66 -20.64 -2.98
C GLY B 1 -8.14 -20.40 -3.11
N PRO B 2 -7.71 -19.13 -3.13
CA PRO B 2 -6.29 -18.73 -3.19
C PRO B 2 -5.45 -19.31 -2.05
N GLY B 3 -4.16 -19.53 -2.33
CA GLY B 3 -3.19 -20.05 -1.37
C GLY B 3 -2.58 -18.96 -0.48
N SER B 4 -2.22 -19.30 0.75
CA SER B 4 -1.59 -18.36 1.70
C SER B 4 -0.19 -17.97 1.21
N GLU B 5 0.56 -18.96 0.70
CA GLU B 5 1.83 -18.79 -0.01
C GLU B 5 1.68 -17.95 -1.28
N GLU B 6 0.57 -18.13 -2.02
CA GLU B 6 0.29 -17.41 -3.26
C GLU B 6 0.01 -15.92 -3.00
N VAL B 7 -0.83 -15.59 -2.02
CA VAL B 7 -1.07 -14.17 -1.67
C VAL B 7 0.16 -13.53 -1.00
N SER B 8 0.95 -14.29 -0.25
CA SER B 8 2.23 -13.81 0.31
C SER B 8 3.22 -13.45 -0.80
N ALA B 9 3.38 -14.30 -1.82
CA ALA B 9 4.17 -13.98 -3.01
C ALA B 9 3.67 -12.68 -3.67
N MET B 10 2.36 -12.50 -3.86
CA MET B 10 1.79 -11.27 -4.45
C MET B 10 2.06 -10.00 -3.62
N VAL B 11 2.03 -10.07 -2.29
CA VAL B 11 2.35 -8.91 -1.42
C VAL B 11 3.83 -8.50 -1.58
N ILE B 12 4.76 -9.46 -1.64
CA ILE B 12 6.19 -9.17 -1.85
C ILE B 12 6.45 -8.69 -3.28
N GLN B 13 5.80 -9.29 -4.29
CA GLN B 13 5.92 -8.90 -5.68
C GLN B 13 5.40 -7.47 -5.91
N ARG B 14 4.30 -7.08 -5.24
CA ARG B 14 3.78 -5.70 -5.27
C ARG B 14 4.82 -4.70 -4.73
N ALA B 15 5.39 -4.98 -3.56
CA ALA B 15 6.40 -4.14 -2.94
C ALA B 15 7.68 -4.03 -3.79
N PHE B 16 8.13 -5.14 -4.39
CA PHE B 16 9.34 -5.16 -5.22
C PHE B 16 9.15 -4.42 -6.55
N ARG B 17 8.00 -4.61 -7.23
CA ARG B 17 7.67 -3.85 -8.44
C ARG B 17 7.57 -2.34 -8.18
N ARG B 18 6.97 -1.94 -7.04
CA ARG B 18 6.93 -0.53 -6.59
C ARG B 18 8.33 0.00 -6.26
N HIS B 19 9.18 -0.78 -5.60
CA HIS B 19 10.59 -0.43 -5.35
C HIS B 19 11.36 -0.16 -6.66
N LEU B 20 11.20 -1.00 -7.69
CA LEU B 20 11.81 -0.77 -9.01
C LEU B 20 11.23 0.46 -9.74
N LEU B 21 9.92 0.67 -9.69
CA LEU B 21 9.27 1.85 -10.28
C LEU B 21 9.74 3.16 -9.62
N GLN B 22 9.90 3.18 -8.29
CA GLN B 22 10.42 4.32 -7.53
C GLN B 22 11.95 4.48 -7.64
N ARG B 23 12.67 3.50 -8.20
CA ARG B 23 14.08 3.65 -8.64
C ARG B 23 14.17 4.25 -10.05
N SER B 24 13.35 3.81 -11.00
CA SER B 24 13.44 4.24 -12.42
C SER B 24 12.72 5.57 -12.74
N LEU B 25 11.48 5.74 -12.26
CA LEU B 25 10.52 6.83 -12.54
C LEU B 25 10.17 6.92 -14.03
N LYS B 26 11.10 7.41 -14.87
CA LYS B 26 10.96 7.65 -16.31
C LYS B 26 11.03 6.35 -17.14
N HIS B 27 10.43 5.27 -16.65
CA HIS B 27 10.78 3.87 -16.98
C HIS B 27 10.68 3.52 -18.49
N ALA B 28 9.81 4.19 -19.25
CA ALA B 28 9.68 4.00 -20.70
C ALA B 28 10.87 4.56 -21.53
N SER B 29 11.69 5.44 -20.94
CA SER B 29 12.83 6.12 -21.58
C SER B 29 14.12 6.08 -20.72
N PHE B 30 14.13 5.28 -19.65
CA PHE B 30 15.21 5.23 -18.65
C PHE B 30 16.51 4.58 -19.16
N LEU B 31 16.43 3.72 -20.19
CA LEU B 31 17.53 3.00 -20.84
C LEU B 31 17.47 3.17 -22.36
N ALA A 1 0.28 10.17 -0.86
CA ALA A 1 0.63 11.07 0.26
C ALA A 1 0.20 10.46 1.61
N ASP A 2 0.89 10.83 2.70
CA ASP A 2 0.64 10.41 4.08
C ASP A 2 -0.22 11.42 4.89
N GLN A 3 -0.80 12.39 4.20
CA GLN A 3 -1.50 13.55 4.75
C GLN A 3 -2.56 14.05 3.75
N LEU A 4 -3.60 14.75 4.22
CA LEU A 4 -4.50 15.49 3.34
C LEU A 4 -3.81 16.65 2.60
N THR A 5 -4.37 17.01 1.44
CA THR A 5 -3.94 18.10 0.55
C THR A 5 -5.12 19.00 0.18
N GLU A 6 -4.87 20.17 -0.37
CA GLU A 6 -5.88 21.19 -0.68
C GLU A 6 -7.06 20.66 -1.51
N GLU A 7 -6.81 19.77 -2.47
CA GLU A 7 -7.86 19.15 -3.31
C GLU A 7 -8.75 18.13 -2.56
N GLN A 8 -8.27 17.58 -1.43
CA GLN A 8 -9.10 16.76 -0.53
C GLN A 8 -9.82 17.66 0.48
N ILE A 9 -9.12 18.65 1.04
CA ILE A 9 -9.65 19.64 2.00
C ILE A 9 -10.86 20.39 1.44
N ALA A 10 -10.86 20.69 0.14
CA ALA A 10 -11.97 21.35 -0.55
C ALA A 10 -13.30 20.56 -0.50
N GLU A 11 -13.27 19.23 -0.38
CA GLU A 11 -14.42 18.37 -0.23
C GLU A 11 -14.88 18.29 1.23
N PHE A 12 -13.95 18.14 2.17
CA PHE A 12 -14.24 18.08 3.61
C PHE A 12 -14.80 19.40 4.16
N LYS A 13 -14.43 20.54 3.58
CA LYS A 13 -15.05 21.85 3.84
C LYS A 13 -16.58 21.84 3.63
N GLU A 14 -17.05 21.20 2.55
CA GLU A 14 -18.47 21.20 2.17
C GLU A 14 -19.36 20.49 3.22
N ALA A 15 -18.88 19.38 3.79
CA ALA A 15 -19.58 18.68 4.88
C ALA A 15 -19.46 19.45 6.21
N PHE A 16 -18.26 19.94 6.56
CA PHE A 16 -18.02 20.68 7.80
C PHE A 16 -18.86 21.97 7.88
N SER A 17 -19.00 22.69 6.77
CA SER A 17 -19.73 23.98 6.73
C SER A 17 -21.23 23.89 7.02
N LEU A 18 -21.88 22.72 6.85
CA LEU A 18 -23.29 22.53 7.19
C LEU A 18 -23.52 22.30 8.70
N PHE A 19 -22.47 21.88 9.44
CA PHE A 19 -22.45 21.75 10.90
C PHE A 19 -21.84 22.98 11.60
N ASP A 20 -21.18 23.88 10.85
CA ASP A 20 -20.82 25.24 11.27
C ASP A 20 -22.06 26.16 11.27
N LYS A 21 -23.05 25.81 12.09
CA LYS A 21 -24.37 26.46 12.15
C LYS A 21 -24.34 27.88 12.76
N ASP A 22 -23.29 28.19 13.53
CA ASP A 22 -23.03 29.53 14.08
C ASP A 22 -22.31 30.46 13.06
N GLY A 23 -21.68 29.89 12.02
CA GLY A 23 -21.03 30.62 10.92
C GLY A 23 -19.61 31.12 11.23
N ASP A 24 -19.03 30.74 12.36
CA ASP A 24 -17.72 31.23 12.85
C ASP A 24 -16.53 30.36 12.41
N GLY A 25 -16.77 29.15 11.89
CA GLY A 25 -15.76 28.20 11.42
C GLY A 25 -15.49 27.03 12.38
N THR A 26 -16.43 26.70 13.26
CA THR A 26 -16.30 25.65 14.29
C THR A 26 -17.53 24.75 14.33
N ILE A 27 -17.30 23.48 14.69
CA ILE A 27 -18.35 22.51 15.09
C ILE A 27 -18.25 22.20 16.59
N THR A 28 -19.28 21.59 17.19
CA THR A 28 -19.17 20.98 18.53
C THR A 28 -18.48 19.62 18.47
N THR A 29 -18.02 19.18 19.63
CA THR A 29 -17.58 17.79 19.86
C THR A 29 -18.74 16.82 19.71
N LYS A 30 -19.97 17.26 19.97
CA LYS A 30 -21.20 16.47 19.82
C LYS A 30 -21.53 16.18 18.34
N GLU A 31 -21.41 17.17 17.45
CA GLU A 31 -21.74 17.04 16.02
C GLU A 31 -20.61 16.48 15.16
N LEU A 32 -19.41 16.27 15.72
CA LEU A 32 -18.27 15.63 15.03
C LEU A 32 -18.67 14.31 14.35
N GLY A 33 -19.25 13.38 15.11
CA GLY A 33 -19.66 12.07 14.59
C GLY A 33 -20.71 12.18 13.48
N THR A 34 -21.51 13.25 13.50
CA THR A 34 -22.47 13.61 12.44
C THR A 34 -21.76 14.10 11.18
N VAL A 35 -20.66 14.87 11.29
CA VAL A 35 -19.86 15.24 10.09
C VAL A 35 -19.25 14.00 9.44
N MET A 36 -18.68 13.10 10.26
CA MET A 36 -17.99 11.90 9.77
C MET A 36 -18.98 10.89 9.13
N ARG A 37 -20.18 10.75 9.69
CA ARG A 37 -21.28 9.96 9.11
C ARG A 37 -21.86 10.59 7.84
N SER A 38 -21.91 11.92 7.75
CA SER A 38 -22.32 12.63 6.52
C SER A 38 -21.30 12.50 5.37
N LEU A 39 -20.02 12.24 5.68
CA LEU A 39 -18.96 11.90 4.72
C LEU A 39 -18.99 10.43 4.29
N GLY A 40 -19.90 9.61 4.84
CA GLY A 40 -20.19 8.23 4.41
C GLY A 40 -19.34 7.15 5.08
N GLN A 41 -18.49 7.51 6.05
CA GLN A 41 -17.73 6.55 6.86
C GLN A 41 -18.40 6.30 8.21
N ASN A 42 -17.94 5.30 8.96
CA ASN A 42 -18.50 4.94 10.28
C ASN A 42 -17.39 4.48 11.25
N PRO A 43 -16.69 5.42 11.92
CA PRO A 43 -15.80 5.11 13.04
C PRO A 43 -16.62 4.61 14.24
N THR A 44 -15.99 3.84 15.13
CA THR A 44 -16.62 3.33 16.36
C THR A 44 -16.83 4.44 17.38
N GLU A 45 -17.66 4.18 18.40
CA GLU A 45 -17.81 5.03 19.57
C GLU A 45 -16.46 5.24 20.29
N ALA A 46 -15.62 4.20 20.33
CA ALA A 46 -14.26 4.25 20.90
C ALA A 46 -13.32 5.15 20.08
N GLU A 47 -13.34 5.05 18.74
CA GLU A 47 -12.58 5.94 17.86
C GLU A 47 -13.08 7.40 17.98
N LEU A 48 -14.40 7.62 17.98
CA LEU A 48 -14.99 8.95 18.13
C LEU A 48 -14.59 9.60 19.45
N GLN A 49 -14.73 8.90 20.57
CA GLN A 49 -14.33 9.40 21.88
C GLN A 49 -12.82 9.72 21.94
N ASP A 50 -11.97 8.87 21.38
CA ASP A 50 -10.52 9.10 21.33
C ASP A 50 -10.12 10.27 20.43
N MET A 51 -10.81 10.51 19.30
CA MET A 51 -10.53 11.64 18.41
C MET A 51 -10.98 12.96 19.04
N ILE A 52 -12.06 12.95 19.83
CA ILE A 52 -12.49 14.09 20.64
C ILE A 52 -11.42 14.37 21.71
N ASN A 53 -11.07 13.37 22.53
CA ASN A 53 -10.06 13.51 23.59
C ASN A 53 -8.69 14.01 23.09
N GLU A 54 -8.34 13.77 21.83
CA GLU A 54 -7.11 14.26 21.19
C GLU A 54 -7.14 15.78 20.92
N VAL A 55 -8.32 16.39 20.70
CA VAL A 55 -8.45 17.83 20.34
C VAL A 55 -9.14 18.67 21.42
N ASP A 56 -10.00 18.07 22.26
CA ASP A 56 -10.77 18.75 23.32
C ASP A 56 -10.09 18.63 24.72
N ALA A 57 -8.78 18.34 24.74
CA ALA A 57 -7.99 18.23 25.97
C ALA A 57 -7.94 19.54 26.79
N ASP A 58 -8.15 20.68 26.14
CA ASP A 58 -8.25 22.00 26.78
C ASP A 58 -9.69 22.32 27.29
N GLY A 59 -10.68 21.49 26.98
CA GLY A 59 -12.05 21.54 27.53
C GLY A 59 -12.98 22.56 26.85
N ASN A 60 -12.74 22.87 25.57
CA ASN A 60 -13.46 23.94 24.84
C ASN A 60 -14.92 23.58 24.47
N GLY A 61 -15.20 22.29 24.21
CA GLY A 61 -16.49 21.78 23.72
C GLY A 61 -16.69 21.94 22.20
N THR A 62 -15.71 22.51 21.48
CA THR A 62 -15.74 22.81 20.04
C THR A 62 -14.44 22.40 19.36
N ILE A 63 -14.53 22.23 18.04
CA ILE A 63 -13.45 21.79 17.15
C ILE A 63 -13.41 22.75 15.93
N ASP A 64 -12.24 23.30 15.62
CA ASP A 64 -12.00 24.15 14.45
C ASP A 64 -11.58 23.31 13.23
N PHE A 65 -11.75 23.85 12.01
CA PHE A 65 -11.51 23.11 10.77
C PHE A 65 -10.12 22.44 10.64
N PRO A 66 -8.98 23.07 11.00
CA PRO A 66 -7.66 22.43 10.99
C PRO A 66 -7.57 21.22 11.95
N GLU A 67 -8.25 21.28 13.11
CA GLU A 67 -8.24 20.20 14.11
C GLU A 67 -9.04 18.99 13.60
N PHE A 68 -10.18 19.24 12.97
CA PHE A 68 -11.01 18.25 12.28
C PHE A 68 -10.25 17.60 11.10
N LEU A 69 -9.49 18.38 10.33
CA LEU A 69 -8.63 17.85 9.26
C LEU A 69 -7.46 17.03 9.81
N THR A 70 -6.91 17.36 10.99
CA THR A 70 -5.78 16.63 11.61
C THR A 70 -6.17 15.21 11.97
N MET A 71 -7.32 15.00 12.62
CA MET A 71 -7.81 13.65 12.95
C MET A 71 -8.18 12.82 11.71
N MET A 72 -8.53 13.46 10.59
CA MET A 72 -8.76 12.82 9.29
C MET A 72 -7.43 12.44 8.60
N ALA A 73 -6.45 13.35 8.57
CA ALA A 73 -5.13 13.15 7.95
C ALA A 73 -4.32 12.03 8.63
N ARG A 74 -4.31 12.00 9.97
CA ARG A 74 -3.66 10.95 10.77
C ARG A 74 -4.25 9.54 10.54
N LYS A 75 -5.50 9.44 10.05
CA LYS A 75 -6.17 8.18 9.73
C LYS A 75 -5.83 7.64 8.31
N MET A 76 -5.29 8.48 7.41
CA MET A 76 -4.87 8.10 6.04
C MET A 76 -3.54 7.34 6.02
N LYS A 77 -3.31 6.57 4.95
CA LYS A 77 -2.07 5.81 4.66
C LYS A 77 -1.56 6.08 3.23
N ASP A 78 -0.24 6.10 3.06
CA ASP A 78 0.45 6.27 1.77
C ASP A 78 0.63 4.94 1.00
N THR A 79 0.51 3.80 1.69
CA THR A 79 1.06 2.50 1.28
C THR A 79 0.59 1.36 2.21
N ASP A 80 0.89 0.12 1.83
CA ASP A 80 0.67 -1.09 2.65
C ASP A 80 1.70 -1.24 3.80
N SER A 81 1.35 -1.98 4.86
CA SER A 81 2.16 -2.01 6.08
C SER A 81 3.42 -2.87 5.96
N GLU A 82 4.52 -2.43 6.61
CA GLU A 82 5.78 -3.18 6.67
C GLU A 82 5.58 -4.57 7.29
N GLU A 83 4.60 -4.72 8.18
CA GLU A 83 4.18 -6.01 8.76
C GLU A 83 3.63 -6.98 7.72
N GLU A 84 2.95 -6.51 6.67
CA GLU A 84 2.43 -7.37 5.58
C GLU A 84 3.60 -7.91 4.74
N ILE A 85 4.58 -7.06 4.45
CA ILE A 85 5.80 -7.41 3.72
C ILE A 85 6.67 -8.37 4.55
N ARG A 86 6.72 -8.17 5.88
CA ARG A 86 7.45 -9.03 6.82
C ARG A 86 6.80 -10.41 6.98
N GLU A 87 5.49 -10.49 7.25
CA GLU A 87 4.76 -11.73 7.45
C GLU A 87 4.80 -12.65 6.22
N ALA A 88 4.88 -12.08 5.02
CA ALA A 88 5.06 -12.82 3.78
C ALA A 88 6.33 -13.71 3.77
N PHE A 89 7.43 -13.30 4.42
CA PHE A 89 8.62 -14.15 4.57
C PHE A 89 8.47 -15.24 5.64
N ARG A 90 7.66 -15.00 6.68
CA ARG A 90 7.50 -15.94 7.81
C ARG A 90 6.87 -17.30 7.41
N VAL A 91 6.11 -17.36 6.31
CA VAL A 91 5.59 -18.63 5.78
C VAL A 91 6.64 -19.42 4.96
N PHE A 92 7.57 -18.75 4.27
CA PHE A 92 8.65 -19.40 3.52
C PHE A 92 9.82 -19.83 4.41
N ASP A 93 9.96 -19.21 5.59
CA ASP A 93 10.95 -19.57 6.60
C ASP A 93 10.42 -20.72 7.49
N LYS A 94 10.78 -21.95 7.15
CA LYS A 94 10.26 -23.17 7.80
C LYS A 94 10.85 -23.43 9.20
N ASP A 95 11.91 -22.71 9.59
CA ASP A 95 12.52 -22.75 10.93
C ASP A 95 12.11 -21.57 11.83
N GLY A 96 11.71 -20.44 11.23
CA GLY A 96 11.40 -19.18 11.94
C GLY A 96 12.65 -18.37 12.34
N ASN A 97 13.82 -18.75 11.82
CA ASN A 97 15.14 -18.27 12.24
C ASN A 97 15.47 -16.81 11.82
N GLY A 98 14.75 -16.25 10.83
CA GLY A 98 15.03 -14.93 10.25
C GLY A 98 15.80 -14.98 8.92
N TYR A 99 15.95 -16.17 8.35
CA TYR A 99 16.73 -16.43 7.13
C TYR A 99 16.04 -17.41 6.16
N ILE A 100 16.31 -17.24 4.85
CA ILE A 100 15.91 -18.16 3.77
C ILE A 100 17.09 -18.41 2.82
N SER A 101 17.09 -19.47 2.02
CA SER A 101 18.06 -19.63 0.93
C SER A 101 17.73 -18.69 -0.25
N ALA A 102 18.76 -18.16 -0.92
CA ALA A 102 18.58 -17.41 -2.16
C ALA A 102 17.86 -18.23 -3.25
N ALA A 103 18.00 -19.56 -3.26
CA ALA A 103 17.28 -20.46 -4.17
C ALA A 103 15.77 -20.52 -3.90
N GLU A 104 15.32 -20.25 -2.67
CA GLU A 104 13.89 -20.22 -2.34
C GLU A 104 13.20 -19.02 -2.98
N LEU A 105 13.87 -17.86 -3.10
CA LEU A 105 13.35 -16.74 -3.89
C LEU A 105 13.16 -17.14 -5.36
N ARG A 106 14.12 -17.84 -5.97
CA ARG A 106 14.01 -18.34 -7.35
C ARG A 106 12.90 -19.41 -7.50
N HIS A 107 12.61 -20.19 -6.46
CA HIS A 107 11.48 -21.14 -6.45
C HIS A 107 10.12 -20.43 -6.26
N VAL A 108 10.01 -19.52 -5.29
CA VAL A 108 8.75 -18.89 -4.87
C VAL A 108 8.30 -17.80 -5.86
N MET A 109 9.16 -16.83 -6.19
CA MET A 109 8.76 -15.56 -6.82
C MET A 109 8.36 -15.67 -8.29
N THR A 110 8.70 -16.80 -8.95
CA THR A 110 8.37 -17.12 -10.34
C THR A 110 7.52 -18.40 -10.46
N ASN A 111 6.68 -18.67 -9.45
CA ASN A 111 5.72 -19.79 -9.45
C ASN A 111 4.46 -19.51 -8.59
N LEU A 112 4.62 -18.96 -7.38
CA LEU A 112 3.53 -18.60 -6.47
C LEU A 112 3.06 -17.16 -6.71
N GLY A 113 1.75 -16.93 -6.56
CA GLY A 113 1.12 -15.61 -6.74
C GLY A 113 1.21 -15.07 -8.17
N GLU A 114 1.16 -13.75 -8.32
CA GLU A 114 1.61 -13.05 -9.53
C GLU A 114 3.15 -12.99 -9.56
N LYS A 115 3.73 -13.30 -10.71
CA LYS A 115 5.18 -13.45 -10.91
C LYS A 115 5.87 -12.15 -11.37
N LEU A 116 7.18 -12.04 -11.15
CA LEU A 116 8.06 -11.05 -11.79
C LEU A 116 8.98 -11.71 -12.84
N THR A 117 9.82 -10.92 -13.53
CA THR A 117 10.67 -11.39 -14.64
C THR A 117 11.92 -12.14 -14.19
N ASP A 118 12.51 -12.85 -15.16
CA ASP A 118 13.81 -13.54 -15.03
C ASP A 118 14.96 -12.56 -14.71
N GLU A 119 14.85 -11.29 -15.15
CA GLU A 119 15.77 -10.23 -14.79
C GLU A 119 15.55 -9.75 -13.35
N GLU A 120 14.29 -9.50 -12.95
CA GLU A 120 13.97 -8.96 -11.63
C GLU A 120 14.11 -10.00 -10.51
N VAL A 121 13.81 -11.29 -10.74
CA VAL A 121 14.07 -12.33 -9.72
C VAL A 121 15.58 -12.51 -9.46
N ASP A 122 16.42 -12.30 -10.47
CA ASP A 122 17.88 -12.32 -10.32
C ASP A 122 18.40 -11.04 -9.65
N GLU A 123 17.86 -9.88 -10.01
CA GLU A 123 18.15 -8.59 -9.38
C GLU A 123 17.80 -8.61 -7.88
N MET A 124 16.67 -9.24 -7.50
CA MET A 124 16.25 -9.39 -6.10
C MET A 124 17.33 -10.08 -5.25
N ILE A 125 17.98 -11.11 -5.81
CA ILE A 125 19.07 -11.83 -5.15
C ILE A 125 20.39 -11.08 -5.26
N ARG A 126 20.63 -10.35 -6.35
CA ARG A 126 21.79 -9.47 -6.52
C ARG A 126 21.81 -8.37 -5.44
N GLU A 127 20.63 -7.87 -5.06
CA GLU A 127 20.46 -6.95 -3.93
C GLU A 127 20.44 -7.66 -2.56
N ALA A 128 20.01 -8.93 -2.45
CA ALA A 128 19.95 -9.62 -1.16
C ALA A 128 21.31 -10.22 -0.72
N ASP A 129 22.08 -10.79 -1.65
CA ASP A 129 23.29 -11.56 -1.38
C ASP A 129 24.47 -10.70 -0.86
N ILE A 130 24.46 -9.39 -1.15
CA ILE A 130 25.43 -8.42 -0.62
C ILE A 130 25.18 -8.01 0.84
N ASP A 131 24.05 -8.44 1.43
CA ASP A 131 23.71 -8.27 2.84
C ASP A 131 23.68 -9.60 3.60
N GLY A 132 23.06 -10.65 3.02
CA GLY A 132 23.06 -12.03 3.53
C GLY A 132 23.69 -12.99 2.53
N ASP A 133 24.93 -13.41 2.78
CA ASP A 133 25.71 -14.28 1.90
C ASP A 133 25.14 -15.72 1.87
N GLY A 134 24.59 -16.12 0.72
CA GLY A 134 23.96 -17.43 0.47
C GLY A 134 22.59 -17.58 1.13
N GLN A 135 22.53 -17.39 2.45
CA GLN A 135 21.29 -17.30 3.23
C GLN A 135 20.89 -15.82 3.33
N VAL A 136 19.69 -15.48 2.84
CA VAL A 136 19.15 -14.12 2.78
C VAL A 136 18.59 -13.71 4.14
N ASN A 137 19.12 -12.61 4.68
CA ASN A 137 18.56 -11.93 5.85
C ASN A 137 17.36 -11.09 5.42
N TYR A 138 16.17 -11.71 5.33
CA TYR A 138 14.97 -11.00 4.87
C TYR A 138 14.50 -9.89 5.85
N GLU A 139 14.89 -9.95 7.12
CA GLU A 139 14.54 -8.94 8.13
C GLU A 139 15.03 -7.54 7.73
N GLU A 140 16.23 -7.46 7.15
CA GLU A 140 16.78 -6.24 6.56
C GLU A 140 16.19 -5.96 5.17
N PHE A 141 15.92 -7.01 4.36
CA PHE A 141 15.40 -6.86 3.00
C PHE A 141 13.97 -6.27 2.94
N VAL A 142 13.12 -6.55 3.95
CA VAL A 142 11.81 -5.89 4.15
C VAL A 142 11.99 -4.36 4.17
N GLN A 143 12.93 -3.87 4.99
CA GLN A 143 13.20 -2.43 5.13
C GLN A 143 13.85 -1.87 3.86
N MET A 144 14.80 -2.60 3.27
CA MET A 144 15.49 -2.23 2.03
C MET A 144 14.51 -1.88 0.89
N MET A 145 13.45 -2.65 0.73
CA MET A 145 12.41 -2.40 -0.28
C MET A 145 11.50 -1.20 0.07
N THR A 146 11.01 -1.13 1.32
CA THR A 146 9.87 -0.27 1.70
C THR A 146 10.24 1.11 2.24
N ALA A 147 11.45 1.29 2.80
CA ALA A 147 11.84 2.52 3.47
C ALA A 147 11.99 3.73 2.51
N LYS A 148 11.63 4.93 3.00
CA LYS A 148 11.72 6.21 2.28
C LYS A 148 13.16 6.73 2.18
N GLY B 1 -5.19 -26.21 -1.18
CA GLY B 1 -4.08 -25.45 -0.56
C GLY B 1 -4.57 -24.32 0.35
N PRO B 2 -3.72 -23.81 1.27
CA PRO B 2 -4.08 -22.76 2.22
C PRO B 2 -4.15 -21.36 1.61
N GLY B 3 -3.42 -21.09 0.50
CA GLY B 3 -3.40 -19.80 -0.20
C GLY B 3 -2.48 -18.75 0.43
N SER B 4 -1.95 -19.02 1.63
CA SER B 4 -1.08 -18.13 2.40
C SER B 4 0.21 -17.81 1.65
N GLU B 5 0.95 -18.86 1.29
CA GLU B 5 2.16 -18.83 0.47
C GLU B 5 1.91 -18.23 -0.92
N GLU B 6 0.71 -18.40 -1.50
CA GLU B 6 0.34 -17.77 -2.78
C GLU B 6 0.21 -16.25 -2.65
N VAL B 7 -0.55 -15.73 -1.66
CA VAL B 7 -0.69 -14.28 -1.48
C VAL B 7 0.57 -13.63 -0.91
N SER B 8 1.38 -14.36 -0.13
CA SER B 8 2.66 -13.88 0.40
C SER B 8 3.67 -13.57 -0.70
N ALA B 9 3.77 -14.44 -1.72
CA ALA B 9 4.65 -14.23 -2.88
C ALA B 9 4.30 -12.91 -3.60
N MET B 10 3.01 -12.57 -3.73
CA MET B 10 2.54 -11.32 -4.36
C MET B 10 3.11 -10.08 -3.67
N VAL B 11 3.02 -10.01 -2.34
CA VAL B 11 3.38 -8.82 -1.55
C VAL B 11 4.89 -8.53 -1.65
N ILE B 12 5.73 -9.57 -1.67
CA ILE B 12 7.20 -9.41 -1.75
C ILE B 12 7.61 -8.87 -3.13
N GLN B 13 7.15 -9.48 -4.23
CA GLN B 13 7.48 -8.97 -5.56
C GLN B 13 6.80 -7.63 -5.89
N ARG B 14 5.68 -7.28 -5.24
CA ARG B 14 5.03 -5.98 -5.39
C ARG B 14 5.76 -4.87 -4.63
N ALA B 15 6.41 -5.18 -3.49
CA ALA B 15 7.35 -4.27 -2.83
C ALA B 15 8.62 -4.08 -3.68
N PHE B 16 9.16 -5.17 -4.25
CA PHE B 16 10.36 -5.14 -5.10
C PHE B 16 10.15 -4.33 -6.40
N ARG B 17 9.00 -4.49 -7.07
CA ARG B 17 8.60 -3.69 -8.25
C ARG B 17 8.61 -2.18 -7.96
N ARG B 18 8.03 -1.76 -6.82
CA ARG B 18 8.00 -0.35 -6.39
C ARG B 18 9.39 0.16 -5.95
N HIS B 19 10.20 -0.70 -5.32
CA HIS B 19 11.60 -0.39 -5.01
C HIS B 19 12.43 -0.11 -6.29
N LEU B 20 12.25 -0.92 -7.34
CA LEU B 20 12.96 -0.78 -8.62
C LEU B 20 12.75 0.58 -9.30
N LEU B 21 11.55 1.16 -9.20
CA LEU B 21 11.27 2.52 -9.70
C LEU B 21 12.16 3.56 -8.99
N GLN B 22 12.22 3.52 -7.67
CA GLN B 22 13.04 4.45 -6.86
C GLN B 22 14.56 4.17 -6.96
N ARG B 23 14.95 2.95 -7.31
CA ARG B 23 16.33 2.51 -7.51
C ARG B 23 16.89 2.93 -8.88
N SER B 24 16.14 2.70 -9.97
CA SER B 24 16.64 2.84 -11.34
C SER B 24 16.12 4.08 -12.09
N LEU B 25 14.93 4.59 -11.73
CA LEU B 25 14.23 5.79 -12.25
C LEU B 25 13.78 5.67 -13.72
N LYS B 26 14.73 5.48 -14.64
CA LYS B 26 14.55 5.31 -16.10
C LYS B 26 14.03 6.59 -16.82
N HIS B 27 14.14 7.75 -16.16
CA HIS B 27 13.79 9.07 -16.71
C HIS B 27 14.88 9.61 -17.67
N ALA B 28 14.56 10.66 -18.44
CA ALA B 28 15.51 11.34 -19.33
C ALA B 28 16.48 12.25 -18.54
N SER B 29 17.74 12.32 -18.99
CA SER B 29 18.83 13.06 -18.30
C SER B 29 19.73 13.86 -19.27
N PHE B 30 19.30 14.07 -20.52
CA PHE B 30 20.09 14.73 -21.58
C PHE B 30 20.39 16.20 -21.28
N LEU B 31 19.42 16.94 -20.72
CA LEU B 31 19.52 18.37 -20.36
C LEU B 31 19.80 18.58 -18.85
N ALA A 1 -8.65 -2.75 -6.39
CA ALA A 1 -8.90 -1.47 -7.08
C ALA A 1 -8.15 -0.32 -6.42
N ASP A 2 -7.92 0.79 -7.15
CA ASP A 2 -7.19 1.98 -6.69
C ASP A 2 -8.12 3.08 -6.13
N GLN A 3 -9.44 2.86 -6.19
CA GLN A 3 -10.48 3.86 -6.04
C GLN A 3 -11.83 3.18 -5.71
N LEU A 4 -12.75 3.93 -5.07
CA LEU A 4 -14.08 3.44 -4.66
C LEU A 4 -14.97 3.03 -5.85
N THR A 5 -15.81 2.00 -5.64
CA THR A 5 -16.80 1.50 -6.61
C THR A 5 -18.24 1.80 -6.16
N GLU A 6 -19.18 1.72 -7.10
CA GLU A 6 -20.61 1.99 -6.87
C GLU A 6 -21.23 1.02 -5.84
N GLU A 7 -20.78 -0.24 -5.80
CA GLU A 7 -21.28 -1.24 -4.85
C GLU A 7 -20.70 -1.07 -3.43
N GLN A 8 -19.51 -0.47 -3.28
CA GLN A 8 -18.96 -0.11 -1.97
C GLN A 8 -19.72 1.09 -1.37
N ILE A 9 -20.04 2.10 -2.20
CA ILE A 9 -20.78 3.31 -1.78
C ILE A 9 -22.13 2.96 -1.16
N ALA A 10 -22.82 1.93 -1.65
CA ALA A 10 -24.12 1.48 -1.12
C ALA A 10 -24.05 1.05 0.36
N GLU A 11 -22.94 0.44 0.80
CA GLU A 11 -22.71 0.06 2.20
C GLU A 11 -22.20 1.23 3.04
N PHE A 12 -21.34 2.09 2.47
CA PHE A 12 -20.84 3.29 3.16
C PHE A 12 -21.97 4.30 3.43
N LYS A 13 -23.03 4.32 2.61
CA LYS A 13 -24.23 5.12 2.84
C LYS A 13 -24.99 4.68 4.11
N GLU A 14 -25.08 3.37 4.35
CA GLU A 14 -25.70 2.81 5.57
C GLU A 14 -24.86 3.13 6.81
N ALA A 15 -23.54 3.01 6.73
CA ALA A 15 -22.65 3.39 7.83
C ALA A 15 -22.71 4.89 8.15
N PHE A 16 -22.72 5.74 7.13
CA PHE A 16 -22.91 7.19 7.27
C PHE A 16 -24.28 7.55 7.87
N SER A 17 -25.34 6.84 7.50
CA SER A 17 -26.71 7.07 7.99
C SER A 17 -26.86 6.87 9.51
N LEU A 18 -26.15 5.92 10.13
CA LEU A 18 -26.24 5.68 11.59
C LEU A 18 -25.53 6.76 12.43
N PHE A 19 -24.63 7.55 11.83
CA PHE A 19 -23.98 8.72 12.44
C PHE A 19 -24.64 10.05 12.03
N ASP A 20 -25.54 10.05 11.04
CA ASP A 20 -26.52 11.10 10.77
C ASP A 20 -27.74 10.94 11.73
N LYS A 21 -27.48 11.13 13.02
CA LYS A 21 -28.45 10.86 14.10
C LYS A 21 -29.62 11.86 14.17
N ASP A 22 -29.48 13.03 13.52
CA ASP A 22 -30.55 14.03 13.37
C ASP A 22 -31.42 13.78 12.12
N GLY A 23 -30.95 12.99 11.15
CA GLY A 23 -31.68 12.60 9.94
C GLY A 23 -31.66 13.65 8.82
N ASP A 24 -30.74 14.61 8.88
CA ASP A 24 -30.64 15.75 7.94
C ASP A 24 -29.76 15.47 6.71
N GLY A 25 -29.03 14.35 6.68
CA GLY A 25 -28.18 13.89 5.57
C GLY A 25 -26.69 14.23 5.72
N THR A 26 -26.22 14.58 6.92
CA THR A 26 -24.84 14.97 7.23
C THR A 26 -24.37 14.30 8.53
N ILE A 27 -23.08 14.01 8.63
CA ILE A 27 -22.43 13.61 9.91
C ILE A 27 -21.71 14.80 10.54
N THR A 28 -21.46 14.75 11.85
CA THR A 28 -20.58 15.72 12.54
C THR A 28 -19.12 15.37 12.23
N THR A 29 -18.26 16.38 12.18
CA THR A 29 -16.79 16.22 12.09
C THR A 29 -16.24 15.39 13.24
N LYS A 30 -16.85 15.51 14.43
CA LYS A 30 -16.55 14.72 15.62
C LYS A 30 -16.83 13.21 15.45
N GLU A 31 -17.80 12.84 14.60
CA GLU A 31 -18.20 11.45 14.36
C GLU A 31 -17.41 10.78 13.22
N LEU A 32 -16.74 11.54 12.34
CA LEU A 32 -15.88 10.99 11.27
C LEU A 32 -14.85 9.98 11.83
N GLY A 33 -14.18 10.35 12.93
CA GLY A 33 -13.21 9.49 13.63
C GLY A 33 -13.84 8.24 14.26
N THR A 34 -15.18 8.13 14.27
CA THR A 34 -15.96 6.92 14.60
C THR A 34 -16.45 6.20 13.35
N VAL A 35 -16.93 6.90 12.30
CA VAL A 35 -17.44 6.25 11.07
C VAL A 35 -16.34 5.42 10.40
N MET A 36 -15.12 5.97 10.36
CA MET A 36 -13.97 5.30 9.76
C MET A 36 -13.66 3.96 10.45
N ARG A 37 -13.80 3.89 11.78
CA ARG A 37 -13.60 2.66 12.57
C ARG A 37 -14.74 1.65 12.35
N SER A 38 -15.98 2.12 12.19
CA SER A 38 -17.14 1.28 11.84
C SER A 38 -16.97 0.61 10.46
N LEU A 39 -16.17 1.21 9.58
CA LEU A 39 -15.78 0.69 8.25
C LEU A 39 -14.40 -0.01 8.24
N GLY A 40 -13.78 -0.24 9.40
CA GLY A 40 -12.51 -0.96 9.55
C GLY A 40 -11.28 -0.19 9.06
N GLN A 41 -11.42 1.11 8.82
CA GLN A 41 -10.33 1.97 8.33
C GLN A 41 -9.44 2.42 9.49
N ASN A 42 -8.14 2.59 9.23
CA ASN A 42 -7.12 2.88 10.23
C ASN A 42 -6.29 4.19 10.00
N PRO A 43 -6.91 5.33 9.65
CA PRO A 43 -6.22 6.61 9.61
C PRO A 43 -5.80 7.06 11.02
N THR A 44 -4.66 7.77 11.11
CA THR A 44 -4.22 8.44 12.35
C THR A 44 -5.05 9.69 12.60
N GLU A 45 -5.09 10.17 13.84
CA GLU A 45 -5.83 11.38 14.23
C GLU A 45 -5.38 12.63 13.44
N ALA A 46 -4.09 12.71 13.09
CA ALA A 46 -3.56 13.77 12.23
C ALA A 46 -4.09 13.70 10.79
N GLU A 47 -4.30 12.49 10.25
CA GLU A 47 -4.92 12.29 8.94
C GLU A 47 -6.42 12.63 9.00
N LEU A 48 -7.12 12.20 10.05
CA LEU A 48 -8.53 12.55 10.27
C LEU A 48 -8.70 14.07 10.34
N GLN A 49 -7.88 14.77 11.12
CA GLN A 49 -7.93 16.23 11.23
C GLN A 49 -7.65 16.92 9.89
N ASP A 50 -6.66 16.44 9.11
CA ASP A 50 -6.36 16.98 7.78
C ASP A 50 -7.47 16.72 6.76
N MET A 51 -8.21 15.61 6.88
CA MET A 51 -9.37 15.30 6.04
C MET A 51 -10.61 16.08 6.47
N ILE A 52 -10.69 16.51 7.73
CA ILE A 52 -11.70 17.47 8.20
C ILE A 52 -11.37 18.84 7.60
N ASN A 53 -10.13 19.31 7.73
CA ASN A 53 -9.67 20.58 7.14
C ASN A 53 -9.86 20.67 5.61
N GLU A 54 -9.92 19.51 4.91
CA GLU A 54 -10.24 19.41 3.49
C GLU A 54 -11.71 19.76 3.17
N VAL A 55 -12.66 19.57 4.11
CA VAL A 55 -14.12 19.66 3.83
C VAL A 55 -14.87 20.67 4.72
N ASP A 56 -14.42 20.91 5.96
CA ASP A 56 -15.06 21.83 6.92
C ASP A 56 -14.53 23.29 6.78
N ALA A 57 -14.35 23.75 5.54
CA ALA A 57 -13.81 25.08 5.21
C ALA A 57 -14.71 26.24 5.66
N ASP A 58 -16.02 26.01 5.82
CA ASP A 58 -16.99 26.96 6.37
C ASP A 58 -16.94 27.05 7.91
N GLY A 59 -16.32 26.07 8.59
CA GLY A 59 -16.28 25.96 10.05
C GLY A 59 -17.59 25.46 10.67
N ASN A 60 -18.47 24.86 9.85
CA ASN A 60 -19.84 24.48 10.22
C ASN A 60 -19.91 23.30 11.21
N GLY A 61 -18.90 22.42 11.21
CA GLY A 61 -18.78 21.24 12.07
C GLY A 61 -19.46 19.98 11.51
N THR A 62 -19.82 19.97 10.22
CA THR A 62 -20.53 18.86 9.56
C THR A 62 -19.95 18.52 8.18
N ILE A 63 -20.21 17.29 7.74
CA ILE A 63 -19.69 16.67 6.50
C ILE A 63 -20.86 16.03 5.74
N ASP A 64 -20.99 16.33 4.45
CA ASP A 64 -21.98 15.74 3.53
C ASP A 64 -21.44 14.47 2.85
N PHE A 65 -22.32 13.58 2.40
CA PHE A 65 -21.98 12.24 1.92
C PHE A 65 -20.88 12.18 0.84
N PRO A 66 -20.93 12.95 -0.28
CA PRO A 66 -19.87 12.93 -1.28
C PRO A 66 -18.53 13.51 -0.79
N GLU A 67 -18.54 14.40 0.22
CA GLU A 67 -17.32 14.93 0.84
C GLU A 67 -16.60 13.83 1.64
N PHE A 68 -17.37 13.03 2.39
CA PHE A 68 -16.90 11.84 3.08
C PHE A 68 -16.43 10.74 2.11
N LEU A 69 -17.11 10.52 0.99
CA LEU A 69 -16.68 9.54 -0.03
C LEU A 69 -15.37 9.93 -0.72
N THR A 70 -15.07 11.23 -0.84
CA THR A 70 -13.78 11.73 -1.36
C THR A 70 -12.62 11.28 -0.47
N MET A 71 -12.80 11.27 0.85
CA MET A 71 -11.81 10.73 1.80
C MET A 71 -11.60 9.23 1.56
N MET A 72 -12.69 8.46 1.49
CA MET A 72 -12.66 7.00 1.29
C MET A 72 -11.96 6.62 -0.03
N ALA A 73 -12.31 7.28 -1.14
CA ALA A 73 -11.72 7.04 -2.45
C ALA A 73 -10.20 7.27 -2.49
N ARG A 74 -9.71 8.29 -1.78
CA ARG A 74 -8.30 8.66 -1.70
C ARG A 74 -7.51 7.78 -0.70
N LYS A 75 -8.13 7.35 0.41
CA LYS A 75 -7.47 6.57 1.47
C LYS A 75 -7.30 5.07 1.15
N MET A 76 -8.07 4.51 0.20
CA MET A 76 -7.93 3.11 -0.25
C MET A 76 -6.50 2.78 -0.69
N LYS A 77 -5.94 1.69 -0.14
CA LYS A 77 -4.53 1.28 -0.31
C LYS A 77 -4.24 0.69 -1.70
N ASP A 78 -3.05 0.97 -2.26
CA ASP A 78 -2.55 0.41 -3.53
C ASP A 78 -1.47 -0.69 -3.33
N THR A 79 -0.98 -0.85 -2.09
CA THR A 79 0.16 -1.69 -1.72
C THR A 79 0.13 -2.05 -0.23
N ASP A 80 1.03 -2.93 0.18
CA ASP A 80 1.09 -3.54 1.52
C ASP A 80 1.95 -2.73 2.52
N SER A 81 1.62 -2.84 3.81
CA SER A 81 2.38 -2.22 4.92
C SER A 81 3.68 -2.98 5.25
N GLU A 82 4.62 -2.35 5.95
CA GLU A 82 5.95 -2.90 6.25
C GLU A 82 5.88 -4.23 7.04
N GLU A 83 5.02 -4.31 8.06
CA GLU A 83 4.78 -5.54 8.83
C GLU A 83 3.92 -6.57 8.06
N GLU A 84 3.07 -6.12 7.14
CA GLU A 84 2.22 -6.96 6.28
C GLU A 84 3.06 -7.66 5.20
N ILE A 85 4.07 -6.97 4.66
CA ILE A 85 5.14 -7.55 3.83
C ILE A 85 5.95 -8.57 4.63
N ARG A 86 6.28 -8.28 5.90
CA ARG A 86 7.11 -9.17 6.74
C ARG A 86 6.44 -10.53 6.98
N GLU A 87 5.13 -10.60 7.16
CA GLU A 87 4.39 -11.86 7.33
C GLU A 87 4.58 -12.82 6.14
N ALA A 88 4.62 -12.30 4.91
CA ALA A 88 4.86 -13.10 3.71
C ALA A 88 6.23 -13.80 3.71
N PHE A 89 7.29 -13.12 4.19
CA PHE A 89 8.60 -13.75 4.41
C PHE A 89 8.55 -14.77 5.57
N ARG A 90 7.81 -14.50 6.65
CA ARG A 90 7.65 -15.43 7.77
C ARG A 90 6.86 -16.70 7.37
N VAL A 91 5.89 -16.60 6.46
CA VAL A 91 5.21 -17.75 5.84
C VAL A 91 6.19 -18.66 5.07
N PHE A 92 7.23 -18.09 4.44
CA PHE A 92 8.26 -18.84 3.70
C PHE A 92 9.48 -19.29 4.53
N ASP A 93 9.60 -18.87 5.79
CA ASP A 93 10.63 -19.34 6.72
C ASP A 93 10.42 -20.82 7.08
N LYS A 94 11.49 -21.62 6.98
CA LYS A 94 11.46 -23.08 7.18
C LYS A 94 11.38 -23.50 8.66
N ASP A 95 11.62 -22.59 9.61
CA ASP A 95 11.70 -22.89 11.06
C ASP A 95 11.23 -21.75 11.99
N GLY A 96 11.12 -20.53 11.47
CA GLY A 96 10.94 -19.29 12.25
C GLY A 96 12.29 -18.68 12.70
N ASN A 97 13.37 -19.01 12.00
CA ASN A 97 14.75 -18.64 12.36
C ASN A 97 15.14 -17.19 11.99
N GLY A 98 14.39 -16.53 11.10
CA GLY A 98 14.70 -15.19 10.55
C GLY A 98 15.45 -15.23 9.22
N TYR A 99 15.54 -16.40 8.57
CA TYR A 99 16.30 -16.63 7.34
C TYR A 99 15.56 -17.52 6.32
N ILE A 100 15.86 -17.29 5.03
CA ILE A 100 15.52 -18.14 3.88
C ILE A 100 16.77 -18.35 3.00
N SER A 101 16.77 -19.25 2.03
CA SER A 101 17.85 -19.31 1.03
C SER A 101 17.58 -18.43 -0.18
N ALA A 102 18.65 -17.96 -0.85
CA ALA A 102 18.56 -17.22 -2.11
C ALA A 102 17.95 -18.07 -3.24
N ALA A 103 18.16 -19.39 -3.21
CA ALA A 103 17.51 -20.35 -4.11
C ALA A 103 15.99 -20.38 -3.89
N GLU A 104 15.52 -20.48 -2.64
CA GLU A 104 14.09 -20.45 -2.31
C GLU A 104 13.47 -19.10 -2.70
N LEU A 105 14.12 -17.97 -2.39
CA LEU A 105 13.65 -16.62 -2.76
C LEU A 105 13.52 -16.45 -4.30
N ARG A 106 14.47 -16.99 -5.07
CA ARG A 106 14.41 -16.97 -6.53
C ARG A 106 13.29 -17.89 -7.05
N HIS A 107 13.11 -19.07 -6.46
CA HIS A 107 12.11 -20.06 -6.87
C HIS A 107 10.68 -19.65 -6.50
N VAL A 108 10.43 -19.16 -5.29
CA VAL A 108 9.06 -18.82 -4.82
C VAL A 108 8.43 -17.70 -5.65
N MET A 109 9.24 -16.75 -6.15
CA MET A 109 8.85 -15.66 -7.05
C MET A 109 8.48 -16.14 -8.47
N THR A 110 8.96 -17.32 -8.90
CA THR A 110 8.70 -17.92 -10.22
C THR A 110 7.81 -19.16 -10.16
N ASN A 111 7.16 -19.42 -9.02
CA ASN A 111 6.29 -20.58 -8.81
C ASN A 111 4.94 -20.24 -8.14
N LEU A 112 4.93 -19.42 -7.08
CA LEU A 112 3.72 -19.04 -6.32
C LEU A 112 3.11 -17.74 -6.87
N GLY A 113 1.77 -17.69 -7.00
CA GLY A 113 1.00 -16.50 -7.39
C GLY A 113 1.32 -16.03 -8.82
N GLU A 114 1.31 -14.71 -9.03
CA GLU A 114 1.90 -14.08 -10.22
C GLU A 114 3.39 -14.39 -10.34
N LYS A 115 3.86 -14.66 -11.56
CA LYS A 115 5.26 -14.99 -11.83
C LYS A 115 6.10 -13.71 -12.08
N LEU A 116 7.16 -13.50 -11.31
CA LEU A 116 8.07 -12.36 -11.45
C LEU A 116 9.01 -12.54 -12.65
N THR A 117 9.33 -11.48 -13.39
CA THR A 117 10.18 -11.49 -14.57
C THR A 117 11.63 -11.81 -14.21
N ASP A 118 12.35 -12.43 -15.15
CA ASP A 118 13.72 -12.93 -14.96
C ASP A 118 14.70 -11.82 -14.51
N GLU A 119 14.64 -10.64 -15.11
CA GLU A 119 15.50 -9.51 -14.73
C GLU A 119 15.10 -8.91 -13.35
N GLU A 120 13.81 -8.93 -13.02
CA GLU A 120 13.31 -8.44 -11.73
C GLU A 120 13.68 -9.40 -10.60
N VAL A 121 13.45 -10.71 -10.76
CA VAL A 121 13.86 -11.70 -9.74
C VAL A 121 15.39 -11.79 -9.61
N ASP A 122 16.15 -11.62 -10.70
CA ASP A 122 17.62 -11.55 -10.62
C ASP A 122 18.10 -10.31 -9.86
N GLU A 123 17.46 -9.16 -10.04
CA GLU A 123 17.75 -7.93 -9.29
C GLU A 123 17.34 -8.05 -7.81
N MET A 124 16.22 -8.73 -7.49
CA MET A 124 15.80 -9.03 -6.13
C MET A 124 16.86 -9.86 -5.39
N ILE A 125 17.43 -10.87 -6.05
CA ILE A 125 18.54 -11.67 -5.51
C ILE A 125 19.83 -10.83 -5.41
N ARG A 126 20.12 -9.96 -6.39
CA ARG A 126 21.28 -9.05 -6.35
C ARG A 126 21.25 -8.13 -5.12
N GLU A 127 20.07 -7.59 -4.78
CA GLU A 127 19.84 -6.73 -3.62
C GLU A 127 19.98 -7.49 -2.28
N ALA A 128 19.74 -8.81 -2.26
CA ALA A 128 19.87 -9.65 -1.06
C ALA A 128 21.30 -10.22 -0.88
N ASP A 129 21.92 -10.72 -1.95
CA ASP A 129 23.18 -11.47 -1.93
C ASP A 129 24.42 -10.61 -1.57
N ILE A 130 24.31 -9.28 -1.71
CA ILE A 130 25.34 -8.32 -1.26
C ILE A 130 25.39 -8.14 0.28
N ASP A 131 24.39 -8.63 1.00
CA ASP A 131 24.34 -8.67 2.47
C ASP A 131 24.38 -10.11 3.02
N GLY A 132 23.72 -11.05 2.33
CA GLY A 132 23.64 -12.47 2.69
C GLY A 132 24.91 -13.27 2.38
N ASP A 133 24.89 -14.54 2.80
CA ASP A 133 25.96 -15.53 2.53
C ASP A 133 25.54 -16.63 1.53
N GLY A 134 24.30 -16.56 1.04
CA GLY A 134 23.57 -17.66 0.38
C GLY A 134 22.27 -17.96 1.12
N GLN A 135 22.29 -17.86 2.46
CA GLN A 135 21.10 -17.52 3.25
C GLN A 135 20.85 -16.00 3.18
N VAL A 136 19.57 -15.62 3.19
CA VAL A 136 19.06 -14.23 3.16
C VAL A 136 18.44 -13.92 4.52
N ASN A 137 18.93 -12.88 5.20
CA ASN A 137 18.23 -12.26 6.31
C ASN A 137 17.09 -11.36 5.76
N TYR A 138 15.87 -11.89 5.70
CA TYR A 138 14.75 -11.16 5.09
C TYR A 138 14.28 -9.95 5.91
N GLU A 139 14.51 -9.95 7.22
CA GLU A 139 14.14 -8.84 8.10
C GLU A 139 14.89 -7.56 7.71
N GLU A 140 16.21 -7.68 7.45
CA GLU A 140 17.03 -6.60 6.92
C GLU A 140 16.74 -6.32 5.42
N PHE A 141 16.33 -7.32 4.64
CA PHE A 141 15.93 -7.12 3.25
C PHE A 141 14.68 -6.22 3.12
N VAL A 142 13.66 -6.42 3.98
CA VAL A 142 12.42 -5.61 3.94
C VAL A 142 12.70 -4.11 4.09
N GLN A 143 13.58 -3.69 5.02
CA GLN A 143 13.91 -2.28 5.19
C GLN A 143 14.75 -1.69 4.05
N MET A 144 15.49 -2.52 3.30
CA MET A 144 16.17 -2.10 2.05
C MET A 144 15.22 -2.04 0.84
N MET A 145 14.04 -2.66 0.94
CA MET A 145 12.99 -2.63 -0.09
C MET A 145 11.99 -1.47 0.12
N THR A 146 11.51 -1.26 1.35
CA THR A 146 10.54 -0.21 1.71
C THR A 146 11.15 1.20 1.79
N ALA A 147 12.47 1.30 1.95
CA ALA A 147 13.23 2.56 2.03
C ALA A 147 14.64 2.41 1.43
N LYS A 148 15.31 3.54 1.15
CA LYS A 148 16.64 3.62 0.53
C LYS A 148 17.31 4.97 0.80
N GLY B 1 -5.09 -26.54 -1.74
CA GLY B 1 -4.05 -25.77 -1.02
C GLY B 1 -4.63 -24.61 -0.21
N PRO B 2 -3.86 -24.05 0.74
CA PRO B 2 -4.31 -22.98 1.62
C PRO B 2 -4.34 -21.59 0.95
N GLY B 3 -3.51 -21.37 -0.09
CA GLY B 3 -3.41 -20.10 -0.82
C GLY B 3 -2.58 -19.00 -0.14
N SER B 4 -2.20 -19.21 1.12
CA SER B 4 -1.36 -18.30 1.93
C SER B 4 -0.02 -18.04 1.25
N GLU B 5 0.68 -19.13 0.92
CA GLU B 5 1.93 -19.14 0.18
C GLU B 5 1.81 -18.48 -1.21
N GLU B 6 0.66 -18.63 -1.90
CA GLU B 6 0.45 -18.01 -3.21
C GLU B 6 0.30 -16.49 -3.09
N VAL B 7 -0.50 -15.99 -2.14
CA VAL B 7 -0.67 -14.54 -1.92
C VAL B 7 0.56 -13.90 -1.27
N SER B 8 1.34 -14.65 -0.49
CA SER B 8 2.61 -14.16 0.09
C SER B 8 3.63 -13.78 -1.01
N ALA B 9 3.73 -14.58 -2.07
CA ALA B 9 4.59 -14.27 -3.21
C ALA B 9 4.12 -13.01 -3.96
N MET B 10 2.80 -12.77 -4.02
CA MET B 10 2.22 -11.56 -4.61
C MET B 10 2.41 -10.32 -3.72
N VAL B 11 2.31 -10.45 -2.40
CA VAL B 11 2.61 -9.38 -1.43
C VAL B 11 4.07 -8.91 -1.54
N ILE B 12 5.03 -9.85 -1.61
CA ILE B 12 6.46 -9.51 -1.74
C ILE B 12 6.75 -8.82 -3.07
N GLN B 13 6.30 -9.38 -4.21
CA GLN B 13 6.60 -8.77 -5.50
C GLN B 13 5.84 -7.45 -5.74
N ARG B 14 4.69 -7.21 -5.10
CA ARG B 14 3.99 -5.91 -5.12
C ARG B 14 4.85 -4.82 -4.45
N ALA B 15 5.48 -5.13 -3.31
CA ALA B 15 6.43 -4.24 -2.65
C ALA B 15 7.69 -4.01 -3.51
N PHE B 16 8.17 -5.05 -4.20
CA PHE B 16 9.33 -4.94 -5.09
C PHE B 16 9.03 -4.09 -6.33
N ARG B 17 7.83 -4.18 -6.92
CA ARG B 17 7.36 -3.30 -8.00
C ARG B 17 7.31 -1.83 -7.55
N ARG B 18 6.82 -1.57 -6.33
CA ARG B 18 6.82 -0.22 -5.71
C ARG B 18 8.24 0.28 -5.44
N HIS B 19 9.17 -0.59 -5.02
CA HIS B 19 10.60 -0.28 -4.88
C HIS B 19 11.26 0.06 -6.23
N LEU B 20 11.06 -0.74 -7.27
CA LEU B 20 11.64 -0.57 -8.61
C LEU B 20 11.34 0.81 -9.22
N LEU B 21 10.11 1.32 -9.02
CA LEU B 21 9.72 2.67 -9.43
C LEU B 21 10.62 3.77 -8.83
N GLN B 22 11.19 3.56 -7.63
CA GLN B 22 12.16 4.46 -7.01
C GLN B 22 13.60 4.12 -7.44
N ARG B 23 13.91 2.82 -7.61
CA ARG B 23 15.24 2.31 -8.00
C ARG B 23 15.68 2.84 -9.38
N SER B 24 14.78 2.88 -10.35
CA SER B 24 15.02 3.40 -11.72
C SER B 24 14.40 4.79 -11.99
N LEU B 25 13.74 5.38 -10.97
CA LEU B 25 13.08 6.71 -10.92
C LEU B 25 11.79 6.82 -11.76
N LYS B 26 11.66 6.06 -12.85
CA LYS B 26 10.53 6.09 -13.79
C LYS B 26 10.50 4.86 -14.73
N HIS B 27 9.33 4.58 -15.30
CA HIS B 27 9.10 3.54 -16.32
C HIS B 27 8.81 4.15 -17.71
N ALA B 28 9.44 5.30 -18.01
CA ALA B 28 9.13 6.19 -19.15
C ALA B 28 7.67 6.72 -19.05
N SER B 29 6.97 6.88 -20.18
CA SER B 29 5.58 7.37 -20.24
C SER B 29 4.86 6.97 -21.55
N PHE B 30 3.53 6.87 -21.48
CA PHE B 30 2.61 6.53 -22.59
C PHE B 30 1.14 6.70 -22.20
N LEU B 31 0.78 6.44 -20.93
CA LEU B 31 -0.53 6.74 -20.33
C LEU B 31 -0.68 8.23 -19.97
#